data_9IP0
#
_entry.id   9IP0
#
_cell.length_a   1.00
_cell.length_b   1.00
_cell.length_c   1.00
_cell.angle_alpha   90.00
_cell.angle_beta   90.00
_cell.angle_gamma   90.00
#
_symmetry.space_group_name_H-M   'P 1'
#
loop_
_entity.id
_entity.type
_entity.pdbx_description
1 polymer 'Chaperone protein ClpB1'
2 non-polymer "ADENOSINE-5'-DIPHOSPHATE"
#
_entity_poly.entity_id   1
_entity_poly.type   'polypeptide(L)'
_entity_poly.pdbx_seq_one_letter_code
;MNPDNFTHKTNEALVAAHEIASEAGHAQLTPLHLVAALAADKGGILRQAISQASGGDAGAPDSFERVVSGALKKLPSQSP
PPDSVPASTALIKVIRRAQSAQKKRGDSHLAVDQLLLGLLEDSLISDCLKEAGVSAARVRAELEKLRGGEGRKVESASGD
TNFQALKTYGRDLVEQAGKLDPVIGRDEEIRRVVRILSRRTKNNPVLIGEPGVGKTAVVEGLAQRIVRGDVPSNLLDVRL
IALDMGALVAGAKYRGEFEERLKAVLKEVEEAEGKVILFIDEIHLVLGAGRTEGSMDAANLFKPMLARGQLRCIGATTLE
EYRKYVEKDAAFERRFQQVFVAEPSVPDTISILRGLKEKYEGHHGVRIQDRALVVAAQLSARYIMGRHLPDKAIDLVDEA
CANVRVQLDSQPEEIDNLERKRIQLEVEHHALEKEKDKASKARLVEVKKELDDLRDKLQPLTMKYRKEKERIDEIRKLKQ
RREELQFTLQEAERRMDLARVADLKYGALQEIDVAIAKLESETGENLMLTETVGPEQIAEVVSRWTGIPVTRLGQNDKER
LVGLADRLHQRVVGQAEAVSAVAEAVLRSRAGLGRPQQPTGSFLFLGPTGVGKTELAKALAEQLFDDENLLVRIDMSEYM
EQHSVARLIGAPPGYVGHEEGGQLTEQVRRRPYSVILFDEVEKAHVAVFNTLLQVLDDGRLTDGQGRTVDFRNTVIIMTS
NLGAEHLLAGMVGKNSMKVARDLVMQEVRRHFRPELLNRLDEIVIFDPLSHEQLRKVARLQMKDVAVRLAERGVALAVTD
AALDVILSLSYDPVYGARPIRRWIEKRVVTQLSKMLIQEEIDENCTVYIDAAPHKDELAYRVDNRGGLVNAETGQKSDIL
IQVPNGAATGSDAAQAVKKMRIMEDEDGMDEE
;
_entity_poly.pdbx_strand_id   A,B,C,D,E,F,G
#
loop_
_chem_comp.id
_chem_comp.type
_chem_comp.name
_chem_comp.formula
ADP non-polymer ADENOSINE-5'-DIPHOSPHATE 'C10 H15 N5 O10 P2'
#
# COMPACT_ATOMS: atom_id res chain seq x y z
N THR A 168 -56.46 -4.32 -15.13
CA THR A 168 -56.39 -3.19 -16.06
C THR A 168 -54.99 -3.03 -16.63
N TYR A 169 -54.09 -2.49 -15.82
CA TYR A 169 -52.71 -2.29 -16.23
C TYR A 169 -51.83 -3.50 -16.00
N GLY A 170 -52.34 -4.53 -15.33
CA GLY A 170 -51.57 -5.73 -15.09
C GLY A 170 -51.78 -6.79 -16.15
N ARG A 171 -52.13 -8.00 -15.73
CA ARG A 171 -52.40 -9.09 -16.67
C ARG A 171 -53.15 -10.19 -15.94
N ASP A 172 -54.30 -10.58 -16.50
CA ASP A 172 -55.10 -11.66 -15.93
C ASP A 172 -54.79 -12.95 -16.67
N LEU A 173 -54.78 -14.07 -15.92
CA LEU A 173 -54.40 -15.36 -16.47
C LEU A 173 -55.53 -16.37 -16.43
N VAL A 174 -56.70 -16.01 -15.90
CA VAL A 174 -57.81 -16.96 -15.86
C VAL A 174 -58.30 -17.28 -17.26
N GLU A 175 -58.43 -16.27 -18.12
CA GLU A 175 -58.94 -16.49 -19.46
C GLU A 175 -57.92 -17.11 -20.40
N GLN A 176 -56.64 -17.11 -20.04
CA GLN A 176 -55.59 -17.65 -20.89
C GLN A 176 -55.42 -19.15 -20.72
N ALA A 177 -56.16 -19.79 -19.81
CA ALA A 177 -55.99 -21.21 -19.56
C ALA A 177 -56.37 -22.05 -20.78
N GLY A 178 -57.31 -21.56 -21.60
CA GLY A 178 -57.77 -22.32 -22.73
C GLY A 178 -56.77 -22.41 -23.88
N LYS A 179 -55.82 -21.48 -23.94
CA LYS A 179 -54.84 -21.42 -25.03
C LYS A 179 -53.43 -21.27 -24.47
N LEU A 180 -53.10 -22.09 -23.48
CA LEU A 180 -51.76 -22.13 -22.92
C LEU A 180 -51.25 -23.57 -22.92
N ASP A 181 -49.93 -23.70 -22.96
CA ASP A 181 -49.31 -25.02 -23.06
C ASP A 181 -49.60 -25.82 -21.79
N PRO A 182 -50.11 -27.05 -21.91
CA PRO A 182 -50.36 -27.85 -20.71
C PRO A 182 -49.07 -28.19 -19.98
N VAL A 183 -49.16 -28.25 -18.66
CA VAL A 183 -48.03 -28.59 -17.80
C VAL A 183 -48.40 -29.84 -17.01
N ILE A 184 -47.51 -30.83 -17.03
CA ILE A 184 -47.75 -32.10 -16.35
C ILE A 184 -46.49 -32.51 -15.59
N GLY A 185 -46.66 -33.41 -14.63
CA GLY A 185 -45.55 -33.96 -13.89
C GLY A 185 -45.02 -33.09 -12.78
N ARG A 186 -45.82 -32.18 -12.24
CA ARG A 186 -45.41 -31.29 -11.16
C ARG A 186 -46.40 -31.36 -10.01
N ASP A 187 -46.73 -32.59 -9.59
CA ASP A 187 -47.75 -32.78 -8.58
C ASP A 187 -47.31 -32.41 -7.18
N GLU A 188 -46.02 -32.14 -6.96
CA GLU A 188 -45.52 -31.91 -5.61
C GLU A 188 -45.58 -30.44 -5.20
N GLU A 189 -45.08 -29.55 -6.06
CA GLU A 189 -45.01 -28.14 -5.70
C GLU A 189 -46.39 -27.50 -5.59
N ILE A 190 -47.34 -27.94 -6.40
CA ILE A 190 -48.70 -27.43 -6.27
C ILE A 190 -49.29 -27.85 -4.92
N ARG A 191 -48.97 -29.06 -4.47
CA ARG A 191 -49.39 -29.47 -3.14
C ARG A 191 -48.72 -28.63 -2.06
N ARG A 192 -47.43 -28.34 -2.22
CA ARG A 192 -46.71 -27.57 -1.20
C ARG A 192 -47.26 -26.15 -1.09
N VAL A 193 -47.57 -25.52 -2.23
CA VAL A 193 -48.03 -24.14 -2.22
C VAL A 193 -49.40 -24.02 -1.55
N VAL A 194 -50.27 -25.02 -1.76
CA VAL A 194 -51.60 -24.98 -1.17
C VAL A 194 -51.52 -24.95 0.35
N ARG A 195 -50.60 -25.74 0.93
CA ARG A 195 -50.50 -25.82 2.38
C ARG A 195 -50.12 -24.47 2.99
N ILE A 196 -49.18 -23.76 2.38
CA ILE A 196 -48.70 -22.51 2.97
C ILE A 196 -49.77 -21.44 2.92
N LEU A 197 -50.51 -21.35 1.82
CA LEU A 197 -51.48 -20.26 1.65
C LEU A 197 -52.58 -20.32 2.69
N SER A 198 -53.02 -21.54 3.06
CA SER A 198 -54.07 -21.68 4.05
C SER A 198 -53.61 -21.37 5.47
N ARG A 199 -52.30 -21.23 5.69
CA ARG A 199 -51.78 -20.93 7.02
C ARG A 199 -52.15 -19.50 7.42
N ARG A 200 -52.39 -19.32 8.72
CA ARG A 200 -52.82 -18.02 9.24
C ARG A 200 -51.76 -16.95 9.01
N THR A 201 -50.57 -17.15 9.56
CA THR A 201 -49.52 -16.13 9.57
C THR A 201 -48.30 -16.65 8.82
N LYS A 202 -47.60 -15.72 8.15
CA LYS A 202 -46.44 -16.04 7.33
C LYS A 202 -46.82 -17.00 6.21
N ASN A 203 -47.66 -16.52 5.30
CA ASN A 203 -48.23 -17.30 4.22
C ASN A 203 -47.95 -16.65 2.87
N ASN A 204 -46.68 -16.31 2.62
CA ASN A 204 -46.24 -15.67 1.39
C ASN A 204 -45.12 -16.49 0.78
N PRO A 205 -45.44 -17.58 0.08
CA PRO A 205 -44.38 -18.45 -0.45
C PRO A 205 -43.56 -17.74 -1.51
N VAL A 206 -42.29 -18.12 -1.58
CA VAL A 206 -41.34 -17.60 -2.56
C VAL A 206 -40.66 -18.79 -3.23
N LEU A 207 -40.74 -18.84 -4.55
CA LEU A 207 -40.12 -19.92 -5.30
C LEU A 207 -38.63 -19.65 -5.46
N ILE A 208 -37.82 -20.70 -5.27
CA ILE A 208 -36.38 -20.60 -5.36
C ILE A 208 -35.87 -21.70 -6.26
N GLY A 209 -34.70 -21.49 -6.85
CA GLY A 209 -34.10 -22.48 -7.73
C GLY A 209 -33.40 -21.83 -8.90
N GLU A 210 -32.60 -22.63 -9.59
CA GLU A 210 -31.86 -22.13 -10.74
C GLU A 210 -32.80 -21.94 -11.93
N PRO A 211 -32.47 -21.05 -12.86
CA PRO A 211 -33.35 -20.83 -14.01
C PRO A 211 -33.41 -22.04 -14.93
N GLY A 212 -34.53 -22.14 -15.64
CA GLY A 212 -34.69 -23.21 -16.62
C GLY A 212 -35.36 -24.47 -16.11
N VAL A 213 -36.11 -24.39 -15.01
CA VAL A 213 -36.76 -25.57 -14.46
C VAL A 213 -38.28 -25.50 -14.50
N GLY A 214 -38.88 -24.32 -14.59
CA GLY A 214 -40.33 -24.25 -14.74
C GLY A 214 -41.11 -23.57 -13.64
N LYS A 215 -40.52 -22.52 -13.02
CA LYS A 215 -41.25 -21.77 -12.01
C LYS A 215 -42.53 -21.16 -12.59
N THR A 216 -42.42 -20.50 -13.74
CA THR A 216 -43.62 -20.02 -14.41
C THR A 216 -44.51 -21.18 -14.83
N ALA A 217 -43.92 -22.34 -15.14
CA ALA A 217 -44.72 -23.50 -15.50
C ALA A 217 -45.57 -23.98 -14.32
N VAL A 218 -44.99 -24.04 -13.13
CA VAL A 218 -45.78 -24.49 -11.98
C VAL A 218 -46.80 -23.42 -11.58
N VAL A 219 -46.47 -22.14 -11.76
CA VAL A 219 -47.45 -21.09 -11.50
C VAL A 219 -48.65 -21.23 -12.44
N GLU A 220 -48.37 -21.46 -13.73
CA GLU A 220 -49.46 -21.68 -14.68
C GLU A 220 -50.24 -22.96 -14.37
N GLY A 221 -49.55 -23.99 -13.86
CA GLY A 221 -50.25 -25.19 -13.43
C GLY A 221 -51.21 -24.91 -12.30
N LEU A 222 -50.78 -24.11 -11.32
CA LEU A 222 -51.68 -23.73 -10.23
C LEU A 222 -52.86 -22.91 -10.75
N ALA A 223 -52.59 -22.00 -11.70
CA ALA A 223 -53.68 -21.22 -12.29
C ALA A 223 -54.68 -22.12 -13.01
N GLN A 224 -54.19 -23.10 -13.75
CA GLN A 224 -55.09 -24.04 -14.41
C GLN A 224 -55.88 -24.85 -13.40
N ARG A 225 -55.24 -25.24 -12.29
CA ARG A 225 -55.92 -25.99 -11.25
C ARG A 225 -57.06 -25.19 -10.64
N ILE A 226 -56.81 -23.92 -10.32
CA ILE A 226 -57.85 -23.10 -9.70
C ILE A 226 -58.95 -22.77 -10.69
N VAL A 227 -58.60 -22.62 -11.97
CA VAL A 227 -59.62 -22.38 -13.00
C VAL A 227 -60.52 -23.60 -13.14
N ARG A 228 -59.92 -24.79 -13.20
CA ARG A 228 -60.71 -26.01 -13.33
C ARG A 228 -61.57 -26.25 -12.09
N GLY A 229 -61.02 -26.00 -10.91
CA GLY A 229 -61.76 -26.16 -9.67
C GLY A 229 -61.33 -27.32 -8.78
N ASP A 230 -60.20 -27.97 -9.07
CA ASP A 230 -59.73 -29.08 -8.25
C ASP A 230 -59.17 -28.62 -6.91
N VAL A 231 -58.92 -27.34 -6.73
CA VAL A 231 -58.39 -26.78 -5.49
C VAL A 231 -59.45 -26.96 -4.40
N PRO A 232 -59.06 -27.07 -3.13
CA PRO A 232 -60.07 -27.09 -2.06
C PRO A 232 -60.93 -25.84 -2.08
N SER A 233 -62.20 -26.00 -1.70
CA SER A 233 -63.19 -24.94 -1.82
C SER A 233 -62.86 -23.72 -0.96
N ASN A 234 -61.84 -23.79 -0.10
CA ASN A 234 -61.46 -22.63 0.69
C ASN A 234 -60.97 -21.47 -0.18
N LEU A 235 -60.51 -21.75 -1.39
CA LEU A 235 -60.03 -20.71 -2.29
C LEU A 235 -60.83 -20.71 -3.59
N LEU A 236 -62.15 -20.81 -3.48
CA LEU A 236 -63.01 -20.79 -4.66
C LEU A 236 -63.52 -19.40 -5.00
N ASP A 237 -63.14 -18.39 -4.23
CA ASP A 237 -63.61 -17.02 -4.42
C ASP A 237 -62.39 -16.10 -4.51
N VAL A 238 -61.45 -16.46 -5.38
CA VAL A 238 -60.23 -15.69 -5.55
C VAL A 238 -59.89 -15.65 -7.04
N ARG A 239 -59.48 -14.47 -7.51
CA ARG A 239 -59.06 -14.26 -8.89
C ARG A 239 -57.58 -13.89 -8.90
N LEU A 240 -56.81 -14.59 -9.71
CA LEU A 240 -55.37 -14.38 -9.79
C LEU A 240 -55.05 -13.25 -10.77
N ILE A 241 -54.22 -12.31 -10.33
CA ILE A 241 -53.80 -11.18 -11.15
C ILE A 241 -52.28 -11.07 -11.09
N ALA A 242 -51.65 -10.92 -12.24
CA ALA A 242 -50.21 -10.76 -12.34
C ALA A 242 -49.86 -9.30 -12.59
N LEU A 243 -48.62 -8.93 -12.26
CA LEU A 243 -48.12 -7.58 -12.45
C LEU A 243 -46.99 -7.60 -13.46
N ASP A 244 -47.07 -6.71 -14.45
CA ASP A 244 -46.08 -6.60 -15.50
C ASP A 244 -45.32 -5.28 -15.33
N MET A 245 -43.99 -5.37 -15.23
CA MET A 245 -43.18 -4.17 -15.08
C MET A 245 -43.30 -3.27 -16.32
N GLY A 246 -43.20 -3.85 -17.51
CA GLY A 246 -43.25 -3.06 -18.73
C GLY A 246 -44.60 -2.38 -18.92
N ALA A 247 -45.69 -3.07 -18.59
CA ALA A 247 -47.00 -2.48 -18.72
C ALA A 247 -47.17 -1.28 -17.80
N LEU A 248 -46.67 -1.37 -16.57
CA LEU A 248 -46.81 -0.27 -15.62
C LEU A 248 -45.79 0.84 -15.83
N VAL A 249 -44.72 0.57 -16.56
CA VAL A 249 -43.76 1.63 -16.91
C VAL A 249 -43.88 1.98 -18.37
N TYR A 254 -41.15 10.78 -14.73
CA TYR A 254 -40.74 11.14 -13.37
C TYR A 254 -40.92 9.98 -12.40
N ARG A 255 -39.95 9.83 -11.49
CA ARG A 255 -40.04 8.78 -10.49
C ARG A 255 -41.22 9.00 -9.54
N GLY A 256 -41.55 10.26 -9.25
CA GLY A 256 -42.71 10.54 -8.41
C GLY A 256 -44.01 10.08 -9.06
N GLU A 257 -44.14 10.30 -10.37
CA GLU A 257 -45.34 9.83 -11.06
C GLU A 257 -45.45 8.32 -11.02
N PHE A 258 -44.34 7.61 -11.23
CA PHE A 258 -44.35 6.16 -11.14
C PHE A 258 -44.70 5.70 -9.73
N GLU A 259 -44.15 6.36 -8.71
CA GLU A 259 -44.44 5.98 -7.33
C GLU A 259 -45.91 6.19 -6.99
N GLU A 260 -46.48 7.33 -7.39
CA GLU A 260 -47.89 7.58 -7.10
C GLU A 260 -48.79 6.65 -7.89
N ARG A 261 -48.41 6.31 -9.13
CA ARG A 261 -49.20 5.36 -9.91
C ARG A 261 -49.20 3.99 -9.25
N LEU A 262 -48.04 3.51 -8.83
CA LEU A 262 -47.99 2.22 -8.15
C LEU A 262 -48.77 2.26 -6.84
N LYS A 263 -48.65 3.35 -6.08
CA LYS A 263 -49.40 3.48 -4.84
C LYS A 263 -50.90 3.39 -5.08
N ALA A 264 -51.39 4.12 -6.08
CA ALA A 264 -52.80 4.03 -6.44
C ALA A 264 -53.15 2.61 -6.88
N VAL A 265 -52.22 1.93 -7.55
CA VAL A 265 -52.49 0.57 -8.01
C VAL A 265 -52.72 -0.36 -6.83
N LEU A 266 -51.87 -0.30 -5.81
CA LEU A 266 -52.11 -1.17 -4.66
C LEU A 266 -53.20 -0.66 -3.74
N LYS A 267 -53.61 0.60 -3.85
CA LYS A 267 -54.77 1.03 -3.06
C LYS A 267 -56.08 0.61 -3.72
N GLU A 268 -56.13 0.54 -5.05
CA GLU A 268 -57.37 0.20 -5.72
C GLU A 268 -57.64 -1.30 -5.76
N VAL A 269 -56.67 -2.13 -5.36
CA VAL A 269 -56.91 -3.58 -5.30
C VAL A 269 -57.43 -4.01 -3.94
N GLU A 270 -57.35 -3.14 -2.94
CA GLU A 270 -57.77 -3.46 -1.58
C GLU A 270 -59.28 -3.69 -1.44
N GLU A 271 -60.07 -3.37 -2.46
CA GLU A 271 -61.50 -3.57 -2.37
C GLU A 271 -61.87 -5.05 -2.21
N ALA A 272 -60.98 -5.96 -2.61
CA ALA A 272 -61.26 -7.39 -2.43
C ALA A 272 -61.12 -7.79 -0.97
N GLU A 273 -60.12 -7.25 -0.28
CA GLU A 273 -59.89 -7.51 1.14
C GLU A 273 -59.67 -8.99 1.42
N GLY A 274 -58.61 -9.54 0.81
CA GLY A 274 -58.15 -10.87 1.13
C GLY A 274 -58.55 -11.96 0.16
N LYS A 275 -59.24 -11.64 -0.92
CA LYS A 275 -59.65 -12.64 -1.90
C LYS A 275 -58.96 -12.44 -3.25
N VAL A 276 -57.77 -11.84 -3.25
CA VAL A 276 -56.98 -11.64 -4.46
C VAL A 276 -55.54 -11.95 -4.14
N ILE A 277 -54.91 -12.80 -4.96
CA ILE A 277 -53.49 -13.11 -4.85
C ILE A 277 -52.74 -12.33 -5.92
N LEU A 278 -51.66 -11.65 -5.53
CA LEU A 278 -50.88 -10.83 -6.42
C LEU A 278 -49.57 -11.54 -6.76
N PHE A 279 -49.29 -11.69 -8.04
CA PHE A 279 -48.10 -12.37 -8.52
C PHE A 279 -47.10 -11.36 -9.05
N ILE A 280 -45.84 -11.51 -8.65
CA ILE A 280 -44.77 -10.63 -9.10
C ILE A 280 -43.60 -11.50 -9.56
N ASP A 281 -43.07 -11.20 -10.74
CA ASP A 281 -41.87 -11.85 -11.23
C ASP A 281 -40.66 -10.95 -11.01
N GLU A 282 -39.52 -11.57 -10.77
CA GLU A 282 -38.25 -10.88 -10.53
C GLU A 282 -38.39 -9.92 -9.34
N ILE A 283 -38.65 -10.51 -8.18
CA ILE A 283 -38.88 -9.72 -6.96
C ILE A 283 -37.63 -8.95 -6.57
N HIS A 284 -36.47 -9.58 -6.68
CA HIS A 284 -35.22 -8.96 -6.23
C HIS A 284 -34.87 -7.72 -7.03
N LEU A 285 -35.35 -7.60 -8.28
CA LEU A 285 -35.00 -6.46 -9.11
C LEU A 285 -35.68 -5.19 -8.63
N VAL A 286 -36.97 -5.27 -8.28
CA VAL A 286 -37.76 -4.09 -7.98
C VAL A 286 -37.98 -3.89 -6.49
N LEU A 287 -37.91 -4.94 -5.67
CA LEU A 287 -38.14 -4.79 -4.24
C LEU A 287 -36.83 -4.69 -3.47
N GLY A 288 -35.85 -5.52 -3.81
CA GLY A 288 -34.57 -5.49 -3.11
C GLY A 288 -33.67 -4.33 -3.47
N ALA A 289 -33.97 -3.64 -4.56
CA ALA A 289 -33.17 -2.48 -4.97
C ALA A 289 -33.48 -1.28 -4.08
N SER A 295 -29.83 2.95 -7.17
CA SER A 295 -31.01 2.45 -7.85
C SER A 295 -32.29 3.00 -7.21
N MET A 296 -33.44 2.51 -7.66
CA MET A 296 -34.71 2.95 -7.12
C MET A 296 -34.86 2.50 -5.68
N ASP A 297 -35.47 3.37 -4.86
CA ASP A 297 -35.68 3.11 -3.44
C ASP A 297 -37.16 2.80 -3.20
N ALA A 298 -37.47 1.53 -3.00
CA ALA A 298 -38.84 1.12 -2.71
C ALA A 298 -38.98 0.13 -1.57
N ALA A 299 -37.89 -0.40 -1.02
CA ALA A 299 -37.99 -1.40 0.04
C ALA A 299 -38.63 -0.82 1.29
N ASN A 300 -38.21 0.37 1.70
CA ASN A 300 -38.83 1.00 2.87
C ASN A 300 -40.29 1.34 2.61
N LEU A 301 -40.62 1.75 1.38
CA LEU A 301 -42.00 2.03 1.03
C LEU A 301 -42.84 0.77 1.03
N PHE A 302 -42.27 -0.35 0.58
CA PHE A 302 -43.00 -1.60 0.49
C PHE A 302 -43.05 -2.35 1.82
N LYS A 303 -42.23 -1.96 2.80
CA LYS A 303 -42.19 -2.67 4.07
C LYS A 303 -43.50 -2.59 4.87
N PRO A 304 -44.13 -1.41 5.07
CA PRO A 304 -45.21 -1.32 6.06
C PRO A 304 -46.42 -2.21 5.78
N MET A 305 -47.04 -2.06 4.62
CA MET A 305 -48.26 -2.84 4.35
C MET A 305 -47.94 -4.32 4.20
N LEU A 306 -46.77 -4.65 3.67
CA LEU A 306 -46.37 -6.05 3.59
C LEU A 306 -46.23 -6.67 4.98
N ALA A 307 -45.64 -5.93 5.91
CA ALA A 307 -45.58 -6.41 7.29
C ALA A 307 -46.97 -6.46 7.92
N ARG A 308 -47.86 -5.56 7.52
CA ARG A 308 -49.23 -5.59 8.02
C ARG A 308 -49.97 -6.82 7.53
N GLY A 309 -49.60 -7.35 6.37
CA GLY A 309 -50.30 -8.48 5.80
C GLY A 309 -51.50 -8.07 5.00
N GLN A 310 -51.31 -7.14 4.07
CA GLN A 310 -52.43 -6.60 3.30
C GLN A 310 -53.02 -7.68 2.38
N LEU A 311 -52.18 -8.41 1.66
CA LEU A 311 -52.62 -9.45 0.75
C LEU A 311 -51.63 -10.61 0.85
N ARG A 312 -51.71 -11.53 -0.12
CA ARG A 312 -50.80 -12.66 -0.22
C ARG A 312 -50.01 -12.54 -1.52
N CYS A 313 -48.68 -12.60 -1.40
CA CYS A 313 -47.79 -12.38 -2.53
C CYS A 313 -46.99 -13.63 -2.84
N ILE A 314 -46.68 -13.81 -4.13
CA ILE A 314 -45.88 -14.93 -4.60
C ILE A 314 -44.73 -14.37 -5.43
N GLY A 315 -43.52 -14.88 -5.18
CA GLY A 315 -42.34 -14.42 -5.87
C GLY A 315 -41.64 -15.55 -6.59
N ALA A 316 -40.52 -15.20 -7.23
CA ALA A 316 -39.70 -16.17 -7.94
C ALA A 316 -38.36 -15.54 -8.26
N THR A 317 -37.28 -16.22 -7.91
CA THR A 317 -35.93 -15.73 -8.18
C THR A 317 -34.96 -16.88 -7.97
N THR A 318 -33.70 -16.64 -8.35
CA THR A 318 -32.64 -17.62 -8.14
C THR A 318 -32.11 -17.52 -6.72
N LEU A 319 -31.38 -18.56 -6.31
CA LEU A 319 -30.88 -18.62 -4.94
C LEU A 319 -29.74 -17.63 -4.71
N GLU A 320 -28.99 -17.30 -5.77
CA GLU A 320 -27.90 -16.34 -5.61
C GLU A 320 -28.43 -14.96 -5.26
N GLU A 321 -29.54 -14.56 -5.88
CA GLU A 321 -30.16 -13.28 -5.54
C GLU A 321 -30.62 -13.29 -4.09
N TYR A 322 -31.14 -14.42 -3.62
CA TYR A 322 -31.50 -14.55 -2.21
C TYR A 322 -30.28 -14.39 -1.31
N ARG A 323 -29.14 -14.97 -1.70
CA ARG A 323 -27.97 -14.94 -0.83
C ARG A 323 -27.29 -13.57 -0.87
N LYS A 324 -27.54 -12.79 -1.92
CA LYS A 324 -26.87 -11.51 -2.05
C LYS A 324 -27.72 -10.32 -1.62
N TYR A 325 -29.05 -10.38 -1.77
CA TYR A 325 -29.91 -9.24 -1.50
C TYR A 325 -30.66 -9.35 -0.18
N VAL A 326 -31.41 -10.42 0.04
CA VAL A 326 -32.33 -10.45 1.16
C VAL A 326 -31.65 -10.80 2.48
N GLU A 327 -30.46 -11.38 2.45
CA GLU A 327 -29.78 -11.77 3.68
C GLU A 327 -29.05 -10.62 4.36
N LYS A 328 -28.95 -9.46 3.70
CA LYS A 328 -28.29 -8.31 4.29
C LYS A 328 -29.22 -7.45 5.14
N ASP A 329 -30.50 -7.79 5.20
CA ASP A 329 -31.47 -7.07 6.02
C ASP A 329 -32.31 -8.07 6.80
N ALA A 330 -32.73 -7.65 7.99
CA ALA A 330 -33.52 -8.48 8.89
C ALA A 330 -35.01 -8.23 8.80
N ALA A 331 -35.45 -7.37 7.86
CA ALA A 331 -36.86 -7.02 7.79
C ALA A 331 -37.65 -8.03 6.98
N PHE A 332 -37.17 -8.40 5.80
CA PHE A 332 -37.92 -9.29 4.91
C PHE A 332 -37.92 -10.74 5.37
N GLU A 333 -36.99 -11.12 6.26
CA GLU A 333 -36.95 -12.49 6.74
C GLU A 333 -38.10 -12.83 7.66
N ARG A 334 -38.87 -11.84 8.11
CA ARG A 334 -40.01 -12.13 8.98
C ARG A 334 -41.04 -13.00 8.27
N ARG A 335 -41.30 -12.72 7.01
CA ARG A 335 -42.22 -13.50 6.19
C ARG A 335 -41.43 -14.31 5.16
N PHE A 336 -42.17 -14.97 4.27
CA PHE A 336 -41.64 -15.74 3.15
C PHE A 336 -41.01 -17.04 3.60
N GLN A 337 -41.28 -18.13 2.88
CA GLN A 337 -40.72 -19.44 3.16
C GLN A 337 -40.14 -20.02 1.88
N GLN A 338 -39.06 -20.78 2.04
CA GLN A 338 -38.38 -21.36 0.89
C GLN A 338 -39.20 -22.51 0.30
N VAL A 339 -39.24 -22.57 -1.03
CA VAL A 339 -39.78 -23.71 -1.75
C VAL A 339 -38.77 -24.08 -2.83
N PHE A 340 -38.26 -25.30 -2.79
CA PHE A 340 -37.19 -25.73 -3.67
C PHE A 340 -37.75 -26.52 -4.85
N VAL A 341 -37.34 -26.16 -6.06
CA VAL A 341 -37.77 -26.82 -7.28
C VAL A 341 -36.53 -27.33 -8.00
N ALA A 342 -36.55 -28.60 -8.39
CA ALA A 342 -35.44 -29.21 -9.12
C ALA A 342 -35.97 -30.34 -9.98
N GLU A 343 -35.30 -30.57 -11.11
CA GLU A 343 -35.69 -31.61 -12.07
C GLU A 343 -34.48 -32.44 -12.44
N PRO A 344 -34.09 -33.38 -11.58
CA PRO A 344 -32.98 -34.30 -11.91
C PRO A 344 -33.40 -35.63 -12.49
N SER A 345 -34.69 -35.84 -12.76
CA SER A 345 -35.21 -37.14 -13.15
C SER A 345 -35.16 -37.27 -14.67
N VAL A 346 -34.25 -38.12 -15.16
CA VAL A 346 -34.21 -38.42 -16.60
C VAL A 346 -35.51 -39.07 -17.08
N PRO A 347 -36.06 -40.09 -16.41
CA PRO A 347 -37.31 -40.69 -16.92
C PRO A 347 -38.47 -39.72 -17.02
N ASP A 348 -38.50 -38.69 -16.17
CA ASP A 348 -39.61 -37.74 -16.21
C ASP A 348 -39.60 -36.96 -17.52
N THR A 349 -38.40 -36.59 -18.00
CA THR A 349 -38.30 -35.80 -19.23
C THR A 349 -38.97 -36.49 -20.41
N ILE A 350 -38.99 -37.82 -20.42
CA ILE A 350 -39.69 -38.55 -21.47
C ILE A 350 -41.19 -38.23 -21.42
N SER A 351 -41.75 -38.19 -20.21
CA SER A 351 -43.17 -37.85 -20.07
C SER A 351 -43.45 -36.43 -20.55
N ILE A 352 -42.55 -35.49 -20.24
CA ILE A 352 -42.73 -34.12 -20.70
C ILE A 352 -42.69 -34.06 -22.22
N LEU A 353 -41.75 -34.79 -22.83
CA LEU A 353 -41.68 -34.83 -24.29
C LEU A 353 -42.94 -35.42 -24.89
N ARG A 354 -43.46 -36.49 -24.29
CA ARG A 354 -44.71 -37.08 -24.79
C ARG A 354 -45.85 -36.08 -24.68
N GLY A 355 -45.92 -35.34 -23.57
CA GLY A 355 -46.99 -34.36 -23.41
C GLY A 355 -46.90 -33.22 -24.40
N LEU A 356 -45.68 -32.71 -24.65
CA LEU A 356 -45.52 -31.56 -25.53
C LEU A 356 -45.38 -31.93 -27.00
N LYS A 357 -45.33 -33.22 -27.33
CA LYS A 357 -45.21 -33.63 -28.72
C LYS A 357 -46.39 -33.19 -29.57
N GLU A 358 -47.59 -33.14 -28.97
CA GLU A 358 -48.80 -32.92 -29.76
C GLU A 358 -48.82 -31.54 -30.40
N LYS A 359 -48.42 -30.51 -29.66
CA LYS A 359 -48.45 -29.15 -30.20
C LYS A 359 -47.52 -29.02 -31.40
N TYR A 360 -46.29 -29.53 -31.27
CA TYR A 360 -45.34 -29.45 -32.39
C TYR A 360 -45.80 -30.29 -33.57
N GLU A 361 -46.40 -31.47 -33.29
CA GLU A 361 -46.91 -32.30 -34.38
C GLU A 361 -48.02 -31.57 -35.13
N GLY A 362 -48.92 -30.92 -34.41
CA GLY A 362 -49.97 -30.16 -35.06
C GLY A 362 -49.43 -28.98 -35.85
N HIS A 363 -48.44 -28.29 -35.30
CA HIS A 363 -47.91 -27.11 -35.99
C HIS A 363 -47.15 -27.48 -37.26
N HIS A 364 -46.31 -28.52 -37.19
CA HIS A 364 -45.51 -28.90 -38.34
C HIS A 364 -46.21 -29.88 -39.28
N GLY A 365 -47.06 -30.76 -38.74
CA GLY A 365 -47.78 -31.71 -39.55
C GLY A 365 -46.92 -32.71 -40.27
N VAL A 366 -45.95 -33.29 -39.57
CA VAL A 366 -45.03 -34.27 -40.14
C VAL A 366 -44.99 -35.51 -39.25
N ARG A 367 -44.85 -36.67 -39.89
CA ARG A 367 -44.78 -37.93 -39.16
C ARG A 367 -43.54 -37.97 -38.28
N ILE A 368 -43.68 -38.57 -37.10
CA ILE A 368 -42.59 -38.67 -36.15
C ILE A 368 -42.47 -40.12 -35.68
N GLN A 369 -41.44 -40.38 -34.87
CA GLN A 369 -41.18 -41.70 -34.31
C GLN A 369 -40.90 -41.56 -32.82
N ASP A 370 -41.09 -42.66 -32.10
CA ASP A 370 -40.87 -42.66 -30.65
C ASP A 370 -39.44 -43.02 -30.27
N ARG A 371 -38.81 -43.91 -31.03
CA ARG A 371 -37.42 -44.26 -30.77
C ARG A 371 -36.52 -43.03 -30.91
N ALA A 372 -36.82 -42.16 -31.87
CA ALA A 372 -36.09 -40.91 -31.97
C ALA A 372 -36.26 -40.06 -30.72
N LEU A 373 -37.48 -40.01 -30.18
CA LEU A 373 -37.73 -39.23 -28.97
C LEU A 373 -36.92 -39.76 -27.80
N VAL A 374 -36.93 -41.08 -27.57
CA VAL A 374 -36.20 -41.62 -26.43
C VAL A 374 -34.69 -41.49 -26.64
N VAL A 375 -34.22 -41.63 -27.89
CA VAL A 375 -32.80 -41.46 -28.16
C VAL A 375 -32.36 -40.03 -27.87
N ALA A 376 -33.16 -39.05 -28.30
CA ALA A 376 -32.85 -37.66 -28.01
C ALA A 376 -32.86 -37.39 -26.50
N ALA A 377 -33.83 -37.96 -25.79
CA ALA A 377 -33.88 -37.79 -24.34
C ALA A 377 -32.63 -38.34 -23.67
N GLN A 378 -32.19 -39.52 -24.10
CA GLN A 378 -31.00 -40.13 -23.51
C GLN A 378 -29.74 -39.35 -23.85
N LEU A 379 -29.64 -38.86 -25.09
CA LEU A 379 -28.42 -38.20 -25.56
C LEU A 379 -28.29 -36.78 -25.03
N SER A 380 -29.40 -36.10 -24.75
CA SER A 380 -29.36 -34.69 -24.40
C SER A 380 -28.62 -34.41 -23.09
N ALA A 381 -28.47 -35.40 -22.22
CA ALA A 381 -27.93 -35.18 -20.89
C ALA A 381 -26.46 -35.52 -20.76
N ARG A 382 -25.80 -35.98 -21.82
CA ARG A 382 -24.42 -36.43 -21.74
C ARG A 382 -23.46 -35.61 -22.57
N TYR A 383 -23.75 -35.42 -23.86
CA TYR A 383 -22.80 -34.75 -24.75
C TYR A 383 -22.87 -33.24 -24.64
N ILE A 384 -24.04 -32.66 -24.96
CA ILE A 384 -24.17 -31.21 -25.04
C ILE A 384 -24.13 -30.64 -23.63
N MET A 385 -23.03 -30.00 -23.29
CA MET A 385 -22.87 -29.35 -22.00
C MET A 385 -23.43 -27.93 -22.09
N GLY A 386 -23.43 -27.23 -20.97
CA GLY A 386 -24.00 -25.90 -20.92
C GLY A 386 -25.49 -25.94 -20.64
N ARG A 387 -26.11 -24.77 -20.82
CA ARG A 387 -27.54 -24.56 -20.57
C ARG A 387 -27.83 -25.07 -19.16
N HIS A 388 -28.81 -25.95 -18.96
CA HIS A 388 -29.14 -26.40 -17.60
C HIS A 388 -29.87 -27.73 -17.70
N LEU A 389 -30.59 -28.10 -16.63
CA LEU A 389 -31.29 -29.37 -16.43
C LEU A 389 -32.05 -29.81 -17.67
N PRO A 390 -32.25 -31.12 -17.86
CA PRO A 390 -32.56 -31.64 -19.20
C PRO A 390 -33.94 -31.28 -19.74
N ASP A 391 -34.60 -30.29 -19.14
CA ASP A 391 -35.80 -29.75 -19.78
C ASP A 391 -35.50 -28.97 -21.07
N LYS A 392 -34.24 -28.96 -21.53
CA LYS A 392 -33.84 -28.29 -22.77
C LYS A 392 -33.92 -29.20 -23.99
N ALA A 393 -34.28 -30.47 -23.82
CA ALA A 393 -34.37 -31.37 -24.96
C ALA A 393 -35.46 -30.98 -25.95
N ILE A 394 -36.41 -30.16 -25.51
CA ILE A 394 -37.47 -29.71 -26.40
C ILE A 394 -36.89 -28.92 -27.57
N ASP A 395 -35.93 -28.03 -27.28
CA ASP A 395 -35.29 -27.28 -28.36
C ASP A 395 -34.52 -28.21 -29.30
N LEU A 396 -33.88 -29.24 -28.74
CA LEU A 396 -33.14 -30.18 -29.58
C LEU A 396 -34.05 -30.92 -30.53
N VAL A 397 -35.22 -31.36 -30.06
CA VAL A 397 -36.14 -32.04 -30.96
C VAL A 397 -36.78 -31.06 -31.94
N ASP A 398 -37.02 -29.82 -31.50
CA ASP A 398 -37.67 -28.84 -32.37
C ASP A 398 -36.74 -28.41 -33.50
N GLU A 399 -35.43 -28.41 -33.27
CA GLU A 399 -34.50 -28.09 -34.36
C GLU A 399 -34.69 -29.05 -35.54
N ALA A 400 -34.70 -30.34 -35.26
CA ALA A 400 -34.91 -31.32 -36.32
C ALA A 400 -36.32 -31.24 -36.90
N CYS A 401 -37.31 -30.98 -36.03
CA CYS A 401 -38.69 -30.85 -36.52
C CYS A 401 -38.81 -29.70 -37.51
N ALA A 402 -38.08 -28.61 -37.28
CA ALA A 402 -38.11 -27.49 -38.23
C ALA A 402 -37.27 -27.78 -39.46
N ASN A 403 -36.13 -28.48 -39.29
CA ASN A 403 -35.26 -28.76 -40.42
C ASN A 403 -35.94 -29.67 -41.43
N VAL A 404 -36.66 -30.68 -40.96
CA VAL A 404 -37.22 -31.68 -41.87
C VAL A 404 -38.25 -31.04 -42.81
N ARG A 405 -39.03 -30.08 -42.31
CA ARG A 405 -40.03 -29.43 -43.15
C ARG A 405 -39.38 -28.74 -44.34
N VAL A 406 -38.35 -27.92 -44.09
CA VAL A 406 -37.67 -27.23 -45.17
C VAL A 406 -36.97 -28.23 -46.09
N GLN A 407 -36.43 -29.30 -45.51
CA GLN A 407 -35.69 -30.27 -46.32
C GLN A 407 -36.60 -31.01 -47.28
N LEU A 408 -37.79 -31.43 -46.83
CA LEU A 408 -38.63 -32.32 -47.62
C LEU A 408 -39.88 -31.61 -48.15
N ASP A 409 -40.68 -31.02 -47.28
CA ASP A 409 -41.92 -30.38 -47.74
C ASP A 409 -41.64 -29.23 -48.69
N SER A 410 -40.65 -28.42 -48.39
CA SER A 410 -40.24 -27.33 -49.27
C SER A 410 -39.32 -27.89 -50.35
N GLN A 411 -38.69 -26.99 -51.11
CA GLN A 411 -37.79 -27.43 -52.17
C GLN A 411 -36.57 -28.13 -51.56
N PRO A 412 -36.08 -29.20 -52.18
CA PRO A 412 -34.89 -29.87 -51.67
C PRO A 412 -33.65 -29.00 -51.82
N GLU A 413 -32.68 -29.22 -50.93
CA GLU A 413 -31.47 -28.41 -50.91
C GLU A 413 -30.30 -29.06 -51.65
N GLU A 414 -30.31 -30.39 -51.81
CA GLU A 414 -29.22 -31.05 -52.52
C GLU A 414 -29.13 -30.57 -53.97
N ILE A 415 -30.29 -30.43 -54.63
CA ILE A 415 -30.30 -29.92 -55.99
C ILE A 415 -29.83 -28.48 -56.03
N ASP A 416 -30.17 -27.69 -54.99
CA ASP A 416 -29.69 -26.31 -54.92
C ASP A 416 -28.18 -26.25 -54.79
N ASN A 417 -27.59 -27.12 -53.96
CA ASN A 417 -26.14 -27.18 -53.85
C ASN A 417 -25.51 -27.61 -55.17
N LEU A 418 -26.10 -28.60 -55.83
CA LEU A 418 -25.57 -29.06 -57.11
C LEU A 418 -25.60 -27.95 -58.14
N GLU A 419 -26.70 -27.20 -58.23
CA GLU A 419 -26.78 -26.13 -59.22
C GLU A 419 -25.87 -24.96 -58.85
N ARG A 420 -25.68 -24.68 -57.56
CA ARG A 420 -24.75 -23.63 -57.17
C ARG A 420 -23.32 -23.99 -57.55
N LYS A 421 -22.93 -25.25 -57.36
CA LYS A 421 -21.58 -25.63 -57.74
C LYS A 421 -21.43 -25.77 -59.26
N ARG A 422 -22.50 -26.11 -59.97
CA ARG A 422 -22.50 -25.96 -61.43
C ARG A 422 -22.27 -24.52 -61.84
N ILE A 423 -22.91 -23.57 -61.15
CA ILE A 423 -22.74 -22.15 -61.46
C ILE A 423 -21.30 -21.73 -61.20
N GLN A 424 -20.72 -22.20 -60.09
CA GLN A 424 -19.31 -21.91 -59.81
C GLN A 424 -18.40 -22.49 -60.89
N LEU A 425 -18.68 -23.72 -61.34
CA LEU A 425 -17.89 -24.32 -62.41
C LEU A 425 -17.99 -23.50 -63.69
N GLU A 426 -19.20 -23.05 -64.03
CA GLU A 426 -19.38 -22.23 -65.23
C GLU A 426 -18.64 -20.90 -65.10
N VAL A 427 -18.67 -20.31 -63.91
CA VAL A 427 -17.99 -19.04 -63.69
C VAL A 427 -16.48 -19.20 -63.86
N GLU A 428 -15.91 -20.26 -63.28
CA GLU A 428 -14.46 -20.43 -63.35
C GLU A 428 -14.01 -20.80 -64.76
N HIS A 429 -14.88 -21.38 -65.57
CA HIS A 429 -14.54 -21.73 -66.95
C HIS A 429 -14.88 -20.58 -67.90
N PRO A 535 -34.65 -41.60 -36.61
CA PRO A 535 -33.81 -41.33 -35.45
C PRO A 535 -32.40 -40.92 -35.84
N GLU A 536 -32.07 -41.05 -37.13
CA GLU A 536 -30.77 -40.57 -37.60
C GLU A 536 -30.75 -39.06 -37.73
N GLN A 537 -31.91 -38.44 -37.92
CA GLN A 537 -31.97 -36.99 -38.14
C GLN A 537 -31.52 -36.21 -36.91
N ILE A 538 -31.98 -36.61 -35.72
CA ILE A 538 -31.64 -35.84 -34.53
C ILE A 538 -30.19 -36.02 -34.13
N ALA A 539 -29.49 -37.00 -34.72
CA ALA A 539 -28.06 -37.14 -34.45
C ALA A 539 -27.25 -36.13 -35.24
N GLU A 540 -27.74 -35.71 -36.41
CA GLU A 540 -26.99 -34.78 -37.23
C GLU A 540 -26.87 -33.41 -36.58
N VAL A 541 -27.95 -32.93 -35.97
CA VAL A 541 -27.94 -31.59 -35.40
C VAL A 541 -26.96 -31.50 -34.22
N VAL A 542 -26.96 -32.50 -33.34
CA VAL A 542 -26.03 -32.50 -32.24
C VAL A 542 -24.59 -32.68 -32.72
N SER A 543 -24.40 -33.27 -33.90
CA SER A 543 -23.06 -33.40 -34.44
C SER A 543 -22.51 -32.04 -34.87
N ARG A 544 -23.32 -31.26 -35.60
CA ARG A 544 -22.88 -29.94 -36.04
C ARG A 544 -22.98 -28.89 -34.94
N TRP A 545 -23.61 -29.21 -33.81
CA TRP A 545 -23.71 -28.24 -32.73
C TRP A 545 -22.36 -28.00 -32.06
N THR A 546 -21.64 -29.08 -31.73
CA THR A 546 -20.37 -28.95 -31.03
C THR A 546 -19.28 -29.88 -31.53
N GLY A 547 -19.47 -30.53 -32.67
CA GLY A 547 -18.49 -31.50 -33.14
C GLY A 547 -18.83 -32.90 -32.69
N ILE A 548 -17.82 -33.67 -32.29
CA ILE A 548 -18.00 -35.02 -31.75
C ILE A 548 -18.83 -35.85 -32.72
N PRO A 549 -18.27 -36.29 -33.84
CA PRO A 549 -19.09 -36.97 -34.86
C PRO A 549 -19.60 -38.31 -34.40
N VAL A 550 -20.71 -38.29 -33.65
CA VAL A 550 -21.32 -39.48 -33.09
C VAL A 550 -22.32 -40.07 -34.07
N THR A 551 -22.38 -39.49 -35.28
CA THR A 551 -23.31 -39.98 -36.29
C THR A 551 -22.98 -41.41 -36.69
N ARG A 552 -23.96 -42.08 -37.30
CA ARG A 552 -23.80 -43.48 -37.66
C ARG A 552 -22.72 -43.65 -38.72
N LEU A 553 -21.88 -44.66 -38.54
CA LEU A 553 -20.77 -44.90 -39.45
C LEU A 553 -21.26 -45.54 -40.75
N GLY A 554 -20.46 -45.37 -41.80
CA GLY A 554 -20.73 -45.98 -43.09
C GLY A 554 -19.53 -46.73 -43.63
N GLN A 555 -19.62 -47.21 -44.87
CA GLN A 555 -18.52 -47.98 -45.46
C GLN A 555 -17.27 -47.12 -45.59
N ASN A 556 -17.43 -45.85 -45.97
CA ASN A 556 -16.29 -44.95 -46.01
C ASN A 556 -15.63 -44.84 -44.63
N ASP A 557 -16.43 -44.66 -43.58
CA ASP A 557 -15.88 -44.73 -42.24
C ASP A 557 -15.26 -46.09 -41.95
N LYS A 558 -15.83 -47.16 -42.53
CA LYS A 558 -15.27 -48.49 -42.29
C LYS A 558 -13.83 -48.58 -42.77
N GLU A 559 -13.56 -48.22 -44.03
CA GLU A 559 -12.18 -48.36 -44.48
C GLU A 559 -11.30 -47.26 -43.89
N ARG A 560 -11.86 -46.10 -43.56
CA ARG A 560 -11.06 -45.08 -42.89
C ARG A 560 -10.55 -45.57 -41.54
N LEU A 561 -11.43 -46.18 -40.75
CA LEU A 561 -11.02 -46.71 -39.45
C LEU A 561 -10.12 -47.94 -39.60
N VAL A 562 -10.32 -48.73 -40.66
CA VAL A 562 -9.43 -49.86 -40.90
C VAL A 562 -8.01 -49.37 -41.21
N GLY A 563 -7.90 -48.36 -42.07
CA GLY A 563 -6.61 -47.86 -42.50
C GLY A 563 -6.02 -46.74 -41.68
N LEU A 564 -6.67 -46.35 -40.58
CA LEU A 564 -6.07 -45.35 -39.69
C LEU A 564 -4.72 -45.82 -39.16
N ALA A 565 -4.61 -47.10 -38.81
CA ALA A 565 -3.33 -47.62 -38.32
C ALA A 565 -2.26 -47.56 -39.39
N ASP A 566 -2.63 -47.86 -40.64
CA ASP A 566 -1.63 -47.87 -41.72
C ASP A 566 -1.21 -46.46 -42.10
N ARG A 567 -2.16 -45.54 -42.22
CA ARG A 567 -1.84 -44.20 -42.68
C ARG A 567 -0.98 -43.44 -41.67
N LEU A 568 -1.20 -43.68 -40.38
CA LEU A 568 -0.39 -43.04 -39.35
C LEU A 568 1.03 -43.58 -39.30
N HIS A 569 1.33 -44.65 -40.03
CA HIS A 569 2.63 -45.30 -40.01
C HIS A 569 3.58 -44.74 -41.08
N GLN A 570 3.41 -43.49 -41.47
CA GLN A 570 4.25 -42.86 -42.48
C GLN A 570 5.17 -41.79 -41.91
N ARG A 571 4.63 -40.82 -41.18
CA ARG A 571 5.46 -39.79 -40.59
C ARG A 571 6.43 -40.36 -39.57
N VAL A 572 5.98 -41.32 -38.77
CA VAL A 572 6.82 -42.00 -37.79
C VAL A 572 7.25 -43.33 -38.39
N VAL A 573 8.46 -43.76 -38.03
CA VAL A 573 9.06 -44.97 -38.57
C VAL A 573 9.58 -45.81 -37.41
N GLY A 574 9.22 -47.08 -37.39
CA GLY A 574 9.72 -48.02 -36.39
C GLY A 574 9.30 -47.74 -34.97
N GLN A 575 8.05 -47.35 -34.76
CA GLN A 575 7.51 -47.05 -33.43
C GLN A 575 6.19 -47.77 -33.25
N ALA A 576 6.20 -49.08 -33.50
CA ALA A 576 4.96 -49.85 -33.58
C ALA A 576 4.14 -49.77 -32.30
N GLU A 577 4.80 -49.78 -31.14
CA GLU A 577 4.08 -49.85 -29.87
C GLU A 577 3.18 -48.63 -29.66
N ALA A 578 3.75 -47.43 -29.76
CA ALA A 578 2.98 -46.22 -29.53
C ALA A 578 1.90 -46.04 -30.58
N VAL A 579 2.23 -46.34 -31.85
CA VAL A 579 1.26 -46.20 -32.92
C VAL A 579 0.07 -47.12 -32.68
N SER A 580 0.35 -48.38 -32.34
CA SER A 580 -0.72 -49.32 -32.06
C SER A 580 -1.56 -48.85 -30.87
N ALA A 581 -0.91 -48.37 -29.81
CA ALA A 581 -1.64 -47.93 -28.64
C ALA A 581 -2.61 -46.81 -28.98
N VAL A 582 -2.11 -45.77 -29.66
CA VAL A 582 -2.97 -44.62 -29.95
C VAL A 582 -4.07 -45.00 -30.95
N ALA A 583 -3.75 -45.86 -31.93
CA ALA A 583 -4.74 -46.26 -32.91
C ALA A 583 -5.87 -47.04 -32.27
N GLU A 584 -5.54 -48.02 -31.43
CA GLU A 584 -6.60 -48.78 -30.75
C GLU A 584 -7.37 -47.91 -29.78
N ALA A 585 -6.71 -46.94 -29.14
CA ALA A 585 -7.45 -46.04 -28.25
C ALA A 585 -8.50 -45.26 -29.02
N VAL A 586 -8.11 -44.67 -30.16
CA VAL A 586 -9.07 -43.89 -30.95
C VAL A 586 -10.19 -44.78 -31.46
N LEU A 587 -9.83 -45.96 -31.98
CA LEU A 587 -10.84 -46.86 -32.53
C LEU A 587 -11.83 -47.31 -31.47
N ARG A 588 -11.33 -47.63 -30.26
CA ARG A 588 -12.22 -48.02 -29.17
C ARG A 588 -13.14 -46.87 -28.78
N SER A 589 -12.60 -45.65 -28.72
CA SER A 589 -13.45 -44.51 -28.36
C SER A 589 -14.54 -44.28 -29.39
N ARG A 590 -14.23 -44.44 -30.67
CA ARG A 590 -15.21 -44.16 -31.72
C ARG A 590 -16.33 -45.18 -31.75
N ALA A 591 -16.01 -46.45 -31.46
CA ALA A 591 -17.00 -47.51 -31.62
C ALA A 591 -18.21 -47.33 -30.70
N GLY A 592 -18.01 -46.71 -29.54
CA GLY A 592 -19.09 -46.44 -28.61
C GLY A 592 -18.98 -47.11 -27.26
N LEU A 593 -17.97 -47.94 -27.04
CA LEU A 593 -17.78 -48.60 -25.76
C LEU A 593 -16.92 -47.70 -24.86
N GLY A 594 -16.42 -48.25 -23.77
CA GLY A 594 -15.53 -47.52 -22.91
C GLY A 594 -16.26 -46.84 -21.76
N ARG A 595 -15.53 -46.64 -20.66
CA ARG A 595 -16.12 -46.04 -19.48
C ARG A 595 -16.42 -44.57 -19.75
N PRO A 596 -17.57 -44.06 -19.31
CA PRO A 596 -17.92 -42.66 -19.55
C PRO A 596 -17.35 -41.72 -18.50
N GLN A 597 -16.39 -42.19 -17.73
CA GLN A 597 -15.77 -41.42 -16.65
C GLN A 597 -14.26 -41.38 -16.81
N GLN A 598 -13.79 -41.09 -18.02
CA GLN A 598 -12.37 -41.03 -18.30
C GLN A 598 -12.16 -40.11 -19.50
N PRO A 599 -10.95 -39.56 -19.64
CA PRO A 599 -10.68 -38.70 -20.81
C PRO A 599 -10.36 -39.49 -22.07
N THR A 600 -10.74 -40.78 -22.09
CA THR A 600 -10.52 -41.66 -23.24
C THR A 600 -9.04 -41.73 -23.61
N GLY A 601 -8.18 -41.81 -22.61
CA GLY A 601 -6.77 -42.04 -22.95
C GLY A 601 -5.85 -41.01 -22.34
N SER A 602 -4.81 -41.51 -21.67
CA SER A 602 -3.73 -40.69 -21.15
C SER A 602 -2.45 -41.50 -21.26
N PHE A 603 -1.39 -40.86 -21.75
CA PHE A 603 -0.15 -41.57 -22.01
C PHE A 603 1.03 -40.75 -21.52
N LEU A 604 2.12 -41.46 -21.21
CA LEU A 604 3.39 -40.85 -20.86
C LEU A 604 4.46 -41.36 -21.81
N PHE A 605 5.24 -40.45 -22.37
CA PHE A 605 6.27 -40.78 -23.34
C PHE A 605 7.64 -40.54 -22.74
N LEU A 606 8.49 -41.56 -22.77
CA LEU A 606 9.83 -41.50 -22.22
C LEU A 606 10.83 -42.01 -23.25
N GLY A 607 11.95 -41.31 -23.38
CA GLY A 607 12.98 -41.71 -24.30
C GLY A 607 14.04 -40.65 -24.52
N PRO A 608 14.99 -40.92 -25.41
CA PRO A 608 16.05 -39.95 -25.69
C PRO A 608 15.54 -38.69 -26.36
N THR A 609 16.41 -37.74 -26.63
CA THR A 609 16.03 -36.49 -27.27
C THR A 609 16.13 -36.62 -28.78
N GLY A 610 15.23 -35.94 -29.48
CA GLY A 610 15.22 -35.94 -30.93
C GLY A 610 14.93 -37.29 -31.54
N VAL A 611 13.92 -37.98 -31.04
CA VAL A 611 13.53 -39.30 -31.56
C VAL A 611 12.17 -39.27 -32.24
N GLY A 612 11.34 -38.26 -32.00
CA GLY A 612 10.05 -38.18 -32.63
C GLY A 612 8.88 -38.21 -31.66
N LYS A 613 9.09 -37.64 -30.47
CA LYS A 613 8.03 -37.64 -29.47
C LYS A 613 6.84 -36.79 -29.90
N THR A 614 7.10 -35.57 -30.35
CA THR A 614 6.01 -34.69 -30.80
C THR A 614 5.64 -34.91 -32.26
N GLU A 615 6.47 -35.60 -33.04
CA GLU A 615 6.11 -35.89 -34.42
C GLU A 615 4.89 -36.80 -34.49
N LEU A 616 4.81 -37.78 -33.59
CA LEU A 616 3.64 -38.64 -33.55
C LEU A 616 2.38 -37.85 -33.21
N ALA A 617 2.49 -36.92 -32.25
CA ALA A 617 1.34 -36.09 -31.90
C ALA A 617 0.92 -35.22 -33.09
N LYS A 618 1.88 -34.63 -33.80
CA LYS A 618 1.55 -33.80 -34.95
C LYS A 618 0.87 -34.63 -36.05
N ALA A 619 1.41 -35.82 -36.32
CA ALA A 619 0.80 -36.67 -37.35
C ALA A 619 -0.59 -37.11 -36.96
N LEU A 620 -0.79 -37.46 -35.68
CA LEU A 620 -2.12 -37.85 -35.22
C LEU A 620 -3.10 -36.69 -35.36
N ALA A 621 -2.68 -35.48 -34.99
CA ALA A 621 -3.56 -34.33 -35.12
C ALA A 621 -3.91 -34.06 -36.58
N GLU A 622 -2.94 -34.20 -37.48
CA GLU A 622 -3.21 -33.99 -38.89
C GLU A 622 -4.16 -35.05 -39.44
N GLN A 623 -4.02 -36.28 -38.97
CA GLN A 623 -4.84 -37.37 -39.50
C GLN A 623 -6.27 -37.33 -38.97
N LEU A 624 -6.44 -36.96 -37.70
CA LEU A 624 -7.78 -36.97 -37.10
C LEU A 624 -8.71 -35.98 -37.78
N PHE A 625 -8.22 -34.79 -38.08
CA PHE A 625 -9.01 -33.75 -38.72
C PHE A 625 -8.14 -32.96 -39.67
N ASP A 626 -8.77 -32.27 -40.60
CA ASP A 626 -8.04 -31.60 -41.69
C ASP A 626 -7.18 -30.45 -41.19
N ASP A 627 -7.34 -30.01 -39.96
CA ASP A 627 -6.51 -28.93 -39.44
C ASP A 627 -5.08 -29.41 -39.23
N GLU A 628 -4.16 -28.45 -39.16
CA GLU A 628 -2.74 -28.74 -38.96
C GLU A 628 -2.20 -28.27 -37.63
N ASN A 629 -2.72 -27.18 -37.07
CA ASN A 629 -2.21 -26.63 -35.82
C ASN A 629 -3.34 -26.34 -34.83
N LEU A 630 -4.42 -27.13 -34.90
CA LEU A 630 -5.51 -26.93 -33.96
C LEU A 630 -5.13 -27.38 -32.55
N LEU A 631 -4.15 -28.28 -32.43
CA LEU A 631 -3.74 -28.74 -31.12
C LEU A 631 -3.17 -27.60 -30.30
N VAL A 632 -3.38 -27.66 -28.99
CA VAL A 632 -2.98 -26.61 -28.06
C VAL A 632 -1.70 -27.06 -27.36
N ARG A 633 -0.68 -26.21 -27.40
CA ARG A 633 0.60 -26.49 -26.77
C ARG A 633 0.66 -25.77 -25.43
N ILE A 634 0.90 -26.51 -24.36
CA ILE A 634 0.99 -25.96 -23.01
C ILE A 634 2.39 -26.26 -22.48
N ASP A 635 3.10 -25.22 -22.08
CA ASP A 635 4.44 -25.33 -21.52
C ASP A 635 4.45 -24.69 -20.14
N MET A 636 5.14 -25.33 -19.19
CA MET A 636 5.22 -24.84 -17.83
C MET A 636 6.64 -24.44 -17.43
N SER A 637 7.51 -24.20 -18.42
CA SER A 637 8.88 -23.78 -18.11
C SER A 637 8.92 -22.47 -17.34
N GLU A 638 7.88 -21.65 -17.45
CA GLU A 638 7.76 -20.43 -16.65
C GLU A 638 6.83 -20.60 -15.47
N TYR A 639 6.44 -21.83 -15.15
CA TYR A 639 5.54 -22.13 -14.04
C TYR A 639 6.31 -22.71 -12.86
N MET A 640 7.54 -22.22 -12.65
CA MET A 640 8.38 -22.75 -11.58
C MET A 640 7.79 -22.45 -10.21
N GLU A 641 7.27 -21.23 -10.01
CA GLU A 641 6.71 -20.83 -8.73
C GLU A 641 5.21 -21.10 -8.71
N GLN A 642 4.73 -21.57 -7.55
CA GLN A 642 3.33 -21.90 -7.40
C GLN A 642 2.41 -20.69 -7.44
N HIS A 643 2.96 -19.48 -7.37
CA HIS A 643 2.13 -18.28 -7.44
C HIS A 643 1.47 -18.08 -8.79
N SER A 644 1.87 -18.84 -9.80
CA SER A 644 1.29 -18.75 -11.14
C SER A 644 0.19 -19.79 -11.37
N VAL A 645 -0.32 -20.42 -10.31
CA VAL A 645 -1.44 -21.35 -10.45
C VAL A 645 -2.64 -20.63 -11.02
N ALA A 646 -2.94 -19.44 -10.50
CA ALA A 646 -4.09 -18.67 -10.97
C ALA A 646 -3.96 -18.26 -12.43
N ARG A 647 -2.74 -18.31 -12.99
CA ARG A 647 -2.60 -18.08 -14.42
C ARG A 647 -3.01 -19.31 -15.22
N LEU A 648 -2.68 -20.51 -14.73
CA LEU A 648 -3.04 -21.74 -15.43
C LEU A 648 -4.55 -21.96 -15.40
N ILE A 649 -5.16 -21.82 -14.23
CA ILE A 649 -6.57 -22.12 -14.04
C ILE A 649 -7.33 -20.79 -13.94
N GLY A 650 -8.65 -20.87 -14.02
CA GLY A 650 -9.49 -19.70 -13.87
C GLY A 650 -9.27 -19.00 -12.54
N ALA A 651 -8.64 -17.83 -12.58
CA ALA A 651 -8.33 -17.11 -11.36
C ALA A 651 -9.60 -16.58 -10.69
N PRO A 652 -9.61 -16.46 -9.36
CA PRO A 652 -10.78 -15.92 -8.70
C PRO A 652 -11.02 -14.48 -9.11
N PRO A 653 -12.28 -14.03 -9.11
CA PRO A 653 -12.56 -12.63 -9.46
C PRO A 653 -12.40 -11.71 -8.26
N GLY A 654 -11.73 -12.19 -7.22
CA GLY A 654 -11.62 -11.47 -5.96
C GLY A 654 -11.01 -10.08 -6.04
N TYR A 655 -9.78 -9.97 -6.53
CA TYR A 655 -9.08 -8.69 -6.47
C TYR A 655 -9.61 -7.71 -7.51
N VAL A 656 -9.44 -8.02 -8.80
CA VAL A 656 -9.92 -7.13 -9.85
C VAL A 656 -10.78 -7.92 -10.85
N GLY A 657 -10.57 -9.22 -10.92
CA GLY A 657 -11.34 -10.06 -11.83
C GLY A 657 -11.23 -9.66 -13.29
N HIS A 658 -10.04 -9.24 -13.71
CA HIS A 658 -9.81 -8.79 -15.09
C HIS A 658 -9.10 -9.81 -15.94
N GLU A 659 -8.16 -10.57 -15.37
CA GLU A 659 -7.43 -11.60 -16.10
C GLU A 659 -8.04 -12.98 -15.88
N GLU A 660 -9.36 -13.05 -15.75
CA GLU A 660 -10.05 -14.30 -15.42
C GLU A 660 -9.82 -15.39 -16.46
N GLY A 661 -9.46 -15.02 -17.69
CA GLY A 661 -9.20 -16.02 -18.70
C GLY A 661 -7.98 -16.87 -18.38
N GLY A 662 -8.22 -18.13 -18.02
CA GLY A 662 -7.16 -19.04 -17.66
C GLY A 662 -6.46 -19.63 -18.86
N GLN A 663 -5.46 -20.46 -18.59
CA GLN A 663 -4.72 -21.11 -19.66
C GLN A 663 -5.52 -22.25 -20.29
N LEU A 664 -6.31 -22.96 -19.49
CA LEU A 664 -7.07 -24.12 -19.95
C LEU A 664 -8.56 -23.92 -19.72
N THR A 665 -9.06 -22.71 -19.97
CA THR A 665 -10.46 -22.41 -19.74
C THR A 665 -11.21 -22.08 -21.03
N GLU A 666 -10.75 -21.12 -21.82
CA GLU A 666 -11.49 -20.74 -23.02
C GLU A 666 -11.14 -21.62 -24.22
N GLN A 667 -9.93 -22.18 -24.26
CA GLN A 667 -9.54 -22.99 -25.41
C GLN A 667 -10.42 -24.23 -25.53
N VAL A 668 -10.67 -24.91 -24.41
CA VAL A 668 -11.52 -26.10 -24.44
C VAL A 668 -12.99 -25.76 -24.56
N ARG A 669 -13.41 -24.57 -24.12
CA ARG A 669 -14.78 -24.13 -24.33
C ARG A 669 -15.02 -23.91 -25.81
N ARG A 670 -16.26 -24.14 -26.24
CA ARG A 670 -16.73 -24.07 -27.63
C ARG A 670 -15.92 -24.97 -28.56
N ARG A 671 -15.10 -25.85 -28.02
CA ARG A 671 -14.27 -26.77 -28.79
C ARG A 671 -13.80 -27.90 -27.88
N PRO A 672 -14.65 -28.90 -27.60
CA PRO A 672 -14.29 -29.95 -26.66
C PRO A 672 -13.64 -31.18 -27.29
N TYR A 673 -13.36 -31.17 -28.59
CA TYR A 673 -12.75 -32.30 -29.26
C TYR A 673 -11.26 -32.11 -29.53
N SER A 674 -10.65 -31.10 -28.93
CA SER A 674 -9.26 -30.76 -29.22
C SER A 674 -8.32 -31.78 -28.58
N VAL A 675 -7.04 -31.64 -28.86
CA VAL A 675 -5.98 -32.47 -28.28
C VAL A 675 -5.06 -31.57 -27.49
N ILE A 676 -4.86 -31.89 -26.22
CA ILE A 676 -4.04 -31.09 -25.32
C ILE A 676 -2.72 -31.82 -25.12
N LEU A 677 -1.61 -31.11 -25.34
CA LEU A 677 -0.28 -31.69 -25.28
C LEU A 677 0.55 -30.96 -24.24
N PHE A 678 1.17 -31.71 -23.32
CA PHE A 678 2.03 -31.15 -22.31
C PHE A 678 3.47 -31.18 -22.79
N ASP A 679 4.41 -30.85 -21.91
CA ASP A 679 5.83 -30.84 -22.26
C ASP A 679 6.70 -30.79 -21.01
N GLU A 680 7.71 -31.65 -20.93
CA GLU A 680 8.64 -31.77 -19.80
C GLU A 680 7.92 -31.58 -18.46
N VAL A 681 6.98 -32.50 -18.20
CA VAL A 681 6.11 -32.37 -17.03
C VAL A 681 6.89 -32.42 -15.73
N GLU A 682 8.08 -33.04 -15.74
CA GLU A 682 8.82 -33.20 -14.50
C GLU A 682 9.31 -31.87 -13.94
N LYS A 683 9.67 -30.92 -14.81
CA LYS A 683 10.29 -29.68 -14.36
C LYS A 683 9.33 -28.78 -13.57
N ALA A 684 8.05 -29.07 -13.58
CA ALA A 684 7.10 -28.24 -12.85
C ALA A 684 7.25 -28.42 -11.35
N HIS A 685 6.74 -27.44 -10.61
CA HIS A 685 6.67 -27.55 -9.15
C HIS A 685 5.67 -28.63 -8.77
N VAL A 686 5.81 -29.13 -7.54
CA VAL A 686 4.92 -30.18 -7.06
C VAL A 686 3.49 -29.66 -6.94
N ALA A 687 3.34 -28.41 -6.47
CA ALA A 687 1.99 -27.88 -6.24
C ALA A 687 1.24 -27.65 -7.53
N VAL A 688 1.90 -27.11 -8.55
CA VAL A 688 1.19 -26.79 -9.80
C VAL A 688 0.71 -28.06 -10.48
N PHE A 689 1.53 -29.11 -10.47
CA PHE A 689 1.18 -30.36 -11.13
C PHE A 689 0.15 -31.17 -10.35
N ASN A 690 0.00 -30.92 -9.06
CA ASN A 690 -0.92 -31.67 -8.21
C ASN A 690 -2.36 -31.13 -8.28
N THR A 691 -2.66 -30.28 -9.26
CA THR A 691 -4.03 -29.82 -9.47
C THR A 691 -4.69 -30.47 -10.68
N LEU A 692 -3.97 -31.26 -11.46
CA LEU A 692 -4.53 -31.99 -12.59
C LEU A 692 -4.86 -33.43 -12.23
N LEU A 693 -4.77 -33.79 -10.95
CA LEU A 693 -5.13 -35.14 -10.52
C LEU A 693 -6.64 -35.36 -10.59
N GLN A 694 -7.43 -34.35 -10.23
CA GLN A 694 -8.87 -34.52 -10.11
C GLN A 694 -9.51 -34.84 -11.45
N VAL A 695 -9.04 -34.21 -12.53
CA VAL A 695 -9.61 -34.48 -13.84
C VAL A 695 -9.23 -35.89 -14.32
N LEU A 696 -7.97 -36.28 -14.12
CA LEU A 696 -7.57 -37.64 -14.47
C LEU A 696 -8.30 -38.67 -13.63
N ASP A 697 -8.82 -38.28 -12.47
CA ASP A 697 -9.62 -39.21 -11.66
C ASP A 697 -10.96 -39.50 -12.31
N ASP A 698 -11.77 -38.45 -12.51
CA ASP A 698 -13.13 -38.65 -13.00
C ASP A 698 -13.60 -37.56 -13.96
N GLY A 699 -12.68 -36.79 -14.53
CA GLY A 699 -13.06 -35.72 -15.43
C GLY A 699 -13.62 -34.52 -14.68
N ARG A 700 -14.01 -33.51 -15.45
CA ARG A 700 -14.59 -32.26 -14.95
C ARG A 700 -13.57 -31.46 -14.13
N LEU A 701 -13.75 -30.14 -14.09
CA LEU A 701 -12.84 -29.27 -13.37
C LEU A 701 -13.56 -27.98 -13.04
N THR A 702 -13.26 -27.42 -11.86
CA THR A 702 -13.89 -26.21 -11.38
C THR A 702 -12.86 -25.09 -11.31
N ASP A 703 -13.19 -23.95 -11.91
CA ASP A 703 -12.32 -22.78 -11.91
C ASP A 703 -12.76 -21.81 -10.82
N GLY A 704 -12.18 -20.62 -10.82
CA GLY A 704 -12.49 -19.65 -9.78
C GLY A 704 -13.95 -19.22 -9.78
N GLN A 705 -14.53 -19.05 -10.97
CA GLN A 705 -15.92 -18.63 -11.08
C GLN A 705 -16.90 -19.73 -10.68
N GLY A 706 -16.42 -20.96 -10.48
CA GLY A 706 -17.29 -22.06 -10.12
C GLY A 706 -17.87 -22.84 -11.28
N ARG A 707 -17.63 -22.40 -12.51
CA ARG A 707 -18.12 -23.14 -13.67
C ARG A 707 -17.40 -24.47 -13.81
N THR A 708 -18.12 -25.48 -14.28
CA THR A 708 -17.59 -26.82 -14.47
C THR A 708 -17.31 -27.04 -15.95
N VAL A 709 -16.04 -27.22 -16.28
CA VAL A 709 -15.63 -27.54 -17.64
C VAL A 709 -15.31 -29.02 -17.73
N ASP A 710 -15.80 -29.67 -18.77
CA ASP A 710 -15.74 -31.13 -18.89
C ASP A 710 -14.60 -31.52 -19.83
N PHE A 711 -13.68 -32.33 -19.31
CA PHE A 711 -12.68 -33.00 -20.16
C PHE A 711 -13.13 -34.45 -20.37
N ARG A 712 -14.14 -34.60 -21.22
CA ARG A 712 -14.75 -35.90 -21.46
C ARG A 712 -14.44 -36.47 -22.83
N ASN A 713 -13.73 -35.74 -23.67
CA ASN A 713 -13.38 -36.24 -24.99
C ASN A 713 -11.97 -35.86 -25.45
N THR A 714 -11.19 -35.17 -24.63
CA THR A 714 -9.87 -34.71 -25.04
C THR A 714 -8.81 -35.76 -24.71
N VAL A 715 -7.88 -35.94 -25.65
CA VAL A 715 -6.83 -36.94 -25.50
C VAL A 715 -5.64 -36.27 -24.83
N ILE A 716 -5.55 -36.43 -23.51
CA ILE A 716 -4.44 -35.85 -22.75
C ILE A 716 -3.19 -36.68 -22.98
N ILE A 717 -2.10 -36.02 -23.35
CA ILE A 717 -0.84 -36.69 -23.68
C ILE A 717 0.31 -35.87 -23.14
N MET A 718 1.22 -36.50 -22.42
CA MET A 718 2.36 -35.83 -21.80
C MET A 718 3.66 -36.41 -22.35
N THR A 719 4.78 -35.84 -21.91
CA THR A 719 6.09 -36.31 -22.31
C THR A 719 7.12 -35.85 -21.27
N SER A 720 8.27 -36.51 -21.26
CA SER A 720 9.32 -36.19 -20.30
C SER A 720 10.65 -36.70 -20.84
N ASN A 721 11.73 -36.20 -20.25
CA ASN A 721 13.09 -36.49 -20.70
C ASN A 721 13.91 -37.28 -19.69
N LEU A 722 13.30 -37.75 -18.60
CA LEU A 722 14.05 -38.48 -17.59
C LEU A 722 14.47 -39.86 -18.10
N GLY A 723 15.55 -40.38 -17.53
CA GLY A 723 16.02 -41.70 -17.86
C GLY A 723 16.72 -41.82 -19.18
N ALA A 724 17.06 -40.71 -19.83
CA ALA A 724 17.74 -40.77 -21.11
C ALA A 724 19.14 -41.38 -20.99
N GLU A 725 19.90 -40.95 -19.98
CA GLU A 725 21.29 -41.38 -19.86
C GLU A 725 21.38 -42.89 -19.64
N HIS A 726 20.53 -43.44 -18.77
CA HIS A 726 20.55 -44.88 -18.53
C HIS A 726 20.24 -45.66 -19.79
N LEU A 727 19.24 -45.20 -20.56
CA LEU A 727 18.94 -45.85 -21.83
C LEU A 727 19.99 -45.54 -22.89
N LEU A 728 20.58 -44.34 -22.83
CA LEU A 728 21.61 -43.97 -23.81
C LEU A 728 22.84 -44.87 -23.67
N ALA A 729 23.19 -45.24 -22.43
CA ALA A 729 24.34 -46.09 -22.22
C ALA A 729 24.17 -47.45 -22.89
N GLY A 730 22.96 -48.01 -22.81
CA GLY A 730 22.67 -49.28 -23.45
C GLY A 730 22.51 -49.18 -24.94
N SER A 736 22.58 -54.43 -20.76
CA SER A 736 21.55 -54.89 -21.68
C SER A 736 20.38 -53.91 -21.73
N MET A 737 19.44 -54.16 -22.64
CA MET A 737 18.27 -53.29 -22.75
C MET A 737 17.28 -53.54 -21.62
N LYS A 738 17.17 -54.79 -21.15
CA LYS A 738 16.26 -55.08 -20.05
C LYS A 738 16.67 -54.36 -18.77
N VAL A 739 17.97 -54.37 -18.45
CA VAL A 739 18.43 -53.70 -17.25
C VAL A 739 18.26 -52.18 -17.37
N ALA A 740 18.45 -51.63 -18.58
CA ALA A 740 18.22 -50.20 -18.77
C ALA A 740 16.76 -49.85 -18.58
N ARG A 741 15.85 -50.68 -19.11
CA ARG A 741 14.43 -50.45 -18.91
C ARG A 741 14.07 -50.52 -17.44
N ASP A 742 14.61 -51.51 -16.73
CA ASP A 742 14.35 -51.62 -15.30
C ASP A 742 14.87 -50.41 -14.54
N LEU A 743 16.06 -49.92 -14.90
CA LEU A 743 16.60 -48.74 -14.25
C LEU A 743 15.71 -47.53 -14.49
N VAL A 744 15.26 -47.34 -15.73
CA VAL A 744 14.40 -46.20 -16.04
C VAL A 744 13.08 -46.29 -15.26
N MET A 745 12.50 -47.49 -15.23
CA MET A 745 11.23 -47.66 -14.53
C MET A 745 11.38 -47.43 -13.03
N GLN A 746 12.45 -47.95 -12.42
CA GLN A 746 12.64 -47.75 -10.99
C GLN A 746 12.92 -46.28 -10.68
N GLU A 747 13.66 -45.60 -11.56
CA GLU A 747 13.92 -44.18 -11.34
C GLU A 747 12.64 -43.36 -11.41
N VAL A 748 11.79 -43.63 -12.41
CA VAL A 748 10.57 -42.85 -12.54
C VAL A 748 9.60 -43.19 -11.41
N ARG A 749 9.60 -44.45 -10.93
CA ARG A 749 8.77 -44.79 -9.79
C ARG A 749 9.23 -44.06 -8.54
N ARG A 750 10.55 -44.01 -8.32
CA ARG A 750 11.07 -43.38 -7.12
C ARG A 750 10.90 -41.87 -7.14
N HIS A 751 11.02 -41.25 -8.32
CA HIS A 751 10.91 -39.79 -8.40
C HIS A 751 9.50 -39.32 -8.04
N PHE A 752 8.48 -39.91 -8.65
CA PHE A 752 7.11 -39.48 -8.45
C PHE A 752 6.46 -40.25 -7.30
N ARG A 753 5.33 -39.73 -6.84
CA ARG A 753 4.59 -40.40 -5.77
C ARG A 753 4.00 -41.70 -6.29
N PRO A 754 3.90 -42.73 -5.44
CA PRO A 754 3.37 -44.02 -5.89
C PRO A 754 1.87 -44.02 -6.13
N GLU A 755 1.20 -42.87 -6.08
CA GLU A 755 -0.24 -42.81 -6.28
C GLU A 755 -0.61 -42.42 -7.71
N LEU A 756 -0.01 -41.35 -8.23
CA LEU A 756 -0.40 -40.84 -9.54
C LEU A 756 -0.09 -41.82 -10.66
N LEU A 757 0.96 -42.63 -10.49
CA LEU A 757 1.35 -43.57 -11.55
C LEU A 757 0.30 -44.65 -11.80
N ASN A 758 -0.66 -44.83 -10.89
CA ASN A 758 -1.73 -45.79 -11.15
C ASN A 758 -2.77 -45.24 -12.13
N ARG A 759 -2.95 -43.92 -12.16
CA ARG A 759 -4.01 -43.34 -12.98
C ARG A 759 -3.70 -43.42 -14.47
N LEU A 760 -2.44 -43.25 -14.84
CA LEU A 760 -2.07 -43.19 -16.25
C LEU A 760 -2.41 -44.51 -16.94
N ASP A 761 -3.05 -44.40 -18.11
CA ASP A 761 -3.52 -45.59 -18.82
C ASP A 761 -2.35 -46.47 -19.26
N GLU A 762 -1.29 -45.86 -19.79
CA GLU A 762 -0.18 -46.64 -20.31
C GLU A 762 1.07 -45.76 -20.36
N ILE A 763 2.20 -46.36 -20.03
CA ILE A 763 3.51 -45.71 -20.12
C ILE A 763 4.35 -46.52 -21.11
N VAL A 764 4.95 -45.82 -22.09
CA VAL A 764 5.71 -46.47 -23.13
C VAL A 764 7.07 -45.79 -23.24
N ILE A 765 8.03 -46.53 -23.78
CA ILE A 765 9.40 -46.06 -23.96
C ILE A 765 9.78 -46.24 -25.43
N PHE A 766 10.39 -45.21 -26.00
CA PHE A 766 10.73 -45.22 -27.42
C PHE A 766 12.04 -45.96 -27.64
N ASP A 767 12.00 -46.95 -28.54
CA ASP A 767 13.17 -47.76 -28.85
C ASP A 767 14.08 -47.01 -29.82
N PRO A 768 15.37 -46.86 -29.53
CA PRO A 768 16.28 -46.23 -30.50
C PRO A 768 16.30 -47.00 -31.81
N LEU A 769 16.42 -46.26 -32.91
CA LEU A 769 16.25 -46.79 -34.25
C LEU A 769 17.55 -47.37 -34.79
N SER A 770 17.42 -48.20 -35.83
CA SER A 770 18.53 -48.91 -36.45
C SER A 770 18.76 -48.38 -37.87
N HIS A 771 19.73 -48.99 -38.55
CA HIS A 771 20.24 -48.43 -39.80
C HIS A 771 19.16 -48.30 -40.87
N GLU A 772 18.29 -49.30 -40.98
CA GLU A 772 17.22 -49.23 -41.97
C GLU A 772 16.29 -48.06 -41.69
N GLN A 773 16.02 -47.81 -40.41
CA GLN A 773 15.25 -46.64 -40.04
C GLN A 773 15.96 -45.35 -40.42
N LEU A 774 17.30 -45.33 -40.27
CA LEU A 774 18.06 -44.17 -40.74
C LEU A 774 17.89 -43.96 -42.23
N ARG A 775 17.97 -45.02 -43.02
CA ARG A 775 17.82 -44.87 -44.47
C ARG A 775 16.41 -44.38 -44.82
N LYS A 776 15.39 -44.94 -44.18
CA LYS A 776 14.03 -44.52 -44.46
C LYS A 776 13.80 -43.07 -44.08
N VAL A 777 14.32 -42.64 -42.91
CA VAL A 777 14.12 -41.25 -42.50
C VAL A 777 14.92 -40.31 -43.40
N ALA A 778 16.08 -40.75 -43.90
CA ALA A 778 16.82 -39.92 -44.85
C ALA A 778 16.03 -39.73 -46.13
N ARG A 779 15.42 -40.80 -46.65
CA ARG A 779 14.59 -40.66 -47.84
C ARG A 779 13.41 -39.74 -47.59
N LEU A 780 12.77 -39.88 -46.43
CA LEU A 780 11.62 -39.02 -46.11
C LEU A 780 12.04 -37.56 -46.02
N GLN A 781 13.19 -37.28 -45.41
CA GLN A 781 13.65 -35.91 -45.31
C GLN A 781 14.00 -35.34 -46.69
N MET A 782 14.61 -36.15 -47.55
CA MET A 782 15.00 -35.64 -48.87
C MET A 782 13.78 -35.44 -49.78
N LYS A 783 12.70 -36.18 -49.54
CA LYS A 783 11.49 -35.97 -50.34
C LYS A 783 10.96 -34.56 -50.20
N ASP A 784 11.13 -33.94 -49.03
CA ASP A 784 10.63 -32.59 -48.82
C ASP A 784 11.32 -31.58 -49.73
N VAL A 785 12.65 -31.57 -49.73
CA VAL A 785 13.36 -30.66 -50.62
C VAL A 785 13.12 -31.04 -52.07
N ALA A 786 12.96 -32.33 -52.37
CA ALA A 786 12.66 -32.75 -53.73
C ALA A 786 11.38 -32.10 -54.24
N VAL A 787 10.30 -32.21 -53.45
CA VAL A 787 9.03 -31.63 -53.90
C VAL A 787 9.08 -30.11 -53.90
N ARG A 788 9.78 -29.51 -52.93
CA ARG A 788 9.89 -28.05 -52.88
C ARG A 788 10.59 -27.51 -54.13
N LEU A 789 11.64 -28.19 -54.57
CA LEU A 789 12.28 -27.80 -55.83
C LEU A 789 11.39 -28.13 -57.02
N ALA A 790 10.67 -29.25 -56.97
CA ALA A 790 9.79 -29.65 -58.06
C ALA A 790 8.66 -28.65 -58.26
N GLU A 791 8.35 -27.84 -57.24
CA GLU A 791 7.39 -26.76 -57.45
C GLU A 791 7.83 -25.82 -58.56
N ARG A 792 9.14 -25.67 -58.77
CA ARG A 792 9.68 -24.83 -59.82
C ARG A 792 9.82 -25.56 -61.16
N GLY A 793 9.57 -26.86 -61.19
CA GLY A 793 9.62 -27.63 -62.41
C GLY A 793 10.89 -28.41 -62.66
N VAL A 794 11.54 -28.91 -61.61
CA VAL A 794 12.75 -29.72 -61.73
C VAL A 794 12.56 -31.00 -60.94
N ALA A 795 12.83 -32.13 -61.58
CA ALA A 795 12.67 -33.42 -60.93
C ALA A 795 13.95 -33.85 -60.23
N LEU A 796 13.80 -34.70 -59.22
CA LEU A 796 14.91 -35.24 -58.45
C LEU A 796 14.92 -36.75 -58.54
N ALA A 797 16.11 -37.31 -58.73
CA ALA A 797 16.31 -38.75 -58.77
C ALA A 797 17.61 -39.09 -58.06
N VAL A 798 17.59 -40.17 -57.27
CA VAL A 798 18.73 -40.57 -56.48
C VAL A 798 18.88 -42.09 -56.53
N THR A 799 19.98 -42.58 -55.98
CA THR A 799 20.27 -44.01 -55.90
C THR A 799 20.54 -44.39 -54.46
N ASP A 800 20.51 -45.69 -54.19
CA ASP A 800 20.78 -46.18 -52.83
C ASP A 800 22.20 -45.90 -52.42
N ALA A 801 23.14 -45.85 -53.38
CA ALA A 801 24.52 -45.58 -53.04
C ALA A 801 24.69 -44.20 -52.42
N ALA A 802 23.95 -43.21 -52.93
CA ALA A 802 24.03 -41.86 -52.38
C ALA A 802 23.58 -41.83 -50.92
N LEU A 803 22.51 -42.57 -50.60
CA LEU A 803 22.01 -42.59 -49.23
C LEU A 803 23.03 -43.16 -48.26
N ASP A 804 23.88 -44.08 -48.72
CA ASP A 804 24.86 -44.70 -47.84
C ASP A 804 25.89 -43.68 -47.34
N VAL A 805 26.32 -42.77 -48.22
CA VAL A 805 27.36 -41.82 -47.83
C VAL A 805 26.81 -40.61 -47.10
N ILE A 806 25.51 -40.31 -47.26
CA ILE A 806 24.92 -39.16 -46.57
C ILE A 806 24.96 -39.38 -45.06
N LEU A 807 24.47 -40.53 -44.60
CA LEU A 807 24.45 -40.79 -43.17
C LEU A 807 25.81 -41.17 -42.62
N SER A 808 26.67 -41.79 -43.45
CA SER A 808 27.96 -42.27 -42.95
C SER A 808 28.82 -41.13 -42.45
N LEU A 809 28.83 -40.01 -43.17
CA LEU A 809 29.71 -38.90 -42.80
C LEU A 809 29.19 -38.10 -41.62
N SER A 810 27.87 -38.05 -41.41
CA SER A 810 27.26 -37.11 -40.48
C SER A 810 26.23 -37.80 -39.59
N TYR A 811 26.60 -38.94 -39.00
CA TYR A 811 25.73 -39.65 -38.08
C TYR A 811 26.30 -39.58 -36.67
N ASP A 812 25.45 -39.24 -35.71
CA ASP A 812 25.80 -39.27 -34.29
C ASP A 812 24.70 -40.01 -33.55
N PRO A 813 25.03 -41.09 -32.83
CA PRO A 813 23.98 -41.87 -32.16
C PRO A 813 23.21 -41.09 -31.11
N VAL A 814 23.86 -40.12 -30.44
CA VAL A 814 23.23 -39.44 -29.32
C VAL A 814 22.10 -38.53 -29.79
N TYR A 815 22.33 -37.76 -30.86
CA TYR A 815 21.44 -36.66 -31.21
C TYR A 815 20.24 -37.09 -32.04
N GLY A 816 20.23 -38.30 -32.59
CA GLY A 816 19.05 -38.80 -33.28
C GLY A 816 19.04 -38.59 -34.78
N ALA A 817 18.30 -37.59 -35.25
CA ALA A 817 18.10 -37.38 -36.67
C ALA A 817 18.27 -35.94 -37.14
N ARG A 818 18.39 -34.97 -36.24
CA ARG A 818 18.56 -33.58 -36.66
C ARG A 818 19.82 -33.34 -37.50
N PRO A 819 21.00 -33.86 -37.14
CA PRO A 819 22.18 -33.57 -37.95
C PRO A 819 22.06 -34.01 -39.40
N ILE A 820 21.32 -35.10 -39.67
CA ILE A 820 21.12 -35.51 -41.05
C ILE A 820 20.47 -34.40 -41.87
N ARG A 821 19.37 -33.85 -41.34
CA ARG A 821 18.68 -32.77 -42.03
C ARG A 821 19.57 -31.54 -42.16
N ARG A 822 20.26 -31.18 -41.08
CA ARG A 822 21.11 -29.99 -41.12
C ARG A 822 22.17 -30.12 -42.19
N TRP A 823 22.86 -31.27 -42.24
CA TRP A 823 23.93 -31.47 -43.21
C TRP A 823 23.38 -31.49 -44.63
N ILE A 824 22.31 -32.26 -44.88
CA ILE A 824 21.81 -32.38 -46.24
C ILE A 824 21.34 -31.03 -46.75
N GLU A 825 20.65 -30.26 -45.92
CA GLU A 825 20.26 -28.91 -46.33
C GLU A 825 21.48 -28.06 -46.63
N LYS A 826 22.34 -27.84 -45.62
CA LYS A 826 23.42 -26.87 -45.74
C LYS A 826 24.41 -27.22 -46.84
N ARG A 827 24.43 -28.47 -47.31
CA ARG A 827 25.27 -28.80 -48.46
C ARG A 827 24.49 -28.76 -49.77
N VAL A 828 23.47 -29.61 -49.90
CA VAL A 828 22.82 -29.79 -51.19
C VAL A 828 22.08 -28.54 -51.63
N VAL A 829 21.35 -27.89 -50.72
CA VAL A 829 20.54 -26.74 -51.12
C VAL A 829 21.44 -25.60 -51.59
N THR A 830 22.52 -25.32 -50.85
CA THR A 830 23.40 -24.24 -51.26
C THR A 830 24.12 -24.57 -52.56
N GLN A 831 24.52 -25.82 -52.75
CA GLN A 831 25.19 -26.19 -54.00
C GLN A 831 24.24 -26.01 -55.19
N LEU A 832 23.01 -26.50 -55.05
CA LEU A 832 22.03 -26.39 -56.13
C LEU A 832 21.69 -24.94 -56.41
N SER A 833 21.50 -24.13 -55.37
CA SER A 833 21.17 -22.72 -55.58
C SER A 833 22.31 -21.98 -56.27
N LYS A 834 23.55 -22.22 -55.84
CA LYS A 834 24.69 -21.57 -56.47
C LYS A 834 24.82 -21.97 -57.93
N MET A 835 24.59 -23.25 -58.24
CA MET A 835 24.69 -23.68 -59.63
C MET A 835 23.53 -23.16 -60.46
N LEU A 836 22.37 -22.95 -59.84
CA LEU A 836 21.20 -22.43 -60.55
C LEU A 836 21.30 -20.94 -60.83
N ILE A 837 21.94 -20.18 -59.94
CA ILE A 837 22.03 -18.73 -60.11
C ILE A 837 22.73 -18.39 -61.42
N GLN A 838 23.77 -19.13 -61.77
CA GLN A 838 24.51 -18.91 -63.01
C GLN A 838 23.76 -19.36 -64.25
N GLU A 839 22.47 -19.69 -64.13
CA GLU A 839 21.62 -20.05 -65.27
C GLU A 839 22.12 -21.32 -65.96
N GLU A 840 22.34 -22.37 -65.18
CA GLU A 840 22.72 -23.67 -65.70
C GLU A 840 21.55 -24.65 -65.77
N ILE A 841 20.35 -24.22 -65.38
CA ILE A 841 19.17 -25.08 -65.38
C ILE A 841 18.13 -24.48 -66.31
N ASP A 842 17.62 -25.29 -67.22
CA ASP A 842 16.49 -24.94 -68.06
C ASP A 842 15.29 -25.80 -67.69
N GLU A 843 14.17 -25.56 -68.35
CA GLU A 843 12.97 -26.35 -68.10
C GLU A 843 13.16 -27.79 -68.56
N ASN A 844 12.48 -28.71 -67.88
CA ASN A 844 12.55 -30.14 -68.17
C ASN A 844 13.99 -30.65 -68.05
N CYS A 845 14.61 -30.36 -66.91
CA CYS A 845 15.97 -30.79 -66.61
C CYS A 845 15.96 -31.55 -65.30
N THR A 846 16.60 -32.72 -65.29
CA THR A 846 16.63 -33.60 -64.13
C THR A 846 18.08 -33.72 -63.64
N VAL A 847 18.27 -33.58 -62.34
CA VAL A 847 19.59 -33.71 -61.73
C VAL A 847 19.74 -35.12 -61.17
N TYR A 848 20.97 -35.63 -61.21
CA TYR A 848 21.29 -36.96 -60.71
C TYR A 848 22.45 -36.86 -59.72
N ILE A 849 22.36 -37.62 -58.64
CA ILE A 849 23.36 -37.63 -57.58
C ILE A 849 23.86 -39.04 -57.40
N ASP A 850 25.18 -39.20 -57.30
CA ASP A 850 25.78 -40.51 -57.07
C ASP A 850 27.11 -40.34 -56.35
N ALA A 851 27.61 -41.44 -55.81
CA ALA A 851 28.87 -41.41 -55.09
C ALA A 851 30.04 -41.25 -56.07
N ALA A 852 31.14 -40.71 -55.56
CA ALA A 852 32.35 -40.51 -56.36
C ALA A 852 33.36 -41.62 -56.12
N GLU A 857 32.44 -38.82 -52.66
CA GLU A 857 31.52 -37.77 -52.23
C GLU A 857 30.28 -37.74 -53.10
N LEU A 858 30.04 -36.59 -53.73
CA LEU A 858 28.85 -36.40 -54.56
C LEU A 858 29.26 -35.84 -55.92
N ALA A 859 28.54 -36.28 -56.95
CA ALA A 859 28.74 -35.79 -58.31
C ALA A 859 27.40 -35.36 -58.88
N TYR A 860 27.34 -34.16 -59.45
CA TYR A 860 26.11 -33.60 -59.99
C TYR A 860 26.17 -33.68 -61.51
N ARG A 861 25.14 -34.26 -62.11
CA ARG A 861 25.01 -34.38 -63.55
C ARG A 861 23.70 -33.75 -63.99
N VAL A 862 23.76 -32.87 -64.98
CA VAL A 862 22.60 -32.17 -65.49
C VAL A 862 22.19 -32.81 -66.81
N ASP A 863 20.90 -33.14 -66.92
CA ASP A 863 20.39 -33.78 -68.12
C ASP A 863 18.91 -33.43 -68.28
N ASN A 864 18.42 -33.59 -69.50
CA ASN A 864 17.02 -33.32 -69.80
C ASN A 864 16.09 -34.25 -69.02
N THR B 168 -38.26 5.07 -44.18
CA THR B 168 -38.21 6.52 -44.14
C THR B 168 -36.85 7.01 -43.66
N TYR B 169 -36.64 6.94 -42.34
CA TYR B 169 -35.39 7.37 -41.73
C TYR B 169 -34.35 6.27 -41.68
N GLY B 170 -34.70 5.05 -42.08
CA GLY B 170 -33.75 3.95 -42.08
C GLY B 170 -33.05 3.78 -43.41
N ARG B 171 -33.09 2.56 -43.95
CA ARG B 171 -32.46 2.28 -45.24
C ARG B 171 -33.02 0.97 -45.78
N ASP B 172 -33.52 0.99 -47.00
CA ASP B 172 -34.04 -0.19 -47.66
C ASP B 172 -33.00 -0.74 -48.64
N LEU B 173 -32.91 -2.06 -48.71
CA LEU B 173 -31.89 -2.72 -49.52
C LEU B 173 -32.45 -3.57 -50.65
N VAL B 174 -33.77 -3.58 -50.83
CA VAL B 174 -34.36 -4.40 -51.89
C VAL B 174 -34.00 -3.84 -53.26
N GLU B 175 -34.16 -2.53 -53.45
CA GLU B 175 -33.88 -1.91 -54.74
C GLU B 175 -32.40 -1.69 -54.99
N GLN B 176 -31.58 -1.68 -53.94
CA GLN B 176 -30.14 -1.47 -54.09
C GLN B 176 -29.44 -2.70 -54.63
N ALA B 177 -30.05 -3.88 -54.48
CA ALA B 177 -29.45 -5.13 -54.91
C ALA B 177 -29.21 -5.19 -56.42
N GLY B 178 -29.87 -4.31 -57.19
CA GLY B 178 -29.57 -4.22 -58.60
C GLY B 178 -28.15 -3.78 -58.88
N LYS B 179 -27.53 -3.07 -57.92
CA LYS B 179 -26.20 -2.54 -58.16
C LYS B 179 -25.24 -2.67 -56.98
N LEU B 180 -25.57 -3.43 -55.93
CA LEU B 180 -24.48 -3.88 -55.07
C LEU B 180 -23.62 -4.91 -55.78
N ASP B 181 -22.37 -5.03 -55.35
CA ASP B 181 -21.45 -5.99 -55.93
C ASP B 181 -21.91 -7.42 -55.65
N PRO B 182 -21.74 -8.34 -56.60
CA PRO B 182 -22.13 -9.73 -56.35
C PRO B 182 -21.26 -10.36 -55.26
N VAL B 183 -21.86 -11.27 -54.51
CA VAL B 183 -21.18 -12.01 -53.46
C VAL B 183 -21.37 -13.50 -53.74
N ILE B 184 -20.26 -14.26 -53.70
CA ILE B 184 -20.28 -15.67 -54.00
C ILE B 184 -19.44 -16.43 -52.97
N GLY B 185 -19.67 -17.73 -52.88
CA GLY B 185 -18.88 -18.59 -52.02
C GLY B 185 -19.26 -18.59 -50.56
N ARG B 186 -20.51 -18.28 -50.23
CA ARG B 186 -20.97 -18.23 -48.84
C ARG B 186 -22.25 -19.03 -48.67
N ASP B 187 -22.27 -20.26 -49.19
CA ASP B 187 -23.47 -21.07 -49.21
C ASP B 187 -23.87 -21.62 -47.84
N GLU B 188 -23.00 -21.52 -46.83
CA GLU B 188 -23.26 -22.18 -45.56
C GLU B 188 -24.00 -21.27 -44.57
N GLU B 189 -23.55 -20.02 -44.43
CA GLU B 189 -24.15 -19.13 -43.45
C GLU B 189 -25.57 -18.74 -43.83
N ILE B 190 -25.84 -18.58 -45.13
CA ILE B 190 -27.21 -18.30 -45.55
C ILE B 190 -28.12 -19.46 -45.19
N ARG B 191 -27.66 -20.70 -45.40
CA ARG B 191 -28.45 -21.85 -45.01
C ARG B 191 -28.68 -21.88 -43.51
N ARG B 192 -27.65 -21.58 -42.72
CA ARG B 192 -27.81 -21.58 -41.27
C ARG B 192 -28.82 -20.53 -40.82
N VAL B 193 -28.77 -19.34 -41.41
CA VAL B 193 -29.72 -18.29 -41.05
C VAL B 193 -31.13 -18.68 -41.46
N VAL B 194 -31.29 -19.30 -42.63
CA VAL B 194 -32.62 -19.75 -43.05
C VAL B 194 -33.16 -20.79 -42.08
N ARG B 195 -32.30 -21.73 -41.65
CA ARG B 195 -32.74 -22.74 -40.70
C ARG B 195 -33.15 -22.11 -39.37
N ILE B 196 -32.38 -21.13 -38.89
CA ILE B 196 -32.65 -20.59 -37.56
C ILE B 196 -33.78 -19.57 -37.56
N LEU B 197 -34.14 -19.00 -38.71
CA LEU B 197 -35.19 -17.98 -38.73
C LEU B 197 -36.59 -18.57 -38.62
N SER B 198 -36.78 -19.80 -39.09
CA SER B 198 -38.10 -20.42 -39.06
C SER B 198 -38.41 -21.09 -37.72
N ARG B 199 -37.47 -21.06 -36.77
CA ARG B 199 -37.71 -21.65 -35.46
C ARG B 199 -38.76 -20.85 -34.70
N ARG B 200 -39.57 -21.56 -33.92
CA ARG B 200 -40.67 -20.93 -33.19
C ARG B 200 -40.16 -19.93 -32.16
N THR B 201 -39.24 -20.36 -31.31
CA THR B 201 -38.79 -19.57 -30.17
C THR B 201 -37.25 -19.46 -30.21
N LYS B 202 -36.76 -18.29 -29.78
CA LYS B 202 -35.32 -17.99 -29.80
C LYS B 202 -34.78 -18.05 -31.23
N ASN B 203 -35.27 -17.14 -32.06
CA ASN B 203 -34.98 -17.10 -33.49
C ASN B 203 -34.42 -15.75 -33.89
N ASN B 204 -33.40 -15.29 -33.16
CA ASN B 204 -32.76 -14.01 -33.40
C ASN B 204 -31.25 -14.23 -33.56
N PRO B 205 -30.81 -14.64 -34.74
CA PRO B 205 -29.39 -14.96 -34.93
C PRO B 205 -28.51 -13.73 -34.77
N VAL B 206 -27.30 -13.98 -34.27
CA VAL B 206 -26.29 -12.94 -34.11
C VAL B 206 -25.00 -13.44 -34.76
N LEU B 207 -24.45 -12.66 -35.69
CA LEU B 207 -23.22 -13.04 -36.37
C LEU B 207 -22.02 -12.70 -35.52
N ILE B 208 -21.08 -13.64 -35.41
CA ILE B 208 -19.88 -13.48 -34.60
C ILE B 208 -18.67 -13.82 -35.46
N GLY B 209 -17.68 -12.94 -35.45
CA GLY B 209 -16.46 -13.16 -36.20
C GLY B 209 -15.52 -11.97 -36.16
N GLU B 210 -14.26 -12.19 -36.51
CA GLU B 210 -13.30 -11.11 -36.53
C GLU B 210 -13.59 -10.16 -37.69
N PRO B 211 -13.19 -8.89 -37.59
CA PRO B 211 -13.45 -7.96 -38.70
C PRO B 211 -12.71 -8.36 -39.96
N GLY B 212 -13.29 -7.99 -41.10
CA GLY B 212 -12.65 -8.22 -42.37
C GLY B 212 -12.92 -9.55 -43.03
N VAL B 213 -14.00 -10.24 -42.66
CA VAL B 213 -14.32 -11.54 -43.24
C VAL B 213 -15.58 -11.52 -44.09
N GLY B 214 -16.49 -10.56 -43.92
CA GLY B 214 -17.63 -10.49 -44.81
C GLY B 214 -19.01 -10.66 -44.17
N LYS B 215 -19.19 -10.19 -42.94
CA LYS B 215 -20.50 -10.27 -42.31
C LYS B 215 -21.54 -9.48 -43.09
N THR B 216 -21.23 -8.22 -43.40
CA THR B 216 -22.13 -7.45 -44.25
C THR B 216 -22.26 -8.07 -45.64
N ALA B 217 -21.21 -8.75 -46.11
CA ALA B 217 -21.27 -9.42 -47.40
C ALA B 217 -22.31 -10.53 -47.39
N VAL B 218 -22.32 -11.35 -46.33
CA VAL B 218 -23.31 -12.43 -46.28
C VAL B 218 -24.71 -11.87 -46.03
N VAL B 219 -24.82 -10.76 -45.31
CA VAL B 219 -26.13 -10.13 -45.13
C VAL B 219 -26.67 -9.66 -46.48
N GLU B 220 -25.81 -9.03 -47.29
CA GLU B 220 -26.23 -8.60 -48.62
C GLU B 220 -26.52 -9.80 -49.52
N GLY B 221 -25.78 -10.89 -49.35
CA GLY B 221 -26.10 -12.10 -50.10
C GLY B 221 -27.48 -12.64 -49.77
N LEU B 222 -27.83 -12.65 -48.48
CA LEU B 222 -29.17 -13.05 -48.08
C LEU B 222 -30.22 -12.12 -48.67
N ALA B 223 -29.96 -10.81 -48.65
CA ALA B 223 -30.89 -9.86 -49.24
C ALA B 223 -31.10 -10.12 -50.73
N GLN B 224 -30.00 -10.38 -51.44
CA GLN B 224 -30.11 -10.71 -52.86
C GLN B 224 -30.88 -12.01 -53.07
N ARG B 225 -30.68 -12.98 -52.19
CA ARG B 225 -31.42 -14.24 -52.29
C ARG B 225 -32.91 -14.02 -52.15
N ILE B 226 -33.32 -13.23 -51.15
CA ILE B 226 -34.75 -12.98 -50.96
C ILE B 226 -35.32 -12.13 -52.09
N VAL B 227 -34.50 -11.23 -52.65
CA VAL B 227 -34.97 -10.44 -53.77
C VAL B 227 -35.21 -11.32 -55.00
N ARG B 228 -34.26 -12.22 -55.27
CA ARG B 228 -34.42 -13.11 -56.41
C ARG B 228 -35.58 -14.07 -56.22
N GLY B 229 -35.75 -14.60 -55.01
CA GLY B 229 -36.83 -15.50 -54.69
C GLY B 229 -36.45 -16.95 -54.47
N ASP B 230 -35.17 -17.26 -54.36
CA ASP B 230 -34.74 -18.64 -54.12
C ASP B 230 -35.04 -19.11 -52.71
N VAL B 231 -35.38 -18.20 -51.80
CA VAL B 231 -35.69 -18.52 -50.41
C VAL B 231 -36.95 -19.37 -50.39
N PRO B 232 -37.15 -20.24 -49.39
CA PRO B 232 -38.43 -20.95 -49.28
C PRO B 232 -39.59 -19.98 -49.15
N SER B 233 -40.75 -20.41 -49.65
CA SER B 233 -41.91 -19.54 -49.77
C SER B 233 -42.45 -19.07 -48.42
N ASN B 234 -42.02 -19.68 -47.32
CA ASN B 234 -42.47 -19.24 -46.00
C ASN B 234 -42.09 -17.80 -45.71
N LEU B 235 -41.07 -17.27 -46.39
CA LEU B 235 -40.67 -15.88 -46.18
C LEU B 235 -40.75 -15.09 -47.47
N LEU B 236 -41.84 -15.26 -48.22
CA LEU B 236 -42.06 -14.54 -49.46
C LEU B 236 -42.82 -13.24 -49.28
N ASP B 237 -43.22 -12.91 -48.06
CA ASP B 237 -44.02 -11.73 -47.76
C ASP B 237 -43.30 -10.94 -46.66
N VAL B 238 -42.02 -10.66 -46.88
CA VAL B 238 -41.20 -9.95 -45.91
C VAL B 238 -40.32 -8.95 -46.64
N ARG B 239 -40.19 -7.76 -46.07
CA ARG B 239 -39.35 -6.69 -46.60
C ARG B 239 -38.25 -6.40 -45.58
N LEU B 240 -37.01 -6.38 -46.05
CA LEU B 240 -35.86 -6.14 -45.18
C LEU B 240 -35.61 -4.64 -45.05
N ILE B 241 -35.49 -4.18 -43.80
CA ILE B 241 -35.24 -2.77 -43.50
C ILE B 241 -34.07 -2.70 -42.52
N ALA B 242 -33.12 -1.81 -42.81
CA ALA B 242 -31.96 -1.60 -41.96
C ALA B 242 -32.09 -0.28 -41.20
N LEU B 243 -31.33 -0.19 -40.11
CA LEU B 243 -31.32 1.00 -39.27
C LEU B 243 -29.94 1.64 -39.32
N ASP B 244 -29.90 2.95 -39.55
CA ASP B 244 -28.65 3.69 -39.65
C ASP B 244 -28.56 4.62 -38.44
N MET B 245 -27.48 4.49 -37.68
CA MET B 245 -27.30 5.33 -36.49
C MET B 245 -27.22 6.80 -36.87
N GLY B 246 -26.41 7.13 -37.87
CA GLY B 246 -26.26 8.52 -38.28
C GLY B 246 -27.56 9.10 -38.83
N ALA B 247 -28.29 8.31 -39.62
CA ALA B 247 -29.57 8.79 -40.15
C ALA B 247 -30.57 9.01 -39.02
N LEU B 248 -30.62 8.12 -38.04
CA LEU B 248 -31.57 8.26 -36.94
C LEU B 248 -31.17 9.36 -35.97
N VAL B 249 -29.89 9.73 -35.92
CA VAL B 249 -29.47 10.87 -35.09
C VAL B 249 -29.23 12.09 -35.98
N TYR B 254 -31.37 16.90 -27.52
CA TYR B 254 -31.77 16.32 -26.24
C TYR B 254 -31.91 14.81 -26.33
N ARG B 255 -31.46 14.12 -25.28
CA ARG B 255 -31.60 12.66 -25.24
C ARG B 255 -33.06 12.24 -25.18
N GLY B 256 -33.92 13.06 -24.58
CA GLY B 256 -35.34 12.75 -24.54
C GLY B 256 -35.97 12.73 -25.92
N GLU B 257 -35.59 13.68 -26.77
CA GLU B 257 -36.10 13.71 -28.14
C GLU B 257 -35.67 12.46 -28.90
N PHE B 258 -34.40 12.08 -28.78
CA PHE B 258 -33.91 10.88 -29.44
C PHE B 258 -34.65 9.63 -28.93
N GLU B 259 -34.86 9.55 -27.62
CA GLU B 259 -35.55 8.39 -27.06
C GLU B 259 -36.99 8.32 -27.55
N GLU B 260 -37.69 9.45 -27.57
CA GLU B 260 -39.08 9.41 -28.03
C GLU B 260 -39.16 9.15 -29.53
N ARG B 261 -38.18 9.62 -30.30
CA ARG B 261 -38.16 9.32 -31.73
C ARG B 261 -37.97 7.84 -31.98
N LEU B 262 -37.02 7.22 -31.27
CA LEU B 262 -36.83 5.78 -31.44
C LEU B 262 -38.06 5.01 -30.98
N LYS B 263 -38.68 5.45 -29.88
CA LYS B 263 -39.89 4.78 -29.42
C LYS B 263 -41.00 4.86 -30.46
N ALA B 264 -41.20 6.04 -31.05
CA ALA B 264 -42.17 6.18 -32.14
C ALA B 264 -41.79 5.28 -33.32
N VAL B 265 -40.50 5.10 -33.57
CA VAL B 265 -40.09 4.26 -34.69
C VAL B 265 -40.49 2.81 -34.45
N LEU B 266 -40.19 2.28 -33.26
CA LEU B 266 -40.59 0.89 -33.00
C LEU B 266 -42.08 0.72 -32.78
N LYS B 267 -42.82 1.78 -32.41
CA LYS B 267 -44.27 1.61 -32.43
C LYS B 267 -44.82 1.65 -33.86
N GLU B 268 -44.27 2.51 -34.73
CA GLU B 268 -44.79 2.58 -36.08
C GLU B 268 -44.35 1.40 -36.94
N VAL B 269 -43.27 0.71 -36.56
CA VAL B 269 -42.84 -0.44 -37.35
C VAL B 269 -43.77 -1.63 -37.13
N GLU B 270 -44.55 -1.63 -36.06
CA GLU B 270 -45.43 -2.76 -35.74
C GLU B 270 -46.60 -2.90 -36.70
N GLU B 271 -46.75 -2.09 -37.75
CA GLU B 271 -47.89 -2.26 -38.64
C GLU B 271 -47.79 -3.55 -39.45
N ALA B 272 -46.57 -4.08 -39.61
CA ALA B 272 -46.41 -5.34 -40.34
C ALA B 272 -46.83 -6.53 -39.50
N GLU B 273 -46.51 -6.50 -38.19
CA GLU B 273 -46.88 -7.56 -37.25
C GLU B 273 -46.31 -8.91 -37.67
N GLY B 274 -44.98 -8.98 -37.70
CA GLY B 274 -44.27 -10.23 -37.89
C GLY B 274 -43.74 -10.49 -39.29
N LYS B 275 -44.06 -9.65 -40.27
CA LYS B 275 -43.58 -9.84 -41.63
C LYS B 275 -42.50 -8.84 -42.00
N VAL B 276 -41.70 -8.41 -41.03
CA VAL B 276 -40.58 -7.51 -41.27
C VAL B 276 -39.41 -7.95 -40.41
N ILE B 277 -38.20 -7.82 -40.93
CA ILE B 277 -36.96 -8.11 -40.20
C ILE B 277 -36.16 -6.83 -40.07
N LEU B 278 -35.71 -6.54 -38.87
CA LEU B 278 -34.95 -5.33 -38.57
C LEU B 278 -33.48 -5.68 -38.40
N PHE B 279 -32.63 -5.04 -39.20
CA PHE B 279 -31.20 -5.28 -39.18
C PHE B 279 -30.48 -4.12 -38.50
N ILE B 280 -29.59 -4.44 -37.57
CA ILE B 280 -28.82 -3.44 -36.84
C ILE B 280 -27.35 -3.81 -36.92
N ASP B 281 -26.51 -2.85 -37.27
CA ASP B 281 -25.06 -3.01 -37.22
C ASP B 281 -24.53 -2.39 -35.93
N GLU B 282 -23.47 -3.01 -35.40
CA GLU B 282 -22.84 -2.56 -34.15
C GLU B 282 -23.86 -2.55 -33.01
N ILE B 283 -24.38 -3.74 -32.70
CA ILE B 283 -25.42 -3.86 -31.68
C ILE B 283 -24.87 -3.50 -30.30
N HIS B 284 -23.62 -3.91 -30.02
CA HIS B 284 -23.08 -3.75 -28.67
C HIS B 284 -22.99 -2.29 -28.27
N LEU B 285 -22.51 -1.44 -29.19
CA LEU B 285 -22.27 -0.04 -28.85
C LEU B 285 -23.56 0.67 -28.46
N VAL B 286 -24.66 0.36 -29.13
CA VAL B 286 -25.91 1.10 -28.95
C VAL B 286 -26.77 0.44 -27.87
N LEU B 287 -26.60 -0.87 -27.68
CA LEU B 287 -27.48 -1.61 -26.78
C LEU B 287 -26.81 -1.91 -25.44
N GLY B 288 -25.62 -2.51 -25.47
CA GLY B 288 -24.97 -2.91 -24.24
C GLY B 288 -24.47 -1.74 -23.40
N ALA B 289 -24.25 -0.59 -24.00
CA ALA B 289 -23.82 0.59 -23.27
C ALA B 289 -24.96 1.12 -22.40
N SER B 295 -22.43 6.19 -20.15
CA SER B 295 -22.94 6.21 -21.52
C SER B 295 -24.46 6.23 -21.54
N MET B 296 -25.02 6.12 -22.74
CA MET B 296 -26.48 6.12 -22.88
C MET B 296 -27.08 4.86 -22.28
N ASP B 297 -28.22 5.01 -21.62
CA ASP B 297 -28.91 3.90 -20.95
C ASP B 297 -30.12 3.52 -21.79
N ALA B 298 -30.02 2.40 -22.50
CA ALA B 298 -31.12 1.89 -23.31
C ALA B 298 -31.37 0.40 -23.17
N ALA B 299 -30.55 -0.35 -22.44
CA ALA B 299 -30.73 -1.79 -22.34
C ALA B 299 -32.03 -2.13 -21.62
N ASN B 300 -32.32 -1.46 -20.51
CA ASN B 300 -33.55 -1.72 -19.78
C ASN B 300 -34.77 -1.34 -20.62
N LEU B 301 -34.67 -0.26 -21.39
CA LEU B 301 -35.78 0.14 -22.25
C LEU B 301 -36.00 -0.86 -23.38
N PHE B 302 -34.92 -1.43 -23.92
CA PHE B 302 -35.02 -2.35 -25.04
C PHE B 302 -35.34 -3.78 -24.59
N LYS B 303 -35.18 -4.07 -23.30
CA LYS B 303 -35.45 -5.43 -22.81
C LYS B 303 -36.90 -5.89 -22.98
N PRO B 304 -37.93 -5.10 -22.63
CA PRO B 304 -39.29 -5.69 -22.57
C PRO B 304 -39.81 -6.19 -23.90
N MET B 305 -39.84 -5.33 -24.94
CA MET B 305 -40.39 -5.77 -26.22
C MET B 305 -39.53 -6.85 -26.86
N LEU B 306 -38.20 -6.77 -26.67
CA LEU B 306 -37.33 -7.81 -27.21
C LEU B 306 -37.62 -9.16 -26.57
N ALA B 307 -37.83 -9.17 -25.25
CA ALA B 307 -38.22 -10.41 -24.59
C ALA B 307 -39.59 -10.88 -25.05
N ARG B 308 -40.50 -9.93 -25.31
CA ARG B 308 -41.82 -10.29 -25.81
C ARG B 308 -41.74 -10.92 -27.20
N GLY B 309 -40.77 -10.52 -28.00
CA GLY B 309 -40.65 -11.01 -29.36
C GLY B 309 -41.43 -10.17 -30.35
N GLN B 310 -41.16 -8.86 -30.38
CA GLN B 310 -41.93 -7.96 -31.23
C GLN B 310 -41.67 -8.24 -32.71
N LEU B 311 -40.40 -8.41 -33.09
CA LEU B 311 -40.01 -8.84 -34.43
C LEU B 311 -38.78 -9.73 -34.28
N ARG B 312 -38.13 -9.98 -35.42
CA ARG B 312 -36.91 -10.80 -35.48
C ARG B 312 -35.74 -9.88 -35.79
N CYS B 313 -34.69 -9.95 -34.97
CA CYS B 313 -33.57 -9.05 -35.08
C CYS B 313 -32.29 -9.80 -35.46
N ILE B 314 -31.44 -9.13 -36.23
CA ILE B 314 -30.16 -9.68 -36.68
C ILE B 314 -29.06 -8.70 -36.30
N GLY B 315 -27.97 -9.23 -35.74
CA GLY B 315 -26.84 -8.41 -35.34
C GLY B 315 -25.55 -8.88 -35.99
N ALA B 316 -24.46 -8.22 -35.62
CA ALA B 316 -23.13 -8.57 -36.10
C ALA B 316 -22.10 -7.89 -35.23
N THR B 317 -21.20 -8.67 -34.63
CA THR B 317 -20.22 -8.15 -33.70
C THR B 317 -19.02 -9.09 -33.66
N THR B 318 -17.90 -8.56 -33.17
CA THR B 318 -16.72 -9.37 -32.90
C THR B 318 -16.91 -10.16 -31.61
N LEU B 319 -16.02 -11.12 -31.38
CA LEU B 319 -16.17 -12.01 -30.23
C LEU B 319 -15.78 -11.35 -28.91
N GLU B 320 -14.83 -10.41 -28.94
CA GLU B 320 -14.40 -9.75 -27.71
C GLU B 320 -15.53 -8.92 -27.10
N GLU B 321 -16.32 -8.25 -27.94
CA GLU B 321 -17.47 -7.53 -27.43
C GLU B 321 -18.47 -8.49 -26.77
N TYR B 322 -18.66 -9.66 -27.38
CA TYR B 322 -19.49 -10.68 -26.75
C TYR B 322 -18.92 -11.12 -25.40
N ARG B 323 -17.59 -11.14 -25.28
CA ARG B 323 -16.98 -11.61 -24.05
C ARG B 323 -17.10 -10.56 -22.94
N LYS B 324 -17.03 -9.28 -23.29
CA LYS B 324 -16.97 -8.24 -22.27
C LYS B 324 -18.22 -7.37 -22.16
N TYR B 325 -19.27 -7.62 -22.94
CA TYR B 325 -20.50 -6.84 -22.82
C TYR B 325 -21.71 -7.69 -22.44
N VAL B 326 -21.97 -8.78 -23.15
CA VAL B 326 -23.22 -9.51 -22.93
C VAL B 326 -23.08 -10.63 -21.91
N GLU B 327 -21.86 -11.12 -21.66
CA GLU B 327 -21.69 -12.20 -20.69
C GLU B 327 -21.80 -11.73 -19.25
N LYS B 328 -21.81 -10.42 -19.02
CA LYS B 328 -21.91 -9.88 -17.66
C LYS B 328 -23.35 -9.73 -17.18
N ASP B 329 -24.32 -10.04 -18.03
CA ASP B 329 -25.73 -9.96 -17.65
C ASP B 329 -26.44 -11.24 -18.09
N ALA B 330 -27.46 -11.62 -17.32
CA ALA B 330 -28.21 -12.84 -17.55
C ALA B 330 -29.49 -12.61 -18.33
N ALA B 331 -29.73 -11.38 -18.80
CA ALA B 331 -30.99 -11.06 -19.47
C ALA B 331 -30.94 -11.38 -20.96
N PHE B 332 -29.91 -10.90 -21.66
CA PHE B 332 -29.85 -11.05 -23.12
C PHE B 332 -29.50 -12.47 -23.55
N GLU B 333 -28.99 -13.31 -22.64
CA GLU B 333 -28.65 -14.68 -23.00
C GLU B 333 -29.88 -15.54 -23.23
N ARG B 334 -31.06 -15.06 -22.88
CA ARG B 334 -32.28 -15.84 -23.11
C ARG B 334 -32.50 -16.10 -24.59
N ARG B 335 -32.27 -15.09 -25.42
CA ARG B 335 -32.38 -15.20 -26.86
C ARG B 335 -30.98 -15.15 -27.48
N PHE B 336 -30.95 -15.13 -28.81
CA PHE B 336 -29.74 -15.01 -29.62
C PHE B 336 -28.92 -16.30 -29.61
N GLN B 337 -28.44 -16.71 -30.77
CA GLN B 337 -27.63 -17.91 -30.93
C GLN B 337 -26.39 -17.56 -31.73
N GLN B 338 -25.24 -18.09 -31.31
CA GLN B 338 -23.99 -17.79 -31.98
C GLN B 338 -23.95 -18.41 -33.37
N VAL B 339 -23.44 -17.65 -34.34
CA VAL B 339 -23.12 -18.14 -35.66
C VAL B 339 -21.69 -17.73 -35.98
N PHE B 340 -20.85 -18.69 -36.36
CA PHE B 340 -19.43 -18.45 -36.55
C PHE B 340 -19.11 -18.37 -38.04
N VAL B 341 -18.37 -17.33 -38.42
CA VAL B 341 -17.96 -17.10 -39.80
C VAL B 341 -16.44 -17.00 -39.82
N ALA B 342 -15.81 -17.74 -40.74
CA ALA B 342 -14.36 -17.70 -40.89
C ALA B 342 -13.99 -18.04 -42.32
N GLU B 343 -12.86 -17.49 -42.78
CA GLU B 343 -12.39 -17.69 -44.15
C GLU B 343 -10.91 -18.06 -44.12
N PRO B 344 -10.58 -19.32 -43.81
CA PRO B 344 -9.19 -19.78 -43.87
C PRO B 344 -8.80 -20.48 -45.16
N SER B 345 -9.68 -20.53 -46.15
CA SER B 345 -9.45 -21.34 -47.35
C SER B 345 -8.72 -20.51 -48.39
N VAL B 346 -7.45 -20.86 -48.64
CA VAL B 346 -6.70 -20.21 -49.73
C VAL B 346 -7.33 -20.48 -51.09
N PRO B 347 -7.69 -21.72 -51.46
CA PRO B 347 -8.27 -21.93 -52.80
C PRO B 347 -9.56 -21.17 -53.04
N ASP B 348 -10.34 -20.90 -51.99
CA ASP B 348 -11.58 -20.14 -52.17
C ASP B 348 -11.28 -18.72 -52.63
N THR B 349 -10.25 -18.09 -52.07
CA THR B 349 -9.96 -16.68 -52.38
C THR B 349 -9.75 -16.46 -53.86
N ILE B 350 -9.21 -17.46 -54.57
CA ILE B 350 -9.03 -17.33 -56.01
C ILE B 350 -10.38 -17.16 -56.69
N SER B 351 -11.40 -17.90 -56.23
CA SER B 351 -12.74 -17.74 -56.79
C SER B 351 -13.29 -16.35 -56.52
N ILE B 352 -13.04 -15.81 -55.33
CA ILE B 352 -13.50 -14.45 -55.01
C ILE B 352 -12.85 -13.43 -55.93
N LEU B 353 -11.53 -13.58 -56.16
CA LEU B 353 -10.85 -12.67 -57.07
C LEU B 353 -11.39 -12.80 -58.50
N ARG B 354 -11.66 -14.03 -58.94
CA ARG B 354 -12.23 -14.22 -60.26
C ARG B 354 -13.60 -13.55 -60.37
N GLY B 355 -14.40 -13.65 -59.33
CA GLY B 355 -15.71 -13.01 -59.34
C GLY B 355 -15.63 -11.49 -59.36
N LEU B 356 -14.74 -10.92 -58.55
CA LEU B 356 -14.65 -9.47 -58.44
C LEU B 356 -13.78 -8.83 -59.51
N LYS B 357 -13.12 -9.63 -60.35
CA LYS B 357 -12.25 -9.07 -61.39
C LYS B 357 -13.02 -8.22 -62.39
N GLU B 358 -14.28 -8.59 -62.68
CA GLU B 358 -15.01 -7.95 -63.77
C GLU B 358 -15.26 -6.46 -63.50
N LYS B 359 -15.64 -6.12 -62.27
CA LYS B 359 -15.95 -4.73 -61.96
C LYS B 359 -14.72 -3.85 -62.12
N TYR B 360 -13.57 -4.29 -61.59
CA TYR B 360 -12.35 -3.51 -61.72
C TYR B 360 -11.88 -3.44 -63.17
N GLU B 361 -12.05 -4.54 -63.91
CA GLU B 361 -11.69 -4.51 -65.33
C GLU B 361 -12.52 -3.49 -66.09
N GLY B 362 -13.83 -3.46 -65.82
CA GLY B 362 -14.68 -2.48 -66.47
C GLY B 362 -14.33 -1.05 -66.06
N HIS B 363 -14.03 -0.85 -64.78
CA HIS B 363 -13.73 0.51 -64.31
C HIS B 363 -12.42 1.03 -64.89
N HIS B 364 -11.37 0.20 -64.91
CA HIS B 364 -10.08 0.65 -65.40
C HIS B 364 -9.89 0.46 -66.90
N GLY B 365 -10.48 -0.58 -67.47
CA GLY B 365 -10.41 -0.80 -68.90
C GLY B 365 -9.01 -1.08 -69.42
N VAL B 366 -8.27 -1.96 -68.73
CA VAL B 366 -6.92 -2.31 -69.13
C VAL B 366 -6.79 -3.83 -69.19
N ARG B 367 -5.92 -4.31 -70.07
CA ARG B 367 -5.69 -5.74 -70.21
C ARG B 367 -5.06 -6.29 -68.93
N ILE B 368 -5.45 -7.51 -68.57
CA ILE B 368 -4.97 -8.17 -67.37
C ILE B 368 -4.53 -9.58 -67.72
N GLN B 369 -4.06 -10.31 -66.71
CA GLN B 369 -3.63 -11.69 -66.84
C GLN B 369 -4.19 -12.49 -65.67
N ASP B 370 -4.05 -13.81 -65.75
CA ASP B 370 -4.48 -14.71 -64.68
C ASP B 370 -3.35 -15.18 -63.80
N ARG B 371 -2.15 -15.35 -64.37
CA ARG B 371 -0.99 -15.71 -63.55
C ARG B 371 -0.71 -14.66 -62.50
N ALA B 372 -0.94 -13.38 -62.83
CA ALA B 372 -0.82 -12.34 -61.82
C ALA B 372 -1.81 -12.54 -60.70
N LEU B 373 -3.05 -12.93 -61.04
CA LEU B 373 -4.07 -13.16 -60.02
C LEU B 373 -3.66 -14.29 -59.08
N VAL B 374 -3.23 -15.43 -59.64
CA VAL B 374 -2.88 -16.54 -58.76
C VAL B 374 -1.61 -16.23 -57.96
N VAL B 375 -0.67 -15.49 -58.56
CA VAL B 375 0.55 -15.11 -57.83
C VAL B 375 0.20 -14.20 -56.65
N ALA B 376 -0.69 -13.24 -56.86
CA ALA B 376 -1.12 -12.37 -55.77
C ALA B 376 -1.82 -13.18 -54.69
N ALA B 377 -2.68 -14.13 -55.10
CA ALA B 377 -3.37 -14.97 -54.12
C ALA B 377 -2.39 -15.76 -53.27
N GLN B 378 -1.36 -16.34 -53.91
CA GLN B 378 -0.39 -17.14 -53.17
C GLN B 378 0.48 -16.25 -52.27
N LEU B 379 0.88 -15.08 -52.76
CA LEU B 379 1.84 -14.25 -52.04
C LEU B 379 1.21 -13.49 -50.88
N SER B 380 -0.06 -13.11 -50.98
CA SER B 380 -0.66 -12.22 -49.99
C SER B 380 -0.79 -12.86 -48.61
N ALA B 381 -0.64 -14.18 -48.50
CA ALA B 381 -0.86 -14.87 -47.24
C ALA B 381 0.42 -15.19 -46.49
N ARG B 382 1.58 -14.83 -47.02
CA ARG B 382 2.85 -15.22 -46.41
C ARG B 382 3.69 -14.03 -45.99
N TYR B 383 3.94 -13.08 -46.88
CA TYR B 383 4.86 -11.99 -46.56
C TYR B 383 4.18 -10.88 -45.76
N ILE B 384 3.16 -10.25 -46.34
CA ILE B 384 2.54 -9.09 -45.72
C ILE B 384 1.75 -9.56 -44.50
N MET B 385 2.21 -9.18 -43.31
CA MET B 385 1.54 -9.50 -42.06
C MET B 385 0.61 -8.35 -41.70
N GLY B 386 -0.08 -8.51 -40.58
CA GLY B 386 -1.06 -7.53 -40.17
C GLY B 386 -2.39 -7.73 -40.87
N ARG B 387 -3.24 -6.72 -40.72
CA ARG B 387 -4.60 -6.72 -41.27
C ARG B 387 -5.28 -8.02 -40.79
N HIS B 388 -5.86 -8.83 -41.67
CA HIS B 388 -6.55 -10.03 -41.24
C HIS B 388 -6.64 -11.00 -42.42
N LEU B 389 -7.57 -11.95 -42.32
CA LEU B 389 -7.78 -13.09 -43.19
C LEU B 389 -7.67 -12.71 -44.67
N PRO B 390 -7.27 -13.65 -45.55
CA PRO B 390 -6.74 -13.26 -46.86
C PRO B 390 -7.74 -12.67 -47.84
N ASP B 391 -8.91 -12.27 -47.36
CA ASP B 391 -9.80 -11.51 -48.23
C ASP B 391 -9.30 -10.09 -48.52
N LYS B 392 -8.07 -9.75 -48.13
CA LYS B 392 -7.49 -8.43 -48.38
C LYS B 392 -6.67 -8.37 -49.66
N ALA B 393 -6.58 -9.47 -50.42
CA ALA B 393 -5.83 -9.45 -51.68
C ALA B 393 -6.45 -8.53 -52.72
N ILE B 394 -7.71 -8.15 -52.53
CA ILE B 394 -8.35 -7.23 -53.47
C ILE B 394 -7.63 -5.89 -53.46
N ASP B 395 -7.28 -5.39 -52.26
CA ASP B 395 -6.54 -4.14 -52.19
C ASP B 395 -5.17 -4.26 -52.86
N LEU B 396 -4.51 -5.39 -52.66
CA LEU B 396 -3.19 -5.58 -53.26
C LEU B 396 -3.26 -5.57 -54.78
N VAL B 397 -4.25 -6.26 -55.36
CA VAL B 397 -4.36 -6.25 -56.82
C VAL B 397 -4.80 -4.88 -57.32
N ASP B 398 -5.71 -4.21 -56.59
CA ASP B 398 -6.20 -2.92 -57.04
C ASP B 398 -5.12 -1.84 -56.99
N GLU B 399 -4.14 -2.00 -56.10
CA GLU B 399 -3.00 -1.06 -56.09
C GLU B 399 -2.31 -1.04 -57.45
N ALA B 400 -1.94 -2.21 -57.95
CA ALA B 400 -1.29 -2.28 -59.26
C ALA B 400 -2.25 -1.88 -60.37
N CYS B 401 -3.53 -2.23 -60.23
CA CYS B 401 -4.52 -1.86 -61.24
C CYS B 401 -4.61 -0.35 -61.38
N ALA B 402 -4.54 0.38 -60.28
CA ALA B 402 -4.56 1.83 -60.33
C ALA B 402 -3.22 2.39 -60.79
N ASN B 403 -2.11 1.76 -60.40
CA ASN B 403 -0.80 2.26 -60.78
C ASN B 403 -0.58 2.19 -62.29
N VAL B 404 -1.01 1.10 -62.92
CA VAL B 404 -0.69 0.89 -64.33
C VAL B 404 -1.36 1.95 -65.20
N ARG B 405 -2.58 2.37 -64.84
CA ARG B 405 -3.27 3.37 -65.64
C ARG B 405 -2.49 4.68 -65.67
N VAL B 406 -2.07 5.17 -64.51
CA VAL B 406 -1.29 6.41 -64.47
C VAL B 406 0.05 6.21 -65.15
N GLN B 407 0.66 5.03 -65.01
CA GLN B 407 1.97 4.81 -65.59
C GLN B 407 1.93 4.83 -67.11
N LEU B 408 0.91 4.19 -67.72
CA LEU B 408 0.90 3.99 -69.16
C LEU B 408 -0.14 4.84 -69.87
N ASP B 409 -1.41 4.75 -69.46
CA ASP B 409 -2.47 5.49 -70.15
C ASP B 409 -2.25 7.00 -70.03
N SER B 410 -1.87 7.46 -68.84
CA SER B 410 -1.56 8.87 -68.63
C SER B 410 -0.12 9.13 -69.08
N GLN B 411 0.40 10.30 -68.75
CA GLN B 411 1.76 10.64 -69.14
C GLN B 411 2.75 9.75 -68.40
N PRO B 412 3.82 9.31 -69.06
CA PRO B 412 4.83 8.48 -68.39
C PRO B 412 5.59 9.29 -67.35
N GLU B 413 6.07 8.57 -66.32
CA GLU B 413 6.77 9.21 -65.22
C GLU B 413 8.29 9.19 -65.36
N GLU B 414 8.83 8.29 -66.18
CA GLU B 414 10.28 8.26 -66.38
C GLU B 414 10.78 9.54 -67.02
N ILE B 415 10.06 10.05 -68.01
CA ILE B 415 10.45 11.31 -68.65
C ILE B 415 10.33 12.46 -67.67
N ASP B 416 9.32 12.44 -66.80
CA ASP B 416 9.18 13.48 -65.79
C ASP B 416 10.34 13.45 -64.81
N ASN B 417 10.76 12.26 -64.38
CA ASN B 417 11.93 12.14 -63.51
C ASN B 417 13.19 12.65 -64.21
N LEU B 418 13.35 12.29 -65.47
CA LEU B 418 14.53 12.75 -66.23
C LEU B 418 14.55 14.26 -66.34
N GLU B 419 13.42 14.88 -66.65
CA GLU B 419 13.38 16.33 -66.78
C GLU B 419 13.55 17.02 -65.43
N ARG B 420 13.04 16.41 -64.35
CA ARG B 420 13.26 16.98 -63.02
C ARG B 420 14.74 16.96 -62.64
N LYS B 421 15.43 15.84 -62.93
CA LYS B 421 16.86 15.80 -62.65
C LYS B 421 17.64 16.75 -63.56
N ARG B 422 17.19 16.94 -64.80
CA ARG B 422 17.80 17.93 -65.67
C ARG B 422 17.62 19.34 -65.11
N ILE B 423 16.43 19.63 -64.57
CA ILE B 423 16.18 20.94 -63.97
C ILE B 423 17.07 21.14 -62.75
N GLN B 424 17.21 20.10 -61.92
CA GLN B 424 18.10 20.19 -60.77
C GLN B 424 19.54 20.42 -61.20
N LEU B 425 20.00 19.73 -62.25
CA LEU B 425 21.34 19.96 -62.77
C LEU B 425 21.51 21.40 -63.24
N GLU B 426 20.53 21.92 -63.99
CA GLU B 426 20.61 23.29 -64.47
C GLU B 426 20.64 24.28 -63.31
N VAL B 427 19.86 24.01 -62.26
CA VAL B 427 19.87 24.88 -61.09
C VAL B 427 21.24 24.87 -60.42
N GLU B 428 21.82 23.68 -60.26
CA GLU B 428 23.09 23.60 -59.55
C GLU B 428 24.26 24.12 -60.38
N HIS B 429 24.17 24.09 -61.70
CA HIS B 429 25.22 24.69 -62.52
C HIS B 429 25.05 26.21 -62.58
N PRO B 535 2.82 -10.10 -64.50
CA PRO B 535 3.05 -10.64 -63.15
C PRO B 535 4.30 -10.05 -62.50
N GLU B 536 4.93 -9.08 -63.17
CA GLU B 536 6.08 -8.39 -62.60
C GLU B 536 5.71 -7.07 -61.95
N GLN B 537 4.66 -6.40 -62.44
CA GLN B 537 4.22 -5.15 -61.82
C GLN B 537 3.65 -5.41 -60.43
N ILE B 538 2.97 -6.54 -60.25
CA ILE B 538 2.36 -6.85 -58.97
C ILE B 538 3.43 -7.06 -57.89
N ALA B 539 4.58 -7.63 -58.26
CA ALA B 539 5.63 -7.86 -57.28
C ALA B 539 6.25 -6.57 -56.76
N GLU B 540 6.09 -5.46 -57.49
CA GLU B 540 6.75 -4.22 -57.09
C GLU B 540 6.08 -3.58 -55.88
N VAL B 541 4.73 -3.57 -55.86
CA VAL B 541 4.03 -2.90 -54.77
C VAL B 541 4.27 -3.60 -53.44
N VAL B 542 4.24 -4.93 -53.44
CA VAL B 542 4.52 -5.65 -52.20
C VAL B 542 5.97 -5.46 -51.79
N SER B 543 6.88 -5.26 -52.75
CA SER B 543 8.27 -4.99 -52.41
C SER B 543 8.41 -3.64 -51.73
N ARG B 544 7.80 -2.60 -52.29
CA ARG B 544 7.89 -1.27 -51.70
C ARG B 544 7.01 -1.10 -50.48
N TRP B 545 6.12 -2.06 -50.20
CA TRP B 545 5.21 -1.93 -49.05
C TRP B 545 5.96 -2.06 -47.73
N THR B 546 6.81 -3.08 -47.60
CA THR B 546 7.50 -3.34 -46.35
C THR B 546 8.97 -3.73 -46.52
N GLY B 547 9.52 -3.62 -47.72
CA GLY B 547 10.88 -4.08 -47.96
C GLY B 547 10.89 -5.48 -48.53
N ILE B 548 11.82 -6.31 -48.06
CA ILE B 548 11.94 -7.70 -48.51
C ILE B 548 11.98 -7.75 -50.04
N PRO B 549 13.09 -7.37 -50.67
CA PRO B 549 13.10 -7.27 -52.14
C PRO B 549 12.97 -8.63 -52.81
N VAL B 550 11.72 -9.10 -52.93
CA VAL B 550 11.43 -10.39 -53.53
C VAL B 550 11.22 -10.23 -55.03
N THR B 551 11.50 -9.04 -55.55
CA THR B 551 11.33 -8.79 -56.96
C THR B 551 12.26 -9.68 -57.79
N ARG B 552 12.04 -9.66 -59.11
CA ARG B 552 12.78 -10.54 -60.00
C ARG B 552 14.26 -10.15 -60.04
N LEU B 553 15.08 -11.09 -60.48
CA LEU B 553 16.52 -10.99 -60.40
C LEU B 553 17.09 -10.75 -61.79
N GLY B 554 17.96 -9.75 -61.91
CA GLY B 554 18.62 -9.40 -63.15
C GLY B 554 20.12 -9.61 -63.09
N GLN B 555 20.79 -9.12 -64.15
CA GLN B 555 22.23 -9.30 -64.26
C GLN B 555 22.97 -8.55 -63.16
N ASN B 556 22.48 -7.36 -62.78
CA ASN B 556 23.10 -6.62 -61.68
C ASN B 556 22.97 -7.36 -60.37
N ASP B 557 21.79 -7.94 -60.09
CA ASP B 557 21.70 -8.84 -58.94
C ASP B 557 22.67 -10.00 -59.10
N LYS B 558 22.88 -10.47 -60.32
CA LYS B 558 23.76 -11.63 -60.53
C LYS B 558 25.18 -11.34 -60.06
N GLU B 559 25.82 -10.29 -60.60
CA GLU B 559 27.22 -10.14 -60.21
C GLU B 559 27.32 -9.55 -58.80
N ARG B 560 26.28 -8.86 -58.32
CA ARG B 560 26.29 -8.43 -56.92
C ARG B 560 26.32 -9.64 -55.99
N LEU B 561 25.46 -10.61 -56.25
CA LEU B 561 25.45 -11.82 -55.41
C LEU B 561 26.71 -12.65 -55.61
N VAL B 562 27.28 -12.62 -56.80
CA VAL B 562 28.54 -13.35 -57.04
C VAL B 562 29.66 -12.74 -56.21
N GLY B 563 29.79 -11.41 -56.23
CA GLY B 563 30.85 -10.71 -55.55
C GLY B 563 30.57 -10.31 -54.12
N LEU B 564 29.42 -10.70 -53.56
CA LEU B 564 29.13 -10.41 -52.16
C LEU B 564 30.23 -10.93 -51.24
N ALA B 565 30.67 -12.17 -51.45
CA ALA B 565 31.70 -12.75 -50.58
C ALA B 565 33.00 -11.98 -50.70
N ASP B 566 33.42 -11.65 -51.92
CA ASP B 566 34.67 -10.92 -52.11
C ASP B 566 34.60 -9.54 -51.48
N ARG B 567 33.46 -8.85 -51.63
CA ARG B 567 33.32 -7.53 -51.04
C ARG B 567 33.31 -7.60 -49.52
N LEU B 568 32.66 -8.61 -48.95
CA LEU B 568 32.64 -8.77 -47.51
C LEU B 568 33.98 -9.24 -46.96
N HIS B 569 34.86 -9.75 -47.82
CA HIS B 569 36.17 -10.23 -47.41
C HIS B 569 37.20 -9.12 -47.26
N GLN B 570 36.78 -7.86 -47.09
CA GLN B 570 37.69 -6.74 -46.94
C GLN B 570 37.81 -6.26 -45.50
N ARG B 571 36.69 -5.95 -44.84
CA ARG B 571 36.75 -5.48 -43.46
C ARG B 571 37.15 -6.58 -42.49
N VAL B 572 37.03 -7.84 -42.90
CA VAL B 572 37.39 -8.98 -42.06
C VAL B 572 38.48 -9.76 -42.78
N VAL B 573 39.56 -10.05 -42.07
CA VAL B 573 40.76 -10.66 -42.65
C VAL B 573 41.00 -12.00 -41.97
N GLY B 574 41.18 -13.04 -42.78
CA GLY B 574 41.54 -14.35 -42.28
C GLY B 574 40.49 -15.06 -41.45
N GLN B 575 39.22 -14.92 -41.81
CA GLN B 575 38.10 -15.56 -41.12
C GLN B 575 37.19 -16.24 -42.14
N ALA B 576 37.80 -17.06 -43.01
CA ALA B 576 37.08 -17.59 -44.16
C ALA B 576 35.82 -18.36 -43.77
N GLU B 577 35.86 -19.07 -42.65
CA GLU B 577 34.73 -19.92 -42.28
C GLU B 577 33.46 -19.10 -42.03
N ALA B 578 33.55 -18.10 -41.16
CA ALA B 578 32.38 -17.29 -40.84
C ALA B 578 31.89 -16.51 -42.05
N VAL B 579 32.82 -15.96 -42.84
CA VAL B 579 32.44 -15.20 -44.03
C VAL B 579 31.70 -16.10 -45.01
N SER B 580 32.23 -17.31 -45.25
CA SER B 580 31.57 -18.24 -46.15
C SER B 580 30.19 -18.62 -45.63
N ALA B 581 30.07 -18.89 -44.33
CA ALA B 581 28.78 -19.28 -43.78
C ALA B 581 27.74 -18.17 -43.98
N VAL B 582 28.11 -16.93 -43.65
CA VAL B 582 27.17 -15.83 -43.79
C VAL B 582 26.80 -15.61 -45.26
N ALA B 583 27.80 -15.65 -46.15
CA ALA B 583 27.51 -15.42 -47.56
C ALA B 583 26.58 -16.47 -48.12
N GLU B 584 26.83 -17.74 -47.81
CA GLU B 584 25.95 -18.79 -48.33
C GLU B 584 24.57 -18.72 -47.71
N ALA B 585 24.47 -18.33 -46.44
CA ALA B 585 23.15 -18.17 -45.83
C ALA B 585 22.35 -17.09 -46.55
N VAL B 586 22.96 -15.93 -46.80
CA VAL B 586 22.24 -14.85 -47.46
C VAL B 586 21.87 -15.24 -48.88
N LEU B 587 22.79 -15.88 -49.61
CA LEU B 587 22.50 -16.28 -50.99
C LEU B 587 21.37 -17.29 -51.03
N ARG B 588 21.38 -18.27 -50.12
CA ARG B 588 20.31 -19.26 -50.08
C ARG B 588 18.98 -18.62 -49.77
N SER B 589 18.95 -17.67 -48.83
CA SER B 589 17.69 -17.01 -48.51
C SER B 589 17.17 -16.22 -49.70
N ARG B 590 18.07 -15.54 -50.44
CA ARG B 590 17.63 -14.71 -51.55
C ARG B 590 17.22 -15.54 -52.76
N ALA B 591 17.82 -16.71 -52.97
CA ALA B 591 17.59 -17.47 -54.19
C ALA B 591 16.13 -17.88 -54.31
N GLY B 592 15.52 -18.33 -53.22
CA GLY B 592 14.12 -18.73 -53.23
C GLY B 592 13.82 -20.04 -52.54
N LEU B 593 14.81 -20.81 -52.12
CA LEU B 593 14.60 -22.08 -51.44
C LEU B 593 14.61 -21.86 -49.93
N GLY B 594 14.66 -22.95 -49.19
CA GLY B 594 14.75 -22.85 -47.75
C GLY B 594 13.40 -23.10 -47.09
N ARG B 595 13.45 -23.66 -45.88
CA ARG B 595 12.24 -23.95 -45.14
C ARG B 595 11.55 -22.66 -44.73
N PRO B 596 10.22 -22.56 -44.85
CA PRO B 596 9.52 -21.33 -44.46
C PRO B 596 9.20 -21.23 -42.97
N GLN B 597 9.81 -22.06 -42.13
CA GLN B 597 9.57 -22.04 -40.69
C GLN B 597 10.86 -21.82 -39.91
N GLN B 598 11.75 -20.98 -40.43
CA GLN B 598 13.04 -20.72 -39.81
C GLN B 598 13.33 -19.23 -39.91
N PRO B 599 14.17 -18.71 -39.01
CA PRO B 599 14.59 -17.30 -39.13
C PRO B 599 15.70 -17.09 -40.14
N THR B 600 15.87 -18.05 -41.05
CA THR B 600 16.89 -18.00 -42.11
C THR B 600 18.28 -17.80 -41.54
N GLY B 601 18.60 -18.56 -40.49
CA GLY B 601 19.98 -18.54 -40.02
C GLY B 601 20.11 -18.06 -38.58
N SER B 602 20.79 -18.87 -37.79
CA SER B 602 21.17 -18.50 -36.43
C SER B 602 22.58 -19.01 -36.18
N PHE B 603 23.42 -18.18 -35.58
CA PHE B 603 24.82 -18.55 -35.40
C PHE B 603 25.27 -18.17 -34.00
N LEU B 604 26.29 -18.88 -33.53
CA LEU B 604 26.95 -18.59 -32.26
C LEU B 604 28.43 -18.39 -32.52
N PHE B 605 28.97 -17.29 -31.99
CA PHE B 605 30.37 -16.93 -32.19
C PHE B 605 31.13 -17.08 -30.89
N LEU B 606 32.21 -17.86 -30.93
CA LEU B 606 33.04 -18.12 -29.76
C LEU B 606 34.50 -17.90 -30.12
N GLY B 607 35.23 -17.24 -29.23
CA GLY B 607 36.63 -16.99 -29.44
C GLY B 607 37.21 -15.99 -28.46
N PRO B 608 38.48 -15.63 -28.65
CA PRO B 608 39.13 -14.69 -27.74
C PRO B 608 38.53 -13.29 -27.82
N THR B 609 39.02 -12.37 -27.00
CA THR B 609 38.51 -11.02 -26.97
C THR B 609 39.27 -10.14 -27.97
N GLY B 610 38.55 -9.21 -28.59
CA GLY B 610 39.15 -8.28 -29.53
C GLY B 610 39.71 -8.94 -30.78
N VAL B 611 38.94 -9.84 -31.39
CA VAL B 611 39.36 -10.52 -32.61
C VAL B 611 38.52 -10.11 -33.81
N GLY B 612 37.38 -9.45 -33.61
CA GLY B 612 36.57 -9.02 -34.72
C GLY B 612 35.19 -9.64 -34.76
N LYS B 613 34.63 -9.94 -33.60
CA LYS B 613 33.33 -10.58 -33.54
C LYS B 613 32.23 -9.67 -34.07
N THR B 614 32.17 -8.43 -33.58
CA THR B 614 31.14 -7.51 -34.05
C THR B 614 31.53 -6.78 -35.33
N GLU B 615 32.80 -6.83 -35.72
CA GLU B 615 33.21 -6.20 -36.97
C GLU B 615 32.58 -6.90 -38.16
N LEU B 616 32.49 -8.23 -38.12
CA LEU B 616 31.82 -8.96 -39.20
C LEU B 616 30.36 -8.58 -39.29
N ALA B 617 29.68 -8.44 -38.14
CA ALA B 617 28.28 -8.04 -38.16
C ALA B 617 28.12 -6.63 -38.73
N LYS B 618 29.00 -5.71 -38.33
CA LYS B 618 28.92 -4.35 -38.85
C LYS B 618 29.15 -4.31 -40.36
N ALA B 619 30.15 -5.05 -40.84
CA ALA B 619 30.42 -5.07 -42.27
C ALA B 619 29.27 -5.70 -43.04
N LEU B 620 28.69 -6.77 -42.50
CA LEU B 620 27.54 -7.40 -43.15
C LEU B 620 26.36 -6.44 -43.22
N ALA B 621 26.09 -5.73 -42.13
CA ALA B 621 24.99 -4.76 -42.14
C ALA B 621 25.23 -3.65 -43.15
N GLU B 622 26.47 -3.17 -43.24
CA GLU B 622 26.77 -2.11 -44.20
C GLU B 622 26.64 -2.62 -45.63
N GLN B 623 27.01 -3.88 -45.88
CA GLN B 623 26.96 -4.41 -47.24
C GLN B 623 25.55 -4.74 -47.68
N LEU B 624 24.72 -5.24 -46.77
CA LEU B 624 23.37 -5.66 -47.16
C LEU B 624 22.53 -4.47 -47.63
N PHE B 625 22.64 -3.34 -46.95
CA PHE B 625 21.88 -2.15 -47.30
C PHE B 625 22.72 -0.93 -47.00
N ASP B 626 22.35 0.20 -47.62
CA ASP B 626 23.16 1.41 -47.55
C ASP B 626 23.22 2.01 -46.16
N ASP B 627 22.38 1.57 -45.23
CA ASP B 627 22.44 2.11 -43.87
C ASP B 627 23.70 1.62 -43.16
N GLU B 628 24.09 2.35 -42.12
CA GLU B 628 25.29 2.04 -41.35
C GLU B 628 25.00 1.58 -39.93
N ASN B 629 23.91 2.04 -39.32
CA ASN B 629 23.60 1.70 -37.94
C ASN B 629 22.13 1.29 -37.79
N LEU B 630 21.56 0.67 -38.84
CA LEU B 630 20.18 0.23 -38.74
C LEU B 630 20.04 -1.00 -37.84
N LEU B 631 21.11 -1.78 -37.69
CA LEU B 631 21.06 -2.96 -36.83
C LEU B 631 20.75 -2.56 -35.39
N VAL B 632 20.02 -3.44 -34.70
CA VAL B 632 19.58 -3.19 -33.34
C VAL B 632 20.49 -3.95 -32.38
N ARG B 633 21.04 -3.24 -31.40
CA ARG B 633 21.94 -3.81 -30.42
C ARG B 633 21.16 -4.11 -29.14
N ILE B 634 21.12 -5.37 -28.74
CA ILE B 634 20.43 -5.80 -27.54
C ILE B 634 21.44 -6.44 -26.60
N ASP B 635 21.51 -5.95 -25.37
CA ASP B 635 22.40 -6.49 -24.36
C ASP B 635 21.60 -6.76 -23.09
N MET B 636 22.02 -7.78 -22.34
CA MET B 636 21.34 -8.18 -21.12
C MET B 636 22.22 -8.03 -19.88
N SER B 637 23.19 -7.11 -19.94
CA SER B 637 24.04 -6.86 -18.79
C SER B 637 23.24 -6.37 -17.59
N GLU B 638 22.09 -5.74 -17.82
CA GLU B 638 21.20 -5.31 -16.74
C GLU B 638 20.00 -6.22 -16.58
N TYR B 639 20.00 -7.39 -17.21
CA TYR B 639 18.90 -8.35 -17.16
C TYR B 639 19.24 -9.53 -16.25
N MET B 640 19.99 -9.27 -15.17
CA MET B 640 20.39 -10.34 -14.27
C MET B 640 19.17 -10.95 -13.56
N GLU B 641 18.23 -10.11 -13.14
CA GLU B 641 17.05 -10.60 -12.43
C GLU B 641 15.92 -10.86 -13.43
N GLN B 642 15.15 -11.91 -13.17
CA GLN B 642 14.08 -12.32 -14.07
C GLN B 642 12.90 -11.35 -14.07
N HIS B 643 12.87 -10.38 -13.16
CA HIS B 643 11.77 -9.43 -13.12
C HIS B 643 11.76 -8.48 -14.30
N SER B 644 12.81 -8.48 -15.13
CA SER B 644 12.88 -7.65 -16.32
C SER B 644 12.35 -8.35 -17.56
N VAL B 645 11.71 -9.51 -17.41
CA VAL B 645 11.08 -10.17 -18.55
C VAL B 645 10.01 -9.29 -19.16
N ALA B 646 9.19 -8.67 -18.31
CA ALA B 646 8.16 -7.75 -18.79
C ALA B 646 8.77 -6.51 -19.43
N ARG B 647 10.05 -6.24 -19.19
CA ARG B 647 10.72 -5.14 -19.87
C ARG B 647 11.26 -5.59 -21.23
N LEU B 648 11.83 -6.80 -21.29
CA LEU B 648 12.31 -7.32 -22.56
C LEU B 648 11.17 -7.54 -23.55
N ILE B 649 10.07 -8.11 -23.08
CA ILE B 649 8.95 -8.45 -23.93
C ILE B 649 7.79 -7.50 -23.63
N GLY B 650 6.77 -7.54 -24.49
CA GLY B 650 5.58 -6.75 -24.27
C GLY B 650 4.91 -7.05 -22.95
N ALA B 651 4.97 -6.11 -22.01
CA ALA B 651 4.42 -6.34 -20.68
C ALA B 651 2.89 -6.39 -20.75
N PRO B 652 2.26 -7.14 -19.85
CA PRO B 652 0.81 -7.17 -19.81
C PRO B 652 0.25 -5.80 -19.48
N PRO B 653 -0.94 -5.46 -19.99
CA PRO B 653 -1.53 -4.16 -19.67
C PRO B 653 -2.27 -4.16 -18.34
N GLY B 654 -2.01 -5.17 -17.52
CA GLY B 654 -2.73 -5.36 -16.28
C GLY B 654 -2.69 -4.22 -15.30
N TYR B 655 -1.50 -3.93 -14.75
CA TYR B 655 -1.41 -2.93 -13.68
C TYR B 655 -1.75 -1.53 -14.20
N VAL B 656 -0.94 -0.99 -15.11
CA VAL B 656 -1.22 0.33 -15.67
C VAL B 656 -1.19 0.35 -17.20
N GLY B 657 -0.51 -0.58 -17.86
CA GLY B 657 -0.48 -0.59 -19.31
C GLY B 657 0.10 0.66 -19.95
N HIS B 658 1.13 1.23 -19.32
CA HIS B 658 1.76 2.45 -19.82
C HIS B 658 3.11 2.22 -20.47
N GLU B 659 3.91 1.30 -19.94
CA GLU B 659 5.21 0.96 -20.51
C GLU B 659 5.13 -0.28 -21.41
N GLU B 660 4.01 -0.44 -22.12
CA GLU B 660 3.78 -1.63 -22.92
C GLU B 660 4.82 -1.81 -24.02
N GLY B 661 5.49 -0.73 -24.45
CA GLY B 661 6.52 -0.85 -25.45
C GLY B 661 7.69 -1.68 -24.98
N GLY B 662 7.82 -2.88 -25.53
CA GLY B 662 8.88 -3.78 -25.13
C GLY B 662 10.19 -3.49 -25.86
N GLN B 663 11.20 -4.28 -25.49
CA GLN B 663 12.52 -4.12 -26.11
C GLN B 663 12.56 -4.71 -27.51
N LEU B 664 11.76 -5.73 -27.78
CA LEU B 664 11.75 -6.41 -29.08
C LEU B 664 10.34 -6.43 -29.68
N THR B 665 9.61 -5.33 -29.53
CA THR B 665 8.24 -5.25 -29.99
C THR B 665 8.06 -4.25 -31.11
N GLU B 666 8.46 -2.99 -30.90
CA GLU B 666 8.25 -1.95 -31.89
C GLU B 666 9.38 -1.83 -32.91
N GLN B 667 10.57 -2.31 -32.58
CA GLN B 667 11.69 -2.23 -33.52
C GLN B 667 11.44 -3.12 -34.73
N VAL B 668 11.02 -4.37 -34.50
CA VAL B 668 10.78 -5.27 -35.61
C VAL B 668 9.50 -4.92 -36.36
N ARG B 669 8.54 -4.28 -35.70
CA ARG B 669 7.35 -3.81 -36.40
C ARG B 669 7.71 -2.71 -37.38
N ARG B 670 6.96 -2.63 -38.48
CA ARG B 670 7.14 -1.70 -39.58
C ARG B 670 8.53 -1.82 -40.22
N ARG B 671 9.31 -2.81 -39.84
CA ARG B 671 10.64 -3.05 -40.38
C ARG B 671 11.06 -4.48 -40.08
N PRO B 672 10.60 -5.46 -40.85
CA PRO B 672 10.90 -6.86 -40.56
C PRO B 672 12.16 -7.41 -41.22
N TYR B 673 12.94 -6.58 -41.89
CA TYR B 673 14.16 -7.03 -42.55
C TYR B 673 15.42 -6.67 -41.77
N SER B 674 15.29 -6.26 -40.51
CA SER B 674 16.43 -5.80 -39.74
C SER B 674 17.31 -6.98 -39.32
N VAL B 675 18.46 -6.66 -38.74
CA VAL B 675 19.40 -7.64 -38.21
C VAL B 675 19.49 -7.42 -36.70
N ILE B 676 19.23 -8.47 -35.94
CA ILE B 676 19.20 -8.41 -34.48
C ILE B 676 20.47 -9.06 -33.95
N LEU B 677 21.19 -8.34 -33.10
CA LEU B 677 22.47 -8.79 -32.57
C LEU B 677 22.40 -8.89 -31.05
N PHE B 678 22.81 -10.03 -30.52
CA PHE B 678 22.86 -10.24 -29.08
C PHE B 678 24.28 -9.93 -28.59
N ASP B 679 24.54 -10.16 -27.30
CA ASP B 679 25.85 -9.90 -26.72
C ASP B 679 25.97 -10.53 -25.34
N GLU B 680 27.10 -11.19 -25.07
CA GLU B 680 27.37 -11.93 -23.83
C GLU B 680 26.11 -12.68 -23.35
N VAL B 681 25.66 -13.61 -24.19
CA VAL B 681 24.43 -14.34 -23.92
C VAL B 681 24.52 -15.14 -22.63
N GLU B 682 25.70 -15.64 -22.29
CA GLU B 682 25.82 -16.53 -21.13
C GLU B 682 25.53 -15.82 -19.82
N LYS B 683 25.83 -14.53 -19.73
CA LYS B 683 25.67 -13.81 -18.46
C LYS B 683 24.21 -13.64 -18.05
N ALA B 684 23.26 -13.92 -18.92
CA ALA B 684 21.86 -13.76 -18.58
C ALA B 684 21.40 -14.85 -17.61
N HIS B 685 20.29 -14.58 -16.93
CA HIS B 685 19.64 -15.59 -16.11
C HIS B 685 19.03 -16.66 -17.00
N VAL B 686 18.75 -17.83 -16.39
CA VAL B 686 18.17 -18.93 -17.14
C VAL B 686 16.76 -18.57 -17.62
N ALA B 687 15.97 -17.95 -16.73
CA ALA B 687 14.57 -17.68 -17.05
C ALA B 687 14.43 -16.70 -18.21
N VAL B 688 15.23 -15.64 -18.21
CA VAL B 688 15.10 -14.63 -19.27
C VAL B 688 15.52 -15.20 -20.61
N PHE B 689 16.56 -16.04 -20.62
CA PHE B 689 17.04 -16.64 -21.86
C PHE B 689 16.16 -17.77 -22.34
N ASN B 690 15.39 -18.41 -21.45
CA ASN B 690 14.55 -19.54 -21.81
C ASN B 690 13.22 -19.12 -22.44
N THR B 691 13.09 -17.87 -22.85
CA THR B 691 11.89 -17.40 -23.54
C THR B 691 12.12 -17.12 -25.02
N LEU B 692 13.35 -17.24 -25.50
CA LEU B 692 13.67 -17.10 -26.91
C LEU B 692 13.79 -18.46 -27.61
N LEU B 693 13.41 -19.54 -26.94
CA LEU B 693 13.44 -20.86 -27.57
C LEU B 693 12.29 -21.03 -28.56
N GLN B 694 11.11 -20.53 -28.20
CA GLN B 694 9.93 -20.76 -29.03
C GLN B 694 10.06 -20.11 -30.40
N VAL B 695 10.69 -18.94 -30.49
CA VAL B 695 10.91 -18.33 -31.80
C VAL B 695 11.94 -19.13 -32.60
N LEU B 696 12.99 -19.59 -31.93
CA LEU B 696 14.00 -20.39 -32.63
C LEU B 696 13.42 -21.68 -33.17
N ASP B 697 12.37 -22.21 -32.51
CA ASP B 697 11.74 -23.42 -33.01
C ASP B 697 11.02 -23.17 -34.34
N ASP B 698 9.99 -22.31 -34.32
CA ASP B 698 9.13 -22.14 -35.48
C ASP B 698 8.76 -20.69 -35.76
N GLY B 699 9.51 -19.73 -35.24
CA GLY B 699 9.21 -18.34 -35.47
C GLY B 699 7.98 -17.90 -34.70
N ARG B 700 7.60 -16.63 -34.93
CA ARG B 700 6.44 -15.99 -34.31
C ARG B 700 6.63 -15.82 -32.81
N LEU B 701 5.96 -14.83 -32.23
CA LEU B 701 6.09 -14.55 -30.81
C LEU B 701 4.85 -13.80 -30.34
N THR B 702 4.38 -14.13 -29.14
CA THR B 702 3.20 -13.51 -28.56
C THR B 702 3.61 -12.65 -27.38
N ASP B 703 3.15 -11.40 -27.38
CA ASP B 703 3.45 -10.45 -26.32
C ASP B 703 2.25 -10.35 -25.37
N GLY B 704 2.30 -9.39 -24.45
CA GLY B 704 1.24 -9.25 -23.47
C GLY B 704 -0.12 -8.98 -24.09
N GLN B 705 -0.16 -8.13 -25.12
CA GLN B 705 -1.42 -7.80 -25.78
C GLN B 705 -1.96 -8.95 -26.62
N GLY B 706 -1.18 -10.00 -26.83
CA GLY B 706 -1.61 -11.11 -27.65
C GLY B 706 -1.26 -10.99 -29.12
N ARG B 707 -0.70 -9.88 -29.56
CA ARG B 707 -0.29 -9.74 -30.95
C ARG B 707 0.86 -10.68 -31.27
N THR B 708 0.89 -11.13 -32.52
CA THR B 708 1.87 -12.11 -32.98
C THR B 708 2.82 -11.42 -33.96
N VAL B 709 4.00 -11.03 -33.47
CA VAL B 709 5.05 -10.55 -34.34
C VAL B 709 5.70 -11.74 -35.04
N ASP B 710 6.28 -11.49 -36.21
CA ASP B 710 6.85 -12.56 -37.02
C ASP B 710 8.35 -12.34 -37.19
N PHE B 711 9.13 -13.32 -36.72
CA PHE B 711 10.56 -13.36 -37.00
C PHE B 711 10.81 -14.35 -38.13
N ARG B 712 10.45 -13.94 -39.34
CA ARG B 712 10.55 -14.80 -40.50
C ARG B 712 11.61 -14.37 -41.49
N ASN B 713 12.28 -13.24 -41.26
CA ASN B 713 13.32 -12.79 -42.17
C ASN B 713 14.52 -12.17 -41.45
N THR B 714 14.53 -12.14 -40.12
CA THR B 714 15.59 -11.50 -39.37
C THR B 714 16.70 -12.49 -39.06
N VAL B 715 17.95 -12.05 -39.24
CA VAL B 715 19.11 -12.90 -39.06
C VAL B 715 19.54 -12.79 -37.59
N ILE B 716 19.10 -13.75 -36.78
CA ILE B 716 19.47 -13.76 -35.37
C ILE B 716 20.92 -14.22 -35.24
N ILE B 717 21.73 -13.44 -34.53
CA ILE B 717 23.15 -13.72 -34.37
C ILE B 717 23.57 -13.36 -32.96
N MET B 718 24.28 -14.28 -32.30
CA MET B 718 24.70 -14.11 -30.91
C MET B 718 26.20 -14.30 -30.80
N THR B 719 26.74 -14.06 -29.61
CA THR B 719 28.16 -14.22 -29.35
C THR B 719 28.39 -14.39 -27.86
N SER B 720 29.54 -14.97 -27.51
CA SER B 720 29.88 -15.19 -26.11
C SER B 720 31.39 -15.31 -25.98
N ASN B 721 31.88 -15.11 -24.76
CA ASN B 721 33.30 -15.09 -24.47
C ASN B 721 33.79 -16.36 -23.77
N LEU B 722 32.96 -17.39 -23.70
CA LEU B 722 33.35 -18.61 -22.98
C LEU B 722 34.43 -19.36 -23.74
N GLY B 723 35.23 -20.11 -22.99
CA GLY B 723 36.27 -20.92 -23.60
C GLY B 723 37.47 -20.14 -24.11
N ALA B 724 37.65 -18.90 -23.66
CA ALA B 724 38.77 -18.11 -24.14
C ALA B 724 40.10 -18.63 -23.59
N GLU B 725 40.15 -18.96 -22.30
CA GLU B 725 41.40 -19.36 -21.68
C GLU B 725 41.95 -20.65 -22.28
N HIS B 726 41.07 -21.64 -22.49
CA HIS B 726 41.52 -22.90 -23.07
C HIS B 726 42.08 -22.69 -24.47
N LEU B 727 41.48 -21.77 -25.22
CA LEU B 727 41.96 -21.52 -26.59
C LEU B 727 43.28 -20.78 -26.58
N LEU B 728 43.42 -19.74 -25.74
CA LEU B 728 44.64 -18.95 -25.76
C LEU B 728 45.80 -19.67 -25.07
N ALA B 729 45.51 -20.74 -24.30
CA ALA B 729 46.59 -21.53 -23.73
C ALA B 729 47.44 -22.18 -24.82
N GLY B 730 46.80 -22.67 -25.87
CA GLY B 730 47.51 -23.28 -26.98
C GLY B 730 47.80 -22.31 -28.10
N SER B 736 47.88 -28.68 -28.32
CA SER B 736 47.55 -28.53 -29.73
C SER B 736 46.24 -27.78 -29.91
N MET B 737 45.87 -27.53 -31.16
CA MET B 737 44.62 -26.84 -31.44
C MET B 737 43.42 -27.77 -31.28
N LYS B 738 43.57 -29.04 -31.66
CA LYS B 738 42.45 -29.97 -31.61
C LYS B 738 41.99 -30.20 -30.17
N VAL B 739 42.93 -30.38 -29.24
CA VAL B 739 42.56 -30.62 -27.86
C VAL B 739 41.88 -29.38 -27.27
N ALA B 740 42.37 -28.20 -27.61
CA ALA B 740 41.73 -26.97 -27.13
C ALA B 740 40.31 -26.84 -27.68
N ARG B 741 40.13 -27.14 -28.96
CA ARG B 741 38.79 -27.09 -29.55
C ARG B 741 37.85 -28.08 -28.87
N ASP B 742 38.34 -29.30 -28.61
CA ASP B 742 37.53 -30.29 -27.92
C ASP B 742 37.17 -29.84 -26.52
N LEU B 743 38.13 -29.22 -25.82
CA LEU B 743 37.85 -28.72 -24.47
C LEU B 743 36.79 -27.63 -24.51
N VAL B 744 36.89 -26.69 -25.45
CA VAL B 744 35.90 -25.63 -25.56
C VAL B 744 34.53 -26.21 -25.87
N MET B 745 34.47 -27.16 -26.80
CA MET B 745 33.19 -27.75 -27.17
C MET B 745 32.57 -28.51 -26.00
N GLN B 746 33.37 -29.28 -25.27
CA GLN B 746 32.81 -30.02 -24.14
C GLN B 746 32.37 -29.08 -23.02
N GLU B 747 33.11 -27.99 -22.81
CA GLU B 747 32.71 -27.02 -21.79
C GLU B 747 31.38 -26.35 -22.16
N VAL B 748 31.24 -25.95 -23.42
CA VAL B 748 30.00 -25.28 -23.81
C VAL B 748 28.84 -26.26 -23.81
N ARG B 749 29.09 -27.54 -24.14
CA ARG B 749 28.04 -28.53 -24.05
C ARG B 749 27.61 -28.76 -22.60
N ARG B 750 28.58 -28.82 -21.68
CA ARG B 750 28.26 -29.10 -20.28
C ARG B 750 27.55 -27.91 -19.64
N HIS B 751 27.93 -26.69 -19.99
CA HIS B 751 27.32 -25.51 -19.37
C HIS B 751 25.85 -25.39 -19.74
N PHE B 752 25.54 -25.46 -21.03
CA PHE B 752 24.18 -25.28 -21.50
C PHE B 752 23.42 -26.60 -21.49
N ARG B 753 22.09 -26.50 -21.55
CA ARG B 753 21.26 -27.69 -21.59
C ARG B 753 21.46 -28.42 -22.93
N PRO B 754 21.38 -29.75 -22.94
CA PRO B 754 21.60 -30.50 -24.18
C PRO B 754 20.48 -30.37 -25.20
N GLU B 755 19.49 -29.51 -24.96
CA GLU B 755 18.39 -29.35 -25.89
C GLU B 755 18.58 -28.15 -26.82
N LEU B 756 18.88 -26.98 -26.25
CA LEU B 756 18.96 -25.76 -27.06
C LEU B 756 20.12 -25.82 -28.06
N LEU B 757 21.15 -26.61 -27.78
CA LEU B 757 22.29 -26.70 -28.69
C LEU B 757 21.97 -27.44 -29.98
N ASN B 758 20.74 -27.92 -30.15
CA ASN B 758 20.36 -28.57 -31.40
C ASN B 758 19.67 -27.60 -32.35
N ARG B 759 19.07 -26.53 -31.83
CA ARG B 759 18.32 -25.61 -32.68
C ARG B 759 19.27 -24.72 -33.50
N LEU B 760 20.41 -24.36 -32.93
CA LEU B 760 21.32 -23.44 -33.59
C LEU B 760 21.83 -24.04 -34.91
N ASP B 761 21.79 -23.23 -35.97
CA ASP B 761 22.16 -23.72 -37.28
C ASP B 761 23.63 -24.12 -37.35
N GLU B 762 24.51 -23.29 -36.77
CA GLU B 762 25.94 -23.55 -36.87
C GLU B 762 26.66 -22.81 -35.75
N ILE B 763 27.66 -23.47 -35.17
CA ILE B 763 28.53 -22.89 -34.17
C ILE B 763 29.95 -22.88 -34.74
N VAL B 764 30.60 -21.71 -34.68
CA VAL B 764 31.93 -21.55 -35.24
C VAL B 764 32.84 -20.91 -34.20
N ILE B 765 34.14 -21.16 -34.35
CA ILE B 765 35.16 -20.65 -33.44
C ILE B 765 36.18 -19.87 -34.26
N PHE B 766 36.53 -18.69 -33.79
CA PHE B 766 37.43 -17.81 -34.54
C PHE B 766 38.88 -18.22 -34.30
N ASP B 767 39.61 -18.41 -35.39
CA ASP B 767 41.02 -18.80 -35.33
C ASP B 767 41.89 -17.58 -35.07
N PRO B 768 42.75 -17.61 -34.05
CA PRO B 768 43.69 -16.51 -33.84
C PRO B 768 44.58 -16.30 -35.06
N LEU B 769 44.89 -15.04 -35.34
CA LEU B 769 45.54 -14.64 -36.57
C LEU B 769 47.06 -14.63 -36.42
N SER B 770 47.74 -14.54 -37.56
CA SER B 770 49.19 -14.67 -37.66
C SER B 770 49.82 -13.38 -38.16
N HIS B 771 51.11 -13.44 -38.48
CA HIS B 771 51.87 -12.24 -38.80
C HIS B 771 51.37 -11.56 -40.07
N GLU B 772 51.00 -12.34 -41.08
CA GLU B 772 50.52 -11.73 -42.32
C GLU B 772 49.21 -10.99 -42.09
N GLN B 773 48.29 -11.59 -41.34
CA GLN B 773 47.06 -10.90 -40.98
C GLN B 773 47.35 -9.67 -40.13
N LEU B 774 48.37 -9.76 -39.27
CA LEU B 774 48.78 -8.60 -38.48
C LEU B 774 49.21 -7.45 -39.37
N ARG B 775 50.04 -7.74 -40.38
CA ARG B 775 50.49 -6.69 -41.29
C ARG B 775 49.32 -6.11 -42.08
N LYS B 776 48.43 -6.97 -42.56
CA LYS B 776 47.28 -6.49 -43.32
C LYS B 776 46.38 -5.60 -42.46
N VAL B 777 46.12 -6.00 -41.22
CA VAL B 777 45.26 -5.20 -40.36
C VAL B 777 45.96 -3.89 -39.98
N ALA B 778 47.29 -3.90 -39.86
CA ALA B 778 48.00 -2.65 -39.61
C ALA B 778 47.84 -1.69 -40.79
N ARG B 779 47.98 -2.20 -42.01
CA ARG B 779 47.77 -1.36 -43.19
C ARG B 779 46.34 -0.81 -43.23
N LEU B 780 45.36 -1.66 -42.93
CA LEU B 780 43.96 -1.22 -42.95
C LEU B 780 43.72 -0.14 -41.90
N GLN B 781 44.29 -0.31 -40.70
CA GLN B 781 44.12 0.70 -39.66
C GLN B 781 44.77 2.02 -40.05
N MET B 782 45.95 1.96 -40.68
CA MET B 782 46.65 3.19 -41.03
C MET B 782 46.00 3.91 -42.22
N LYS B 783 45.32 3.17 -43.09
CA LYS B 783 44.61 3.81 -44.20
C LYS B 783 43.56 4.81 -43.71
N ASP B 784 42.97 4.56 -42.55
CA ASP B 784 41.95 5.45 -42.01
C ASP B 784 42.53 6.84 -41.71
N VAL B 785 43.63 6.87 -40.96
CA VAL B 785 44.25 8.16 -40.67
C VAL B 785 44.83 8.75 -41.94
N ALA B 786 45.27 7.92 -42.88
CA ALA B 786 45.76 8.43 -44.15
C ALA B 786 44.68 9.23 -44.88
N VAL B 787 43.49 8.65 -45.02
CA VAL B 787 42.41 9.36 -45.72
C VAL B 787 41.92 10.56 -44.91
N ARG B 788 41.91 10.43 -43.56
CA ARG B 788 41.46 11.54 -42.73
C ARG B 788 42.39 12.75 -42.89
N LEU B 789 43.70 12.50 -42.99
CA LEU B 789 44.62 13.60 -43.22
C LEU B 789 44.54 14.09 -44.66
N ALA B 790 44.39 13.18 -45.63
CA ALA B 790 44.30 13.56 -47.02
C ALA B 790 43.07 14.42 -47.31
N GLU B 791 42.06 14.34 -46.44
CA GLU B 791 40.93 15.26 -46.56
C GLU B 791 41.40 16.71 -46.52
N ARG B 792 42.47 17.00 -45.79
CA ARG B 792 43.04 18.34 -45.75
C ARG B 792 43.99 18.62 -46.90
N GLY B 793 44.37 17.61 -47.66
CA GLY B 793 45.23 17.79 -48.82
C GLY B 793 46.67 17.37 -48.64
N VAL B 794 46.94 16.30 -47.90
CA VAL B 794 48.30 15.79 -47.71
C VAL B 794 48.29 14.29 -47.99
N ALA B 795 49.22 13.84 -48.83
CA ALA B 795 49.31 12.43 -49.19
C ALA B 795 50.19 11.68 -48.20
N LEU B 796 49.95 10.37 -48.10
CA LEU B 796 50.70 9.49 -47.21
C LEU B 796 51.32 8.36 -48.02
N ALA B 797 52.54 7.98 -47.63
CA ALA B 797 53.24 6.87 -48.27
C ALA B 797 54.16 6.23 -47.24
N VAL B 798 54.26 4.90 -47.27
CA VAL B 798 55.01 4.14 -46.28
C VAL B 798 55.72 2.98 -46.98
N THR B 799 56.53 2.27 -46.20
CA THR B 799 57.29 1.11 -46.65
C THR B 799 57.00 -0.07 -45.73
N ASP B 800 57.56 -1.23 -46.09
CA ASP B 800 57.33 -2.43 -45.31
C ASP B 800 58.09 -2.41 -43.98
N ALA B 801 59.26 -1.78 -43.96
CA ALA B 801 60.04 -1.74 -42.72
C ALA B 801 59.31 -0.98 -41.63
N ALA B 802 58.61 0.10 -42.00
CA ALA B 802 57.80 0.83 -41.02
C ALA B 802 56.71 -0.06 -40.44
N LEU B 803 56.04 -0.84 -41.30
CA LEU B 803 55.03 -1.78 -40.81
C LEU B 803 55.65 -2.80 -39.86
N ASP B 804 56.83 -3.32 -40.21
CA ASP B 804 57.49 -4.32 -39.38
C ASP B 804 57.83 -3.76 -38.01
N VAL B 805 58.39 -2.55 -37.96
CA VAL B 805 58.78 -1.98 -36.67
C VAL B 805 57.55 -1.62 -35.85
N ILE B 806 56.50 -1.09 -36.50
CA ILE B 806 55.26 -0.78 -35.79
C ILE B 806 54.69 -2.04 -35.16
N LEU B 807 54.66 -3.14 -35.92
CA LEU B 807 54.16 -4.40 -35.40
C LEU B 807 55.02 -4.91 -34.26
N SER B 808 56.35 -4.84 -34.41
CA SER B 808 57.24 -5.45 -33.43
C SER B 808 57.27 -4.69 -32.11
N LEU B 809 57.14 -3.36 -32.16
CA LEU B 809 57.32 -2.57 -30.95
C LEU B 809 56.17 -2.75 -29.96
N SER B 810 54.95 -2.88 -30.46
CA SER B 810 53.75 -2.78 -29.62
C SER B 810 52.77 -3.90 -29.90
N TYR B 811 53.26 -5.14 -29.95
CA TYR B 811 52.40 -6.30 -30.16
C TYR B 811 52.26 -7.12 -28.89
N ASP B 812 51.03 -7.50 -28.58
CA ASP B 812 50.72 -8.40 -27.49
C ASP B 812 49.79 -9.50 -28.02
N PRO B 813 50.15 -10.77 -27.83
CA PRO B 813 49.31 -11.85 -28.40
C PRO B 813 47.94 -11.96 -27.76
N VAL B 814 47.79 -11.55 -26.51
CA VAL B 814 46.54 -11.80 -25.79
C VAL B 814 45.45 -10.85 -26.27
N TYR B 815 45.76 -9.56 -26.39
CA TYR B 815 44.73 -8.54 -26.55
C TYR B 815 44.24 -8.39 -27.98
N GLY B 816 44.97 -8.92 -28.97
CA GLY B 816 44.47 -8.90 -30.33
C GLY B 816 45.01 -7.78 -31.20
N ALA B 817 44.21 -6.74 -31.41
CA ALA B 817 44.56 -5.68 -32.36
C ALA B 817 44.38 -4.26 -31.83
N ARG B 818 43.74 -4.07 -30.69
CA ARG B 818 43.55 -2.72 -30.15
C ARG B 818 44.87 -1.99 -29.87
N PRO B 819 45.88 -2.61 -29.24
CA PRO B 819 47.11 -1.87 -28.95
C PRO B 819 47.79 -1.30 -30.18
N ILE B 820 47.68 -1.96 -31.33
CA ILE B 820 48.27 -1.41 -32.56
C ILE B 820 47.66 -0.05 -32.86
N ARG B 821 46.33 0.02 -32.86
CA ARG B 821 45.67 1.30 -33.15
C ARG B 821 46.01 2.34 -32.09
N ARG B 822 45.99 1.95 -30.82
CA ARG B 822 46.29 2.91 -29.76
C ARG B 822 47.68 3.50 -29.93
N TRP B 823 48.67 2.64 -30.16
CA TRP B 823 50.05 3.10 -30.29
C TRP B 823 50.22 3.97 -31.52
N ILE B 824 49.72 3.52 -32.68
CA ILE B 824 49.93 4.27 -33.91
C ILE B 824 49.27 5.64 -33.81
N GLU B 825 48.06 5.70 -33.27
CA GLU B 825 47.43 7.00 -33.07
C GLU B 825 48.26 7.87 -32.13
N LYS B 826 48.43 7.42 -30.88
CA LYS B 826 49.03 8.27 -29.86
C LYS B 826 50.44 8.72 -30.20
N ARG B 827 51.14 8.03 -31.10
CA ARG B 827 52.44 8.52 -31.55
C ARG B 827 52.36 9.34 -32.83
N VAL B 828 51.89 8.74 -33.93
CA VAL B 828 51.98 9.38 -35.23
C VAL B 828 51.10 10.63 -35.28
N VAL B 829 49.86 10.53 -34.78
CA VAL B 829 48.95 11.66 -34.91
C VAL B 829 49.47 12.86 -34.12
N THR B 830 49.94 12.64 -32.89
CA THR B 830 50.44 13.75 -32.10
C THR B 830 51.70 14.34 -32.71
N GLN B 831 52.60 13.49 -33.24
CA GLN B 831 53.81 14.02 -33.85
C GLN B 831 53.47 14.87 -35.07
N LEU B 832 52.57 14.38 -35.92
CA LEU B 832 52.20 15.12 -37.12
C LEU B 832 51.50 16.43 -36.76
N SER B 833 50.59 16.40 -35.78
CA SER B 833 49.89 17.62 -35.39
C SER B 833 50.85 18.65 -34.82
N LYS B 834 51.78 18.21 -33.96
CA LYS B 834 52.74 19.14 -33.37
C LYS B 834 53.63 19.74 -34.44
N MET B 835 54.05 18.94 -35.42
CA MET B 835 54.89 19.48 -36.49
C MET B 835 54.10 20.39 -37.42
N LEU B 836 52.79 20.14 -37.56
CA LEU B 836 51.95 20.97 -38.42
C LEU B 836 51.61 22.31 -37.79
N ILE B 837 51.47 22.36 -36.45
CA ILE B 837 51.08 23.60 -35.79
C ILE B 837 52.11 24.70 -36.07
N GLN B 838 53.39 24.34 -36.08
CA GLN B 838 54.45 25.31 -36.33
C GLN B 838 54.55 25.71 -37.80
N GLU B 839 53.57 25.35 -38.62
CA GLU B 839 53.49 25.78 -40.02
C GLU B 839 54.68 25.25 -40.83
N GLU B 840 54.91 23.94 -40.73
CA GLU B 840 55.93 23.28 -41.52
C GLU B 840 55.37 22.53 -42.72
N ILE B 841 54.05 22.61 -42.96
CA ILE B 841 53.41 21.92 -44.06
C ILE B 841 52.74 22.95 -44.95
N ASP B 842 53.01 22.87 -46.25
CA ASP B 842 52.33 23.66 -47.27
C ASP B 842 51.48 22.73 -48.13
N GLU B 843 50.76 23.32 -49.08
CA GLU B 843 49.94 22.52 -49.98
C GLU B 843 50.83 21.70 -50.91
N ASN B 844 50.30 20.54 -51.33
CA ASN B 844 51.01 19.62 -52.22
C ASN B 844 52.33 19.16 -51.59
N CYS B 845 52.24 18.69 -50.34
CA CYS B 845 53.39 18.17 -49.61
C CYS B 845 53.09 16.76 -49.14
N THR B 846 54.04 15.86 -49.37
CA THR B 846 53.89 14.45 -49.04
C THR B 846 54.90 14.06 -47.97
N VAL B 847 54.44 13.35 -46.95
CA VAL B 847 55.29 12.90 -45.86
C VAL B 847 55.70 11.45 -46.12
N TYR B 848 56.91 11.11 -45.71
CA TYR B 848 57.45 9.77 -45.87
C TYR B 848 57.93 9.25 -44.52
N ILE B 849 57.67 7.98 -44.26
CA ILE B 849 58.04 7.34 -43.00
C ILE B 849 58.92 6.13 -43.31
N ASP B 850 60.03 6.01 -42.60
CA ASP B 850 60.95 4.90 -42.79
C ASP B 850 61.67 4.61 -41.49
N ALA B 851 62.25 3.42 -41.40
CA ALA B 851 62.98 3.03 -40.20
C ALA B 851 64.31 3.77 -40.11
N ALA B 852 64.81 3.88 -38.88
CA ALA B 852 66.07 4.57 -38.63
C ALA B 852 67.21 3.56 -38.45
N GLU B 857 63.88 3.51 -35.26
CA GLU B 857 62.54 4.01 -34.98
C GLU B 857 61.88 4.56 -36.23
N LEU B 858 61.53 5.85 -36.20
CA LEU B 858 60.85 6.49 -37.31
C LEU B 858 61.56 7.79 -37.68
N ALA B 859 61.58 8.09 -38.97
CA ALA B 859 62.16 9.32 -39.49
C ALA B 859 61.14 9.99 -40.41
N TYR B 860 60.91 11.28 -40.19
CA TYR B 860 59.92 12.04 -40.95
C TYR B 860 60.65 12.94 -41.94
N ARG B 861 60.28 12.83 -43.21
CA ARG B 861 60.84 13.64 -44.28
C ARG B 861 59.72 14.38 -44.98
N VAL B 862 59.88 15.69 -45.14
CA VAL B 862 58.89 16.54 -45.78
C VAL B 862 59.35 16.86 -47.20
N ASP B 863 58.47 16.65 -48.18
CA ASP B 863 58.80 16.88 -49.57
C ASP B 863 57.53 17.24 -50.32
N ASN B 864 57.70 17.86 -51.49
CA ASN B 864 56.58 18.25 -52.33
C ASN B 864 55.82 17.02 -52.83
N THR C 168 -14.06 30.89 -47.80
CA THR C 168 -14.57 32.04 -47.04
C THR C 168 -13.87 32.13 -45.69
N TYR C 169 -14.26 31.26 -44.76
CA TYR C 169 -13.69 31.23 -43.43
C TYR C 169 -12.43 30.36 -43.34
N GLY C 170 -12.08 29.64 -44.39
CA GLY C 170 -10.90 28.81 -44.39
C GLY C 170 -9.68 29.51 -44.94
N ARG C 171 -9.04 28.92 -45.95
CA ARG C 171 -7.87 29.51 -46.56
C ARG C 171 -7.62 28.83 -47.90
N ASP C 172 -7.51 29.62 -48.96
CA ASP C 172 -7.22 29.12 -50.29
C ASP C 172 -5.73 29.26 -50.59
N LEU C 173 -5.16 28.24 -51.21
CA LEU C 173 -3.73 28.19 -51.47
C LEU C 173 -3.39 28.23 -52.96
N VAL C 174 -4.39 28.33 -53.83
CA VAL C 174 -4.11 28.37 -55.27
C VAL C 174 -3.45 29.68 -55.66
N GLU C 175 -3.90 30.80 -55.08
CA GLU C 175 -3.40 32.11 -55.46
C GLU C 175 -2.07 32.46 -54.81
N GLN C 176 -1.65 31.71 -53.78
CA GLN C 176 -0.41 32.01 -53.08
C GLN C 176 0.81 31.34 -53.70
N ALA C 177 0.62 30.56 -54.76
CA ALA C 177 1.75 29.89 -55.39
C ALA C 177 2.72 30.87 -56.02
N GLY C 178 2.24 32.03 -56.45
CA GLY C 178 3.11 33.01 -57.09
C GLY C 178 4.08 33.69 -56.15
N LYS C 179 3.76 33.73 -54.85
CA LYS C 179 4.62 34.39 -53.88
C LYS C 179 5.03 33.47 -52.72
N LEU C 180 4.72 32.18 -52.79
CA LEU C 180 5.19 31.25 -51.77
C LEU C 180 6.58 30.73 -52.11
N ASP C 181 7.29 30.32 -51.07
CA ASP C 181 8.67 29.88 -51.24
C ASP C 181 8.72 28.59 -52.06
N PRO C 182 9.60 28.51 -53.04
CA PRO C 182 9.73 27.28 -53.84
C PRO C 182 10.22 26.12 -52.99
N VAL C 183 9.76 24.92 -53.34
CA VAL C 183 10.16 23.69 -52.68
C VAL C 183 10.71 22.74 -53.74
N ILE C 184 11.87 22.16 -53.47
CA ILE C 184 12.54 21.27 -54.42
C ILE C 184 13.06 20.05 -53.69
N GLY C 185 13.31 18.99 -54.45
CA GLY C 185 13.91 17.78 -53.89
C GLY C 185 12.98 16.87 -53.12
N ARG C 186 11.69 16.85 -53.47
CA ARG C 186 10.70 16.01 -52.79
C ARG C 186 9.87 15.25 -53.81
N ASP C 187 10.54 14.62 -54.78
CA ASP C 187 9.85 13.97 -55.88
C ASP C 187 9.12 12.70 -55.48
N GLU C 188 9.38 12.15 -54.30
CA GLU C 188 8.82 10.84 -53.95
C GLU C 188 7.46 10.94 -53.27
N GLU C 189 7.32 11.86 -52.31
CA GLU C 189 6.07 11.93 -51.56
C GLU C 189 4.91 12.43 -52.43
N ILE C 190 5.20 13.34 -53.35
CA ILE C 190 4.15 13.79 -54.28
C ILE C 190 3.68 12.63 -55.14
N ARG C 191 4.61 11.81 -55.63
CA ARG C 191 4.23 10.63 -56.41
C ARG C 191 3.39 9.68 -55.58
N ARG C 192 3.79 9.44 -54.33
CA ARG C 192 3.02 8.53 -53.48
C ARG C 192 1.61 9.05 -53.24
N VAL C 193 1.47 10.34 -52.98
CA VAL C 193 0.14 10.93 -52.76
C VAL C 193 -0.69 10.84 -54.02
N VAL C 194 -0.10 11.10 -55.19
CA VAL C 194 -0.83 10.98 -56.44
C VAL C 194 -1.32 9.54 -56.64
N ARG C 195 -0.45 8.56 -56.35
CA ARG C 195 -0.85 7.17 -56.49
C ARG C 195 -2.00 6.82 -55.56
N ILE C 196 -1.93 7.29 -54.31
CA ILE C 196 -2.92 6.85 -53.32
C ILE C 196 -4.24 7.60 -53.47
N LEU C 197 -4.22 8.80 -54.08
CA LEU C 197 -5.45 9.57 -54.15
C LEU C 197 -6.42 9.04 -55.20
N SER C 198 -5.90 8.48 -56.30
CA SER C 198 -6.76 7.96 -57.34
C SER C 198 -7.36 6.59 -56.99
N ARG C 199 -6.97 6.00 -55.87
CA ARG C 199 -7.52 4.72 -55.45
C ARG C 199 -9.01 4.86 -55.14
N ARG C 200 -9.75 3.79 -55.45
CA ARG C 200 -11.21 3.81 -55.28
C ARG C 200 -11.60 3.96 -53.81
N THR C 201 -11.16 3.02 -52.98
CA THR C 201 -11.59 2.95 -51.59
C THR C 201 -10.37 3.06 -50.67
N LYS C 202 -10.56 3.70 -49.51
CA LYS C 202 -9.50 3.98 -48.56
C LYS C 202 -8.40 4.84 -49.20
N ASN C 203 -8.80 6.05 -49.56
CA ASN C 203 -7.95 7.00 -50.28
C ASN C 203 -7.86 8.30 -49.51
N ASN C 204 -7.53 8.23 -48.23
CA ASN C 204 -7.39 9.39 -47.36
C ASN C 204 -6.02 9.35 -46.70
N PRO C 205 -4.97 9.70 -47.44
CA PRO C 205 -3.62 9.59 -46.89
C PRO C 205 -3.38 10.58 -45.76
N VAL C 206 -2.51 10.17 -44.84
CA VAL C 206 -2.03 11.04 -43.77
C VAL C 206 -0.51 11.05 -43.81
N LEU C 207 0.07 12.16 -43.38
CA LEU C 207 1.52 12.32 -43.34
C LEU C 207 2.01 12.08 -41.93
N ILE C 208 2.99 11.21 -41.78
CA ILE C 208 3.51 10.82 -40.48
C ILE C 208 5.02 11.07 -40.46
N GLY C 209 5.51 11.65 -39.37
CA GLY C 209 6.92 11.96 -39.26
C GLY C 209 7.24 12.94 -38.15
N GLU C 210 8.52 13.03 -37.79
CA GLU C 210 8.92 13.94 -36.73
C GLU C 210 8.87 15.39 -37.22
N PRO C 211 8.70 16.35 -36.32
CA PRO C 211 8.62 17.75 -36.74
C PRO C 211 9.93 18.25 -37.33
N GLY C 212 9.81 19.23 -38.22
CA GLY C 212 10.98 19.89 -38.78
C GLY C 212 11.54 19.26 -40.03
N VAL C 213 10.74 18.50 -40.78
CA VAL C 213 11.22 17.84 -41.98
C VAL C 213 10.56 18.36 -43.26
N GLY C 214 9.39 18.99 -43.19
CA GLY C 214 8.81 19.57 -44.38
C GLY C 214 7.47 19.01 -44.83
N LYS C 215 6.61 18.63 -43.88
CA LYS C 215 5.28 18.15 -44.25
C LYS C 215 4.47 19.24 -44.95
N THR C 216 4.41 20.43 -44.36
CA THR C 216 3.77 21.54 -45.03
C THR C 216 4.49 21.91 -46.32
N ALA C 217 5.81 21.68 -46.37
CA ALA C 217 6.56 21.94 -47.59
C ALA C 217 6.10 21.05 -48.73
N VAL C 218 5.93 19.75 -48.47
CA VAL C 218 5.49 18.85 -49.53
C VAL C 218 4.03 19.12 -49.88
N VAL C 219 3.21 19.53 -48.90
CA VAL C 219 1.83 19.91 -49.22
C VAL C 219 1.81 21.10 -50.17
N GLU C 220 2.64 22.11 -49.89
CA GLU C 220 2.73 23.26 -50.78
C GLU C 220 3.31 22.87 -52.14
N GLY C 221 4.23 21.90 -52.16
CA GLY C 221 4.73 21.40 -53.43
C GLY C 221 3.65 20.77 -54.27
N LEU C 222 2.78 19.97 -53.63
CA LEU C 222 1.64 19.40 -54.35
C LEU C 222 0.70 20.48 -54.85
N ALA C 223 0.47 21.51 -54.03
CA ALA C 223 -0.38 22.63 -54.46
C ALA C 223 0.22 23.33 -55.68
N GLN C 224 1.53 23.57 -55.66
CA GLN C 224 2.18 24.17 -56.81
C GLN C 224 2.09 23.28 -58.03
N ARG C 225 2.23 21.97 -57.84
CA ARG C 225 2.11 21.03 -58.96
C ARG C 225 0.74 21.09 -59.60
N ILE C 226 -0.31 21.09 -58.78
CA ILE C 226 -1.67 21.09 -59.34
C ILE C 226 -1.98 22.45 -59.97
N VAL C 227 -1.41 23.53 -59.41
CA VAL C 227 -1.59 24.84 -60.02
C VAL C 227 -0.93 24.90 -61.39
N ARG C 228 0.30 24.38 -61.50
CA ARG C 228 1.00 24.39 -62.77
C ARG C 228 0.32 23.49 -63.79
N GLY C 229 -0.16 22.33 -63.37
CA GLY C 229 -0.84 21.41 -64.25
C GLY C 229 -0.09 20.14 -64.62
N ASP C 230 1.04 19.86 -63.96
CA ASP C 230 1.78 18.64 -64.26
C ASP C 230 1.09 17.40 -63.74
N VAL C 231 0.12 17.55 -62.83
CA VAL C 231 -0.65 16.44 -62.28
C VAL C 231 -1.44 15.79 -63.42
N PRO C 232 -1.63 14.47 -63.40
CA PRO C 232 -2.46 13.85 -64.43
C PRO C 232 -3.86 14.45 -64.46
N SER C 233 -4.43 14.52 -65.66
CA SER C 233 -5.68 15.24 -65.90
C SER C 233 -6.86 14.67 -65.13
N ASN C 234 -6.69 13.53 -64.44
CA ASN C 234 -7.78 13.00 -63.62
C ASN C 234 -8.16 13.95 -62.49
N LEU C 235 -7.25 14.82 -62.07
CA LEU C 235 -7.50 15.79 -61.02
C LEU C 235 -7.29 17.22 -61.53
N LEU C 236 -7.82 17.52 -62.71
CA LEU C 236 -7.73 18.85 -63.28
C LEU C 236 -8.94 19.73 -62.96
N ASP C 237 -9.92 19.19 -62.24
CA ASP C 237 -11.14 19.90 -61.91
C ASP C 237 -11.33 19.83 -60.38
N VAL C 238 -10.29 20.22 -59.65
CA VAL C 238 -10.32 20.21 -58.20
C VAL C 238 -9.65 21.47 -57.67
N ARG C 239 -10.27 22.09 -56.67
CA ARG C 239 -9.72 23.26 -55.99
C ARG C 239 -9.38 22.89 -54.57
N LEU C 240 -8.14 23.16 -54.17
CA LEU C 240 -7.65 22.80 -52.84
C LEU C 240 -7.90 23.93 -51.86
N ILE C 241 -8.51 23.60 -50.72
CA ILE C 241 -8.76 24.56 -49.65
C ILE C 241 -8.20 23.99 -48.35
N ALA C 242 -8.00 24.88 -47.39
CA ALA C 242 -7.47 24.50 -46.08
C ALA C 242 -8.38 25.03 -44.99
N LEU C 243 -8.34 24.38 -43.83
CA LEU C 243 -9.13 24.76 -42.67
C LEU C 243 -8.21 25.30 -41.60
N ASP C 244 -8.53 26.48 -41.08
CA ASP C 244 -7.74 27.15 -40.06
C ASP C 244 -8.53 27.16 -38.76
N MET C 245 -7.95 26.58 -37.71
CA MET C 245 -8.62 26.52 -36.42
C MET C 245 -8.86 27.93 -35.88
N GLY C 246 -7.84 28.79 -35.95
CA GLY C 246 -8.00 30.15 -35.45
C GLY C 246 -9.03 30.94 -36.23
N ALA C 247 -9.04 30.79 -37.55
CA ALA C 247 -10.03 31.49 -38.37
C ALA C 247 -11.44 31.00 -38.06
N LEU C 248 -11.61 29.69 -37.88
CA LEU C 248 -12.93 29.14 -37.62
C LEU C 248 -13.42 29.43 -36.21
N VAL C 249 -12.52 29.63 -35.25
CA VAL C 249 -12.94 30.02 -33.90
C VAL C 249 -12.85 31.53 -33.75
N TYR C 254 -20.14 29.94 -27.24
CA TYR C 254 -20.75 28.67 -26.87
C TYR C 254 -20.24 27.54 -27.75
N ARG C 255 -20.08 26.34 -27.17
CA ARG C 255 -19.66 25.19 -27.94
C ARG C 255 -20.73 24.79 -28.96
N GLY C 256 -22.00 25.01 -28.64
CA GLY C 256 -23.06 24.71 -29.58
C GLY C 256 -22.97 25.53 -30.84
N GLU C 257 -22.64 26.82 -30.71
CA GLU C 257 -22.48 27.67 -31.88
C GLU C 257 -21.32 27.19 -32.75
N PHE C 258 -20.20 26.83 -32.13
CA PHE C 258 -19.05 26.32 -32.88
C PHE C 258 -19.41 25.03 -33.60
N GLU C 259 -20.13 24.13 -32.92
CA GLU C 259 -20.53 22.87 -33.53
C GLU C 259 -21.49 23.09 -34.71
N GLU C 260 -22.47 23.98 -34.54
CA GLU C 260 -23.41 24.20 -35.63
C GLU C 260 -22.74 24.93 -36.79
N ARG C 261 -21.76 25.79 -36.50
CA ARG C 261 -21.01 26.44 -37.57
C ARG C 261 -20.19 25.44 -38.36
N LEU C 262 -19.51 24.51 -37.67
CA LEU C 262 -18.74 23.51 -38.40
C LEU C 262 -19.65 22.59 -39.20
N LYS C 263 -20.81 22.23 -38.64
CA LYS C 263 -21.77 21.42 -39.38
C LYS C 263 -22.27 22.14 -40.62
N ALA C 264 -22.56 23.44 -40.49
CA ALA C 264 -23.01 24.21 -41.65
C ALA C 264 -21.92 24.30 -42.71
N VAL C 265 -20.67 24.50 -42.28
CA VAL C 265 -19.56 24.55 -43.24
C VAL C 265 -19.42 23.21 -43.96
N LEU C 266 -19.48 22.11 -43.21
CA LEU C 266 -19.37 20.79 -43.82
C LEU C 266 -20.50 20.54 -44.80
N LYS C 267 -21.72 20.97 -44.45
CA LYS C 267 -22.85 20.80 -45.36
C LYS C 267 -22.70 21.64 -46.61
N GLU C 268 -22.21 22.88 -46.47
CA GLU C 268 -22.14 23.79 -47.60
C GLU C 268 -20.94 23.51 -48.50
N VAL C 269 -19.94 22.78 -48.02
CA VAL C 269 -18.81 22.43 -48.88
C VAL C 269 -19.12 21.16 -49.65
N GLU C 270 -20.38 20.71 -49.60
CA GLU C 270 -20.81 19.54 -50.34
C GLU C 270 -21.35 19.89 -51.73
N GLU C 271 -21.35 21.17 -52.10
CA GLU C 271 -21.91 21.55 -53.40
C GLU C 271 -21.05 21.03 -54.55
N ALA C 272 -19.77 20.78 -54.30
CA ALA C 272 -18.90 20.26 -55.36
C ALA C 272 -19.12 18.77 -55.59
N GLU C 273 -19.40 18.03 -54.52
CA GLU C 273 -19.67 16.59 -54.59
C GLU C 273 -18.49 15.82 -55.20
N GLY C 274 -17.35 15.90 -54.52
CA GLY C 274 -16.22 15.05 -54.82
C GLY C 274 -15.11 15.67 -55.64
N LYS C 275 -15.15 16.98 -55.89
CA LYS C 275 -14.10 17.63 -56.67
C LYS C 275 -13.38 18.73 -55.88
N VAL C 276 -13.36 18.61 -54.55
CA VAL C 276 -12.49 19.44 -53.70
C VAL C 276 -11.86 18.54 -52.65
N ILE C 277 -10.60 18.83 -52.31
CA ILE C 277 -9.89 18.13 -51.26
C ILE C 277 -9.75 19.05 -50.06
N LEU C 278 -10.03 18.52 -48.88
CA LEU C 278 -10.00 19.30 -47.64
C LEU C 278 -8.74 18.96 -46.85
N PHE C 279 -7.96 19.98 -46.54
CA PHE C 279 -6.70 19.81 -45.82
C PHE C 279 -6.87 20.29 -44.38
N ILE C 280 -6.37 19.49 -43.44
CA ILE C 280 -6.44 19.81 -42.01
C ILE C 280 -5.07 19.60 -41.40
N ASP C 281 -4.61 20.57 -40.62
CA ASP C 281 -3.38 20.45 -39.87
C ASP C 281 -3.69 20.14 -38.41
N GLU C 282 -2.80 19.37 -37.79
CA GLU C 282 -2.95 18.95 -36.39
C GLU C 282 -4.28 18.22 -36.18
N ILE C 283 -4.42 17.10 -36.89
CA ILE C 283 -5.67 16.36 -36.87
C ILE C 283 -5.92 15.75 -35.50
N HIS C 284 -4.86 15.31 -34.81
CA HIS C 284 -5.04 14.61 -33.55
C HIS C 284 -5.65 15.52 -32.48
N LEU C 285 -5.16 16.75 -32.38
CA LEU C 285 -5.61 17.64 -31.32
C LEU C 285 -7.10 17.95 -31.44
N VAL C 286 -7.59 18.14 -32.66
CA VAL C 286 -8.98 18.51 -32.88
C VAL C 286 -9.89 17.29 -32.88
N LEU C 287 -9.51 16.23 -33.58
CA LEU C 287 -10.41 15.09 -33.76
C LEU C 287 -10.28 14.09 -32.63
N GLY C 288 -9.05 13.68 -32.29
CA GLY C 288 -8.87 12.63 -31.31
C GLY C 288 -9.25 13.02 -29.90
N ALA C 289 -9.29 14.32 -29.61
CA ALA C 289 -9.69 14.78 -28.28
C ALA C 289 -11.19 14.57 -28.08
N SER C 295 -12.00 17.28 -22.64
CA SER C 295 -11.80 18.11 -23.82
C SER C 295 -13.05 18.11 -24.70
N MET C 296 -12.94 18.74 -25.87
CA MET C 296 -14.06 18.81 -26.79
C MET C 296 -14.36 17.42 -27.37
N ASP C 297 -15.64 17.12 -27.53
CA ASP C 297 -16.10 15.83 -28.05
C ASP C 297 -16.55 16.02 -29.49
N ALA C 298 -15.74 15.54 -30.42
CA ALA C 298 -16.08 15.62 -31.84
C ALA C 298 -15.82 14.34 -32.63
N ALA C 299 -15.15 13.34 -32.05
CA ALA C 299 -14.83 12.12 -32.79
C ALA C 299 -16.09 11.36 -33.18
N ASN C 300 -17.03 11.20 -32.23
CA ASN C 300 -18.27 10.50 -32.54
C ASN C 300 -19.08 11.27 -33.59
N LEU C 301 -19.06 12.59 -33.52
CA LEU C 301 -19.77 13.40 -34.51
C LEU C 301 -19.15 13.26 -35.89
N PHE C 302 -17.82 13.21 -35.96
CA PHE C 302 -17.13 13.14 -37.24
C PHE C 302 -17.04 11.74 -37.82
N LYS C 303 -17.30 10.71 -37.02
CA LYS C 303 -17.21 9.35 -37.51
C LYS C 303 -18.16 9.02 -38.65
N PRO C 304 -19.48 9.33 -38.59
CA PRO C 304 -20.42 8.78 -39.59
C PRO C 304 -20.14 9.17 -41.03
N MET C 305 -20.10 10.47 -41.34
CA MET C 305 -19.85 10.86 -42.72
C MET C 305 -18.44 10.52 -43.16
N LEU C 306 -17.47 10.51 -42.24
CA LEU C 306 -16.13 10.08 -42.60
C LEU C 306 -16.12 8.63 -43.06
N ALA C 307 -16.86 7.76 -42.36
CA ALA C 307 -17.01 6.39 -42.83
C ALA C 307 -17.80 6.33 -44.13
N ARG C 308 -18.74 7.26 -44.31
CA ARG C 308 -19.49 7.33 -45.56
C ARG C 308 -18.58 7.65 -46.74
N GLY C 309 -17.57 8.50 -46.52
CA GLY C 309 -16.64 8.89 -47.56
C GLY C 309 -17.13 10.07 -48.38
N GLN C 310 -17.42 11.19 -47.73
CA GLN C 310 -18.01 12.33 -48.41
C GLN C 310 -17.00 13.00 -49.34
N LEU C 311 -15.77 13.22 -48.88
CA LEU C 311 -14.69 13.77 -49.68
C LEU C 311 -13.41 13.04 -49.34
N ARG C 312 -12.30 13.63 -49.73
CA ARG C 312 -10.96 13.10 -49.48
C ARG C 312 -10.23 14.05 -48.55
N CYS C 313 -9.66 13.51 -47.47
CA CYS C 313 -9.02 14.31 -46.44
C CYS C 313 -7.53 13.99 -46.35
N ILE C 314 -6.74 15.00 -46.01
CA ILE C 314 -5.30 14.89 -45.84
C ILE C 314 -4.94 15.40 -44.46
N GLY C 315 -4.10 14.65 -43.74
CA GLY C 315 -3.68 15.01 -42.41
C GLY C 315 -2.17 15.08 -42.28
N ALA C 316 -1.73 15.41 -41.07
CA ALA C 316 -0.30 15.49 -40.76
C ALA C 316 -0.14 15.55 -39.25
N THR C 317 0.74 14.68 -38.72
CA THR C 317 1.00 14.64 -37.29
C THR C 317 2.26 13.83 -37.05
N THR C 318 2.78 13.90 -35.82
CA THR C 318 3.94 13.12 -35.44
C THR C 318 3.53 11.68 -35.10
N LEU C 319 4.53 10.80 -35.04
CA LEU C 319 4.27 9.38 -34.85
C LEU C 319 3.84 9.05 -33.42
N GLU C 320 4.30 9.84 -32.44
CA GLU C 320 3.90 9.60 -31.06
C GLU C 320 2.40 9.82 -30.88
N GLU C 321 1.85 10.83 -31.54
CA GLU C 321 0.40 11.04 -31.49
C GLU C 321 -0.33 9.86 -32.11
N TYR C 322 0.21 9.30 -33.19
CA TYR C 322 -0.40 8.12 -33.78
C TYR C 322 -0.37 6.95 -32.80
N ARG C 323 0.72 6.81 -32.05
CA ARG C 323 0.82 5.71 -31.09
C ARG C 323 -0.15 5.90 -29.92
N LYS C 324 -0.38 7.16 -29.53
CA LYS C 324 -1.07 7.44 -28.26
C LYS C 324 -2.55 7.79 -28.41
N TYR C 325 -3.01 8.22 -29.58
CA TYR C 325 -4.40 8.61 -29.78
C TYR C 325 -5.18 7.63 -30.66
N VAL C 326 -4.69 7.34 -31.86
CA VAL C 326 -5.53 6.64 -32.82
C VAL C 326 -5.53 5.12 -32.62
N GLU C 327 -4.57 4.57 -31.89
CA GLU C 327 -4.49 3.12 -31.74
C GLU C 327 -5.39 2.59 -30.63
N LYS C 328 -6.03 3.47 -29.85
CA LYS C 328 -6.92 3.04 -28.78
C LYS C 328 -8.35 2.81 -29.24
N ASP C 329 -8.65 3.08 -30.52
CA ASP C 329 -9.99 2.89 -31.06
C ASP C 329 -9.89 2.15 -32.40
N ALA C 330 -10.91 1.33 -32.67
CA ALA C 330 -10.92 0.48 -33.86
C ALA C 330 -11.70 1.10 -35.02
N ALA C 331 -12.15 2.33 -34.89
CA ALA C 331 -12.97 2.95 -35.94
C ALA C 331 -12.12 3.71 -36.96
N PHE C 332 -11.19 4.55 -36.48
CA PHE C 332 -10.41 5.38 -37.38
C PHE C 332 -9.44 4.58 -38.24
N GLU C 333 -9.09 3.36 -37.83
CA GLU C 333 -8.17 2.54 -38.60
C GLU C 333 -8.80 1.98 -39.87
N ARG C 334 -10.11 2.14 -40.06
CA ARG C 334 -10.76 1.65 -41.27
C ARG C 334 -10.19 2.34 -42.50
N ARG C 335 -9.90 3.62 -42.41
CA ARG C 335 -9.30 4.39 -43.48
C ARG C 335 -7.92 4.89 -43.05
N PHE C 336 -7.32 5.72 -43.91
CA PHE C 336 -6.01 6.35 -43.69
C PHE C 336 -4.88 5.34 -43.83
N GLN C 337 -3.82 5.73 -44.54
CA GLN C 337 -2.64 4.90 -44.73
C GLN C 337 -1.40 5.73 -44.44
N GLN C 338 -0.45 5.12 -43.73
CA GLN C 338 0.76 5.83 -43.34
C GLN C 338 1.62 6.18 -44.55
N VAL C 339 2.22 7.37 -44.51
CA VAL C 339 3.23 7.78 -45.48
C VAL C 339 4.41 8.34 -44.69
N PHE C 340 5.58 7.75 -44.89
CA PHE C 340 6.76 8.08 -44.10
C PHE C 340 7.61 9.13 -44.82
N VAL C 341 7.99 10.17 -44.10
CA VAL C 341 8.84 11.25 -44.62
C VAL C 341 10.04 11.39 -43.70
N ALA C 342 11.23 11.45 -44.29
CA ALA C 342 12.46 11.63 -43.53
C ALA C 342 13.52 12.25 -44.43
N GLU C 343 14.43 13.02 -43.82
CA GLU C 343 15.49 13.71 -44.54
C GLU C 343 16.83 13.43 -43.86
N PRO C 344 17.42 12.26 -44.10
CA PRO C 344 18.76 11.96 -43.58
C PRO C 344 19.91 12.22 -44.55
N SER C 345 19.63 12.77 -45.74
CA SER C 345 20.64 12.88 -46.78
C SER C 345 21.39 14.20 -46.64
N VAL C 346 22.66 14.12 -46.25
CA VAL C 346 23.51 15.31 -46.20
C VAL C 346 23.69 15.93 -47.59
N PRO C 347 24.02 15.17 -48.65
CA PRO C 347 24.21 15.81 -49.96
C PRO C 347 22.97 16.54 -50.47
N ASP C 348 21.77 16.09 -50.10
CA ASP C 348 20.55 16.75 -50.54
C ASP C 348 20.46 18.16 -49.96
N THR C 349 20.85 18.33 -48.68
CA THR C 349 20.69 19.61 -48.01
C THR C 349 21.41 20.73 -48.74
N ILE C 350 22.54 20.41 -49.40
CA ILE C 350 23.25 21.42 -50.17
C ILE C 350 22.38 21.94 -51.30
N SER C 351 21.61 21.05 -51.95
CA SER C 351 20.71 21.48 -53.01
C SER C 351 19.61 22.39 -52.46
N ILE C 352 19.08 22.07 -51.29
CA ILE C 352 18.07 22.93 -50.66
C ILE C 352 18.65 24.30 -50.38
N LEU C 353 19.88 24.35 -49.86
CA LEU C 353 20.51 25.63 -49.55
C LEU C 353 20.75 26.44 -50.82
N ARG C 354 21.19 25.78 -51.89
CA ARG C 354 21.37 26.47 -53.17
C ARG C 354 20.05 27.04 -53.67
N GLY C 355 18.97 26.26 -53.52
CA GLY C 355 17.67 26.75 -53.98
C GLY C 355 17.17 27.94 -53.17
N LEU C 356 17.37 27.91 -51.85
CA LEU C 356 16.85 28.96 -51.00
C LEU C 356 17.79 30.15 -50.84
N LYS C 357 19.01 30.07 -51.41
CA LYS C 357 19.94 31.18 -51.28
C LYS C 357 19.42 32.45 -51.96
N GLU C 358 18.67 32.31 -53.04
CA GLU C 358 18.29 33.47 -53.85
C GLU C 358 17.43 34.46 -53.08
N LYS C 359 16.45 33.96 -52.33
CA LYS C 359 15.54 34.85 -51.61
C LYS C 359 16.30 35.67 -50.57
N TYR C 360 17.16 35.02 -49.80
CA TYR C 360 17.94 35.73 -48.78
C TYR C 360 18.93 36.70 -49.42
N GLU C 361 19.53 36.31 -50.55
CA GLU C 361 20.44 37.21 -51.25
C GLU C 361 19.71 38.46 -51.72
N GLY C 362 18.51 38.29 -52.27
CA GLY C 362 17.73 39.44 -52.69
C GLY C 362 17.31 40.31 -51.53
N HIS C 363 16.93 39.70 -50.40
CA HIS C 363 16.48 40.47 -49.26
C HIS C 363 17.61 41.26 -48.61
N HIS C 364 18.78 40.64 -48.46
CA HIS C 364 19.90 41.31 -47.80
C HIS C 364 20.80 42.07 -48.75
N GLY C 365 20.95 41.60 -49.99
CA GLY C 365 21.78 42.28 -50.96
C GLY C 365 23.24 42.31 -50.61
N VAL C 366 23.80 41.17 -50.18
CA VAL C 366 25.20 41.09 -49.80
C VAL C 366 25.85 39.92 -50.51
N ARG C 367 27.11 40.09 -50.88
CA ARG C 367 27.85 39.05 -51.58
C ARG C 367 28.04 37.82 -50.69
N ILE C 368 28.00 36.64 -51.32
CA ILE C 368 28.05 35.37 -50.62
C ILE C 368 29.03 34.46 -51.36
N GLN C 369 29.60 33.49 -50.63
CA GLN C 369 30.56 32.55 -51.17
C GLN C 369 30.03 31.14 -51.02
N ASP C 370 30.33 30.28 -52.00
CA ASP C 370 29.82 28.92 -51.99
C ASP C 370 30.56 28.04 -50.98
N ARG C 371 31.86 28.30 -50.78
CA ARG C 371 32.62 27.52 -49.81
C ARG C 371 32.05 27.69 -48.40
N ALA C 372 31.62 28.91 -48.06
CA ALA C 372 30.96 29.12 -46.78
C ALA C 372 29.69 28.29 -46.68
N LEU C 373 28.92 28.22 -47.77
CA LEU C 373 27.69 27.45 -47.75
C LEU C 373 27.95 25.97 -47.51
N VAL C 374 28.91 25.39 -48.23
CA VAL C 374 29.18 23.97 -48.06
C VAL C 374 29.79 23.70 -46.69
N VAL C 375 30.60 24.62 -46.17
CA VAL C 375 31.17 24.46 -44.84
C VAL C 375 30.07 24.47 -43.78
N ALA C 376 29.10 25.38 -43.93
CA ALA C 376 27.96 25.40 -43.01
C ALA C 376 27.17 24.10 -43.09
N ALA C 377 26.96 23.60 -44.32
CA ALA C 377 26.23 22.34 -44.48
C ALA C 377 26.95 21.20 -43.78
N GLN C 378 28.27 21.12 -43.94
CA GLN C 378 29.03 20.04 -43.31
C GLN C 378 29.07 20.17 -41.80
N LEU C 379 29.21 21.40 -41.29
CA LEU C 379 29.38 21.61 -39.86
C LEU C 379 28.08 21.48 -39.09
N SER C 380 26.94 21.79 -39.72
CA SER C 380 25.68 21.86 -38.99
C SER C 380 25.22 20.51 -38.44
N ALA C 381 25.76 19.40 -38.94
CA ALA C 381 25.26 18.08 -38.56
C ALA C 381 26.11 17.37 -37.52
N ARG C 382 27.18 18.00 -37.04
CA ARG C 382 28.10 17.34 -36.12
C ARG C 382 28.16 18.02 -34.76
N TYR C 383 28.42 19.33 -34.71
CA TYR C 383 28.64 20.01 -33.44
C TYR C 383 27.33 20.36 -32.75
N ILE C 384 26.51 21.19 -33.39
CA ILE C 384 25.29 21.69 -32.75
C ILE C 384 24.29 20.54 -32.63
N MET C 385 24.11 20.05 -31.41
CA MET C 385 23.18 18.98 -31.13
C MET C 385 21.82 19.59 -30.79
N GLY C 386 20.78 18.77 -30.77
CA GLY C 386 19.44 19.25 -30.52
C GLY C 386 18.71 19.57 -31.80
N ARG C 387 17.54 20.20 -31.65
CA ARG C 387 16.64 20.51 -32.76
C ARG C 387 16.38 19.20 -33.50
N HIS C 388 16.58 19.14 -34.81
CA HIS C 388 16.31 17.91 -35.55
C HIS C 388 17.11 17.92 -36.84
N LEU C 389 16.68 17.09 -37.81
CA LEU C 389 17.33 16.76 -39.07
C LEU C 389 17.88 18.01 -39.76
N PRO C 390 18.93 17.86 -40.58
CA PRO C 390 19.77 19.02 -40.93
C PRO C 390 19.11 20.07 -41.82
N ASP C 391 17.80 20.02 -41.95
CA ASP C 391 17.11 21.14 -42.62
C ASP C 391 17.11 22.42 -41.78
N LYS C 392 17.83 22.47 -40.65
CA LYS C 392 17.93 23.64 -39.81
C LYS C 392 19.12 24.53 -40.13
N ALA C 393 19.95 24.16 -41.11
CA ALA C 393 21.09 24.98 -41.47
C ALA C 393 20.69 26.33 -42.04
N ILE C 394 19.43 26.47 -42.46
CA ILE C 394 18.95 27.76 -42.98
C ILE C 394 19.04 28.82 -41.89
N ASP C 395 18.63 28.49 -40.67
CA ASP C 395 18.72 29.45 -39.57
C ASP C 395 20.16 29.81 -39.27
N LEU C 396 21.06 28.83 -39.32
CA LEU C 396 22.48 29.09 -39.07
C LEU C 396 23.04 30.05 -40.10
N VAL C 397 22.70 29.86 -41.37
CA VAL C 397 23.20 30.79 -42.38
C VAL C 397 22.52 32.15 -42.27
N ASP C 398 21.25 32.18 -41.85
CA ASP C 398 20.53 33.44 -41.74
C ASP C 398 21.08 34.30 -40.61
N GLU C 399 21.55 33.68 -39.53
CA GLU C 399 22.13 34.45 -38.44
C GLU C 399 23.32 35.26 -38.93
N ALA C 400 24.23 34.61 -39.67
CA ALA C 400 25.38 35.33 -40.22
C ALA C 400 24.96 36.35 -41.25
N CYS C 401 23.97 36.00 -42.09
CA CYS C 401 23.50 36.94 -43.11
C CYS C 401 22.94 38.21 -42.47
N ALA C 402 22.26 38.08 -41.33
CA ALA C 402 21.74 39.25 -40.64
C ALA C 402 22.86 40.00 -39.91
N ASN C 403 23.82 39.27 -39.34
CA ASN C 403 24.90 39.92 -38.60
C ASN C 403 25.77 40.78 -39.51
N VAL C 404 26.07 40.29 -40.72
CA VAL C 404 27.02 40.98 -41.57
C VAL C 404 26.48 42.34 -42.01
N ARG C 405 25.16 42.43 -42.23
CA ARG C 405 24.58 43.70 -42.65
C ARG C 405 24.79 44.77 -41.58
N VAL C 406 24.45 44.47 -40.33
CA VAL C 406 24.62 45.43 -39.25
C VAL C 406 26.11 45.72 -39.04
N GLN C 407 26.96 44.71 -39.21
CA GLN C 407 28.39 44.91 -38.96
C GLN C 407 29.01 45.85 -39.98
N LEU C 408 28.67 45.69 -41.27
CA LEU C 408 29.35 46.41 -42.34
C LEU C 408 28.49 47.50 -42.97
N ASP C 409 27.30 47.14 -43.47
CA ASP C 409 26.47 48.14 -44.14
C ASP C 409 26.04 49.23 -43.17
N SER C 410 25.67 48.87 -41.95
CA SER C 410 25.32 49.85 -40.93
C SER C 410 26.60 50.36 -40.27
N GLN C 411 26.46 51.09 -39.18
CA GLN C 411 27.62 51.60 -38.48
C GLN C 411 28.45 50.46 -37.89
N PRO C 412 29.77 50.53 -37.94
CA PRO C 412 30.59 49.48 -37.33
C PRO C 412 30.47 49.48 -35.81
N GLU C 413 30.68 48.31 -35.22
CA GLU C 413 30.56 48.15 -33.78
C GLU C 413 31.87 48.24 -33.03
N GLU C 414 33.01 48.03 -33.72
CA GLU C 414 34.30 48.15 -33.05
C GLU C 414 34.54 49.57 -32.56
N ILE C 415 34.17 50.57 -33.38
CA ILE C 415 34.33 51.95 -32.95
C ILE C 415 33.40 52.27 -31.77
N ASP C 416 32.20 51.68 -31.78
CA ASP C 416 31.29 51.89 -30.66
C ASP C 416 31.84 51.28 -29.37
N ASN C 417 32.43 50.09 -29.46
CA ASN C 417 33.06 49.48 -28.30
C ASN C 417 34.23 50.33 -27.80
N LEU C 418 35.03 50.85 -28.73
CA LEU C 418 36.15 51.71 -28.36
C LEU C 418 35.65 52.97 -27.65
N GLU C 419 34.59 53.58 -28.17
CA GLU C 419 34.03 54.77 -27.53
C GLU C 419 33.45 54.43 -26.16
N ARG C 420 32.82 53.26 -26.02
CA ARG C 420 32.28 52.87 -24.72
C ARG C 420 33.37 52.66 -23.69
N LYS C 421 34.48 52.01 -24.08
CA LYS C 421 35.56 51.85 -23.10
C LYS C 421 36.21 53.20 -22.79
N ARG C 422 36.30 54.09 -23.78
CA ARG C 422 36.79 55.43 -23.49
C ARG C 422 35.88 56.16 -22.51
N ILE C 423 34.57 56.03 -22.66
CA ILE C 423 33.64 56.74 -21.79
C ILE C 423 33.67 56.15 -20.38
N GLN C 424 33.82 54.83 -20.25
CA GLN C 424 33.94 54.27 -18.91
C GLN C 424 35.27 54.64 -18.27
N LEU C 425 36.33 54.77 -19.08
CA LEU C 425 37.58 55.34 -18.59
C LEU C 425 37.35 56.74 -18.04
N GLU C 426 36.69 57.59 -18.81
CA GLU C 426 36.44 58.97 -18.37
C GLU C 426 35.60 58.99 -17.10
N VAL C 427 34.63 58.08 -17.00
CA VAL C 427 33.79 58.01 -15.81
C VAL C 427 34.63 57.65 -14.59
N GLU C 428 35.50 56.64 -14.71
CA GLU C 428 36.26 56.21 -13.55
C GLU C 428 37.42 57.14 -13.21
N HIS C 429 37.89 57.94 -14.18
CA HIS C 429 38.82 59.02 -13.85
C HIS C 429 38.02 60.25 -13.42
N PRO C 535 33.91 32.66 -45.24
CA PRO C 535 33.56 31.42 -44.53
C PRO C 535 33.92 31.45 -43.05
N GLU C 536 34.75 32.42 -42.66
CA GLU C 536 35.12 32.54 -41.26
C GLU C 536 33.98 33.14 -40.43
N GLN C 537 33.11 33.94 -41.05
CA GLN C 537 32.03 34.56 -40.31
C GLN C 537 31.07 33.52 -39.75
N ILE C 538 30.74 32.49 -40.54
CA ILE C 538 29.82 31.46 -40.07
C ILE C 538 30.43 30.61 -38.96
N ALA C 539 31.75 30.64 -38.79
CA ALA C 539 32.36 29.91 -37.69
C ALA C 539 32.15 30.61 -36.36
N GLU C 540 32.05 31.94 -36.37
CA GLU C 540 31.92 32.68 -35.12
C GLU C 540 30.57 32.43 -34.44
N VAL C 541 29.50 32.37 -35.22
CA VAL C 541 28.17 32.20 -34.64
C VAL C 541 28.04 30.84 -33.98
N VAL C 542 28.52 29.78 -34.64
CA VAL C 542 28.45 28.46 -34.02
C VAL C 542 29.39 28.38 -32.83
N SER C 543 30.47 29.16 -32.83
CA SER C 543 31.36 29.19 -31.68
C SER C 543 30.69 29.82 -30.47
N ARG C 544 30.01 30.95 -30.66
CA ARG C 544 29.34 31.62 -29.57
C ARG C 544 28.00 30.96 -29.22
N TRP C 545 27.52 30.04 -30.03
CA TRP C 545 26.24 29.39 -29.74
C TRP C 545 26.36 28.45 -28.55
N THR C 546 27.39 27.59 -28.52
CA THR C 546 27.51 26.60 -27.46
C THR C 546 28.94 26.44 -26.96
N GLY C 547 29.86 27.35 -27.29
CA GLY C 547 31.25 27.17 -26.92
C GLY C 547 32.04 26.45 -27.99
N ILE C 548 32.92 25.53 -27.58
CA ILE C 548 33.71 24.71 -28.50
C ILE C 548 34.43 25.61 -29.50
N PRO C 549 35.49 26.32 -29.10
CA PRO C 549 36.09 27.32 -29.99
C PRO C 549 36.77 26.69 -31.21
N VAL C 550 35.96 26.38 -32.22
CA VAL C 550 36.44 25.77 -33.46
C VAL C 550 36.89 26.85 -34.43
N THR C 551 36.95 28.09 -33.95
CA THR C 551 37.36 29.21 -34.78
C THR C 551 38.78 29.00 -35.29
N ARG C 552 39.16 29.77 -36.31
CA ARG C 552 40.46 29.63 -36.94
C ARG C 552 41.58 29.97 -35.96
N LEU C 553 42.80 29.65 -36.36
CA LEU C 553 43.95 29.63 -35.47
C LEU C 553 44.90 30.76 -35.80
N GLY C 554 45.28 31.54 -34.77
CA GLY C 554 46.17 32.66 -34.93
C GLY C 554 47.50 32.46 -34.22
N GLN C 555 48.33 33.51 -34.30
CA GLN C 555 49.67 33.43 -33.71
C GLN C 555 49.62 33.39 -32.18
N ASN C 556 48.70 34.14 -31.58
CA ASN C 556 48.53 34.08 -30.13
C ASN C 556 48.09 32.70 -29.70
N ASP C 557 47.18 32.07 -30.45
CA ASP C 557 46.81 30.69 -30.17
C ASP C 557 47.99 29.75 -30.36
N LYS C 558 48.83 30.01 -31.37
CA LYS C 558 50.02 29.19 -31.57
C LYS C 558 50.92 29.22 -30.35
N GLU C 559 51.24 30.42 -29.86
CA GLU C 559 52.13 30.52 -28.71
C GLU C 559 51.48 29.98 -27.45
N ARG C 560 50.17 30.17 -27.28
CA ARG C 560 49.49 29.62 -26.12
C ARG C 560 49.52 28.10 -26.12
N LEU C 561 49.27 27.49 -27.28
CA LEU C 561 49.31 26.03 -27.37
C LEU C 561 50.73 25.50 -27.20
N VAL C 562 51.73 26.26 -27.66
CA VAL C 562 53.12 25.84 -27.46
C VAL C 562 53.47 25.87 -25.98
N GLY C 563 53.08 26.93 -25.29
CA GLY C 563 53.42 27.09 -23.88
C GLY C 563 52.44 26.50 -22.89
N LEU C 564 51.41 25.79 -23.36
CA LEU C 564 50.45 25.17 -22.45
C LEU C 564 51.14 24.20 -21.49
N ALA C 565 52.04 23.37 -22.00
CA ALA C 565 52.72 22.39 -21.15
C ALA C 565 53.56 23.10 -20.09
N ASP C 566 54.31 24.12 -20.49
CA ASP C 566 55.14 24.84 -19.53
C ASP C 566 54.30 25.53 -18.47
N ARG C 567 53.18 26.14 -18.88
CA ARG C 567 52.31 26.81 -17.92
C ARG C 567 51.67 25.81 -16.96
N LEU C 568 51.26 24.65 -17.47
CA LEU C 568 50.67 23.63 -16.61
C LEU C 568 51.71 22.94 -15.73
N HIS C 569 53.00 23.09 -16.05
CA HIS C 569 54.06 22.47 -15.28
C HIS C 569 54.45 23.26 -14.03
N GLN C 570 53.57 24.12 -13.52
CA GLN C 570 53.84 24.91 -12.33
C GLN C 570 53.14 24.39 -11.09
N ARG C 571 51.81 24.20 -11.15
CA ARG C 571 51.09 23.70 -9.97
C ARG C 571 51.40 22.24 -9.68
N VAL C 572 51.94 21.51 -10.65
CA VAL C 572 52.31 20.11 -10.48
C VAL C 572 53.81 19.99 -10.72
N VAL C 573 54.50 19.35 -9.77
CA VAL C 573 55.96 19.26 -9.79
C VAL C 573 56.37 17.80 -9.88
N GLY C 574 57.25 17.51 -10.84
CA GLY C 574 57.82 16.18 -10.98
C GLY C 574 56.85 15.09 -11.39
N GLN C 575 55.90 15.41 -12.27
CA GLN C 575 54.92 14.45 -12.79
C GLN C 575 54.85 14.55 -14.30
N ALA C 576 56.02 14.45 -14.95
CA ALA C 576 56.14 14.75 -16.37
C ALA C 576 55.21 13.87 -17.22
N GLU C 577 55.02 12.61 -16.82
CA GLU C 577 54.26 11.68 -17.65
C GLU C 577 52.81 12.13 -17.83
N ALA C 578 52.12 12.37 -16.71
CA ALA C 578 50.72 12.76 -16.78
C ALA C 578 50.54 14.11 -17.45
N VAL C 579 51.43 15.06 -17.14
CA VAL C 579 51.35 16.39 -17.74
C VAL C 579 51.51 16.30 -19.25
N SER C 580 52.51 15.53 -19.70
CA SER C 580 52.71 15.36 -21.14
C SER C 580 51.50 14.69 -21.78
N ALA C 581 50.95 13.66 -21.13
CA ALA C 581 49.81 12.96 -21.71
C ALA C 581 48.62 13.90 -21.90
N VAL C 582 48.27 14.66 -20.86
CA VAL C 582 47.11 15.53 -20.95
C VAL C 582 47.37 16.67 -21.94
N ALA C 583 48.61 17.18 -21.98
CA ALA C 583 48.92 18.27 -22.90
C ALA C 583 48.78 17.82 -24.36
N GLU C 584 49.35 16.65 -24.68
CA GLU C 584 49.23 16.15 -26.04
C GLU C 584 47.78 15.81 -26.38
N ALA C 585 47.01 15.31 -25.41
CA ALA C 585 45.60 15.03 -25.67
C ALA C 585 44.86 16.30 -26.06
N VAL C 586 45.04 17.37 -25.28
CA VAL C 586 44.33 18.62 -25.58
C VAL C 586 44.80 19.19 -26.91
N LEU C 587 46.11 19.18 -27.17
CA LEU C 587 46.62 19.73 -28.42
C LEU C 587 46.09 18.94 -29.62
N ARG C 588 46.07 17.61 -29.52
CA ARG C 588 45.53 16.80 -30.62
C ARG C 588 44.07 17.08 -30.85
N SER C 589 43.28 17.22 -29.77
CA SER C 589 41.86 17.52 -29.93
C SER C 589 41.66 18.87 -30.60
N ARG C 590 42.47 19.87 -30.23
CA ARG C 590 42.28 21.21 -30.78
C ARG C 590 42.77 21.32 -32.21
N ALA C 591 43.80 20.55 -32.59
CA ALA C 591 44.40 20.71 -33.91
C ALA C 591 43.40 20.42 -35.03
N GLY C 592 42.57 19.40 -34.88
CA GLY C 592 41.57 19.06 -35.87
C GLY C 592 41.52 17.60 -36.27
N LEU C 593 42.47 16.78 -35.86
CA LEU C 593 42.48 15.36 -36.18
C LEU C 593 41.73 14.58 -35.11
N GLY C 594 41.88 13.27 -35.12
CA GLY C 594 41.29 12.44 -34.10
C GLY C 594 39.99 11.80 -34.54
N ARG C 595 39.69 10.64 -33.99
CA ARG C 595 38.48 9.93 -34.33
C ARG C 595 37.25 10.68 -33.81
N PRO C 596 36.19 10.79 -34.60
CA PRO C 596 35.00 11.51 -34.14
C PRO C 596 34.05 10.64 -33.33
N GLN C 597 34.54 9.50 -32.85
CA GLN C 597 33.73 8.55 -32.09
C GLN C 597 34.41 8.20 -30.77
N GLN C 598 34.85 9.23 -30.05
CA GLN C 598 35.52 9.04 -28.77
C GLN C 598 35.34 10.31 -27.95
N PRO C 599 35.44 10.20 -26.62
CA PRO C 599 35.33 11.40 -25.77
C PRO C 599 36.62 12.22 -25.72
N THR C 600 37.51 11.99 -26.68
CA THR C 600 38.78 12.73 -26.77
C THR C 600 39.62 12.54 -25.51
N GLY C 601 39.71 11.30 -25.03
CA GLY C 601 40.63 11.06 -23.92
C GLY C 601 39.93 10.55 -22.68
N SER C 602 40.46 9.44 -22.16
CA SER C 602 40.04 8.89 -20.88
C SER C 602 41.28 8.37 -20.18
N PHE C 603 41.38 8.61 -18.88
CA PHE C 603 42.57 8.25 -18.14
C PHE C 603 42.20 7.64 -16.79
N LEU C 604 43.10 6.83 -16.27
CA LEU C 604 42.99 6.27 -14.93
C LEU C 604 44.25 6.63 -14.15
N PHE C 605 44.07 7.24 -12.98
CA PHE C 605 45.18 7.68 -12.15
C PHE C 605 45.30 6.76 -10.94
N LEU C 606 46.48 6.19 -10.76
CA LEU C 606 46.76 5.28 -9.65
C LEU C 606 48.03 5.71 -8.94
N GLY C 607 48.00 5.69 -7.61
CA GLY C 607 49.15 6.05 -6.82
C GLY C 607 48.82 6.18 -5.34
N PRO C 608 49.82 6.59 -4.55
CA PRO C 608 49.60 6.76 -3.11
C PRO C 608 48.62 7.89 -2.79
N THR C 609 48.33 8.09 -1.52
CA THR C 609 47.41 9.14 -1.10
C THR C 609 48.15 10.44 -0.87
N GLY C 610 47.48 11.56 -1.19
CA GLY C 610 48.05 12.87 -0.98
C GLY C 610 49.29 13.15 -1.81
N VAL C 611 49.24 12.84 -3.09
CA VAL C 611 50.36 13.09 -3.99
C VAL C 611 50.05 14.13 -5.05
N GLY C 612 48.78 14.49 -5.24
CA GLY C 612 48.43 15.51 -6.20
C GLY C 612 47.56 15.02 -7.33
N LYS C 613 46.70 14.03 -7.05
CA LYS C 613 45.85 13.47 -8.08
C LYS C 613 44.83 14.49 -8.60
N THR C 614 44.11 15.14 -7.69
CA THR C 614 43.13 16.13 -8.12
C THR C 614 43.73 17.51 -8.34
N GLU C 615 44.97 17.73 -7.89
CA GLU C 615 45.61 19.02 -8.15
C GLU C 615 45.86 19.21 -9.64
N LEU C 616 46.25 18.15 -10.34
CA LEU C 616 46.44 18.25 -11.78
C LEU C 616 45.12 18.58 -12.48
N ALA C 617 44.02 17.95 -12.05
CA ALA C 617 42.72 18.24 -12.63
C ALA C 617 42.32 19.69 -12.38
N LYS C 618 42.54 20.18 -11.17
CA LYS C 618 42.20 21.57 -10.85
C LYS C 618 43.02 22.54 -11.69
N ALA C 619 44.33 22.29 -11.81
CA ALA C 619 45.19 23.17 -12.61
C ALA C 619 44.79 23.13 -14.08
N LEU C 620 44.47 21.96 -14.60
CA LEU C 620 44.04 21.85 -15.99
C LEU C 620 42.74 22.62 -16.21
N ALA C 621 41.78 22.49 -15.29
CA ALA C 621 40.53 23.22 -15.42
C ALA C 621 40.76 24.72 -15.38
N GLU C 622 41.64 25.18 -14.50
CA GLU C 622 41.92 26.61 -14.43
C GLU C 622 42.62 27.11 -15.69
N GLN C 623 43.49 26.30 -16.27
CA GLN C 623 44.24 26.75 -17.43
C GLN C 623 43.40 26.73 -18.70
N LEU C 624 42.53 25.73 -18.85
CA LEU C 624 41.76 25.61 -20.09
C LEU C 624 40.83 26.80 -20.29
N PHE C 625 40.16 27.24 -19.24
CA PHE C 625 39.22 28.36 -19.29
C PHE C 625 39.35 29.19 -18.02
N ASP C 626 38.92 30.44 -18.10
CA ASP C 626 39.12 31.39 -17.02
C ASP C 626 38.37 31.02 -15.75
N ASP C 627 37.42 30.09 -15.80
CA ASP C 627 36.71 29.68 -14.60
C ASP C 627 37.64 28.89 -13.69
N GLU C 628 37.23 28.78 -12.42
CA GLU C 628 38.02 28.09 -11.41
C GLU C 628 37.33 26.87 -10.83
N ASN C 629 36.00 26.81 -10.80
CA ASN C 629 35.27 25.70 -10.21
C ASN C 629 34.13 25.25 -11.11
N LEU C 630 34.27 25.42 -12.42
CA LEU C 630 33.22 24.98 -13.34
C LEU C 630 33.19 23.46 -13.47
N LEU C 631 34.31 22.78 -13.17
CA LEU C 631 34.36 21.33 -13.27
C LEU C 631 33.34 20.70 -12.33
N VAL C 632 32.76 19.58 -12.77
CA VAL C 632 31.71 18.89 -12.03
C VAL C 632 32.34 17.72 -11.29
N ARG C 633 32.08 17.64 -9.99
CA ARG C 633 32.58 16.57 -9.14
C ARG C 633 31.48 15.56 -8.92
N ILE C 634 31.76 14.30 -9.25
CA ILE C 634 30.82 13.21 -9.08
C ILE C 634 31.42 12.19 -8.13
N ASP C 635 30.71 11.90 -7.05
CA ASP C 635 31.15 10.93 -6.05
C ASP C 635 30.07 9.87 -5.89
N MET C 636 30.50 8.61 -5.78
CA MET C 636 29.58 7.48 -5.63
C MET C 636 29.69 6.80 -4.28
N SER C 637 30.25 7.50 -3.28
CA SER C 637 30.35 6.92 -1.94
C SER C 637 28.99 6.56 -1.35
N GLU C 638 27.93 7.20 -1.82
CA GLU C 638 26.57 6.87 -1.41
C GLU C 638 25.82 6.04 -2.47
N TYR C 639 26.55 5.49 -3.43
CA TYR C 639 25.98 4.70 -4.52
C TYR C 639 26.32 3.22 -4.34
N MET C 640 26.39 2.75 -3.09
CA MET C 640 26.72 1.36 -2.84
C MET C 640 25.66 0.42 -3.36
N GLU C 641 24.38 0.77 -3.18
CA GLU C 641 23.28 -0.06 -3.64
C GLU C 641 22.91 0.31 -5.08
N GLN C 642 22.56 -0.71 -5.87
CA GLN C 642 22.24 -0.50 -7.27
C GLN C 642 20.95 0.27 -7.50
N HIS C 643 20.15 0.48 -6.45
CA HIS C 643 18.90 1.22 -6.62
C HIS C 643 19.12 2.71 -6.88
N SER C 644 20.37 3.18 -6.87
CA SER C 644 20.69 4.57 -7.15
C SER C 644 20.95 4.83 -8.63
N VAL C 645 20.78 3.84 -9.49
CA VAL C 645 20.90 4.07 -10.92
C VAL C 645 19.86 5.08 -11.39
N ALA C 646 18.64 4.99 -10.85
CA ALA C 646 17.57 5.89 -11.25
C ALA C 646 17.88 7.34 -10.91
N ARG C 647 18.75 7.61 -9.94
CA ARG C 647 19.16 8.97 -9.65
C ARG C 647 20.47 9.36 -10.30
N LEU C 648 21.36 8.40 -10.56
CA LEU C 648 22.56 8.70 -11.34
C LEU C 648 22.20 9.09 -12.76
N ILE C 649 21.25 8.37 -13.37
CA ILE C 649 20.84 8.61 -14.73
C ILE C 649 19.41 9.16 -14.73
N GLY C 650 18.96 9.62 -15.90
CA GLY C 650 17.60 10.10 -16.03
C GLY C 650 16.57 9.06 -15.66
N ALA C 651 15.85 9.30 -14.57
CA ALA C 651 14.87 8.33 -14.09
C ALA C 651 13.69 8.26 -15.05
N PRO C 652 13.05 7.09 -15.17
CA PRO C 652 11.85 6.99 -15.99
C PRO C 652 10.74 7.83 -15.41
N PRO C 653 9.85 8.34 -16.26
CA PRO C 653 8.72 9.15 -15.76
C PRO C 653 7.57 8.28 -15.29
N GLY C 654 7.83 6.99 -15.07
CA GLY C 654 6.81 6.03 -14.74
C GLY C 654 5.98 6.33 -13.52
N TYR C 655 6.61 6.39 -12.34
CA TYR C 655 5.84 6.49 -11.11
C TYR C 655 5.26 7.89 -10.92
N VAL C 656 6.11 8.90 -10.75
CA VAL C 656 5.62 10.26 -10.57
C VAL C 656 6.29 11.20 -11.56
N GLY C 657 7.48 10.83 -12.04
CA GLY C 657 8.20 11.66 -12.99
C GLY C 657 8.52 13.05 -12.48
N HIS C 658 8.84 13.18 -11.20
CA HIS C 658 9.13 14.48 -10.59
C HIS C 658 10.61 14.73 -10.39
N GLU C 659 11.39 13.70 -10.04
CA GLU C 659 12.83 13.82 -9.85
C GLU C 659 13.60 13.41 -11.10
N GLU C 660 13.04 13.69 -12.28
CA GLU C 660 13.63 13.23 -13.53
C GLU C 660 15.03 13.78 -13.76
N GLY C 661 15.39 14.88 -13.12
CA GLY C 661 16.73 15.42 -13.26
C GLY C 661 17.78 14.50 -12.68
N GLY C 662 18.56 13.85 -13.55
CA GLY C 662 19.58 12.93 -13.12
C GLY C 662 20.85 13.63 -12.70
N GLN C 663 21.85 12.81 -12.33
CA GLN C 663 23.13 13.36 -11.91
C GLN C 663 23.94 13.87 -13.08
N LEU C 664 23.85 13.22 -14.23
CA LEU C 664 24.65 13.53 -15.40
C LEU C 664 23.78 13.89 -16.60
N THR C 665 22.69 14.62 -16.37
CA THR C 665 21.78 14.98 -17.45
C THR C 665 21.75 16.48 -17.70
N GLU C 666 21.46 17.30 -16.70
CA GLU C 666 21.31 18.74 -16.93
C GLU C 666 22.64 19.48 -16.91
N GLN C 667 23.64 18.98 -16.19
CA GLN C 667 24.92 19.68 -16.10
C GLN C 667 25.59 19.76 -17.47
N VAL C 668 25.59 18.66 -18.22
CA VAL C 668 26.20 18.65 -19.54
C VAL C 668 25.33 19.33 -20.58
N ARG C 669 24.02 19.41 -20.37
CA ARG C 669 23.15 20.14 -21.28
C ARG C 669 23.44 21.63 -21.20
N ARG C 670 23.39 22.31 -22.35
CA ARG C 670 23.74 23.70 -22.51
C ARG C 670 25.18 24.00 -22.11
N ARG C 671 26.00 22.97 -21.92
CA ARG C 671 27.41 23.13 -21.59
C ARG C 671 28.14 21.83 -21.89
N PRO C 672 28.47 21.57 -23.15
CA PRO C 672 29.11 20.30 -23.52
C PRO C 672 30.64 20.32 -23.51
N TYR C 673 31.27 21.40 -23.06
CA TYR C 673 32.72 21.49 -23.02
C TYR C 673 33.28 21.30 -21.62
N SER C 674 32.47 20.83 -20.68
CA SER C 674 32.89 20.73 -19.29
C SER C 674 33.86 19.56 -19.11
N VAL C 675 34.46 19.50 -17.93
CA VAL C 675 35.36 18.41 -17.54
C VAL C 675 34.70 17.66 -16.40
N ILE C 676 34.52 16.35 -16.58
CA ILE C 676 33.83 15.51 -15.61
C ILE C 676 34.87 14.68 -14.87
N LEU C 677 34.83 14.72 -13.54
CA LEU C 677 35.82 14.08 -12.70
C LEU C 677 35.14 13.04 -11.82
N PHE C 678 35.69 11.82 -11.78
CA PHE C 678 35.21 10.76 -10.94
C PHE C 678 36.05 10.72 -9.66
N ASP C 679 35.81 9.71 -8.82
CA ASP C 679 36.55 9.55 -7.58
C ASP C 679 36.35 8.17 -6.98
N GLU C 680 37.44 7.53 -6.53
CA GLU C 680 37.45 6.19 -5.94
C GLU C 680 36.46 5.25 -6.64
N VAL C 681 36.70 5.07 -7.96
CA VAL C 681 35.78 4.33 -8.81
C VAL C 681 35.59 2.90 -8.34
N GLU C 682 36.59 2.33 -7.66
CA GLU C 682 36.51 0.92 -7.28
C GLU C 682 35.41 0.66 -6.27
N LYS C 683 35.14 1.62 -5.38
CA LYS C 683 34.20 1.38 -4.28
C LYS C 683 32.75 1.23 -4.75
N ALA C 684 32.46 1.55 -6.00
CA ALA C 684 31.09 1.45 -6.49
C ALA C 684 30.69 -0.02 -6.70
N HIS C 685 29.39 -0.24 -6.77
CA HIS C 685 28.87 -1.56 -7.13
C HIS C 685 29.16 -1.85 -8.59
N VAL C 686 29.11 -3.14 -8.94
CA VAL C 686 29.38 -3.55 -10.31
C VAL C 686 28.30 -3.02 -11.25
N ALA C 687 27.03 -3.12 -10.83
CA ALA C 687 25.92 -2.75 -11.70
C ALA C 687 25.93 -1.26 -12.04
N VAL C 688 26.18 -0.41 -11.04
CA VAL C 688 26.15 1.04 -11.29
C VAL C 688 27.30 1.45 -12.21
N PHE C 689 28.47 0.85 -12.03
CA PHE C 689 29.62 1.17 -12.84
C PHE C 689 29.54 0.57 -14.24
N ASN C 690 28.77 -0.50 -14.43
CA ASN C 690 28.65 -1.16 -15.72
C ASN C 690 27.65 -0.48 -16.66
N THR C 691 27.26 0.77 -16.36
CA THR C 691 26.37 1.51 -17.23
C THR C 691 27.06 2.58 -18.06
N LEU C 692 28.33 2.86 -17.78
CA LEU C 692 29.09 3.83 -18.55
C LEU C 692 30.02 3.18 -19.56
N LEU C 693 29.87 1.88 -19.80
CA LEU C 693 30.66 1.23 -20.85
C LEU C 693 30.24 1.73 -22.23
N GLN C 694 28.95 1.96 -22.44
CA GLN C 694 28.46 2.35 -23.76
C GLN C 694 29.02 3.71 -24.18
N VAL C 695 29.06 4.69 -23.26
CA VAL C 695 29.57 6.00 -23.62
C VAL C 695 31.06 5.94 -23.94
N LEU C 696 31.83 5.20 -23.13
CA LEU C 696 33.25 5.01 -23.45
C LEU C 696 33.45 4.24 -24.74
N ASP C 697 32.46 3.47 -25.17
CA ASP C 697 32.59 2.73 -26.42
C ASP C 697 32.51 3.66 -27.63
N ASP C 698 31.38 4.34 -27.78
CA ASP C 698 31.16 5.16 -28.97
C ASP C 698 30.45 6.49 -28.66
N GLY C 699 30.45 6.93 -27.41
CA GLY C 699 29.76 8.16 -27.06
C GLY C 699 28.26 7.97 -27.01
N ARG C 700 27.57 9.07 -26.71
CA ARG C 700 26.11 9.13 -26.62
C ARG C 700 25.58 8.29 -25.47
N LEU C 701 24.39 8.63 -24.98
CA LEU C 701 23.78 7.93 -23.87
C LEU C 701 22.29 8.26 -23.83
N THR C 702 21.48 7.27 -23.48
CA THR C 702 20.03 7.41 -23.45
C THR C 702 19.55 7.37 -22.00
N ASP C 703 18.71 8.34 -21.64
CA ASP C 703 18.13 8.44 -20.32
C ASP C 703 16.70 7.90 -20.33
N GLY C 704 15.99 8.10 -19.21
CA GLY C 704 14.64 7.56 -19.10
C GLY C 704 13.68 8.11 -20.14
N GLN C 705 13.77 9.41 -20.41
CA GLN C 705 12.88 10.02 -21.39
C GLN C 705 13.23 9.63 -22.83
N GLY C 706 14.36 8.98 -23.04
CA GLY C 706 14.79 8.60 -24.38
C GLY C 706 15.64 9.62 -25.10
N ARG C 707 15.87 10.80 -24.50
CA ARG C 707 16.74 11.79 -25.13
C ARG C 707 18.17 11.29 -25.17
N THR C 708 18.88 11.69 -26.23
CA THR C 708 20.25 11.26 -26.47
C THR C 708 21.17 12.43 -26.15
N VAL C 709 21.93 12.30 -25.06
CA VAL C 709 22.93 13.29 -24.70
C VAL C 709 24.28 12.86 -25.27
N ASP C 710 25.02 13.82 -25.80
CA ASP C 710 26.27 13.53 -26.51
C ASP C 710 27.46 13.85 -25.62
N PHE C 711 28.28 12.84 -25.34
CA PHE C 711 29.58 13.05 -24.71
C PHE C 711 30.66 12.98 -25.78
N ARG C 712 30.74 14.06 -26.57
CA ARG C 712 31.66 14.11 -27.70
C ARG C 712 32.80 15.09 -27.51
N ASN C 713 32.84 15.84 -26.40
CA ASN C 713 33.92 16.77 -26.17
C ASN C 713 34.38 16.84 -24.72
N THR C 714 33.80 16.03 -23.83
CA THR C 714 34.14 16.10 -22.41
C THR C 714 35.29 15.14 -22.10
N VAL C 715 36.23 15.61 -21.28
CA VAL C 715 37.42 14.84 -20.93
C VAL C 715 37.10 14.03 -19.68
N ILE C 716 36.72 12.76 -19.87
CA ILE C 716 36.41 11.88 -18.76
C ILE C 716 37.72 11.47 -18.09
N ILE C 717 37.79 11.64 -16.77
CA ILE C 717 39.00 11.35 -16.00
C ILE C 717 38.60 10.75 -14.67
N MET C 718 39.22 9.62 -14.31
CA MET C 718 38.90 8.89 -13.09
C MET C 718 40.17 8.70 -12.25
N THR C 719 39.98 8.18 -11.04
CA THR C 719 41.10 7.93 -10.14
C THR C 719 40.70 6.85 -9.14
N SER C 720 41.71 6.21 -8.55
CA SER C 720 41.47 5.16 -7.58
C SER C 720 42.70 5.02 -6.69
N ASN C 721 42.47 4.41 -5.52
CA ASN C 721 43.51 4.26 -4.50
C ASN C 721 44.05 2.84 -4.41
N LEU C 722 43.73 1.98 -5.37
CA LEU C 722 44.19 0.60 -5.32
C LEU C 722 45.70 0.52 -5.50
N GLY C 723 46.29 -0.54 -4.93
CA GLY C 723 47.71 -0.78 -5.11
C GLY C 723 48.62 0.20 -4.40
N ALA C 724 48.11 0.88 -3.37
CA ALA C 724 48.96 1.83 -2.65
C ALA C 724 50.02 1.12 -1.82
N GLU C 725 49.63 0.05 -1.12
CA GLU C 725 50.55 -0.64 -0.22
C GLU C 725 51.72 -1.26 -0.98
N HIS C 726 51.43 -1.92 -2.11
CA HIS C 726 52.50 -2.55 -2.88
C HIS C 726 53.48 -1.51 -3.41
N LEU C 727 53.03 -0.28 -3.65
CA LEU C 727 53.92 0.76 -4.14
C LEU C 727 54.72 1.37 -3.00
N LEU C 728 54.08 1.66 -1.87
CA LEU C 728 54.80 2.29 -0.77
C LEU C 728 55.72 1.32 -0.05
N ALA C 729 55.56 0.00 -0.27
CA ALA C 729 56.49 -0.95 0.30
C ALA C 729 57.90 -0.74 -0.24
N GLY C 730 58.02 -0.47 -1.53
CA GLY C 730 59.31 -0.22 -2.14
C GLY C 730 59.67 1.25 -2.18
N SER C 736 61.96 -3.84 -5.53
CA SER C 736 62.31 -2.83 -6.53
C SER C 736 61.08 -2.12 -7.06
N MET C 737 61.29 -1.07 -7.85
CA MET C 737 60.16 -0.34 -8.43
C MET C 737 59.48 -1.15 -9.53
N LYS C 738 60.26 -1.90 -10.32
CA LYS C 738 59.66 -2.70 -11.40
C LYS C 738 58.73 -3.77 -10.86
N VAL C 739 59.16 -4.48 -9.80
CA VAL C 739 58.30 -5.52 -9.24
C VAL C 739 57.05 -4.92 -8.59
N ALA C 740 57.18 -3.74 -7.98
CA ALA C 740 56.00 -3.07 -7.42
C ALA C 740 55.03 -2.67 -8.51
N ARG C 741 55.54 -2.14 -9.63
CA ARG C 741 54.67 -1.78 -10.74
C ARG C 741 53.98 -3.02 -11.30
N ASP C 742 54.73 -4.12 -11.44
CA ASP C 742 54.13 -5.36 -11.94
C ASP C 742 53.04 -5.86 -10.99
N LEU C 743 53.29 -5.79 -9.67
CA LEU C 743 52.28 -6.21 -8.71
C LEU C 743 51.03 -5.36 -8.81
N VAL C 744 51.19 -4.05 -8.92
CA VAL C 744 50.04 -3.15 -9.03
C VAL C 744 49.25 -3.46 -10.29
N MET C 745 49.96 -3.64 -11.41
CA MET C 745 49.29 -3.91 -12.68
C MET C 745 48.55 -5.23 -12.64
N GLN C 746 49.18 -6.28 -12.10
CA GLN C 746 48.50 -7.58 -12.05
C GLN C 746 47.30 -7.54 -11.11
N GLU C 747 47.42 -6.81 -9.99
CA GLU C 747 46.27 -6.68 -9.09
C GLU C 747 45.12 -5.96 -9.75
N VAL C 748 45.40 -4.85 -10.46
CA VAL C 748 44.31 -4.12 -11.08
C VAL C 748 43.72 -4.91 -12.24
N ARG C 749 44.53 -5.70 -12.94
CA ARG C 749 43.99 -6.57 -13.98
C ARG C 749 43.10 -7.65 -13.39
N ARG C 750 43.51 -8.25 -12.28
CA ARG C 750 42.73 -9.33 -11.69
C ARG C 750 41.44 -8.83 -11.06
N HIS C 751 41.45 -7.63 -10.48
CA HIS C 751 40.25 -7.12 -9.81
C HIS C 751 39.13 -6.86 -10.81
N PHE C 752 39.42 -6.14 -11.89
CA PHE C 752 38.40 -5.77 -12.85
C PHE C 752 38.32 -6.80 -13.99
N ARG C 753 37.24 -6.70 -14.76
CA ARG C 753 37.06 -7.59 -15.89
C ARG C 753 38.10 -7.30 -16.97
N PRO C 754 38.53 -8.33 -17.70
CA PRO C 754 39.59 -8.12 -18.71
C PRO C 754 39.08 -7.45 -19.97
N GLU C 755 37.86 -6.93 -19.94
CA GLU C 755 37.25 -6.27 -21.09
C GLU C 755 37.34 -4.75 -21.00
N LEU C 756 36.90 -4.17 -19.88
CA LEU C 756 36.83 -2.71 -19.78
C LEU C 756 38.21 -2.07 -19.81
N LEU C 757 39.25 -2.80 -19.43
CA LEU C 757 40.60 -2.23 -19.41
C LEU C 757 41.14 -1.97 -20.80
N ASN C 758 40.49 -2.47 -21.85
CA ASN C 758 40.94 -2.18 -23.20
C ASN C 758 40.43 -0.83 -23.70
N ARG C 759 39.32 -0.34 -23.16
CA ARG C 759 38.73 0.90 -23.66
C ARG C 759 39.53 2.12 -23.22
N LEU C 760 40.07 2.09 -21.99
CA LEU C 760 40.76 3.25 -21.44
C LEU C 760 41.97 3.61 -22.30
N ASP C 761 42.09 4.90 -22.61
CA ASP C 761 43.14 5.34 -23.51
C ASP C 761 44.53 5.12 -22.91
N GLU C 762 44.70 5.43 -21.62
CA GLU C 762 46.01 5.31 -21.00
C GLU C 762 45.85 5.20 -19.50
N ILE C 763 46.67 4.36 -18.89
CA ILE C 763 46.75 4.21 -17.44
C ILE C 763 48.15 4.60 -17.00
N VAL C 764 48.24 5.49 -16.01
CA VAL C 764 49.52 5.99 -15.54
C VAL C 764 49.58 5.84 -14.02
N ILE C 765 50.80 5.81 -13.51
CA ILE C 765 51.08 5.64 -12.08
C ILE C 765 51.96 6.78 -11.63
N PHE C 766 51.61 7.40 -10.51
CA PHE C 766 52.34 8.57 -10.03
C PHE C 766 53.59 8.14 -9.27
N ASP C 767 54.73 8.71 -9.65
CA ASP C 767 56.00 8.40 -9.01
C ASP C 767 56.15 9.22 -7.72
N PRO C 768 56.44 8.59 -6.59
CA PRO C 768 56.68 9.35 -5.36
C PRO C 768 57.85 10.31 -5.54
N LEU C 769 57.73 11.47 -4.91
CA LEU C 769 58.66 12.59 -5.10
C LEU C 769 59.89 12.44 -4.21
N SER C 770 60.91 13.25 -4.52
CA SER C 770 62.20 13.23 -3.84
C SER C 770 62.46 14.59 -3.18
N HIS C 771 63.67 14.75 -2.65
CA HIS C 771 63.99 15.90 -1.82
C HIS C 771 63.87 17.22 -2.57
N GLU C 772 64.32 17.25 -3.84
CA GLU C 772 64.21 18.48 -4.61
C GLU C 772 62.76 18.87 -4.85
N GLN C 773 61.91 17.89 -5.18
CA GLN C 773 60.49 18.15 -5.33
C GLN C 773 59.88 18.64 -4.02
N LEU C 774 60.31 18.06 -2.89
CA LEU C 774 59.81 18.51 -1.60
C LEU C 774 60.21 19.95 -1.32
N ARG C 775 61.45 20.32 -1.63
CA ARG C 775 61.87 21.71 -1.44
C ARG C 775 61.05 22.66 -2.32
N LYS C 776 60.82 22.27 -3.57
CA LYS C 776 60.03 23.11 -4.46
C LYS C 776 58.60 23.28 -3.93
N VAL C 777 57.99 22.18 -3.46
CA VAL C 777 56.62 22.29 -2.96
C VAL C 777 56.59 23.09 -1.66
N ALA C 778 57.65 23.01 -0.85
CA ALA C 778 57.71 23.85 0.35
C ALA C 778 57.75 25.32 -0.02
N ARG C 779 58.55 25.68 -1.02
CA ARG C 779 58.57 27.07 -1.47
C ARG C 779 57.21 27.49 -2.01
N LEU C 780 56.55 26.61 -2.76
CA LEU C 780 55.24 26.94 -3.30
C LEU C 780 54.23 27.17 -2.19
N GLN C 781 54.27 26.35 -1.14
CA GLN C 781 53.37 26.53 -0.02
C GLN C 781 53.68 27.81 0.74
N MET C 782 54.96 28.16 0.88
CA MET C 782 55.32 29.42 1.52
C MET C 782 54.81 30.63 0.75
N LYS C 783 54.82 30.55 -0.59
CA LYS C 783 54.43 31.70 -1.39
C LYS C 783 52.98 32.12 -1.12
N ASP C 784 52.11 31.17 -0.79
CA ASP C 784 50.71 31.50 -0.54
C ASP C 784 50.56 32.38 0.69
N VAL C 785 51.13 31.97 1.81
CA VAL C 785 51.05 32.80 3.01
C VAL C 785 51.83 34.10 2.80
N ALA C 786 52.89 34.06 2.00
CA ALA C 786 53.65 35.28 1.72
C ALA C 786 52.77 36.32 1.04
N VAL C 787 52.05 35.92 -0.01
CA VAL C 787 51.19 36.88 -0.71
C VAL C 787 49.99 37.27 0.15
N ARG C 788 49.46 36.34 0.93
CA ARG C 788 48.33 36.67 1.80
C ARG C 788 48.71 37.71 2.83
N LEU C 789 49.92 37.62 3.39
CA LEU C 789 50.38 38.65 4.32
C LEU C 789 50.75 39.94 3.59
N ALA C 790 51.38 39.83 2.42
CA ALA C 790 51.76 41.01 1.65
C ALA C 790 50.56 41.81 1.20
N GLU C 791 49.37 41.19 1.15
CA GLU C 791 48.15 41.96 0.92
C GLU C 791 48.00 43.08 1.94
N ARG C 792 48.49 42.88 3.16
CA ARG C 792 48.48 43.91 4.19
C ARG C 792 49.67 44.85 4.13
N GLY C 793 50.67 44.55 3.30
CA GLY C 793 51.81 45.41 3.13
C GLY C 793 53.07 45.00 3.86
N VAL C 794 53.35 43.70 3.98
CA VAL C 794 54.56 43.21 4.62
C VAL C 794 55.21 42.18 3.69
N ALA C 795 56.50 42.34 3.46
CA ALA C 795 57.23 41.44 2.58
C ALA C 795 57.78 40.25 3.35
N LEU C 796 58.03 39.16 2.62
CA LEU C 796 58.57 37.93 3.18
C LEU C 796 59.84 37.54 2.45
N ALA C 797 60.74 36.88 3.18
CA ALA C 797 61.99 36.38 2.61
C ALA C 797 62.44 35.18 3.44
N VAL C 798 63.03 34.19 2.76
CA VAL C 798 63.48 32.96 3.40
C VAL C 798 64.83 32.57 2.83
N THR C 799 65.46 31.57 3.45
CA THR C 799 66.74 31.04 3.04
C THR C 799 66.64 29.54 2.86
N ASP C 800 67.68 28.95 2.27
CA ASP C 800 67.69 27.52 2.02
C ASP C 800 67.72 26.72 3.32
N ALA C 801 68.45 27.22 4.33
CA ALA C 801 68.52 26.52 5.60
C ALA C 801 67.16 26.44 6.27
N ALA C 802 66.37 27.51 6.18
CA ALA C 802 65.02 27.48 6.74
C ALA C 802 64.18 26.41 6.07
N LEU C 803 64.26 26.30 4.74
CA LEU C 803 63.52 25.26 4.03
C LEU C 803 64.00 23.88 4.47
N ASP C 804 65.31 23.71 4.62
CA ASP C 804 65.86 22.41 5.02
C ASP C 804 65.34 22.01 6.40
N VAL C 805 65.37 22.93 7.36
CA VAL C 805 64.93 22.57 8.71
C VAL C 805 63.42 22.36 8.75
N ILE C 806 62.66 23.17 8.02
CA ILE C 806 61.21 22.97 7.94
C ILE C 806 60.91 21.58 7.40
N LEU C 807 61.62 21.18 6.35
CA LEU C 807 61.41 19.88 5.74
C LEU C 807 61.86 18.74 6.64
N SER C 808 62.95 18.93 7.38
CA SER C 808 63.49 17.85 8.18
C SER C 808 62.69 17.60 9.45
N LEU C 809 62.11 18.66 10.03
CA LEU C 809 61.45 18.51 11.32
C LEU C 809 60.14 17.75 11.22
N SER C 810 59.39 17.92 10.12
CA SER C 810 58.01 17.49 10.04
C SER C 810 57.72 16.75 8.74
N TYR C 811 58.58 15.80 8.38
CA TYR C 811 58.39 15.01 7.17
C TYR C 811 58.03 13.56 7.52
N ASP C 812 57.01 13.05 6.84
CA ASP C 812 56.63 11.64 6.90
C ASP C 812 56.49 11.13 5.48
N PRO C 813 57.21 10.07 5.10
CA PRO C 813 57.14 9.60 3.70
C PRO C 813 55.77 9.10 3.30
N VAL C 814 54.99 8.56 4.23
CA VAL C 814 53.73 7.91 3.85
C VAL C 814 52.70 8.94 3.40
N TYR C 815 52.57 10.03 4.15
CA TYR C 815 51.43 10.93 3.98
C TYR C 815 51.61 11.95 2.86
N GLY C 816 52.82 12.13 2.33
CA GLY C 816 53.01 12.99 1.18
C GLY C 816 53.41 14.42 1.51
N ALA C 817 52.44 15.34 1.46
CA ALA C 817 52.74 16.75 1.60
C ALA C 817 51.83 17.51 2.56
N ARG C 818 50.72 16.93 3.02
CA ARG C 818 49.84 17.64 3.94
C ARG C 818 50.51 18.03 5.25
N PRO C 819 51.28 17.17 5.93
CA PRO C 819 51.88 17.59 7.21
C PRO C 819 52.77 18.81 7.08
N ILE C 820 53.44 19.00 5.94
CA ILE C 820 54.26 20.20 5.76
C ILE C 820 53.40 21.45 5.89
N ARG C 821 52.28 21.49 5.17
CA ARG C 821 51.40 22.65 5.25
C ARG C 821 50.83 22.82 6.64
N ARG C 822 50.40 21.72 7.27
CA ARG C 822 49.81 21.83 8.60
C ARG C 822 50.81 22.41 9.59
N TRP C 823 52.05 21.90 9.58
CA TRP C 823 53.06 22.37 10.51
C TRP C 823 53.42 23.83 10.24
N ILE C 824 53.68 24.18 8.98
CA ILE C 824 54.10 25.54 8.67
C ILE C 824 53.02 26.53 9.05
N GLU C 825 51.76 26.22 8.76
CA GLU C 825 50.67 27.10 9.19
C GLU C 825 50.65 27.21 10.70
N LYS C 826 50.42 26.09 11.39
CA LYS C 826 50.15 26.13 12.82
C LYS C 826 51.29 26.70 13.63
N ARG C 827 52.51 26.76 13.08
CA ARG C 827 53.60 27.45 13.77
C ARG C 827 53.76 28.89 13.31
N VAL C 828 54.05 29.09 12.02
CA VAL C 828 54.47 30.41 11.55
C VAL C 828 53.32 31.41 11.64
N VAL C 829 52.11 31.01 11.22
CA VAL C 829 51.03 31.98 11.20
C VAL C 829 50.67 32.42 12.61
N THR C 830 50.60 31.47 13.56
CA THR C 830 50.25 31.86 14.91
C THR C 830 51.35 32.71 15.54
N GLN C 831 52.62 32.40 15.27
CA GLN C 831 53.70 33.21 15.83
C GLN C 831 53.64 34.64 15.29
N LEU C 832 53.46 34.76 13.97
CA LEU C 832 53.41 36.09 13.36
C LEU C 832 52.20 36.88 13.84
N SER C 833 51.04 36.23 13.95
CA SER C 833 49.85 36.92 14.42
C SER C 833 50.01 37.38 15.87
N LYS C 834 50.58 36.53 16.72
CA LYS C 834 50.79 36.91 18.12
C LYS C 834 51.77 38.07 18.22
N MET C 835 52.83 38.05 17.42
CA MET C 835 53.80 39.15 17.50
C MET C 835 53.25 40.42 16.88
N LEU C 836 52.32 40.30 15.92
CA LEU C 836 51.69 41.47 15.34
C LEU C 836 50.64 42.08 16.26
N ILE C 837 49.99 41.26 17.09
CA ILE C 837 48.91 41.77 17.93
C ILE C 837 49.44 42.78 18.94
N GLN C 838 50.73 42.73 19.25
CA GLN C 838 51.35 43.66 20.18
C GLN C 838 51.93 44.89 19.47
N GLU C 839 51.52 45.14 18.22
CA GLU C 839 51.93 46.32 17.47
C GLU C 839 53.45 46.39 17.33
N GLU C 840 54.04 45.27 16.93
CA GLU C 840 55.47 45.22 16.63
C GLU C 840 55.77 45.33 15.14
N ILE C 841 54.76 45.57 14.32
CA ILE C 841 54.93 45.73 12.88
C ILE C 841 54.44 47.11 12.48
N ASP C 842 55.26 47.82 11.72
CA ASP C 842 54.89 49.06 11.07
C ASP C 842 54.96 48.87 9.56
N GLU C 843 54.56 49.89 8.82
CA GLU C 843 54.60 49.82 7.36
C GLU C 843 56.05 49.77 6.88
N ASN C 844 56.25 49.15 5.71
CA ASN C 844 57.57 49.01 5.09
C ASN C 844 58.53 48.26 6.02
N CYS C 845 58.06 47.15 6.58
CA CYS C 845 58.86 46.31 7.45
C CYS C 845 58.90 44.90 6.88
N THR C 846 60.10 44.34 6.79
CA THR C 846 60.32 43.02 6.21
C THR C 846 60.82 42.07 7.28
N VAL C 847 60.21 40.90 7.36
CA VAL C 847 60.60 39.87 8.33
C VAL C 847 61.55 38.90 7.66
N TYR C 848 62.54 38.43 8.44
CA TYR C 848 63.52 37.47 7.95
C TYR C 848 63.52 36.25 8.85
N ILE C 849 63.57 35.07 8.25
CA ILE C 849 63.56 33.81 8.97
C ILE C 849 64.83 33.04 8.64
N ASP C 850 65.64 32.78 9.66
CA ASP C 850 66.87 32.02 9.49
C ASP C 850 66.97 30.99 10.61
N ALA C 851 67.77 29.95 10.35
CA ALA C 851 67.96 28.89 11.33
C ALA C 851 68.79 29.39 12.50
N ALA C 852 68.62 28.72 13.65
CA ALA C 852 69.36 29.07 14.86
C ALA C 852 70.57 28.18 15.05
N GLU C 857 66.49 26.23 15.40
CA GLU C 857 65.08 26.35 15.02
C GLU C 857 64.87 27.55 14.11
N LEU C 858 64.10 28.53 14.59
CA LEU C 858 63.77 29.71 13.81
C LEU C 858 64.04 30.97 14.62
N ALA C 859 64.49 32.01 13.93
CA ALA C 859 64.74 33.32 14.54
C ALA C 859 64.04 34.37 13.71
N TYR C 860 63.29 35.25 14.38
CA TYR C 860 62.52 36.30 13.72
C TYR C 860 63.22 37.63 13.92
N ARG C 861 63.48 38.34 12.83
CA ARG C 861 64.12 39.65 12.87
C ARG C 861 63.25 40.65 12.11
N VAL C 862 63.00 41.79 12.73
CA VAL C 862 62.17 42.84 12.15
C VAL C 862 63.08 43.97 11.69
N ASP C 863 62.92 44.38 10.43
CA ASP C 863 63.75 45.44 9.86
C ASP C 863 62.95 46.16 8.80
N ASN C 864 63.39 47.38 8.49
CA ASN C 864 62.75 48.18 7.46
C ASN C 864 62.91 47.55 6.08
N THR D 168 -2.42 53.56 -23.44
CA THR D 168 -3.52 54.04 -22.61
C THR D 168 -3.54 53.34 -21.26
N TYR D 169 -3.98 52.08 -21.26
CA TYR D 169 -4.04 51.28 -20.05
C TYR D 169 -2.72 50.58 -19.73
N GLY D 170 -1.74 50.67 -20.62
CA GLY D 170 -0.45 50.05 -20.39
C GLY D 170 0.53 50.96 -19.68
N ARG D 171 1.71 51.13 -20.26
CA ARG D 171 2.73 52.01 -19.68
C ARG D 171 3.78 52.32 -20.74
N ASP D 172 4.04 53.60 -20.96
CA ASP D 172 5.05 54.03 -21.91
C ASP D 172 6.33 54.38 -21.17
N LEU D 173 7.47 54.02 -21.76
CA LEU D 173 8.77 54.19 -21.12
C LEU D 173 9.68 55.17 -21.85
N VAL D 174 9.21 55.78 -22.93
CA VAL D 174 10.04 56.73 -23.68
C VAL D 174 10.26 58.00 -22.85
N GLU D 175 9.20 58.50 -22.21
CA GLU D 175 9.30 59.76 -21.48
C GLU D 175 9.97 59.60 -20.12
N GLN D 176 10.12 58.38 -19.62
CA GLN D 176 10.71 58.14 -18.31
C GLN D 176 12.24 58.07 -18.35
N ALA D 177 12.83 58.13 -19.54
CA ALA D 177 14.29 58.04 -19.65
C ALA D 177 14.99 59.24 -19.03
N GLY D 178 14.32 60.39 -19.00
CA GLY D 178 14.93 61.58 -18.45
C GLY D 178 15.13 61.54 -16.95
N LYS D 179 14.34 60.74 -16.23
CA LYS D 179 14.42 60.67 -14.78
C LYS D 179 14.55 59.24 -14.26
N LEU D 180 14.79 58.26 -15.13
CA LEU D 180 15.06 56.91 -14.70
C LEU D 180 16.54 56.75 -14.36
N ASP D 181 16.84 55.78 -13.50
CA ASP D 181 18.20 55.57 -13.05
C ASP D 181 19.08 55.09 -14.19
N PRO D 182 20.27 55.68 -14.38
CA PRO D 182 21.15 55.21 -15.44
C PRO D 182 21.65 53.79 -15.20
N VAL D 183 21.86 53.06 -16.29
CA VAL D 183 22.37 51.70 -16.25
C VAL D 183 23.62 51.64 -17.12
N ILE D 184 24.69 51.06 -16.58
CA ILE D 184 25.97 50.97 -17.26
C ILE D 184 26.54 49.56 -17.11
N GLY D 185 27.48 49.23 -17.99
CA GLY D 185 28.18 47.96 -17.90
C GLY D 185 27.42 46.75 -18.40
N ARG D 186 26.54 46.93 -19.39
CA ARG D 186 25.73 45.84 -19.94
C ARG D 186 25.77 45.88 -21.47
N ASP D 187 26.98 46.00 -22.03
CA ASP D 187 27.13 46.18 -23.47
C ASP D 187 26.85 44.92 -24.29
N GLU D 188 26.76 43.75 -23.65
CA GLU D 188 26.67 42.50 -24.41
C GLU D 188 25.22 42.12 -24.71
N GLU D 189 24.34 42.19 -23.71
CA GLU D 189 22.97 41.74 -23.91
C GLU D 189 22.20 42.66 -24.84
N ILE D 190 22.49 43.97 -24.80
CA ILE D 190 21.84 44.89 -25.74
C ILE D 190 22.25 44.54 -27.17
N ARG D 191 23.53 44.24 -27.38
CA ARG D 191 23.98 43.82 -28.71
C ARG D 191 23.29 42.53 -29.14
N ARG D 192 23.18 41.57 -28.23
CA ARG D 192 22.51 40.31 -28.58
C ARG D 192 21.06 40.53 -28.96
N VAL D 193 20.35 41.38 -28.20
CA VAL D 193 18.95 41.65 -28.48
C VAL D 193 18.80 42.36 -29.83
N VAL D 194 19.66 43.34 -30.10
CA VAL D 194 19.62 44.02 -31.39
C VAL D 194 19.88 43.03 -32.52
N ARG D 195 20.84 42.12 -32.33
CA ARG D 195 21.14 41.14 -33.36
C ARG D 195 19.97 40.20 -33.63
N ILE D 196 19.30 39.74 -32.58
CA ILE D 196 18.24 38.76 -32.78
C ILE D 196 16.95 39.40 -33.26
N LEU D 197 16.70 40.67 -32.92
CA LEU D 197 15.44 41.30 -33.30
C LEU D 197 15.32 41.53 -34.81
N SER D 198 16.46 41.66 -35.52
CA SER D 198 16.42 41.92 -36.95
C SER D 198 16.29 40.65 -37.78
N ARG D 199 16.31 39.47 -37.15
CA ARG D 199 16.18 38.22 -37.89
C ARG D 199 14.76 38.08 -38.42
N ARG D 200 14.64 37.46 -39.60
CA ARG D 200 13.35 37.34 -40.28
C ARG D 200 12.35 36.56 -39.43
N THR D 201 12.65 35.31 -39.13
CA THR D 201 11.72 34.42 -38.44
C THR D 201 12.30 34.02 -37.09
N LYS D 202 11.39 33.76 -36.13
CA LYS D 202 11.75 33.37 -34.77
C LYS D 202 12.61 34.46 -34.12
N ASN D 203 12.00 35.63 -33.93
CA ASN D 203 12.68 36.82 -33.45
C ASN D 203 11.98 37.38 -32.22
N ASN D 204 11.75 36.51 -31.23
CA ASN D 204 11.08 36.88 -29.98
C ASN D 204 11.98 36.48 -28.82
N PRO D 205 12.97 37.30 -28.47
CA PRO D 205 13.90 36.92 -27.41
C PRO D 205 13.21 36.82 -26.06
N VAL D 206 13.71 35.91 -25.23
CA VAL D 206 13.22 35.71 -23.87
C VAL D 206 14.43 35.74 -22.94
N LEU D 207 14.38 36.59 -21.92
CA LEU D 207 15.47 36.73 -20.96
C LEU D 207 15.35 35.64 -19.90
N ILE D 208 16.47 34.97 -19.61
CA ILE D 208 16.50 33.89 -18.64
C ILE D 208 17.65 34.15 -17.68
N GLY D 209 17.37 34.07 -16.38
CA GLY D 209 18.40 34.25 -15.38
C GLY D 209 17.79 34.28 -13.99
N GLU D 210 18.67 34.13 -13.00
CA GLU D 210 18.24 34.19 -11.62
C GLU D 210 17.83 35.61 -11.26
N PRO D 211 16.95 35.78 -10.28
CA PRO D 211 16.49 37.13 -9.93
C PRO D 211 17.57 37.93 -9.23
N GLY D 212 17.48 39.24 -9.35
CA GLY D 212 18.42 40.14 -8.71
C GLY D 212 19.66 40.46 -9.53
N VAL D 213 19.63 40.26 -10.84
CA VAL D 213 20.79 40.51 -11.67
C VAL D 213 20.60 41.68 -12.64
N GLY D 214 19.37 42.09 -12.94
CA GLY D 214 19.20 43.28 -13.76
C GLY D 214 18.52 43.09 -15.10
N LYS D 215 17.55 42.18 -15.18
CA LYS D 215 16.80 42.01 -16.43
C LYS D 215 16.04 43.28 -16.79
N THR D 216 15.30 43.82 -15.83
CA THR D 216 14.64 45.10 -16.08
C THR D 216 15.65 46.20 -16.31
N ALA D 217 16.84 46.09 -15.71
CA ALA D 217 17.89 47.09 -15.93
C ALA D 217 18.34 47.10 -17.38
N VAL D 218 18.57 45.91 -17.96
CA VAL D 218 19.00 45.88 -19.36
C VAL D 218 17.86 46.26 -20.29
N VAL D 219 16.61 45.95 -19.92
CA VAL D 219 15.48 46.41 -20.72
C VAL D 219 15.42 47.94 -20.75
N GLU D 220 15.60 48.57 -19.57
CA GLU D 220 15.63 50.02 -19.51
C GLU D 220 16.83 50.59 -20.25
N GLY D 221 17.96 49.88 -20.24
CA GLY D 221 19.10 50.32 -21.01
C GLY D 221 18.81 50.31 -22.50
N LEU D 222 18.14 49.28 -22.98
CA LEU D 222 17.74 49.24 -24.39
C LEU D 222 16.77 50.37 -24.71
N ALA D 223 15.83 50.65 -23.80
CA ALA D 223 14.90 51.76 -24.00
C ALA D 223 15.65 53.09 -24.08
N GLN D 224 16.62 53.30 -23.19
CA GLN D 224 17.41 54.52 -23.26
C GLN D 224 18.20 54.60 -24.56
N ARG D 225 18.72 53.45 -25.02
CA ARG D 225 19.47 53.44 -26.27
C ARG D 225 18.59 53.85 -27.44
N ILE D 226 17.38 53.30 -27.51
CA ILE D 226 16.50 53.63 -28.64
C ILE D 226 16.01 55.07 -28.53
N VAL D 227 15.85 55.58 -27.30
CA VAL D 227 15.46 56.99 -27.13
C VAL D 227 16.58 57.90 -27.63
N ARG D 228 17.82 57.60 -27.25
CA ARG D 228 18.94 58.43 -27.67
C ARG D 228 19.16 58.35 -29.18
N GLY D 229 19.03 57.16 -29.75
CA GLY D 229 19.19 56.98 -31.19
C GLY D 229 20.46 56.25 -31.63
N ASP D 230 21.20 55.65 -30.70
CA ASP D 230 22.40 54.92 -31.08
C ASP D 230 22.08 53.60 -31.77
N VAL D 231 20.84 53.13 -31.68
CA VAL D 231 20.39 51.89 -32.32
C VAL D 231 20.49 52.07 -33.83
N PRO D 232 20.80 51.03 -34.59
CA PRO D 232 20.77 51.14 -36.05
C PRO D 232 19.40 51.60 -36.54
N SER D 233 19.41 52.39 -37.62
CA SER D 233 18.22 53.10 -38.08
C SER D 233 17.11 52.18 -38.54
N ASN D 234 17.38 50.87 -38.59
CA ASN D 234 16.34 49.91 -38.97
C ASN D 234 15.19 49.88 -37.98
N LEU D 235 15.42 50.30 -36.74
CA LEU D 235 14.38 50.33 -35.72
C LEU D 235 14.11 51.76 -35.24
N LEU D 236 14.39 52.75 -36.08
CA LEU D 236 14.16 54.14 -35.70
C LEU D 236 12.68 54.51 -35.70
N ASP D 237 11.81 53.63 -36.19
CA ASP D 237 10.38 53.93 -36.29
C ASP D 237 9.68 52.88 -35.44
N VAL D 238 10.15 52.70 -34.20
CA VAL D 238 9.54 51.78 -33.26
C VAL D 238 9.22 52.54 -31.98
N ARG D 239 8.21 52.05 -31.25
CA ARG D 239 7.81 52.62 -29.98
C ARG D 239 7.63 51.48 -28.99
N LEU D 240 8.21 51.63 -27.80
CA LEU D 240 8.18 50.56 -26.80
C LEU D 240 7.05 50.82 -25.81
N ILE D 241 6.10 49.89 -25.77
CA ILE D 241 4.94 49.93 -24.86
C ILE D 241 5.00 48.71 -23.97
N ALA D 242 4.85 48.92 -22.67
CA ALA D 242 4.82 47.85 -21.70
C ALA D 242 3.37 47.54 -21.29
N LEU D 243 3.18 46.35 -20.73
CA LEU D 243 1.87 45.90 -20.27
C LEU D 243 1.93 45.64 -18.78
N ASP D 244 0.99 46.24 -18.04
CA ASP D 244 0.94 46.12 -16.59
C ASP D 244 -0.28 45.27 -16.22
N MET D 245 -0.03 44.14 -15.55
CA MET D 245 -1.11 43.25 -15.18
C MET D 245 -2.11 43.93 -14.26
N GLY D 246 -1.60 44.59 -13.22
CA GLY D 246 -2.49 45.27 -12.28
C GLY D 246 -3.28 46.40 -12.93
N ALA D 247 -2.63 47.14 -13.83
CA ALA D 247 -3.33 48.21 -14.53
C ALA D 247 -4.44 47.65 -15.42
N LEU D 248 -4.17 46.55 -16.12
CA LEU D 248 -5.19 46.01 -17.02
C LEU D 248 -6.28 45.27 -16.27
N VAL D 249 -6.04 44.83 -15.04
CA VAL D 249 -7.08 44.21 -14.23
C VAL D 249 -7.67 45.23 -13.27
N TYR D 254 -15.79 39.85 -13.93
CA TYR D 254 -16.00 38.65 -14.73
C TYR D 254 -14.79 38.34 -15.61
N ARG D 255 -14.49 37.04 -15.74
CA ARG D 255 -13.38 36.63 -16.60
C ARG D 255 -13.68 36.94 -18.06
N GLY D 256 -14.94 36.88 -18.47
CA GLY D 256 -15.30 37.22 -19.84
C GLY D 256 -14.99 38.67 -20.17
N GLU D 257 -15.28 39.58 -19.24
CA GLU D 257 -14.97 41.00 -19.46
C GLU D 257 -13.47 41.21 -19.59
N PHE D 258 -12.68 40.57 -18.75
CA PHE D 258 -11.23 40.69 -18.84
C PHE D 258 -10.72 40.13 -20.16
N GLU D 259 -11.26 38.98 -20.59
CA GLU D 259 -10.83 38.39 -21.85
C GLU D 259 -11.18 39.27 -23.03
N GLU D 260 -12.40 39.84 -23.05
CA GLU D 260 -12.78 40.69 -24.17
C GLU D 260 -11.99 41.99 -24.16
N ARG D 261 -11.66 42.52 -22.97
CA ARG D 261 -10.85 43.72 -22.90
C ARG D 261 -9.45 43.46 -23.45
N LEU D 262 -8.83 42.34 -23.06
CA LEU D 262 -7.51 42.03 -23.60
C LEU D 262 -7.57 41.79 -25.10
N LYS D 263 -8.61 41.10 -25.58
CA LYS D 263 -8.74 40.87 -27.01
C LYS D 263 -8.88 42.18 -27.77
N ALA D 264 -9.66 43.11 -27.24
CA ALA D 264 -9.73 44.44 -27.83
C ALA D 264 -8.38 45.14 -27.80
N VAL D 265 -7.59 44.91 -26.75
CA VAL D 265 -6.27 45.55 -26.66
C VAL D 265 -5.36 45.05 -27.78
N LEU D 266 -5.26 43.73 -27.95
CA LEU D 266 -4.43 43.23 -29.04
C LEU D 266 -5.06 43.47 -30.41
N LYS D 267 -6.35 43.74 -30.48
CA LYS D 267 -6.94 44.14 -31.76
C LYS D 267 -6.57 45.57 -32.11
N GLU D 268 -6.57 46.46 -31.11
CA GLU D 268 -6.34 47.87 -31.36
C GLU D 268 -4.85 48.22 -31.47
N VAL D 269 -3.95 47.39 -30.91
CA VAL D 269 -2.52 47.68 -31.07
C VAL D 269 -2.07 47.46 -32.51
N GLU D 270 -2.82 46.68 -33.29
CA GLU D 270 -2.44 46.31 -34.64
C GLU D 270 -2.39 47.48 -35.62
N GLU D 271 -2.73 48.70 -35.18
CA GLU D 271 -2.72 49.83 -36.10
C GLU D 271 -1.31 50.16 -36.56
N ALA D 272 -0.30 49.78 -35.78
CA ALA D 272 1.09 50.03 -36.17
C ALA D 272 1.54 49.06 -37.25
N GLU D 273 1.12 47.80 -37.15
CA GLU D 273 1.47 46.76 -38.12
C GLU D 273 2.99 46.57 -38.23
N GLY D 274 3.59 46.18 -37.11
CA GLY D 274 4.99 45.79 -37.07
C GLY D 274 5.96 46.82 -36.57
N LYS D 275 5.52 48.06 -36.29
CA LYS D 275 6.41 49.10 -35.83
C LYS D 275 6.20 49.45 -34.36
N VAL D 276 5.65 48.51 -33.59
CA VAL D 276 5.51 48.68 -32.14
C VAL D 276 6.01 47.40 -31.48
N ILE D 277 6.67 47.55 -30.34
CA ILE D 277 7.27 46.43 -29.61
C ILE D 277 6.57 46.31 -28.26
N LEU D 278 6.13 45.09 -27.94
CA LEU D 278 5.36 44.83 -26.74
C LEU D 278 6.23 44.10 -25.72
N PHE D 279 6.25 44.63 -24.49
CA PHE D 279 7.02 44.07 -23.39
C PHE D 279 6.08 43.53 -22.33
N ILE D 280 6.38 42.33 -21.83
CA ILE D 280 5.58 41.69 -20.79
C ILE D 280 6.53 41.17 -19.71
N ASP D 281 6.21 41.45 -18.46
CA ASP D 281 6.94 40.91 -17.33
C ASP D 281 6.18 39.72 -16.74
N GLU D 282 6.93 38.72 -16.28
CA GLU D 282 6.38 37.49 -15.72
C GLU D 282 5.45 36.81 -16.74
N ILE D 283 6.06 36.40 -17.85
CA ILE D 283 5.29 35.77 -18.93
C ILE D 283 4.69 34.45 -18.48
N HIS D 284 5.43 33.69 -17.66
CA HIS D 284 4.99 32.35 -17.29
C HIS D 284 3.70 32.39 -16.48
N LEU D 285 3.60 33.32 -15.53
CA LEU D 285 2.47 33.33 -14.61
C LEU D 285 1.15 33.56 -15.35
N VAL D 286 1.15 34.44 -16.35
CA VAL D 286 -0.07 34.80 -17.06
C VAL D 286 -0.27 34.00 -18.34
N LEU D 287 0.77 33.34 -18.86
CA LEU D 287 0.66 32.61 -20.13
C LEU D 287 0.62 31.10 -19.90
N GLY D 288 1.57 30.56 -19.15
CA GLY D 288 1.63 29.12 -18.96
C GLY D 288 0.52 28.55 -18.10
N ALA D 289 -0.08 29.39 -17.25
CA ALA D 289 -1.18 28.94 -16.41
C ALA D 289 -2.43 28.67 -17.24
N SER D 295 -6.33 27.24 -12.86
CA SER D 295 -6.01 28.66 -13.08
C SER D 295 -6.67 29.17 -14.35
N MET D 296 -6.35 30.41 -14.72
CA MET D 296 -6.92 31.00 -15.92
C MET D 296 -6.37 30.32 -17.17
N ASP D 297 -7.25 30.12 -18.15
CA ASP D 297 -6.89 29.44 -19.40
C ASP D 297 -6.73 30.49 -20.49
N ALA D 298 -5.47 30.75 -20.87
CA ALA D 298 -5.19 31.70 -21.95
C ALA D 298 -4.15 31.23 -22.94
N ALA D 299 -3.50 30.07 -22.73
CA ALA D 299 -2.46 29.62 -23.64
C ALA D 299 -3.01 29.32 -25.03
N ASN D 300 -4.13 28.59 -25.09
CA ASN D 300 -4.73 28.29 -26.38
C ASN D 300 -5.22 29.54 -27.09
N LEU D 301 -5.72 30.52 -26.32
CA LEU D 301 -6.16 31.77 -26.92
C LEU D 301 -4.99 32.58 -27.45
N PHE D 302 -3.85 32.54 -26.76
CA PHE D 302 -2.68 33.31 -27.17
C PHE D 302 -1.86 32.61 -28.24
N LYS D 303 -2.08 31.32 -28.44
CA LYS D 303 -1.29 30.57 -29.44
C LYS D 303 -1.45 31.08 -30.87
N PRO D 304 -2.68 31.32 -31.40
CA PRO D 304 -2.81 31.54 -32.85
C PRO D 304 -2.06 32.74 -33.40
N MET D 305 -2.33 33.94 -32.89
CA MET D 305 -1.66 35.12 -33.43
C MET D 305 -0.17 35.13 -33.11
N LEU D 306 0.22 34.57 -31.96
CA LEU D 306 1.65 34.49 -31.64
C LEU D 306 2.37 33.60 -32.64
N ALA D 307 1.78 32.46 -33.00
CA ALA D 307 2.36 31.61 -34.04
C ALA D 307 2.32 32.29 -35.40
N ARG D 308 1.28 33.08 -35.66
CA ARG D 308 1.21 33.82 -36.91
C ARG D 308 2.34 34.85 -37.01
N GLY D 309 2.73 35.42 -35.88
CA GLY D 309 3.76 36.44 -35.87
C GLY D 309 3.19 37.83 -36.01
N GLN D 310 2.22 38.17 -35.16
CA GLN D 310 1.56 39.46 -35.27
C GLN D 310 2.52 40.61 -34.94
N LEU D 311 3.27 40.48 -33.85
CA LEU D 311 4.25 41.49 -33.45
C LEU D 311 5.48 40.77 -32.90
N ARG D 312 6.35 41.54 -32.24
CA ARG D 312 7.55 41.02 -31.61
C ARG D 312 7.43 41.20 -30.10
N CYS D 313 7.60 40.11 -29.36
CA CYS D 313 7.38 40.10 -27.92
C CYS D 313 8.69 39.82 -27.19
N ILE D 314 8.83 40.41 -26.01
CA ILE D 314 9.98 40.23 -25.14
C ILE D 314 9.49 39.77 -23.78
N GLY D 315 10.13 38.75 -23.22
CA GLY D 315 9.75 38.20 -21.93
C GLY D 315 10.92 38.22 -20.96
N ALA D 316 10.63 37.75 -19.74
CA ALA D 316 11.63 37.65 -18.69
C ALA D 316 11.15 36.76 -17.56
N THR D 317 11.92 35.74 -17.21
CA THR D 317 11.55 34.81 -16.14
C THR D 317 12.79 34.03 -15.73
N THR D 318 12.67 33.33 -14.60
CA THR D 318 13.75 32.50 -14.10
C THR D 318 13.79 31.17 -14.87
N LEU D 319 14.87 30.42 -14.65
CA LEU D 319 15.07 29.19 -15.41
C LEU D 319 14.19 28.04 -14.90
N GLU D 320 13.85 28.03 -13.62
CA GLU D 320 13.00 26.97 -13.10
C GLU D 320 11.60 27.02 -13.70
N GLU D 321 11.08 28.23 -13.91
CA GLU D 321 9.79 28.37 -14.59
C GLU D 321 9.89 27.80 -16.00
N TYR D 322 11.00 28.06 -16.69
CA TYR D 322 11.21 27.46 -18.01
C TYR D 322 11.27 25.94 -17.91
N ARG D 323 11.79 25.41 -16.81
CA ARG D 323 11.94 23.97 -16.69
C ARG D 323 10.61 23.29 -16.43
N LYS D 324 9.71 23.96 -15.70
CA LYS D 324 8.48 23.31 -15.26
C LYS D 324 7.22 23.77 -15.98
N TYR D 325 7.28 24.80 -16.82
CA TYR D 325 6.08 25.29 -17.48
C TYR D 325 6.12 25.15 -18.99
N VAL D 326 7.19 25.57 -19.65
CA VAL D 326 7.21 25.62 -21.11
C VAL D 326 7.73 24.33 -21.74
N GLU D 327 8.47 23.51 -20.99
CA GLU D 327 9.01 22.28 -21.57
C GLU D 327 7.98 21.16 -21.64
N LYS D 328 6.82 21.31 -21.02
CA LYS D 328 5.79 20.29 -21.06
C LYS D 328 4.89 20.37 -22.28
N ASP D 329 5.08 21.38 -23.13
CA ASP D 329 4.30 21.53 -24.35
C ASP D 329 5.23 21.82 -25.52
N ALA D 330 4.84 21.35 -26.70
CA ALA D 330 5.64 21.50 -27.91
C ALA D 330 5.22 22.70 -28.76
N ALA D 331 4.28 23.52 -28.29
CA ALA D 331 3.79 24.63 -29.10
C ALA D 331 4.68 25.86 -28.97
N PHE D 332 4.98 26.27 -27.74
CA PHE D 332 5.74 27.50 -27.52
C PHE D 332 7.22 27.37 -27.89
N GLU D 333 7.75 26.15 -27.99
CA GLU D 333 9.15 25.98 -28.34
C GLU D 333 9.44 26.33 -29.79
N ARG D 334 8.42 26.52 -30.62
CA ARG D 334 8.65 26.89 -32.02
C ARG D 334 9.36 28.24 -32.12
N ARG D 335 8.94 29.19 -31.30
CA ARG D 335 9.56 30.50 -31.24
C ARG D 335 10.36 30.63 -29.94
N PHE D 336 10.89 31.84 -29.72
CA PHE D 336 11.64 32.20 -28.52
C PHE D 336 13.02 31.56 -28.48
N GLN D 337 14.03 32.36 -28.13
CA GLN D 337 15.41 31.89 -28.03
C GLN D 337 15.98 32.31 -26.69
N GLN D 338 16.83 31.45 -26.13
CA GLN D 338 17.39 31.72 -24.81
C GLN D 338 18.42 32.84 -24.88
N VAL D 339 18.39 33.71 -23.88
CA VAL D 339 19.43 34.70 -23.65
C VAL D 339 19.81 34.62 -22.17
N PHE D 340 21.10 34.42 -21.89
CA PHE D 340 21.57 34.19 -20.55
C PHE D 340 22.24 35.43 -19.99
N VAL D 341 21.84 35.83 -18.78
CA VAL D 341 22.40 36.99 -18.09
C VAL D 341 22.94 36.53 -16.75
N ALA D 342 24.17 36.93 -16.44
CA ALA D 342 24.80 36.58 -15.17
C ALA D 342 25.83 37.65 -14.83
N GLU D 343 26.02 37.87 -13.53
CA GLU D 343 26.94 38.88 -13.02
C GLU D 343 27.83 38.28 -11.95
N PRO D 344 28.87 37.55 -12.35
CA PRO D 344 29.85 37.02 -11.38
C PRO D 344 31.10 37.88 -11.22
N SER D 345 31.19 39.03 -11.88
CA SER D 345 32.43 39.80 -11.93
C SER D 345 32.49 40.74 -10.74
N VAL D 346 33.40 40.47 -9.81
CA VAL D 346 33.65 41.38 -8.70
C VAL D 346 34.15 42.75 -9.16
N PRO D 347 35.14 42.85 -10.06
CA PRO D 347 35.60 44.18 -10.48
C PRO D 347 34.52 45.04 -11.14
N ASP D 348 33.54 44.42 -11.79
CA ASP D 348 32.47 45.19 -12.43
C ASP D 348 31.63 45.91 -11.38
N THR D 349 31.35 45.26 -10.25
CA THR D 349 30.47 45.84 -9.23
C THR D 349 30.99 47.18 -8.74
N ILE D 350 32.32 47.36 -8.73
CA ILE D 350 32.88 48.65 -8.33
C ILE D 350 32.44 49.74 -9.30
N SER D 351 32.43 49.44 -10.60
CA SER D 351 31.97 50.42 -11.59
C SER D 351 30.51 50.77 -11.37
N ILE D 352 29.67 49.77 -11.06
CA ILE D 352 28.26 50.03 -10.81
C ILE D 352 28.10 50.93 -9.58
N LEU D 353 28.88 50.66 -8.53
CA LEU D 353 28.82 51.51 -7.34
C LEU D 353 29.25 52.93 -7.65
N ARG D 354 30.31 53.10 -8.44
CA ARG D 354 30.74 54.44 -8.82
C ARG D 354 29.65 55.15 -9.61
N GLY D 355 28.98 54.43 -10.51
CA GLY D 355 27.92 55.04 -11.30
C GLY D 355 26.73 55.45 -10.47
N LEU D 356 26.33 54.61 -9.51
CA LEU D 356 25.14 54.89 -8.70
C LEU D 356 25.42 55.74 -7.47
N LYS D 357 26.68 56.06 -7.20
CA LYS D 357 27.01 56.88 -6.02
C LYS D 357 26.40 58.26 -6.11
N GLU D 358 26.29 58.83 -7.31
CA GLU D 358 25.90 60.24 -7.45
C GLU D 358 24.48 60.49 -6.95
N LYS D 359 23.55 59.60 -7.28
CA LYS D 359 22.16 59.81 -6.88
C LYS D 359 22.01 59.80 -5.36
N TYR D 360 22.64 58.82 -4.70
CA TYR D 360 22.56 58.75 -3.25
C TYR D 360 23.28 59.93 -2.59
N GLU D 361 24.41 60.35 -3.17
CA GLU D 361 25.11 61.51 -2.64
C GLU D 361 24.25 62.77 -2.73
N GLY D 362 23.57 62.96 -3.86
CA GLY D 362 22.68 64.09 -3.99
C GLY D 362 21.49 64.02 -3.05
N HIS D 363 20.94 62.82 -2.85
CA HIS D 363 19.77 62.68 -1.99
C HIS D 363 20.12 62.92 -0.53
N HIS D 364 21.22 62.35 -0.05
CA HIS D 364 21.58 62.47 1.36
C HIS D 364 22.42 63.70 1.65
N GLY D 365 23.24 64.14 0.70
CA GLY D 365 24.06 65.33 0.89
C GLY D 365 25.10 65.21 1.98
N VAL D 366 25.82 64.09 2.00
CA VAL D 366 26.85 63.86 3.01
C VAL D 366 28.13 63.41 2.33
N ARG D 367 29.26 63.82 2.89
CA ARG D 367 30.56 63.47 2.34
C ARG D 367 30.78 61.96 2.43
N ILE D 368 31.44 61.42 1.40
CA ILE D 368 31.71 59.99 1.31
C ILE D 368 33.20 59.78 1.03
N GLN D 369 33.60 58.51 1.03
CA GLN D 369 34.98 58.13 0.75
C GLN D 369 34.98 56.97 -0.24
N ASP D 370 36.11 56.79 -0.91
CA ASP D 370 36.25 55.73 -1.91
C ASP D 370 36.76 54.43 -1.30
N ARG D 371 37.64 54.51 -0.29
CA ARG D 371 38.11 53.31 0.38
C ARG D 371 36.96 52.56 1.04
N ALA D 372 35.98 53.29 1.58
CA ALA D 372 34.78 52.63 2.10
C ALA D 372 34.04 51.88 0.99
N LEU D 373 33.95 52.48 -0.20
CA LEU D 373 33.26 51.83 -1.30
C LEU D 373 33.97 50.53 -1.70
N VAL D 374 35.28 50.57 -1.86
CA VAL D 374 35.99 49.35 -2.27
C VAL D 374 35.96 48.31 -1.16
N VAL D 375 36.02 48.74 0.11
CA VAL D 375 35.95 47.79 1.22
C VAL D 375 34.59 47.10 1.23
N ALA D 376 33.52 47.86 1.03
CA ALA D 376 32.18 47.25 0.98
C ALA D 376 32.07 46.29 -0.21
N ALA D 377 32.63 46.67 -1.35
CA ALA D 377 32.59 45.79 -2.51
C ALA D 377 33.31 44.48 -2.24
N GLN D 378 34.48 44.55 -1.60
CA GLN D 378 35.24 43.33 -1.30
C GLN D 378 34.53 42.48 -0.24
N LEU D 379 33.94 43.12 0.77
CA LEU D 379 33.38 42.40 1.90
C LEU D 379 32.03 41.77 1.59
N SER D 380 31.23 42.39 0.72
CA SER D 380 29.86 41.93 0.52
C SER D 380 29.77 40.56 -0.12
N ALA D 381 30.85 40.04 -0.70
CA ALA D 381 30.80 38.78 -1.43
C ALA D 381 31.29 37.59 -0.62
N ARG D 382 31.72 37.79 0.62
CA ARG D 382 32.32 36.73 1.41
C ARG D 382 31.53 36.40 2.67
N TYR D 383 31.23 37.40 3.50
CA TYR D 383 30.61 37.12 4.79
C TYR D 383 29.11 36.91 4.67
N ILE D 384 28.38 37.94 4.22
CA ILE D 384 26.94 37.87 4.19
C ILE D 384 26.49 36.90 3.11
N MET D 385 25.83 35.83 3.52
CA MET D 385 25.28 34.83 2.62
C MET D 385 23.82 35.15 2.37
N GLY D 386 23.18 34.32 1.57
CA GLY D 386 21.80 34.54 1.18
C GLY D 386 21.70 35.48 0.00
N ARG D 387 20.47 35.94 -0.24
CA ARG D 387 20.15 36.82 -1.36
C ARG D 387 20.71 36.25 -2.66
N HIS D 388 21.49 37.03 -3.38
CA HIS D 388 22.03 36.58 -4.66
C HIS D 388 23.26 37.40 -5.02
N LEU D 389 23.62 37.37 -6.31
CA LEU D 389 24.83 37.92 -6.91
C LEU D 389 25.17 39.31 -6.40
N PRO D 390 26.45 39.70 -6.41
CA PRO D 390 26.89 40.84 -5.58
C PRO D 390 26.37 42.20 -5.99
N ASP D 391 25.37 42.24 -6.86
CA ASP D 391 24.71 43.52 -7.12
C ASP D 391 23.86 44.01 -5.92
N LYS D 392 23.93 43.35 -4.78
CA LYS D 392 23.20 43.73 -3.57
C LYS D 392 23.98 44.66 -2.65
N ALA D 393 25.23 45.00 -3.01
CA ALA D 393 26.03 45.89 -2.18
C ALA D 393 25.44 47.30 -2.10
N ILE D 394 24.53 47.64 -3.01
CA ILE D 394 23.89 48.95 -2.96
C ILE D 394 23.11 49.11 -1.67
N ASP D 395 22.37 48.07 -1.27
CA ASP D 395 21.63 48.11 -0.02
C ASP D 395 22.57 48.24 1.17
N LEU D 396 23.69 47.52 1.13
CA LEU D 396 24.66 47.58 2.21
C LEU D 396 25.21 49.00 2.37
N VAL D 397 25.53 49.66 1.26
CA VAL D 397 26.03 51.03 1.37
C VAL D 397 24.91 51.99 1.77
N ASP D 398 23.68 51.72 1.34
CA ASP D 398 22.56 52.61 1.67
C ASP D 398 22.22 52.54 3.15
N GLU D 399 22.42 51.39 3.78
CA GLU D 399 22.19 51.30 5.23
C GLU D 399 23.04 52.32 5.97
N ALA D 400 24.35 52.34 5.70
CA ALA D 400 25.24 53.29 6.36
C ALA D 400 24.92 54.72 5.93
N CYS D 401 24.59 54.92 4.65
CA CYS D 401 24.26 56.26 4.18
C CYS D 401 23.06 56.83 4.92
N ALA D 402 22.06 56.00 5.20
CA ALA D 402 20.90 56.46 5.96
C ALA D 402 21.22 56.61 7.44
N ASN D 403 22.07 55.72 7.98
CA ASN D 403 22.39 55.79 9.41
C ASN D 403 23.15 57.06 9.75
N VAL D 404 24.10 57.46 8.90
CA VAL D 404 24.99 58.57 9.25
C VAL D 404 24.20 59.87 9.36
N ARG D 405 23.20 60.06 8.51
CA ARG D 405 22.41 61.29 8.56
C ARG D 405 21.71 61.44 9.90
N VAL D 406 21.02 60.39 10.34
CA VAL D 406 20.33 60.45 11.63
C VAL D 406 21.34 60.58 12.76
N GLN D 407 22.49 59.92 12.64
CA GLN D 407 23.47 59.96 13.72
C GLN D 407 24.06 61.36 13.90
N LEU D 408 24.38 62.04 12.80
CA LEU D 408 25.13 63.29 12.89
C LEU D 408 24.27 64.51 12.54
N ASP D 409 23.65 64.53 11.36
CA ASP D 409 22.87 65.70 10.96
C ASP D 409 21.69 65.93 11.90
N SER D 410 21.00 64.86 12.29
CA SER D 410 19.91 64.96 13.24
C SER D 410 20.48 64.97 14.65
N GLN D 411 19.60 64.84 15.65
CA GLN D 411 20.05 64.84 17.03
C GLN D 411 20.90 63.60 17.31
N PRO D 412 21.97 63.75 18.09
CA PRO D 412 22.79 62.57 18.42
C PRO D 412 22.04 61.61 19.32
N GLU D 413 22.41 60.33 19.22
CA GLU D 413 21.74 59.28 19.98
C GLU D 413 22.46 58.90 21.27
N GLU D 414 23.76 59.21 21.39
CA GLU D 414 24.47 58.90 22.62
C GLU D 414 23.90 59.68 23.81
N ILE D 415 23.58 60.96 23.59
CA ILE D 415 22.99 61.77 24.66
C ILE D 415 21.60 61.25 25.01
N ASP D 416 20.84 60.78 24.00
CA ASP D 416 19.53 60.23 24.27
C ASP D 416 19.63 58.94 25.10
N ASN D 417 20.59 58.08 24.78
CA ASN D 417 20.81 56.88 25.58
C ASN D 417 21.21 57.24 27.00
N LEU D 418 22.10 58.21 27.15
CA LEU D 418 22.55 58.63 28.47
C LEU D 418 21.38 59.17 29.30
N GLU D 419 20.53 60.00 28.70
CA GLU D 419 19.40 60.55 29.44
C GLU D 419 18.35 59.49 29.74
N ARG D 420 18.16 58.52 28.83
CA ARG D 420 17.22 57.44 29.11
C ARG D 420 17.69 56.60 30.29
N LYS D 421 19.00 56.31 30.36
CA LYS D 421 19.49 55.54 31.49
C LYS D 421 19.54 56.36 32.77
N ARG D 422 19.74 57.68 32.67
CA ARG D 422 19.50 58.56 33.81
C ARG D 422 18.05 58.46 34.30
N ILE D 423 17.10 58.44 33.37
CA ILE D 423 15.69 58.34 33.74
C ILE D 423 15.40 57.00 34.42
N GLN D 424 15.98 55.92 33.88
CA GLN D 424 15.83 54.61 34.52
C GLN D 424 16.40 54.61 35.93
N LEU D 425 17.58 55.21 36.11
CA LEU D 425 18.16 55.31 37.45
C LEU D 425 17.24 56.09 38.38
N GLU D 426 16.72 57.22 37.92
CA GLU D 426 15.84 58.03 38.75
C GLU D 426 14.57 57.27 39.12
N VAL D 427 14.04 56.49 38.18
CA VAL D 427 12.86 55.68 38.46
C VAL D 427 13.17 54.64 39.52
N GLU D 428 14.31 53.96 39.39
CA GLU D 428 14.61 52.89 40.33
C GLU D 428 15.02 53.40 41.70
N HIS D 429 15.50 54.63 41.81
CA HIS D 429 15.76 55.22 43.12
C HIS D 429 14.46 55.75 43.73
N PRO D 535 35.58 54.58 6.74
CA PRO D 535 35.41 53.17 6.40
C PRO D 535 35.19 52.29 7.64
N GLU D 536 34.92 52.93 8.78
CA GLU D 536 34.62 52.19 10.00
C GLU D 536 33.13 52.07 10.26
N GLN D 537 32.34 53.05 9.82
CA GLN D 537 30.90 52.97 9.99
C GLN D 537 30.31 51.84 9.14
N ILE D 538 30.88 51.61 7.95
CA ILE D 538 30.36 50.57 7.07
C ILE D 538 30.54 49.19 7.69
N ALA D 539 31.63 48.98 8.42
CA ALA D 539 31.87 47.67 9.01
C ALA D 539 30.90 47.37 10.16
N GLU D 540 30.24 48.38 10.71
CA GLU D 540 29.36 48.14 11.86
C GLU D 540 28.06 47.46 11.44
N VAL D 541 27.48 47.88 10.31
CA VAL D 541 26.18 47.33 9.92
C VAL D 541 26.30 45.86 9.57
N VAL D 542 27.37 45.47 8.87
CA VAL D 542 27.56 44.06 8.56
C VAL D 542 27.82 43.26 9.84
N SER D 543 28.45 43.89 10.83
CA SER D 543 28.67 43.22 12.11
C SER D 543 27.34 42.95 12.83
N ARG D 544 26.48 43.96 12.90
CA ARG D 544 25.20 43.79 13.56
C ARG D 544 24.21 43.00 12.73
N TRP D 545 24.51 42.76 11.45
CA TRP D 545 23.57 42.04 10.59
C TRP D 545 23.49 40.57 10.96
N THR D 546 24.65 39.92 11.14
CA THR D 546 24.66 38.48 11.41
C THR D 546 25.68 38.06 12.47
N GLY D 547 26.24 39.01 13.23
CA GLY D 547 27.29 38.67 14.17
C GLY D 547 28.67 38.79 13.55
N ILE D 548 29.55 37.85 13.86
CA ILE D 548 30.90 37.81 13.29
C ILE D 548 31.59 39.15 13.52
N PRO D 549 32.02 39.47 14.74
CA PRO D 549 32.53 40.81 15.01
C PRO D 549 33.85 41.10 14.29
N VAL D 550 33.75 41.48 13.03
CA VAL D 550 34.90 41.77 12.18
C VAL D 550 35.29 43.23 12.32
N THR D 551 34.64 43.94 13.24
CA THR D 551 34.93 45.35 13.45
C THR D 551 36.36 45.55 13.92
N ARG D 552 36.83 46.78 13.81
CA ARG D 552 38.21 47.10 14.15
C ARG D 552 38.46 46.88 15.64
N LEU D 553 39.66 46.44 15.98
CA LEU D 553 40.00 46.08 17.35
C LEU D 553 40.54 47.28 18.12
N GLY D 554 40.29 47.28 19.42
CA GLY D 554 40.79 48.31 20.32
C GLY D 554 41.63 47.72 21.44
N GLN D 555 41.91 48.56 22.43
CA GLN D 555 42.73 48.13 23.56
C GLN D 555 41.98 47.14 24.44
N ASN D 556 40.66 47.29 24.54
CA ASN D 556 39.86 46.30 25.27
C ASN D 556 39.95 44.93 24.60
N ASP D 557 39.81 44.87 23.27
CA ASP D 557 40.07 43.61 22.59
C ASP D 557 41.50 43.16 22.78
N LYS D 558 42.43 44.11 22.87
CA LYS D 558 43.84 43.77 23.08
C LYS D 558 44.02 42.93 24.32
N GLU D 559 43.64 43.47 25.49
CA GLU D 559 43.92 42.72 26.71
C GLU D 559 42.97 41.54 26.85
N ARG D 560 41.77 41.61 26.26
CA ARG D 560 40.88 40.44 26.27
C ARG D 560 41.52 39.27 25.54
N LEU D 561 42.06 39.51 24.35
CA LEU D 561 42.72 38.44 23.59
C LEU D 561 44.00 38.01 24.26
N VAL D 562 44.69 38.93 24.95
CA VAL D 562 45.89 38.54 25.68
C VAL D 562 45.56 37.58 26.81
N GLY D 563 44.52 37.90 27.60
CA GLY D 563 44.15 37.12 28.76
C GLY D 563 43.12 36.03 28.52
N LEU D 564 42.73 35.78 27.26
CA LEU D 564 41.80 34.69 26.97
C LEU D 564 42.31 33.36 27.51
N ALA D 565 43.59 33.05 27.28
CA ALA D 565 44.13 31.78 27.73
C ALA D 565 44.09 31.67 29.25
N ASP D 566 44.50 32.74 29.95
CA ASP D 566 44.50 32.72 31.40
C ASP D 566 43.08 32.56 31.95
N ARG D 567 42.12 33.26 31.36
CA ARG D 567 40.74 33.15 31.82
C ARG D 567 40.17 31.76 31.55
N LEU D 568 40.49 31.17 30.41
CA LEU D 568 40.04 29.82 30.11
C LEU D 568 40.77 28.76 30.92
N HIS D 569 41.89 29.11 31.54
CA HIS D 569 42.67 28.17 32.33
C HIS D 569 42.14 28.01 33.77
N GLN D 570 40.88 28.33 34.02
CA GLN D 570 40.29 28.22 35.35
C GLN D 570 39.39 27.00 35.50
N ARG D 571 38.40 26.85 34.62
CA ARG D 571 37.50 25.70 34.73
C ARG D 571 38.23 24.40 34.43
N VAL D 572 39.19 24.43 33.52
CA VAL D 572 39.97 23.26 33.14
C VAL D 572 41.34 23.36 33.80
N VAL D 573 41.75 22.29 34.48
CA VAL D 573 42.97 22.29 35.28
C VAL D 573 43.91 21.22 34.72
N GLY D 574 45.16 21.61 34.45
CA GLY D 574 46.18 20.68 34.03
C GLY D 574 45.99 20.05 32.67
N GLN D 575 45.48 20.82 31.71
CA GLN D 575 45.28 20.36 30.33
C GLN D 575 45.86 21.39 29.36
N ALA D 576 47.12 21.76 29.58
CA ALA D 576 47.71 22.89 28.88
C ALA D 576 47.65 22.73 27.37
N GLU D 577 47.80 21.50 26.86
CA GLU D 577 47.88 21.31 25.42
C GLU D 577 46.59 21.72 24.72
N ALA D 578 45.46 21.19 25.17
CA ALA D 578 44.19 21.50 24.53
C ALA D 578 43.83 22.97 24.70
N VAL D 579 44.07 23.52 25.89
CA VAL D 579 43.76 24.93 26.13
C VAL D 579 44.58 25.82 25.19
N SER D 580 45.88 25.52 25.07
CA SER D 580 46.72 26.30 24.17
C SER D 580 46.25 26.18 22.73
N ALA D 581 45.91 24.96 22.30
CA ALA D 581 45.47 24.77 20.92
C ALA D 581 44.22 25.60 20.63
N VAL D 582 43.24 25.54 21.53
CA VAL D 582 41.99 26.27 21.31
C VAL D 582 42.25 27.78 21.32
N ALA D 583 43.06 28.25 22.28
CA ALA D 583 43.32 29.68 22.38
C ALA D 583 44.01 30.20 21.13
N GLU D 584 45.03 29.49 20.64
CA GLU D 584 45.71 29.94 19.44
C GLU D 584 44.80 29.85 18.21
N ALA D 585 43.95 28.83 18.13
CA ALA D 585 43.02 28.77 17.01
C ALA D 585 42.10 29.97 16.98
N VAL D 586 41.51 30.32 18.13
CA VAL D 586 40.59 31.46 18.18
C VAL D 586 41.33 32.76 17.86
N LEU D 587 42.52 32.94 18.44
CA LEU D 587 43.28 34.17 18.20
C LEU D 587 43.66 34.29 16.72
N ARG D 588 44.09 33.20 16.10
CA ARG D 588 44.44 33.23 14.69
C ARG D 588 43.23 33.56 13.83
N SER D 589 42.08 32.98 14.15
CA SER D 589 40.87 33.28 13.38
C SER D 589 40.48 34.75 13.51
N ARG D 590 40.62 35.31 14.72
CA ARG D 590 40.21 36.70 14.93
C ARG D 590 41.20 37.69 14.33
N ALA D 591 42.49 37.32 14.26
CA ALA D 591 43.50 38.28 13.83
C ALA D 591 43.25 38.76 12.40
N GLY D 592 42.90 37.84 11.50
CA GLY D 592 42.61 38.22 10.14
C GLY D 592 43.26 37.33 9.09
N LEU D 593 44.19 36.48 9.52
CA LEU D 593 44.88 35.57 8.63
C LEU D 593 44.07 34.27 8.51
N GLY D 594 44.69 33.25 7.93
CA GLY D 594 44.05 31.96 7.84
C GLY D 594 43.43 31.72 6.48
N ARG D 595 43.39 30.45 6.07
CA ARG D 595 42.82 30.10 4.78
C ARG D 595 41.31 30.31 4.79
N PRO D 596 40.75 30.87 3.73
CA PRO D 596 39.30 31.09 3.67
C PRO D 596 38.48 29.88 3.22
N GLN D 597 39.07 28.69 3.21
CA GLN D 597 38.38 27.48 2.79
C GLN D 597 38.45 26.40 3.88
N GLN D 598 38.30 26.82 5.13
CA GLN D 598 38.39 25.93 6.27
C GLN D 598 37.34 26.32 7.29
N PRO D 599 36.90 25.38 8.13
CA PRO D 599 35.98 25.73 9.22
C PRO D 599 36.69 26.35 10.42
N THR D 600 37.91 26.84 10.21
CA THR D 600 38.70 27.49 11.25
C THR D 600 38.96 26.56 12.43
N GLY D 601 39.29 25.31 12.11
CA GLY D 601 39.72 24.42 13.18
C GLY D 601 38.77 23.26 13.40
N SER D 602 39.34 22.06 13.45
CA SER D 602 38.63 20.85 13.82
C SER D 602 39.55 20.04 14.72
N PHE D 603 38.98 19.43 15.77
CA PHE D 603 39.80 18.73 16.74
C PHE D 603 39.13 17.40 17.10
N LEU D 604 39.96 16.45 17.51
CA LEU D 604 39.50 15.17 18.03
C LEU D 604 40.05 14.98 19.43
N PHE D 605 39.17 14.64 20.37
CA PHE D 605 39.53 14.48 21.77
C PHE D 605 39.45 13.02 22.14
N LEU D 606 40.55 12.47 22.66
CA LEU D 606 40.64 11.07 23.06
C LEU D 606 41.22 10.99 24.46
N GLY D 607 40.58 10.19 25.31
CA GLY D 607 41.04 10.01 26.67
C GLY D 607 40.11 9.17 27.50
N PRO D 608 40.43 9.02 28.79
CA PRO D 608 39.56 8.22 29.68
C PRO D 608 38.21 8.88 29.91
N THR D 609 37.35 8.21 30.67
CA THR D 609 36.03 8.73 30.96
C THR D 609 36.06 9.58 32.22
N GLY D 610 35.22 10.63 32.24
CA GLY D 610 35.14 11.51 33.38
C GLY D 610 36.40 12.30 33.64
N VAL D 611 36.99 12.85 32.58
CA VAL D 611 38.22 13.65 32.70
C VAL D 611 37.96 15.13 32.45
N GLY D 612 36.92 15.49 31.71
CA GLY D 612 36.65 16.88 31.43
C GLY D 612 36.66 17.23 29.95
N LYS D 613 36.26 16.27 29.12
CA LYS D 613 36.25 16.50 27.67
C LYS D 613 35.26 17.60 27.29
N THR D 614 34.03 17.52 27.81
CA THR D 614 33.03 18.52 27.48
C THR D 614 33.09 19.75 28.39
N GLU D 615 33.81 19.67 29.50
CA GLU D 615 33.96 20.84 30.35
C GLU D 615 34.73 21.94 29.64
N LEU D 616 35.76 21.55 28.87
CA LEU D 616 36.50 22.55 28.09
C LEU D 616 35.60 23.21 27.06
N ALA D 617 34.75 22.42 26.38
CA ALA D 617 33.83 23.00 25.42
C ALA D 617 32.85 23.96 26.07
N LYS D 618 32.32 23.57 27.24
CA LYS D 618 31.39 24.45 27.95
C LYS D 618 32.06 25.75 28.38
N ALA D 619 33.28 25.65 28.92
CA ALA D 619 33.99 26.86 29.34
C ALA D 619 34.32 27.75 28.16
N LEU D 620 34.73 27.15 27.03
CA LEU D 620 35.01 27.94 25.84
C LEU D 620 33.76 28.66 25.34
N ALA D 621 32.63 27.95 25.33
CA ALA D 621 31.38 28.58 24.90
C ALA D 621 30.98 29.72 25.82
N GLU D 622 31.16 29.54 27.13
CA GLU D 622 30.83 30.61 28.06
C GLU D 622 31.76 31.80 27.89
N GLN D 623 33.04 31.56 27.60
CA GLN D 623 34.00 32.65 27.49
C GLN D 623 33.85 33.42 26.19
N LEU D 624 33.54 32.72 25.08
CA LEU D 624 33.47 33.39 23.78
C LEU D 624 32.35 34.42 23.75
N PHE D 625 31.19 34.09 24.30
CA PHE D 625 30.05 34.99 24.32
C PHE D 625 29.29 34.80 25.63
N ASP D 626 28.50 35.80 25.99
CA ASP D 626 27.83 35.81 27.28
C ASP D 626 26.81 34.69 27.45
N ASP D 627 26.41 34.02 26.38
CA ASP D 627 25.47 32.91 26.50
C ASP D 627 26.14 31.73 27.18
N GLU D 628 25.29 30.84 27.72
CA GLU D 628 25.76 29.68 28.45
C GLU D 628 25.38 28.34 27.81
N ASN D 629 24.28 28.29 27.07
CA ASN D 629 23.83 27.05 26.45
C ASN D 629 23.49 27.27 24.97
N LEU D 630 24.15 28.22 24.32
CA LEU D 630 23.91 28.45 22.91
C LEU D 630 24.49 27.35 22.04
N LEU D 631 25.50 26.63 22.53
CA LEU D 631 26.10 25.55 21.76
C LEU D 631 25.07 24.47 21.46
N VAL D 632 25.20 23.86 20.29
CA VAL D 632 24.26 22.85 19.82
C VAL D 632 24.87 21.47 20.07
N ARG D 633 24.13 20.61 20.75
CA ARG D 633 24.60 19.26 21.07
C ARG D 633 23.99 18.28 20.08
N ILE D 634 24.85 17.59 19.34
CA ILE D 634 24.44 16.61 18.34
C ILE D 634 25.03 15.26 18.73
N ASP D 635 24.17 14.25 18.83
CA ASP D 635 24.58 12.90 19.18
C ASP D 635 23.94 11.92 18.21
N MET D 636 24.61 10.79 17.99
CA MET D 636 24.13 9.77 17.06
C MET D 636 23.86 8.43 17.77
N SER D 637 23.49 8.49 19.04
CA SER D 637 23.13 7.27 19.76
C SER D 637 21.90 6.60 19.15
N GLU D 638 21.09 7.33 18.39
CA GLU D 638 19.93 6.77 17.70
C GLU D 638 20.10 6.77 16.19
N TYR D 639 21.33 6.91 15.70
CA TYR D 639 21.63 6.95 14.28
C TYR D 639 22.41 5.71 13.84
N MET D 640 22.07 4.55 14.41
CA MET D 640 22.78 3.33 14.07
C MET D 640 22.46 2.89 12.64
N GLU D 641 21.20 3.03 12.22
CA GLU D 641 20.78 2.66 10.88
C GLU D 641 20.95 3.83 9.93
N GLN D 642 21.41 3.53 8.71
CA GLN D 642 21.71 4.55 7.72
C GLN D 642 20.48 5.29 7.21
N HIS D 643 19.27 4.80 7.52
CA HIS D 643 18.06 5.47 7.08
C HIS D 643 17.81 6.78 7.82
N SER D 644 18.64 7.13 8.80
CA SER D 644 18.50 8.38 9.52
C SER D 644 19.26 9.55 8.89
N VAL D 645 19.91 9.31 7.76
CA VAL D 645 20.58 10.41 7.05
C VAL D 645 19.54 11.43 6.60
N ALA D 646 18.36 10.97 6.18
CA ALA D 646 17.33 11.86 5.70
C ALA D 646 16.85 12.81 6.79
N ARG D 647 16.99 12.43 8.06
CA ARG D 647 16.63 13.34 9.14
C ARG D 647 17.84 14.11 9.68
N LEU D 648 19.04 13.54 9.55
CA LEU D 648 20.24 14.29 9.92
C LEU D 648 20.42 15.50 9.00
N ILE D 649 20.19 15.31 7.71
CA ILE D 649 20.36 16.36 6.72
C ILE D 649 18.99 16.76 6.18
N GLY D 650 18.95 17.83 5.41
CA GLY D 650 17.71 18.28 4.79
C GLY D 650 17.09 17.21 3.89
N ALA D 651 15.96 16.67 4.32
CA ALA D 651 15.31 15.61 3.57
C ALA D 651 14.77 16.12 2.25
N PRO D 652 14.74 15.28 1.21
CA PRO D 652 14.15 15.70 -0.05
C PRO D 652 12.67 15.96 0.11
N PRO D 653 12.11 16.88 -0.68
CA PRO D 653 10.67 17.16 -0.59
C PRO D 653 9.84 16.17 -1.40
N GLY D 654 10.46 15.05 -1.77
CA GLY D 654 9.84 14.08 -2.65
C GLY D 654 8.51 13.51 -2.19
N TYR D 655 8.50 12.81 -1.06
CA TYR D 655 7.30 12.09 -0.65
C TYR D 655 6.21 13.04 -0.16
N VAL D 656 6.46 13.73 0.96
CA VAL D 656 5.46 14.65 1.49
C VAL D 656 6.09 16.02 1.73
N GLY D 657 7.40 16.05 1.92
CA GLY D 657 8.09 17.31 2.16
C GLY D 657 7.60 18.06 3.37
N HIS D 658 7.25 17.36 4.45
CA HIS D 658 6.73 17.99 5.65
C HIS D 658 7.75 18.09 6.77
N GLU D 659 8.64 17.10 6.90
CA GLU D 659 9.69 17.11 7.90
C GLU D 659 11.02 17.62 7.34
N GLU D 660 10.95 18.57 6.41
CA GLU D 660 12.14 19.05 5.73
C GLU D 660 13.17 19.65 6.67
N GLY D 661 12.76 20.10 7.85
CA GLY D 661 13.71 20.64 8.81
C GLY D 661 14.68 19.59 9.30
N GLY D 662 15.95 19.73 8.90
CA GLY D 662 16.96 18.75 9.27
C GLY D 662 17.55 19.02 10.63
N GLN D 663 18.54 18.18 10.98
CA GLN D 663 19.21 18.33 12.26
C GLN D 663 20.21 19.48 12.24
N LEU D 664 20.85 19.70 11.09
CA LEU D 664 21.91 20.70 10.96
C LEU D 664 21.58 21.70 9.85
N THR D 665 20.32 22.11 9.76
CA THR D 665 19.89 23.04 8.72
C THR D 665 19.42 24.37 9.30
N GLU D 666 18.44 24.35 10.19
CA GLU D 666 17.86 25.58 10.70
C GLU D 666 18.64 26.19 11.86
N GLN D 667 19.42 25.38 12.59
CA GLN D 667 20.19 25.93 13.71
C GLN D 667 21.29 26.86 13.21
N VAL D 668 22.06 26.42 12.22
CA VAL D 668 23.16 27.24 11.71
C VAL D 668 22.64 28.41 10.89
N ARG D 669 21.46 28.30 10.30
CA ARG D 669 20.85 29.43 9.62
C ARG D 669 20.52 30.52 10.63
N ARG D 670 20.60 31.77 10.18
CA ARG D 670 20.43 32.98 10.98
C ARG D 670 21.36 33.04 12.20
N ARG D 671 22.34 32.13 12.26
CA ARG D 671 23.29 32.08 13.35
C ARG D 671 24.53 31.29 12.93
N PRO D 672 25.43 31.88 12.15
CA PRO D 672 26.59 31.15 11.64
C PRO D 672 27.82 31.19 12.52
N TYR D 673 27.75 31.78 13.71
CA TYR D 673 28.90 31.85 14.61
C TYR D 673 28.82 30.85 15.75
N SER D 674 27.92 29.87 15.66
CA SER D 674 27.70 28.94 16.75
C SER D 674 28.85 27.95 16.85
N VAL D 675 28.81 27.12 17.89
CA VAL D 675 29.77 26.06 18.13
C VAL D 675 29.01 24.73 18.08
N ILE D 676 29.45 23.84 17.21
CA ILE D 676 28.80 22.55 17.01
C ILE D 676 29.65 21.47 17.67
N LEU D 677 29.02 20.65 18.51
CA LEU D 677 29.71 19.64 19.29
C LEU D 677 29.16 18.27 18.96
N PHE D 678 30.05 17.33 18.65
CA PHE D 678 29.67 15.95 18.41
C PHE D 678 29.82 15.15 19.70
N ASP D 679 29.59 13.84 19.63
CA ASP D 679 29.68 12.98 20.80
C ASP D 679 29.66 11.52 20.35
N GLU D 680 30.54 10.71 20.96
CA GLU D 680 30.75 9.30 20.62
C GLU D 680 30.65 9.05 19.11
N VAL D 681 31.57 9.69 18.39
CA VAL D 681 31.56 9.65 16.92
C VAL D 681 31.69 8.22 16.40
N GLU D 682 32.48 7.38 17.07
CA GLU D 682 32.75 6.05 16.55
C GLU D 682 31.51 5.16 16.53
N LYS D 683 30.49 5.47 17.32
CA LYS D 683 29.31 4.61 17.44
C LYS D 683 28.26 4.88 16.37
N ALA D 684 28.65 5.42 15.22
CA ALA D 684 27.74 5.67 14.12
C ALA D 684 27.97 4.70 12.98
N HIS D 685 27.02 4.66 12.05
CA HIS D 685 27.18 3.89 10.83
C HIS D 685 28.19 4.57 9.91
N VAL D 686 28.90 3.75 9.13
CA VAL D 686 29.94 4.29 8.25
C VAL D 686 29.35 5.22 7.21
N ALA D 687 28.22 4.83 6.61
CA ALA D 687 27.58 5.67 5.60
C ALA D 687 27.10 6.98 6.20
N VAL D 688 26.57 6.95 7.42
CA VAL D 688 26.11 8.17 8.06
C VAL D 688 27.26 9.13 8.31
N PHE D 689 28.38 8.61 8.81
CA PHE D 689 29.53 9.44 9.13
C PHE D 689 30.30 9.88 7.88
N ASN D 690 30.13 9.18 6.75
CA ASN D 690 30.84 9.50 5.53
C ASN D 690 30.18 10.60 4.72
N THR D 691 29.31 11.40 5.34
CA THR D 691 28.67 12.51 4.65
C THR D 691 29.21 13.87 5.08
N LEU D 692 30.02 13.93 6.14
CA LEU D 692 30.62 15.18 6.58
C LEU D 692 32.04 15.35 6.06
N LEU D 693 32.50 14.46 5.18
CA LEU D 693 33.80 14.66 4.54
C LEU D 693 33.81 15.91 3.68
N GLN D 694 32.70 16.18 2.99
CA GLN D 694 32.68 17.30 2.05
C GLN D 694 32.81 18.64 2.78
N VAL D 695 32.19 18.79 3.95
CA VAL D 695 32.28 20.06 4.67
C VAL D 695 33.68 20.23 5.24
N LEU D 696 34.27 19.17 5.80
CA LEU D 696 35.63 19.25 6.29
C LEU D 696 36.64 19.47 5.17
N ASP D 697 36.28 19.13 3.93
CA ASP D 697 37.19 19.36 2.81
C ASP D 697 37.29 20.83 2.49
N ASP D 698 36.18 21.46 2.07
CA ASP D 698 36.22 22.83 1.58
C ASP D 698 35.04 23.66 2.06
N GLY D 699 34.33 23.22 3.10
CA GLY D 699 33.17 23.96 3.57
C GLY D 699 31.97 23.77 2.66
N ARG D 700 30.89 24.43 3.03
CA ARG D 700 29.61 24.39 2.30
C ARG D 700 28.99 23.00 2.31
N LEU D 701 27.68 22.94 2.12
CA LEU D 701 26.96 21.68 2.13
C LEU D 701 25.62 21.87 1.44
N THR D 702 25.16 20.86 0.73
CA THR D 702 23.91 20.90 -0.02
C THR D 702 22.91 19.93 0.60
N ASP D 703 21.70 20.42 0.84
CA ASP D 703 20.63 19.62 1.41
C ASP D 703 19.68 19.17 0.29
N GLY D 704 18.54 18.59 0.69
CA GLY D 704 17.61 18.07 -0.30
C GLY D 704 17.05 19.14 -1.22
N GLN D 705 16.72 20.30 -0.67
CA GLN D 705 16.18 21.39 -1.47
C GLN D 705 17.21 22.02 -2.39
N GLY D 706 18.49 21.70 -2.23
CA GLY D 706 19.53 22.27 -3.05
C GLY D 706 20.15 23.55 -2.52
N ARG D 707 19.64 24.09 -1.42
CA ARG D 707 20.23 25.28 -0.83
C ARG D 707 21.60 24.97 -0.25
N THR D 708 22.52 25.92 -0.38
CA THR D 708 23.89 25.77 0.08
C THR D 708 24.04 26.49 1.41
N VAL D 709 24.33 25.73 2.47
CA VAL D 709 24.60 26.29 3.78
C VAL D 709 26.10 26.30 4.02
N ASP D 710 26.62 27.41 4.54
CA ASP D 710 28.05 27.62 4.67
C ASP D 710 28.50 27.37 6.10
N PHE D 711 29.42 26.42 6.27
CA PHE D 711 30.11 26.23 7.55
C PHE D 711 31.49 26.88 7.41
N ARG D 712 31.49 28.21 7.45
CA ARG D 712 32.72 28.97 7.25
C ARG D 712 33.24 29.63 8.51
N ASN D 713 32.53 29.53 9.63
CA ASN D 713 33.00 30.12 10.87
C ASN D 713 32.73 29.27 12.10
N THR D 714 32.16 28.07 11.95
CA THR D 714 31.80 27.24 13.09
C THR D 714 32.96 26.33 13.47
N VAL D 715 33.19 26.22 14.78
CA VAL D 715 34.30 25.44 15.31
C VAL D 715 33.81 24.02 15.55
N ILE D 716 34.08 23.13 14.60
CA ILE D 716 33.66 21.74 14.73
C ILE D 716 34.58 21.03 15.71
N ILE D 717 34.00 20.37 16.71
CA ILE D 717 34.75 19.66 17.73
C ILE D 717 34.09 18.32 17.98
N MET D 718 34.88 17.24 17.99
CA MET D 718 34.39 15.89 18.20
C MET D 718 35.09 15.27 19.41
N THR D 719 34.63 14.08 19.78
CA THR D 719 35.22 13.34 20.89
C THR D 719 34.87 11.87 20.77
N SER D 720 35.69 11.03 21.39
CA SER D 720 35.47 9.59 21.34
C SER D 720 36.15 8.95 22.54
N ASN D 721 35.71 7.73 22.86
CA ASN D 721 36.17 7.01 24.05
C ASN D 721 37.11 5.86 23.72
N LEU D 722 37.59 5.76 22.48
CA LEU D 722 38.45 4.65 22.10
C LEU D 722 39.81 4.76 22.75
N GLY D 723 40.46 3.61 22.93
CA GLY D 723 41.79 3.59 23.51
C GLY D 723 41.86 3.90 24.98
N ALA D 724 40.73 3.78 25.70
CA ALA D 724 40.74 4.09 27.13
C ALA D 724 41.50 3.02 27.91
N GLU D 725 41.28 1.75 27.60
CA GLU D 725 41.88 0.67 28.37
C GLU D 725 43.41 0.69 28.25
N HIS D 726 43.92 0.89 27.04
CA HIS D 726 45.37 0.92 26.85
C HIS D 726 46.01 2.06 27.62
N LEU D 727 45.32 3.20 27.69
CA LEU D 727 45.86 4.34 28.42
C LEU D 727 45.80 4.12 29.93
N LEU D 728 44.68 3.60 30.44
CA LEU D 728 44.55 3.42 31.89
C LEU D 728 45.37 2.24 32.39
N ALA D 729 45.81 1.34 31.51
CA ALA D 729 46.69 0.26 31.93
C ALA D 729 48.00 0.82 32.47
N GLY D 730 48.55 1.84 31.82
CA GLY D 730 49.79 2.45 32.27
C GLY D 730 49.57 3.57 33.27
N SER D 736 54.87 1.78 29.75
CA SER D 736 55.18 3.21 29.83
C SER D 736 54.09 4.04 29.15
N MET D 737 54.19 5.35 29.29
CA MET D 737 53.21 6.23 28.66
C MET D 737 53.44 6.35 27.15
N LYS D 738 54.71 6.31 26.70
CA LYS D 738 54.98 6.36 25.27
C LYS D 738 54.38 5.17 24.55
N VAL D 739 54.55 3.96 25.10
CA VAL D 739 54.02 2.78 24.43
C VAL D 739 52.49 2.80 24.44
N ALA D 740 51.88 3.31 25.51
CA ALA D 740 50.43 3.44 25.54
C ALA D 740 49.94 4.43 24.48
N ARG D 741 50.63 5.56 24.34
CA ARG D 741 50.26 6.52 23.30
C ARG D 741 50.40 5.92 21.91
N ASP D 742 51.48 5.16 21.69
CA ASP D 742 51.68 4.51 20.40
C ASP D 742 50.58 3.49 20.12
N LEU D 743 50.20 2.72 21.15
CA LEU D 743 49.12 1.75 20.97
C LEU D 743 47.81 2.44 20.64
N VAL D 744 47.49 3.53 21.33
CA VAL D 744 46.24 4.25 21.05
C VAL D 744 46.26 4.80 19.63
N MET D 745 47.39 5.40 19.23
CA MET D 745 47.49 5.97 17.89
C MET D 745 47.36 4.89 16.82
N GLN D 746 48.04 3.76 16.99
CA GLN D 746 47.95 2.71 15.99
C GLN D 746 46.55 2.11 15.92
N GLU D 747 45.89 1.98 17.07
CA GLU D 747 44.52 1.48 17.07
C GLU D 747 43.58 2.43 16.35
N VAL D 748 43.69 3.73 16.62
CA VAL D 748 42.79 4.67 15.96
C VAL D 748 43.11 4.78 14.47
N ARG D 749 44.38 4.61 14.08
CA ARG D 749 44.70 4.58 12.66
C ARG D 749 44.12 3.35 11.99
N ARG D 750 44.19 2.20 12.66
CA ARG D 750 43.72 0.96 12.04
C ARG D 750 42.20 0.93 11.95
N HIS D 751 41.51 1.49 12.95
CA HIS D 751 40.05 1.44 12.94
C HIS D 751 39.47 2.27 11.81
N PHE D 752 39.92 3.51 11.67
CA PHE D 752 39.37 4.42 10.67
C PHE D 752 40.14 4.31 9.36
N ARG D 753 39.54 4.84 8.30
CA ARG D 753 40.20 4.84 7.00
C ARG D 753 41.41 5.77 7.02
N PRO D 754 42.44 5.45 6.25
CA PRO D 754 43.66 6.28 6.27
C PRO D 754 43.51 7.58 5.49
N GLU D 755 42.28 7.92 5.11
CA GLU D 755 42.00 9.15 4.36
C GLU D 755 41.50 10.28 5.24
N LEU D 756 40.48 10.01 6.07
CA LEU D 756 39.87 11.06 6.87
C LEU D 756 40.83 11.63 7.91
N LEU D 757 41.75 10.81 8.41
CA LEU D 757 42.67 11.28 9.45
C LEU D 757 43.61 12.37 8.96
N ASN D 758 43.74 12.57 7.66
CA ASN D 758 44.56 13.66 7.15
C ASN D 758 43.86 15.01 7.27
N ARG D 759 42.53 15.02 7.24
CA ARG D 759 41.80 16.29 7.20
C ARG D 759 41.79 16.96 8.57
N LEU D 760 41.70 16.19 9.64
CA LEU D 760 41.58 16.77 10.98
C LEU D 760 42.80 17.62 11.30
N ASP D 761 42.55 18.83 11.82
CA ASP D 761 43.63 19.77 12.08
C ASP D 761 44.59 19.26 13.14
N GLU D 762 44.06 18.68 14.21
CA GLU D 762 44.91 18.24 15.31
C GLU D 762 44.17 17.19 16.13
N ILE D 763 44.92 16.18 16.59
CA ILE D 763 44.42 15.15 17.48
C ILE D 763 45.22 15.21 18.77
N VAL D 764 44.52 15.29 19.90
CA VAL D 764 45.17 15.42 21.19
C VAL D 764 44.62 14.36 22.14
N ILE D 765 45.43 14.02 23.13
CA ILE D 765 45.09 13.01 24.13
C ILE D 765 45.21 13.63 25.51
N PHE D 766 44.20 13.43 26.35
CA PHE D 766 44.18 14.05 27.67
C PHE D 766 45.03 13.26 28.65
N ASP D 767 45.93 13.96 29.33
CA ASP D 767 46.81 13.32 30.31
C ASP D 767 46.07 13.15 31.64
N PRO D 768 46.06 11.94 32.20
CA PRO D 768 45.46 11.77 33.53
C PRO D 768 46.13 12.64 34.57
N LEU D 769 45.33 13.14 35.52
CA LEU D 769 45.77 14.14 36.46
C LEU D 769 46.39 13.51 37.71
N SER D 770 47.06 14.35 38.50
CA SER D 770 47.83 13.93 39.66
C SER D 770 47.26 14.55 40.92
N HIS D 771 47.98 14.39 42.04
CA HIS D 771 47.44 14.76 43.35
C HIS D 771 47.19 16.26 43.46
N GLU D 772 48.08 17.08 42.89
CA GLU D 772 47.87 18.52 42.97
C GLU D 772 46.61 18.94 42.21
N GLN D 773 46.40 18.36 41.03
CA GLN D 773 45.16 18.61 40.30
C GLN D 773 43.96 18.11 41.09
N LEU D 774 44.11 16.99 41.79
CA LEU D 774 43.03 16.48 42.64
C LEU D 774 42.67 17.50 43.72
N ARG D 775 43.68 18.07 44.37
CA ARG D 775 43.41 19.06 45.41
C ARG D 775 42.76 20.31 44.83
N LYS D 776 43.24 20.77 43.68
CA LYS D 776 42.67 21.96 43.07
C LYS D 776 41.21 21.72 42.67
N VAL D 777 40.91 20.56 42.09
CA VAL D 777 39.53 20.30 41.70
C VAL D 777 38.65 20.12 42.93
N ALA D 778 39.21 19.59 44.03
CA ALA D 778 38.45 19.50 45.26
C ALA D 778 38.09 20.89 45.78
N ARG D 779 39.04 21.82 45.74
CA ARG D 779 38.73 23.19 46.16
C ARG D 779 37.69 23.83 45.24
N LEU D 780 37.80 23.58 43.93
CA LEU D 780 36.81 24.13 43.00
C LEU D 780 35.42 23.59 43.29
N GLN D 781 35.30 22.30 43.60
CA GLN D 781 34.00 21.74 43.95
C GLN D 781 33.50 22.27 45.29
N MET D 782 34.41 22.55 46.23
CA MET D 782 34.01 23.17 47.49
C MET D 782 33.41 24.54 47.26
N LYS D 783 33.99 25.33 46.35
CA LYS D 783 33.55 26.71 46.16
C LYS D 783 32.09 26.80 45.74
N ASP D 784 31.61 25.82 44.96
CA ASP D 784 30.22 25.86 44.49
C ASP D 784 29.24 25.79 45.65
N VAL D 785 29.39 24.77 46.51
CA VAL D 785 28.50 24.68 47.65
C VAL D 785 28.73 25.83 48.62
N ALA D 786 29.96 26.34 48.68
CA ALA D 786 30.23 27.49 49.55
C ALA D 786 29.40 28.70 49.14
N VAL D 787 29.41 29.02 47.83
CA VAL D 787 28.64 30.18 47.38
C VAL D 787 27.14 29.91 47.45
N ARG D 788 26.73 28.67 47.18
CA ARG D 788 25.31 28.34 47.26
C ARG D 788 24.78 28.51 48.68
N LEU D 789 25.57 28.13 49.68
CA LEU D 789 25.15 28.34 51.06
C LEU D 789 25.27 29.81 51.46
N ALA D 790 26.34 30.48 51.01
CA ALA D 790 26.53 31.89 51.34
C ALA D 790 25.44 32.77 50.77
N GLU D 791 24.73 32.30 49.74
CA GLU D 791 23.55 33.02 49.27
C GLU D 791 22.56 33.24 50.41
N ARG D 792 22.50 32.32 51.37
CA ARG D 792 21.65 32.48 52.54
C ARG D 792 22.29 33.29 53.64
N GLY D 793 23.59 33.57 53.54
CA GLY D 793 24.28 34.37 54.52
C GLY D 793 25.15 33.64 55.51
N VAL D 794 25.83 32.58 55.09
CA VAL D 794 26.74 31.81 55.94
C VAL D 794 28.06 31.63 55.21
N ALA D 795 29.16 31.95 55.87
CA ALA D 795 30.48 31.83 55.27
C ALA D 795 31.05 30.44 55.49
N LEU D 796 31.98 30.06 54.61
CA LEU D 796 32.64 28.77 54.66
C LEU D 796 34.14 28.94 54.73
N ALA D 797 34.82 27.99 55.37
CA ALA D 797 36.26 27.97 55.47
C ALA D 797 36.73 26.54 55.63
N VAL D 798 37.86 26.21 55.01
CA VAL D 798 38.41 24.85 55.03
C VAL D 798 39.91 24.93 55.25
N THR D 799 40.50 23.77 55.55
CA THR D 799 41.94 23.64 55.76
C THR D 799 42.48 22.57 54.82
N ASP D 800 43.81 22.53 54.72
CA ASP D 800 44.45 21.58 53.81
C ASP D 800 44.20 20.13 54.23
N ALA D 801 44.22 19.87 55.55
CA ALA D 801 44.00 18.51 56.03
C ALA D 801 42.61 18.01 55.67
N ALA D 802 41.61 18.91 55.67
CA ALA D 802 40.27 18.52 55.26
C ALA D 802 40.26 18.04 53.82
N LEU D 803 40.92 18.79 52.92
CA LEU D 803 41.00 18.36 51.52
C LEU D 803 41.76 17.05 51.40
N ASP D 804 42.82 16.88 52.19
CA ASP D 804 43.61 15.65 52.14
C ASP D 804 42.75 14.44 52.52
N VAL D 805 42.01 14.54 53.62
CA VAL D 805 41.19 13.41 54.05
C VAL D 805 40.03 13.17 53.07
N ILE D 806 39.45 14.26 52.53
CA ILE D 806 38.37 14.12 51.56
C ILE D 806 38.85 13.35 50.33
N LEU D 807 40.03 13.70 49.83
CA LEU D 807 40.54 13.03 48.64
C LEU D 807 41.04 11.62 48.97
N SER D 808 41.50 11.39 50.21
CA SER D 808 42.02 10.08 50.57
C SER D 808 40.90 9.06 50.78
N LEU D 809 39.77 9.48 51.33
CA LEU D 809 38.73 8.53 51.70
C LEU D 809 37.96 8.01 50.49
N SER D 810 37.78 8.83 49.47
CA SER D 810 36.82 8.52 48.40
C SER D 810 37.44 8.75 47.02
N TYR D 811 38.64 8.24 46.80
CA TYR D 811 39.31 8.37 45.52
C TYR D 811 39.37 7.04 44.79
N ASP D 812 39.08 7.08 43.50
CA ASP D 812 39.24 5.92 42.62
C ASP D 812 39.95 6.39 41.35
N PRO D 813 41.10 5.79 41.00
CA PRO D 813 41.84 6.28 39.84
C PRO D 813 41.10 6.12 38.51
N VAL D 814 40.19 5.15 38.41
CA VAL D 814 39.57 4.85 37.13
C VAL D 814 38.53 5.91 36.77
N TYR D 815 37.66 6.26 37.72
CA TYR D 815 36.47 7.02 37.39
C TYR D 815 36.72 8.52 37.26
N GLY D 816 37.84 9.03 37.75
CA GLY D 816 38.17 10.43 37.54
C GLY D 816 37.84 11.35 38.69
N ALA D 817 36.74 12.10 38.57
CA ALA D 817 36.41 13.12 39.56
C ALA D 817 34.96 13.10 40.05
N ARG D 818 34.07 12.33 39.43
CA ARG D 818 32.68 12.29 39.88
C ARG D 818 32.52 11.79 41.32
N PRO D 819 33.18 10.72 41.75
CA PRO D 819 32.96 10.24 43.13
C PRO D 819 33.28 11.28 44.19
N ILE D 820 34.25 12.17 43.94
CA ILE D 820 34.54 13.23 44.90
C ILE D 820 33.30 14.09 45.12
N ARG D 821 32.68 14.55 44.04
CA ARG D 821 31.49 15.38 44.16
C ARG D 821 30.36 14.61 44.82
N ARG D 822 30.15 13.36 44.42
CA ARG D 822 29.06 12.58 45.00
C ARG D 822 29.25 12.44 46.51
N TRP D 823 30.45 12.09 46.95
CA TRP D 823 30.71 11.89 48.37
C TRP D 823 30.56 13.19 49.14
N ILE D 824 31.18 14.27 48.64
CA ILE D 824 31.16 15.53 49.38
C ILE D 824 29.74 16.04 49.52
N GLU D 825 28.94 15.96 48.45
CA GLU D 825 27.54 16.34 48.56
C GLU D 825 26.84 15.47 49.60
N LYS D 826 26.76 14.16 49.33
CA LYS D 826 25.93 13.26 50.12
C LYS D 826 26.31 13.24 51.59
N ARG D 827 27.53 13.64 51.95
CA ARG D 827 27.87 13.74 53.37
C ARG D 827 27.69 15.17 53.91
N VAL D 828 28.45 16.13 53.37
CA VAL D 828 28.52 17.45 53.97
C VAL D 828 27.18 18.16 53.86
N VAL D 829 26.54 18.11 52.69
CA VAL D 829 25.31 18.88 52.51
C VAL D 829 24.21 18.36 53.43
N THR D 830 24.07 17.03 53.53
CA THR D 830 23.03 16.49 54.40
C THR D 830 23.33 16.76 55.86
N GLN D 831 24.61 16.70 56.27
CA GLN D 831 24.95 17.00 57.65
C GLN D 831 24.62 18.45 57.98
N LEU D 832 24.99 19.38 57.10
CA LEU D 832 24.73 20.78 57.34
C LEU D 832 23.24 21.08 57.35
N SER D 833 22.48 20.46 56.44
CA SER D 833 21.04 20.68 56.41
C SER D 833 20.36 20.16 57.67
N LYS D 834 20.76 18.96 58.11
CA LYS D 834 20.16 18.40 59.32
C LYS D 834 20.49 19.26 60.54
N MET D 835 21.73 19.77 60.62
CA MET D 835 22.09 20.61 61.75
C MET D 835 21.40 21.97 61.68
N LEU D 836 21.15 22.48 60.47
CA LEU D 836 20.46 23.75 60.32
C LEU D 836 18.97 23.63 60.62
N ILE D 837 18.37 22.47 60.37
CA ILE D 837 16.94 22.29 60.64
C ILE D 837 16.65 22.50 62.12
N GLN D 838 17.51 21.97 62.99
CA GLN D 838 17.26 22.12 64.42
C GLN D 838 17.52 23.54 64.93
N GLU D 839 17.69 24.50 64.03
CA GLU D 839 17.83 25.92 64.39
C GLU D 839 19.07 26.17 65.22
N GLU D 840 20.20 25.60 64.77
CA GLU D 840 21.49 25.81 65.42
C GLU D 840 22.32 26.88 64.73
N ILE D 841 21.79 27.54 63.70
CA ILE D 841 22.50 28.55 62.94
C ILE D 841 21.73 29.85 63.01
N ASP D 842 22.43 30.93 63.35
CA ASP D 842 21.89 32.28 63.29
C ASP D 842 22.66 33.08 62.24
N GLU D 843 22.27 34.34 62.07
CA GLU D 843 22.94 35.21 61.11
C GLU D 843 24.36 35.52 61.58
N ASN D 844 25.25 35.75 60.61
CA ASN D 844 26.66 36.05 60.88
C ASN D 844 27.32 34.92 61.66
N CYS D 845 27.17 33.70 61.17
CA CYS D 845 27.77 32.51 61.76
C CYS D 845 28.61 31.80 60.73
N THR D 846 29.84 31.45 61.10
CA THR D 846 30.78 30.81 60.20
C THR D 846 31.08 29.39 60.70
N VAL D 847 31.03 28.43 59.80
CA VAL D 847 31.33 27.04 60.13
C VAL D 847 32.77 26.73 59.77
N TYR D 848 33.40 25.87 60.57
CA TYR D 848 34.78 25.47 60.37
C TYR D 848 34.85 23.95 60.31
N ILE D 849 35.67 23.44 59.40
CA ILE D 849 35.83 22.00 59.19
C ILE D 849 37.30 21.66 59.36
N ASP D 850 37.59 20.62 60.15
CA ASP D 850 38.96 20.18 60.37
C ASP D 850 38.95 18.69 60.66
N ALA D 851 40.13 18.08 60.50
CA ALA D 851 40.27 16.65 60.74
C ALA D 851 40.19 16.35 62.24
N ALA D 852 39.82 15.11 62.54
CA ALA D 852 39.70 14.67 63.92
C ALA D 852 40.93 13.87 64.34
N GLU D 857 38.30 12.06 61.00
CA GLU D 857 37.18 12.35 60.11
C GLU D 857 36.96 13.86 60.01
N LEU D 858 35.76 14.31 60.38
CA LEU D 858 35.39 15.71 60.29
C LEU D 858 34.79 16.17 61.61
N ALA D 859 35.08 17.42 61.96
CA ALA D 859 34.53 18.06 63.15
C ALA D 859 33.94 19.40 62.77
N TYR D 860 32.70 19.64 63.21
CA TYR D 860 31.97 20.86 62.88
C TYR D 860 31.96 21.78 64.09
N ARG D 861 32.40 23.01 63.91
CA ARG D 861 32.41 24.02 64.95
C ARG D 861 31.61 25.23 64.48
N VAL D 862 30.69 25.70 65.32
CA VAL D 862 29.85 26.83 65.00
C VAL D 862 30.35 28.05 65.76
N ASP D 863 30.55 29.15 65.06
CA ASP D 863 31.07 30.37 65.67
C ASP D 863 30.57 31.56 64.89
N ASN D 864 30.60 32.73 65.53
CA ASN D 864 30.17 33.97 64.90
C ASN D 864 31.06 34.33 63.71
N THR E 168 -11.72 56.39 10.74
CA THR E 168 -13.17 56.18 10.76
C THR E 168 -13.50 54.78 11.26
N TYR E 169 -13.36 53.79 10.38
CA TYR E 169 -13.63 52.40 10.72
C TYR E 169 -12.43 51.68 11.31
N GLY E 170 -11.27 52.35 11.36
CA GLY E 170 -10.08 51.74 11.92
C GLY E 170 -9.91 52.02 13.40
N ARG E 171 -8.77 52.58 13.78
CA ARG E 171 -8.50 52.91 15.18
C ARG E 171 -7.32 53.86 15.23
N ASP E 172 -7.50 55.00 15.90
CA ASP E 172 -6.44 55.98 16.08
C ASP E 172 -5.84 55.83 17.47
N LEU E 173 -4.52 55.97 17.55
CA LEU E 173 -3.79 55.73 18.79
C LEU E 173 -3.08 56.96 19.32
N VAL E 174 -3.20 58.11 18.65
CA VAL E 174 -2.52 59.32 19.12
C VAL E 174 -3.14 59.81 20.42
N GLU E 175 -4.47 59.89 20.46
CA GLU E 175 -5.15 60.39 21.65
C GLU E 175 -5.22 59.36 22.77
N GLN E 176 -5.05 58.08 22.47
CA GLN E 176 -5.12 57.03 23.48
C GLN E 176 -3.85 56.94 24.31
N ALA E 177 -2.73 57.47 23.78
CA ALA E 177 -1.45 57.42 24.48
C ALA E 177 -1.47 58.19 25.79
N GLY E 178 -2.46 59.06 25.99
CA GLY E 178 -2.61 59.70 27.28
C GLY E 178 -2.89 58.74 28.41
N LYS E 179 -3.52 57.59 28.10
CA LYS E 179 -3.92 56.67 29.15
C LYS E 179 -3.61 55.20 28.84
N LEU E 180 -2.84 54.89 27.80
CA LEU E 180 -2.24 53.56 27.80
C LEU E 180 -1.13 53.47 28.86
N ASP E 181 -0.87 52.25 29.31
CA ASP E 181 0.15 52.04 30.34
C ASP E 181 1.54 52.37 29.81
N PRO E 182 2.41 52.95 30.63
CA PRO E 182 3.78 53.24 30.19
C PRO E 182 4.55 51.96 29.88
N VAL E 183 5.43 52.05 28.89
CA VAL E 183 6.30 50.95 28.49
C VAL E 183 7.74 51.44 28.58
N ILE E 184 8.60 50.66 29.23
CA ILE E 184 9.99 51.04 29.45
C ILE E 184 10.89 49.84 29.16
N GLY E 185 12.18 50.14 28.94
CA GLY E 185 13.16 49.10 28.75
C GLY E 185 13.20 48.47 27.39
N ARG E 186 12.81 49.19 26.34
CA ARG E 186 12.79 48.67 24.97
C ARG E 186 13.46 49.66 24.03
N ASP E 187 14.65 50.13 24.41
CA ASP E 187 15.33 51.19 23.67
C ASP E 187 15.93 50.71 22.35
N GLU E 188 15.99 49.41 22.10
CA GLU E 188 16.70 48.91 20.92
C GLU E 188 15.79 48.76 19.70
N GLU E 189 14.61 48.17 19.89
CA GLU E 189 13.73 47.92 18.76
C GLU E 189 13.17 49.21 18.17
N ILE E 190 12.91 50.21 19.02
CA ILE E 190 12.47 51.51 18.51
C ILE E 190 13.54 52.13 17.63
N ARG E 191 14.80 52.06 18.07
CA ARG E 191 15.90 52.56 17.26
C ARG E 191 16.00 51.82 15.94
N ARG E 192 15.86 50.49 15.98
CA ARG E 192 15.95 49.71 14.74
C ARG E 192 14.83 50.09 13.78
N VAL E 193 13.61 50.25 14.29
CA VAL E 193 12.49 50.61 13.42
C VAL E 193 12.69 52.01 12.84
N VAL E 194 13.14 52.95 13.65
CA VAL E 194 13.40 54.31 13.15
C VAL E 194 14.45 54.28 12.06
N ARG E 195 15.52 53.51 12.26
CA ARG E 195 16.58 53.43 11.26
C ARG E 195 16.08 52.80 9.97
N ILE E 196 15.23 51.77 10.07
CA ILE E 196 14.79 51.08 8.87
C ILE E 196 13.65 51.80 8.15
N LEU E 197 12.97 52.73 8.82
CA LEU E 197 11.84 53.40 8.17
C LEU E 197 12.29 54.52 7.25
N SER E 198 13.49 55.06 7.44
CA SER E 198 13.98 56.16 6.61
C SER E 198 14.68 55.68 5.34
N ARG E 199 14.82 54.36 5.16
CA ARG E 199 15.47 53.84 3.96
C ARG E 199 14.59 54.05 2.74
N ARG E 200 15.25 54.31 1.60
CA ARG E 200 14.53 54.63 0.37
C ARG E 200 13.65 53.48 -0.09
N THR E 201 14.21 52.28 -0.17
CA THR E 201 13.53 51.14 -0.76
C THR E 201 13.60 49.95 0.20
N LYS E 202 12.54 49.14 0.20
CA LYS E 202 12.38 48.01 1.12
C LYS E 202 12.42 48.49 2.57
N ASN E 203 11.41 49.29 2.92
CA ASN E 203 11.30 49.94 4.21
C ASN E 203 9.97 49.58 4.88
N ASN E 204 9.67 48.28 4.95
CA ASN E 204 8.44 47.79 5.55
C ASN E 204 8.81 46.76 6.61
N PRO E 205 9.19 47.19 7.81
CA PRO E 205 9.63 46.25 8.83
C PRO E 205 8.51 45.34 9.28
N VAL E 206 8.88 44.12 9.65
CA VAL E 206 7.96 43.12 10.19
C VAL E 206 8.54 42.58 11.48
N LEU E 207 7.78 42.72 12.58
CA LEU E 207 8.23 42.21 13.87
C LEU E 207 8.02 40.70 13.91
N ILE E 208 9.04 39.98 14.39
CA ILE E 208 9.01 38.53 14.49
C ILE E 208 9.37 38.15 15.92
N GLY E 209 8.87 37.01 16.38
CA GLY E 209 9.16 36.55 17.72
C GLY E 209 8.06 35.71 18.32
N GLU E 210 8.38 34.98 19.39
CA GLU E 210 7.39 34.16 20.06
C GLU E 210 6.38 35.04 20.79
N PRO E 211 5.16 34.56 21.02
CA PRO E 211 4.16 35.40 21.68
C PRO E 211 4.46 35.59 23.16
N GLY E 212 3.96 36.69 23.70
CA GLY E 212 4.13 36.99 25.11
C GLY E 212 5.36 37.81 25.46
N VAL E 213 5.94 38.53 24.50
CA VAL E 213 7.14 39.30 24.76
C VAL E 213 6.91 40.80 24.69
N GLY E 214 5.89 41.27 23.97
CA GLY E 214 5.62 42.69 23.96
C GLY E 214 5.72 43.39 22.61
N LYS E 215 5.35 42.72 21.53
CA LYS E 215 5.35 43.35 20.23
C LYS E 215 4.39 44.55 20.20
N THR E 216 3.16 44.34 20.68
CA THR E 216 2.25 45.48 20.79
C THR E 216 2.79 46.51 21.77
N ALA E 217 3.53 46.07 22.78
CA ALA E 217 4.11 47.01 23.75
C ALA E 217 5.11 47.94 23.08
N VAL E 218 5.99 47.39 22.24
CA VAL E 218 6.98 48.24 21.58
C VAL E 218 6.30 49.10 20.51
N VAL E 219 5.24 48.60 19.88
CA VAL E 219 4.49 49.44 18.93
C VAL E 219 3.89 50.64 19.65
N GLU E 220 3.29 50.40 20.82
CA GLU E 220 2.74 51.50 21.61
C GLU E 220 3.83 52.43 22.11
N GLY E 221 5.00 51.89 22.43
CA GLY E 221 6.12 52.76 22.81
C GLY E 221 6.54 53.67 21.69
N LEU E 222 6.60 53.14 20.46
CA LEU E 222 6.88 53.98 19.30
C LEU E 222 5.82 55.05 19.12
N ALA E 223 4.55 54.67 19.28
CA ALA E 223 3.46 55.64 19.15
C ALA E 223 3.61 56.76 20.18
N GLN E 224 3.94 56.39 21.43
CA GLN E 224 4.18 57.39 22.47
C GLN E 224 5.36 58.28 22.11
N ARG E 225 6.42 57.69 21.53
CA ARG E 225 7.58 58.48 21.14
C ARG E 225 7.21 59.52 20.09
N ILE E 226 6.44 59.12 19.08
CA ILE E 226 6.05 60.07 18.04
C ILE E 226 5.08 61.11 18.59
N VAL E 227 4.22 60.72 19.53
CA VAL E 227 3.31 61.70 20.14
C VAL E 227 4.09 62.74 20.92
N ARG E 228 5.07 62.29 21.72
CA ARG E 228 5.87 63.22 22.51
C ARG E 228 6.73 64.11 21.62
N GLY E 229 7.31 63.55 20.57
CA GLY E 229 8.13 64.32 19.64
C GLY E 229 9.62 64.05 19.70
N ASP E 230 10.06 63.02 20.41
CA ASP E 230 11.48 62.70 20.47
C ASP E 230 12.00 62.09 19.18
N VAL E 231 11.12 61.68 18.28
CA VAL E 231 11.49 61.10 16.99
C VAL E 231 12.18 62.18 16.16
N PRO E 232 13.12 61.83 15.29
CA PRO E 232 13.70 62.84 14.40
C PRO E 232 12.63 63.51 13.55
N SER E 233 12.89 64.78 13.21
CA SER E 233 11.90 65.64 12.58
C SER E 233 11.46 65.16 11.20
N ASN E 234 12.20 64.22 10.59
CA ASN E 234 11.81 63.70 9.29
C ASN E 234 10.43 63.05 9.30
N LEU E 235 9.96 62.62 10.46
CA LEU E 235 8.65 62.01 10.61
C LEU E 235 7.78 62.79 11.60
N LEU E 236 7.77 64.11 11.47
CA LEU E 236 6.96 64.96 12.33
C LEU E 236 5.60 65.31 11.72
N ASP E 237 5.32 64.81 10.52
CA ASP E 237 4.08 65.13 9.80
C ASP E 237 3.43 63.80 9.39
N VAL E 238 3.24 62.91 10.37
CA VAL E 238 2.70 61.59 10.10
C VAL E 238 1.82 61.17 11.28
N ARG E 239 0.67 60.57 10.97
CA ARG E 239 -0.27 60.07 11.96
C ARG E 239 -0.35 58.56 11.84
N LEU E 240 -0.43 57.88 12.98
CA LEU E 240 -0.45 56.42 12.99
C LEU E 240 -1.88 55.91 13.06
N ILE E 241 -2.31 55.20 12.02
CA ILE E 241 -3.65 54.62 11.93
C ILE E 241 -3.51 53.12 11.96
N ALA E 242 -4.33 52.46 12.78
CA ALA E 242 -4.38 51.01 12.87
C ALA E 242 -5.66 50.49 12.23
N LEU E 243 -5.62 49.20 11.87
CA LEU E 243 -6.75 48.54 11.23
C LEU E 243 -7.24 47.40 12.12
N ASP E 244 -8.54 47.37 12.38
CA ASP E 244 -9.17 46.35 13.21
C ASP E 244 -10.01 45.43 12.32
N MET E 245 -9.67 44.14 12.35
CA MET E 245 -10.38 43.18 11.51
C MET E 245 -11.86 43.12 11.87
N GLY E 246 -12.16 43.02 13.17
CA GLY E 246 -13.54 42.96 13.60
C GLY E 246 -14.31 44.22 13.30
N ALA E 247 -13.66 45.38 13.46
CA ALA E 247 -14.31 46.65 13.15
C ALA E 247 -14.65 46.74 11.66
N LEU E 248 -13.72 46.33 10.80
CA LEU E 248 -13.97 46.44 9.37
C LEU E 248 -14.89 45.34 8.85
N VAL E 249 -15.05 44.24 9.58
CA VAL E 249 -16.05 43.24 9.21
C VAL E 249 -17.32 43.44 10.03
N TYR E 254 -22.05 39.16 2.19
CA TYR E 254 -21.40 38.80 0.94
C TYR E 254 -19.91 39.13 0.97
N ARG E 255 -19.10 38.24 0.40
CA ARG E 255 -17.66 38.48 0.34
C ARG E 255 -17.34 39.69 -0.54
N GLY E 256 -18.03 39.84 -1.67
CA GLY E 256 -17.72 40.93 -2.58
C GLY E 256 -17.91 42.30 -1.95
N GLU E 257 -18.92 42.44 -1.09
CA GLU E 257 -19.11 43.70 -0.37
C GLU E 257 -17.91 44.00 0.52
N PHE E 258 -17.40 42.97 1.20
CA PHE E 258 -16.22 43.15 2.05
C PHE E 258 -15.00 43.54 1.22
N GLU E 259 -14.81 42.88 0.06
CA GLU E 259 -13.70 43.23 -0.81
C GLU E 259 -13.80 44.68 -1.28
N GLU E 260 -14.99 45.10 -1.72
CA GLU E 260 -15.13 46.46 -2.23
C GLU E 260 -15.00 47.49 -1.13
N ARG E 261 -15.45 47.17 0.09
CA ARG E 261 -15.27 48.09 1.20
C ARG E 261 -13.79 48.26 1.52
N LEU E 262 -13.02 47.16 1.56
CA LEU E 262 -11.60 47.30 1.80
C LEU E 262 -10.92 48.06 0.67
N LYS E 263 -11.33 47.82 -0.57
CA LYS E 263 -10.78 48.57 -1.71
C LYS E 263 -11.02 50.06 -1.53
N ALA E 264 -12.25 50.43 -1.15
CA ALA E 264 -12.56 51.81 -0.86
C ALA E 264 -11.69 52.36 0.26
N VAL E 265 -11.39 51.56 1.27
CA VAL E 265 -10.53 52.03 2.35
C VAL E 265 -9.13 52.35 1.83
N LEU E 266 -8.56 51.44 1.03
CA LEU E 266 -7.20 51.65 0.54
C LEU E 266 -7.09 52.75 -0.51
N LYS E 267 -8.12 53.03 -1.30
CA LYS E 267 -8.03 54.25 -2.12
C LYS E 267 -8.41 55.52 -1.36
N GLU E 268 -9.22 55.44 -0.29
CA GLU E 268 -9.50 56.66 0.44
C GLU E 268 -8.39 57.05 1.39
N VAL E 269 -7.51 56.11 1.76
CA VAL E 269 -6.37 56.45 2.62
C VAL E 269 -5.24 57.12 1.84
N GLU E 270 -5.30 57.10 0.50
CA GLU E 270 -4.24 57.63 -0.33
C GLU E 270 -4.14 59.15 -0.31
N GLU E 271 -5.08 59.85 0.33
CA GLU E 271 -5.06 61.30 0.31
C GLU E 271 -3.82 61.86 1.00
N ALA E 272 -3.20 61.09 1.90
CA ALA E 272 -2.00 61.55 2.57
C ALA E 272 -0.80 61.52 1.63
N GLU E 273 -0.67 60.46 0.83
CA GLU E 273 0.42 60.30 -0.14
C GLU E 273 1.79 60.31 0.56
N GLY E 274 1.98 59.33 1.43
CA GLY E 274 3.27 59.08 2.04
C GLY E 274 3.47 59.61 3.44
N LYS E 275 2.49 60.33 4.00
CA LYS E 275 2.60 60.86 5.34
C LYS E 275 1.67 60.15 6.33
N VAL E 276 1.49 58.84 6.16
CA VAL E 276 0.69 58.04 7.07
C VAL E 276 1.26 56.62 7.09
N ILE E 277 1.20 55.97 8.25
CA ILE E 277 1.67 54.60 8.41
C ILE E 277 0.48 53.74 8.80
N LEU E 278 0.34 52.59 8.14
CA LEU E 278 -0.74 51.66 8.38
C LEU E 278 -0.23 50.47 9.18
N PHE E 279 -0.85 50.20 10.32
CA PHE E 279 -0.48 49.10 11.19
C PHE E 279 -1.49 47.98 11.05
N ILE E 280 -0.98 46.75 10.94
CA ILE E 280 -1.80 45.56 10.80
C ILE E 280 -1.34 44.52 11.81
N ASP E 281 -2.28 43.95 12.55
CA ASP E 281 -2.01 42.85 13.46
C ASP E 281 -2.48 41.55 12.84
N GLU E 282 -1.73 40.48 13.13
CA GLU E 282 -2.00 39.15 12.57
C GLU E 282 -2.02 39.21 11.04
N ILE E 283 -0.90 39.67 10.48
CA ILE E 283 -0.83 39.91 9.04
C ILE E 283 -0.92 38.60 8.27
N HIS E 284 -0.36 37.51 8.82
CA HIS E 284 -0.33 36.25 8.08
C HIS E 284 -1.72 35.71 7.84
N LEU E 285 -2.58 35.76 8.86
CA LEU E 285 -3.91 35.15 8.76
C LEU E 285 -4.74 35.79 7.66
N VAL E 286 -4.67 37.11 7.52
CA VAL E 286 -5.50 37.82 6.56
C VAL E 286 -4.80 38.07 5.22
N LEU E 287 -3.48 37.91 5.14
CA LEU E 287 -2.76 38.16 3.90
C LEU E 287 -2.28 36.88 3.23
N GLY E 288 -1.62 35.99 3.97
CA GLY E 288 -1.10 34.77 3.36
C GLY E 288 -2.15 33.77 2.97
N ALA E 289 -3.33 33.83 3.59
CA ALA E 289 -4.43 32.93 3.25
C ALA E 289 -5.03 33.29 1.90
N SER E 295 -9.70 29.11 1.83
CA SER E 295 -9.86 30.35 2.57
C SER E 295 -10.03 31.54 1.61
N MET E 296 -10.11 32.74 2.18
CA MET E 296 -10.27 33.94 1.37
C MET E 296 -9.02 34.20 0.54
N ASP E 297 -9.22 34.60 -0.71
CA ASP E 297 -8.14 34.86 -1.65
C ASP E 297 -7.92 36.36 -1.74
N ALA E 298 -6.83 36.84 -1.13
CA ALA E 298 -6.47 38.26 -1.18
C ALA E 298 -5.02 38.53 -1.47
N ALA E 299 -4.15 37.51 -1.52
CA ALA E 299 -2.72 37.75 -1.73
C ALA E 299 -2.46 38.33 -3.13
N ASN E 300 -3.09 37.77 -4.16
CA ASN E 300 -2.90 38.29 -5.51
C ASN E 300 -3.44 39.71 -5.62
N LEU E 301 -4.55 40.00 -4.96
CA LEU E 301 -5.11 41.35 -4.99
C LEU E 301 -4.18 42.34 -4.28
N PHE E 302 -3.58 41.93 -3.16
CA PHE E 302 -2.73 42.82 -2.38
C PHE E 302 -1.32 42.94 -2.95
N LYS E 303 -0.91 42.04 -3.82
CA LYS E 303 0.45 42.07 -4.36
C LYS E 303 0.77 43.34 -5.15
N PRO E 304 -0.07 43.81 -6.09
CA PRO E 304 0.42 44.85 -7.02
C PRO E 304 0.76 46.18 -6.36
N MET E 305 -0.18 46.78 -5.62
CA MET E 305 0.12 48.07 -5.01
C MET E 305 1.17 47.96 -3.92
N LEU E 306 1.22 46.82 -3.21
CA LEU E 306 2.28 46.63 -2.22
C LEU E 306 3.65 46.59 -2.88
N ALA E 307 3.75 45.90 -4.02
CA ALA E 307 5.01 45.91 -4.78
C ALA E 307 5.32 47.30 -5.31
N ARG E 308 4.28 48.05 -5.71
CA ARG E 308 4.48 49.42 -6.14
C ARG E 308 5.03 50.29 -5.01
N GLY E 309 4.62 50.00 -3.77
CA GLY E 309 5.08 50.76 -2.63
C GLY E 309 4.25 52.01 -2.38
N GLN E 310 2.94 51.83 -2.23
CA GLN E 310 2.07 52.99 -2.05
C GLN E 310 2.32 53.67 -0.71
N LEU E 311 2.43 52.90 0.37
CA LEU E 311 2.69 53.43 1.70
C LEU E 311 3.67 52.50 2.40
N ARG E 312 3.80 52.69 3.72
CA ARG E 312 4.68 51.89 4.56
C ARG E 312 3.84 51.09 5.54
N CYS E 313 4.08 49.78 5.61
CA CYS E 313 3.28 48.88 6.42
C CYS E 313 4.13 48.23 7.49
N ILE E 314 3.50 47.94 8.63
CA ILE E 314 4.13 47.29 9.76
C ILE E 314 3.30 46.07 10.13
N GLY E 315 3.97 44.93 10.33
CA GLY E 315 3.29 43.70 10.69
C GLY E 315 3.83 43.13 12.00
N ALA E 316 3.26 41.99 12.38
CA ALA E 316 3.68 41.29 13.59
C ALA E 316 3.10 39.90 13.58
N THR E 317 3.96 38.89 13.79
CA THR E 317 3.53 37.50 13.81
C THR E 317 4.65 36.66 14.39
N THR E 318 4.34 35.39 14.64
CA THR E 318 5.32 34.46 15.19
C THR E 318 6.21 33.92 14.07
N LEU E 319 7.22 33.13 14.46
CA LEU E 319 8.19 32.65 13.48
C LEU E 319 7.71 31.43 12.71
N GLU E 320 6.85 30.61 13.30
CA GLU E 320 6.32 29.45 12.58
C GLU E 320 5.44 29.88 11.42
N GLU E 321 4.68 30.97 11.60
CA GLU E 321 3.91 31.51 10.48
C GLU E 321 4.83 31.93 9.34
N TYR E 322 5.95 32.58 9.68
CA TYR E 322 6.94 32.92 8.67
C TYR E 322 7.50 31.67 8.00
N ARG E 323 7.67 30.60 8.77
CA ARG E 323 8.26 29.38 8.21
C ARG E 323 7.32 28.72 7.22
N LYS E 324 6.03 28.65 7.54
CA LYS E 324 5.11 27.83 6.76
C LYS E 324 4.13 28.62 5.89
N TYR E 325 4.20 29.96 5.87
CA TYR E 325 3.29 30.74 5.05
C TYR E 325 4.01 31.57 3.99
N VAL E 326 5.03 32.33 4.38
CA VAL E 326 5.64 33.28 3.45
C VAL E 326 6.82 32.70 2.68
N GLU E 327 7.44 31.62 3.15
CA GLU E 327 8.58 31.05 2.46
C GLU E 327 8.18 30.21 1.26
N LYS E 328 6.90 29.95 1.07
CA LYS E 328 6.42 29.15 -0.06
C LYS E 328 6.17 29.96 -1.32
N ASP E 329 6.35 31.29 -1.26
CA ASP E 329 6.17 32.15 -2.42
C ASP E 329 7.35 33.11 -2.54
N ALA E 330 7.67 33.46 -3.78
CA ALA E 330 8.81 34.33 -4.08
C ALA E 330 8.41 35.78 -4.24
N ALA E 331 7.16 36.14 -4.01
CA ALA E 331 6.69 37.50 -4.22
C ALA E 331 6.87 38.37 -2.99
N PHE E 332 6.44 37.89 -1.82
CA PHE E 332 6.47 38.71 -0.61
C PHE E 332 7.88 38.90 -0.06
N GLU E 333 8.83 38.04 -0.45
CA GLU E 333 10.19 38.17 0.04
C GLU E 333 10.92 39.37 -0.54
N ARG E 334 10.36 40.03 -1.56
CA ARG E 334 11.00 41.20 -2.15
C ARG E 334 11.13 42.32 -1.13
N ARG E 335 10.09 42.53 -0.34
CA ARG E 335 10.09 43.52 0.73
C ARG E 335 10.13 42.83 2.08
N PHE E 336 10.03 43.64 3.14
CA PHE E 336 9.97 43.20 4.53
C PHE E 336 11.33 42.69 5.01
N GLN E 337 11.71 43.09 6.23
CA GLN E 337 12.95 42.67 6.85
C GLN E 337 12.68 42.17 8.26
N GLN E 338 13.38 41.13 8.66
CA GLN E 338 13.17 40.52 9.96
C GLN E 338 13.70 41.42 11.07
N VAL E 339 12.94 41.49 12.16
CA VAL E 339 13.38 42.15 13.38
C VAL E 339 13.11 41.19 14.53
N PHE E 340 14.14 40.91 15.33
CA PHE E 340 14.07 39.90 16.37
C PHE E 340 13.88 40.56 17.72
N VAL E 341 12.89 40.07 18.48
CA VAL E 341 12.58 40.56 19.82
C VAL E 341 12.60 39.39 20.78
N ALA E 342 13.28 39.57 21.92
CA ALA E 342 13.35 38.55 22.95
C ALA E 342 13.63 39.21 24.29
N GLU E 343 13.21 38.55 25.37
CA GLU E 343 13.38 39.06 26.73
C GLU E 343 13.95 37.96 27.62
N PRO E 344 15.24 37.68 27.50
CA PRO E 344 15.89 36.70 28.37
C PRO E 344 16.58 37.28 29.61
N SER E 345 16.42 38.58 29.87
CA SER E 345 17.16 39.24 30.95
C SER E 345 16.33 39.22 32.23
N VAL E 346 16.75 38.41 33.20
CA VAL E 346 16.10 38.42 34.51
C VAL E 346 16.21 39.78 35.20
N PRO E 347 17.38 40.44 35.26
CA PRO E 347 17.44 41.74 35.95
C PRO E 347 16.53 42.80 35.35
N ASP E 348 16.25 42.74 34.04
CA ASP E 348 15.39 43.73 33.42
C ASP E 348 13.95 43.59 33.94
N THR E 349 13.48 42.36 34.14
CA THR E 349 12.11 42.14 34.56
C THR E 349 11.80 42.86 35.87
N ILE E 350 12.80 43.01 36.74
CA ILE E 350 12.60 43.76 37.98
C ILE E 350 12.25 45.21 37.67
N SER E 351 12.92 45.80 36.68
CA SER E 351 12.60 47.17 36.28
C SER E 351 11.18 47.28 35.74
N ILE E 352 10.75 46.28 34.96
CA ILE E 352 9.39 46.29 34.44
C ILE E 352 8.38 46.21 35.58
N LEU E 353 8.64 45.36 36.57
CA LEU E 353 7.73 45.25 37.72
C LEU E 353 7.69 46.57 38.50
N ARG E 354 8.85 47.20 38.70
CA ARG E 354 8.87 48.48 39.39
C ARG E 354 8.09 49.53 38.63
N GLY E 355 8.20 49.53 37.30
CA GLY E 355 7.45 50.49 36.50
C GLY E 355 5.95 50.26 36.57
N LEU E 356 5.52 49.01 36.49
CA LEU E 356 4.09 48.69 36.47
C LEU E 356 3.47 48.60 37.85
N LYS E 357 4.26 48.69 38.92
CA LYS E 357 3.71 48.59 40.26
C LYS E 357 2.72 49.72 40.58
N GLU E 358 2.94 50.90 40.02
CA GLU E 358 2.16 52.07 40.40
C GLU E 358 0.68 51.92 40.06
N LYS E 359 0.38 51.42 38.86
CA LYS E 359 -1.01 51.30 38.45
C LYS E 359 -1.78 50.33 39.34
N TYR E 360 -1.18 49.17 39.64
CA TYR E 360 -1.84 48.20 40.50
C TYR E 360 -1.97 48.73 41.93
N GLU E 361 -0.95 49.45 42.40
CA GLU E 361 -1.04 50.04 43.74
C GLU E 361 -2.18 51.05 43.82
N GLY E 362 -2.32 51.89 42.79
CA GLY E 362 -3.42 52.83 42.77
C GLY E 362 -4.77 52.15 42.69
N HIS E 363 -4.87 51.08 41.88
CA HIS E 363 -6.15 50.41 41.72
C HIS E 363 -6.58 49.69 42.99
N HIS E 364 -5.64 49.00 43.66
CA HIS E 364 -5.99 48.22 44.84
C HIS E 364 -5.89 49.04 46.13
N GLY E 365 -4.95 49.98 46.19
CA GLY E 365 -4.80 50.82 47.38
C GLY E 365 -4.40 50.08 48.63
N VAL E 366 -3.41 49.19 48.53
CA VAL E 366 -2.95 48.41 49.66
C VAL E 366 -1.43 48.53 49.75
N ARG E 367 -0.92 48.49 50.97
CA ARG E 367 0.52 48.58 51.20
C ARG E 367 1.22 47.35 50.62
N ILE E 368 2.40 47.56 50.05
CA ILE E 368 3.18 46.50 49.42
C ILE E 368 4.61 46.57 49.97
N GLN E 369 5.42 45.59 49.55
CA GLN E 369 6.81 45.51 49.94
C GLN E 369 7.65 45.26 48.69
N ASP E 370 8.96 45.47 48.83
CA ASP E 370 9.90 45.29 47.73
C ASP E 370 10.58 43.92 47.74
N ARG E 371 10.88 43.39 48.93
CA ARG E 371 11.45 42.05 49.02
C ARG E 371 10.50 41.02 48.43
N ALA E 372 9.21 41.19 48.64
CA ALA E 372 8.23 40.32 47.99
C ALA E 372 8.32 40.40 46.48
N LEU E 373 8.49 41.61 45.96
CA LEU E 373 8.59 41.79 44.51
C LEU E 373 9.80 41.07 43.94
N VAL E 374 10.97 41.26 44.57
CA VAL E 374 12.18 40.63 44.04
C VAL E 374 12.11 39.11 44.22
N VAL E 375 11.52 38.63 45.31
CA VAL E 375 11.38 37.19 45.51
C VAL E 375 10.48 36.58 44.45
N ALA E 376 9.36 37.26 44.14
CA ALA E 376 8.48 36.77 43.08
C ALA E 376 9.19 36.77 41.73
N ALA E 377 9.97 37.82 41.45
CA ALA E 377 10.71 37.87 40.20
C ALA E 377 11.69 36.72 40.09
N GLN E 378 12.41 36.42 41.18
CA GLN E 378 13.37 35.31 41.15
C GLN E 378 12.67 33.96 41.03
N LEU E 379 11.54 33.79 41.71
CA LEU E 379 10.87 32.50 41.74
C LEU E 379 10.11 32.19 40.46
N SER E 380 9.64 33.22 39.75
CA SER E 380 8.77 33.00 38.60
C SER E 380 9.45 32.27 37.45
N ALA E 381 10.78 32.22 37.42
CA ALA E 381 11.50 31.67 36.27
C ALA E 381 12.00 30.26 36.49
N ARG E 382 11.75 29.65 37.65
CA ARG E 382 12.29 28.34 37.97
C ARG E 382 11.22 27.28 38.18
N TYR E 383 10.25 27.53 39.07
CA TYR E 383 9.29 26.50 39.42
C TYR E 383 8.17 26.39 38.38
N ILE E 384 7.41 27.46 38.18
CA ILE E 384 6.27 27.42 37.27
C ILE E 384 6.80 27.33 35.85
N MET E 385 6.53 26.21 35.19
CA MET E 385 7.01 25.95 33.84
C MET E 385 5.85 26.01 32.87
N GLY E 386 6.09 26.61 31.70
CA GLY E 386 5.05 26.81 30.72
C GLY E 386 4.99 28.26 30.29
N ARG E 387 3.88 28.65 29.66
CA ARG E 387 3.72 30.01 29.15
C ARG E 387 4.93 30.41 28.32
N HIS E 388 5.60 31.48 28.69
CA HIS E 388 6.81 31.89 27.98
C HIS E 388 7.64 32.78 28.92
N LEU E 389 8.55 33.56 28.32
CA LEU E 389 9.59 34.35 28.98
C LEU E 389 9.04 35.12 30.17
N PRO E 390 9.90 35.48 31.15
CA PRO E 390 9.39 35.83 32.50
C PRO E 390 8.62 37.14 32.60
N ASP E 391 8.19 37.69 31.48
CA ASP E 391 7.27 38.82 31.56
C ASP E 391 5.87 38.43 32.08
N LYS E 392 5.68 37.20 32.54
CA LYS E 392 4.42 36.74 33.10
C LYS E 392 4.33 36.88 34.61
N ALA E 393 5.36 37.44 35.26
CA ALA E 393 5.32 37.63 36.70
C ALA E 393 4.27 38.65 37.12
N ILE E 394 3.78 39.47 36.18
CA ILE E 394 2.74 40.43 36.49
C ILE E 394 1.46 39.72 36.95
N ASP E 395 1.11 38.63 36.27
CA ASP E 395 -0.07 37.87 36.69
C ASP E 395 0.13 37.26 38.07
N LEU E 396 1.34 36.75 38.34
CA LEU E 396 1.62 36.15 39.63
C LEU E 396 1.48 37.17 40.75
N VAL E 397 2.01 38.38 40.56
CA VAL E 397 1.88 39.38 41.60
C VAL E 397 0.43 39.88 41.71
N ASP E 398 -0.27 39.98 40.57
CA ASP E 398 -1.66 40.45 40.59
C ASP E 398 -2.57 39.48 41.32
N GLU E 399 -2.28 38.17 41.25
CA GLU E 399 -3.10 37.20 41.97
C GLU E 399 -3.09 37.48 43.47
N ALA E 400 -1.90 37.67 44.04
CA ALA E 400 -1.81 37.98 45.47
C ALA E 400 -2.39 39.36 45.77
N CYS E 401 -2.18 40.32 44.87
CA CYS E 401 -2.72 41.66 45.09
C CYS E 401 -4.25 41.63 45.15
N ALA E 402 -4.88 40.79 44.34
CA ALA E 402 -6.33 40.66 44.39
C ALA E 402 -6.78 39.83 45.60
N ASN E 403 -6.00 38.82 45.98
CA ASN E 403 -6.38 37.98 47.10
C ASN E 403 -6.37 38.76 48.40
N VAL E 404 -5.37 39.62 48.61
CA VAL E 404 -5.21 40.28 49.90
C VAL E 404 -6.39 41.22 50.18
N ARG E 405 -6.92 41.87 49.14
CA ARG E 405 -8.04 42.78 49.34
C ARG E 405 -9.25 42.04 49.89
N VAL E 406 -9.63 40.94 49.24
CA VAL E 406 -10.77 40.16 49.71
C VAL E 406 -10.50 39.57 51.08
N GLN E 407 -9.25 39.16 51.33
CA GLN E 407 -8.93 38.53 52.61
C GLN E 407 -9.05 39.50 53.77
N LEU E 408 -8.56 40.73 53.60
CA LEU E 408 -8.46 41.67 54.71
C LEU E 408 -9.46 42.81 54.62
N ASP E 409 -9.46 43.57 53.52
CA ASP E 409 -10.35 44.72 53.41
C ASP E 409 -11.81 44.29 53.44
N SER E 410 -12.14 43.22 52.72
CA SER E 410 -13.50 42.70 52.73
C SER E 410 -13.70 41.81 53.96
N GLN E 411 -14.82 41.08 53.97
CA GLN E 411 -15.11 40.21 55.11
C GLN E 411 -14.08 39.08 55.17
N PRO E 412 -13.56 38.78 56.36
CA PRO E 412 -12.59 37.69 56.48
C PRO E 412 -13.23 36.34 56.18
N GLU E 413 -12.40 35.42 55.68
CA GLU E 413 -12.87 34.11 55.25
C GLU E 413 -12.70 33.02 56.31
N GLU E 414 -11.78 33.21 57.27
CA GLU E 414 -11.60 32.21 58.32
C GLU E 414 -12.87 32.06 59.16
N ILE E 415 -13.51 33.17 59.50
CA ILE E 415 -14.75 33.10 60.27
C ILE E 415 -15.85 32.44 59.44
N ASP E 416 -15.88 32.69 58.14
CA ASP E 416 -16.86 32.06 57.27
C ASP E 416 -16.66 30.55 57.22
N ASN E 417 -15.40 30.11 57.11
CA ASN E 417 -15.12 28.67 57.14
C ASN E 417 -15.52 28.06 58.48
N LEU E 418 -15.22 28.76 59.57
CA LEU E 418 -15.60 28.26 60.90
C LEU E 418 -17.11 28.11 61.03
N GLU E 419 -17.86 29.12 60.58
CA GLU E 419 -19.31 29.04 60.69
C GLU E 419 -19.89 28.02 59.73
N ARG E 420 -19.27 27.80 58.57
CA ARG E 420 -19.73 26.75 57.68
C ARG E 420 -19.53 25.37 58.29
N LYS E 421 -18.38 25.14 58.94
CA LYS E 421 -18.17 23.86 59.60
C LYS E 421 -19.07 23.71 60.82
N ARG E 422 -19.40 24.82 61.50
CA ARG E 422 -20.38 24.76 62.58
C ARG E 422 -21.76 24.38 62.05
N ILE E 423 -22.13 24.92 60.89
CA ILE E 423 -23.40 24.57 60.27
C ILE E 423 -23.42 23.09 59.89
N GLN E 424 -22.30 22.59 59.36
CA GLN E 424 -22.21 21.17 59.04
C GLN E 424 -22.34 20.31 60.30
N LEU E 425 -21.70 20.73 61.39
CA LEU E 425 -21.83 20.02 62.65
C LEU E 425 -23.28 19.99 63.13
N GLU E 426 -23.96 21.14 63.05
CA GLU E 426 -25.37 21.20 63.45
C GLU E 426 -26.23 20.29 62.58
N VAL E 427 -25.95 20.27 61.27
CA VAL E 427 -26.72 19.43 60.35
C VAL E 427 -26.53 17.96 60.71
N GLU E 428 -25.28 17.55 60.96
CA GLU E 428 -25.03 16.14 61.25
C GLU E 428 -25.53 15.77 62.65
N HIS E 429 -25.66 16.73 63.54
CA HIS E 429 -26.21 16.47 64.87
C HIS E 429 -27.69 16.78 64.91
N PRO E 535 6.00 38.90 51.98
CA PRO E 535 6.60 38.03 50.98
C PRO E 535 6.13 36.58 51.10
N GLU E 536 5.46 36.26 52.21
CA GLU E 536 4.92 34.93 52.39
C GLU E 536 3.65 34.72 51.57
N GLN E 537 2.91 35.79 51.29
CA GLN E 537 1.65 35.65 50.56
C GLN E 537 1.88 35.15 49.14
N ILE E 538 2.89 35.67 48.46
CA ILE E 538 3.15 35.24 47.09
C ILE E 538 3.67 33.81 47.04
N ALA E 539 4.13 33.26 48.17
CA ALA E 539 4.54 31.87 48.19
C ALA E 539 3.34 30.94 48.18
N GLU E 540 2.22 31.36 48.76
CA GLU E 540 1.05 30.49 48.85
C GLU E 540 0.43 30.25 47.48
N VAL E 541 0.34 31.29 46.65
CA VAL E 541 -0.33 31.16 45.36
C VAL E 541 0.45 30.21 44.46
N VAL E 542 1.78 30.35 44.40
CA VAL E 542 2.57 29.44 43.59
C VAL E 542 2.53 28.03 44.16
N SER E 543 2.37 27.90 45.48
CA SER E 543 2.27 26.58 46.08
C SER E 543 0.97 25.89 45.66
N ARG E 544 -0.15 26.62 45.69
CA ARG E 544 -1.41 26.03 45.30
C ARG E 544 -1.59 25.96 43.79
N TRP E 545 -0.71 26.60 43.02
CA TRP E 545 -0.84 26.58 41.56
C TRP E 545 -0.51 25.20 41.01
N THR E 546 0.62 24.60 41.43
CA THR E 546 1.05 23.33 40.88
C THR E 546 1.58 22.36 41.92
N GLY E 547 1.38 22.62 43.21
CA GLY E 547 1.94 21.77 44.24
C GLY E 547 3.29 22.27 44.70
N ILE E 548 4.23 21.36 44.93
CA ILE E 548 5.60 21.70 45.32
C ILE E 548 5.57 22.62 46.54
N PRO E 549 5.27 22.11 47.73
CA PRO E 549 5.07 23.00 48.90
C PRO E 549 6.36 23.68 49.32
N VAL E 550 6.71 24.77 48.64
CA VAL E 550 7.91 25.54 48.92
C VAL E 550 7.60 26.61 49.95
N THR E 551 6.40 26.58 50.52
CA THR E 551 6.01 27.55 51.52
C THR E 551 6.92 27.47 52.75
N ARG E 552 6.90 28.54 53.54
CA ARG E 552 7.78 28.62 54.70
C ARG E 552 7.45 27.54 55.72
N LEU E 553 8.48 26.98 56.33
CA LEU E 553 8.33 25.84 57.23
C LEU E 553 7.96 26.31 58.63
N GLY E 554 7.23 25.45 59.35
CA GLY E 554 6.84 25.70 60.72
C GLY E 554 7.25 24.60 61.67
N GLN E 555 6.76 24.66 62.92
CA GLN E 555 7.12 23.64 63.91
C GLN E 555 6.48 22.30 63.59
N ASN E 556 5.28 22.32 63.01
CA ASN E 556 4.66 21.08 62.56
C ASN E 556 5.52 20.40 61.51
N ASP E 557 5.99 21.15 60.51
CA ASP E 557 6.95 20.60 59.56
C ASP E 557 8.22 20.18 60.25
N LYS E 558 8.62 20.89 61.32
CA LYS E 558 9.80 20.51 62.08
C LYS E 558 9.70 19.07 62.55
N GLU E 559 8.69 18.77 63.38
CA GLU E 559 8.69 17.42 63.94
C GLU E 559 8.26 16.39 62.90
N ARG E 560 7.52 16.80 61.87
CA ARG E 560 7.20 15.87 60.79
C ARG E 560 8.46 15.41 60.07
N LEU E 561 9.33 16.36 59.72
CA LEU E 561 10.58 16.00 59.06
C LEU E 561 11.51 15.26 60.00
N VAL E 562 11.45 15.55 61.30
CA VAL E 562 12.26 14.82 62.27
C VAL E 562 11.83 13.35 62.32
N GLY E 563 10.53 13.10 62.40
CA GLY E 563 9.99 11.77 62.53
C GLY E 563 9.66 11.05 61.24
N LEU E 564 9.99 11.64 60.08
CA LEU E 564 9.77 10.95 58.81
C LEU E 564 10.46 9.59 58.78
N ALA E 565 11.71 9.53 59.22
CA ALA E 565 12.44 8.26 59.20
C ALA E 565 11.78 7.23 60.12
N ASP E 566 11.40 7.65 61.32
CA ASP E 566 10.76 6.72 62.25
C ASP E 566 9.43 6.21 61.70
N ARG E 567 8.64 7.09 61.10
CA ARG E 567 7.36 6.66 60.55
C ARG E 567 7.56 5.74 59.35
N LEU E 568 8.55 6.02 58.50
CA LEU E 568 8.83 5.16 57.36
C LEU E 568 9.47 3.84 57.76
N HIS E 569 9.97 3.74 59.00
CA HIS E 569 10.61 2.53 59.48
C HIS E 569 9.62 1.51 60.06
N GLN E 570 8.37 1.54 59.61
CA GLN E 570 7.34 0.63 60.10
C GLN E 570 6.95 -0.43 59.08
N ARG E 571 6.60 -0.04 57.86
CA ARG E 571 6.20 -1.01 56.85
C ARG E 571 7.35 -1.93 56.47
N VAL E 572 8.54 -1.38 56.34
CA VAL E 572 9.73 -2.16 56.07
C VAL E 572 10.45 -2.45 57.37
N VAL E 573 11.15 -3.59 57.42
CA VAL E 573 11.81 -4.05 58.64
C VAL E 573 13.25 -4.44 58.28
N GLY E 574 14.21 -3.91 59.04
CA GLY E 574 15.60 -4.31 58.87
C GLY E 574 16.22 -3.90 57.55
N GLN E 575 15.92 -2.70 57.08
CA GLN E 575 16.43 -2.16 55.82
C GLN E 575 16.98 -0.76 56.04
N ALA E 576 17.86 -0.62 57.03
CA ALA E 576 18.29 0.69 57.50
C ALA E 576 18.94 1.50 56.39
N GLU E 577 19.72 0.86 55.52
CA GLU E 577 20.50 1.60 54.53
C GLU E 577 19.59 2.34 53.55
N ALA E 578 18.65 1.62 52.93
CA ALA E 578 17.77 2.24 51.94
C ALA E 578 16.86 3.28 52.59
N VAL E 579 16.35 2.99 53.79
CA VAL E 579 15.48 3.92 54.49
C VAL E 579 16.23 5.22 54.79
N SER E 580 17.45 5.10 55.30
CA SER E 580 18.25 6.28 55.59
C SER E 580 18.54 7.07 54.32
N ALA E 581 18.88 6.36 53.23
CA ALA E 581 19.18 7.06 51.98
C ALA E 581 17.99 7.87 51.50
N VAL E 582 16.81 7.25 51.44
CA VAL E 582 15.65 7.96 50.90
C VAL E 582 15.22 9.08 51.85
N ALA E 583 15.31 8.85 53.16
CA ALA E 583 14.91 9.88 54.11
C ALA E 583 15.81 11.11 54.00
N GLU E 584 17.13 10.89 53.95
CA GLU E 584 18.03 12.03 53.81
C GLU E 584 17.87 12.71 52.46
N ALA E 585 17.59 11.95 51.40
CA ALA E 585 17.35 12.58 50.10
C ALA E 585 16.15 13.52 50.16
N VAL E 586 15.04 13.05 50.73
CA VAL E 586 13.85 13.89 50.80
C VAL E 586 14.10 15.11 51.68
N LEU E 587 14.75 14.91 52.83
CA LEU E 587 15.02 16.03 53.73
C LEU E 587 15.93 17.07 53.07
N ARG E 588 16.96 16.61 52.36
CA ARG E 588 17.85 17.52 51.66
C ARG E 588 17.11 18.31 50.59
N SER E 589 16.25 17.63 49.83
CA SER E 589 15.48 18.34 48.80
C SER E 589 14.57 19.39 49.41
N ARG E 590 13.94 19.06 50.56
CA ARG E 590 12.99 19.98 51.16
C ARG E 590 13.69 21.15 51.85
N ALA E 591 14.91 20.95 52.36
CA ALA E 591 15.57 21.98 53.16
C ALA E 591 15.80 23.24 52.36
N GLY E 592 16.26 23.11 51.12
CA GLY E 592 16.48 24.26 50.27
C GLY E 592 17.79 24.25 49.50
N LEU E 593 18.63 23.27 49.78
CA LEU E 593 19.92 23.14 49.13
C LEU E 593 19.79 22.19 47.94
N GLY E 594 20.92 21.79 47.38
CA GLY E 594 20.91 20.83 46.30
C GLY E 594 21.08 21.49 44.95
N ARG E 595 21.71 20.75 44.03
CA ARG E 595 21.94 21.27 42.69
C ARG E 595 20.61 21.40 41.94
N PRO E 596 20.41 22.50 41.20
CA PRO E 596 19.14 22.67 40.49
C PRO E 596 19.12 21.99 39.12
N GLN E 597 20.07 21.08 38.88
CA GLN E 597 20.19 20.38 37.61
C GLN E 597 20.22 18.88 37.82
N GLN E 598 19.29 18.38 38.63
CA GLN E 598 19.19 16.96 38.92
C GLN E 598 17.76 16.63 39.27
N PRO E 599 17.36 15.37 39.12
CA PRO E 599 15.99 14.97 39.50
C PRO E 599 15.83 14.73 40.99
N THR E 600 16.77 15.26 41.80
CA THR E 600 16.74 15.11 43.25
C THR E 600 16.75 13.65 43.66
N GLY E 601 17.70 12.90 43.12
CA GLY E 601 17.92 11.54 43.55
C GLY E 601 17.46 10.47 42.59
N SER E 602 18.35 9.52 42.29
CA SER E 602 18.02 8.34 41.53
C SER E 602 18.67 7.15 42.22
N PHE E 603 17.99 6.01 42.23
CA PHE E 603 18.49 4.85 42.95
C PHE E 603 18.29 3.60 42.13
N LEU E 604 19.15 2.61 42.39
CA LEU E 604 19.04 1.28 41.82
C LEU E 604 18.94 0.26 42.94
N PHE E 605 17.93 -0.60 42.88
CA PHE E 605 17.67 -1.58 43.92
C PHE E 605 17.99 -2.97 43.38
N LEU E 606 18.88 -3.68 44.06
CA LEU E 606 19.31 -5.02 43.68
C LEU E 606 19.19 -5.95 44.87
N GLY E 607 18.62 -7.13 44.65
CA GLY E 607 18.48 -8.11 45.71
C GLY E 607 17.66 -9.31 45.29
N PRO E 608 17.43 -10.23 46.23
CA PRO E 608 16.62 -11.41 45.92
C PRO E 608 15.17 -11.07 45.64
N THR E 609 14.36 -12.08 45.32
CA THR E 609 12.96 -11.87 45.00
C THR E 609 12.12 -11.96 46.27
N GLY E 610 11.06 -11.14 46.33
CA GLY E 610 10.15 -11.14 47.45
C GLY E 610 10.78 -10.71 48.76
N VAL E 611 11.54 -9.62 48.73
CA VAL E 611 12.17 -9.09 49.93
C VAL E 611 11.60 -7.75 50.35
N GLY E 612 10.87 -7.06 49.48
CA GLY E 612 10.27 -5.79 49.84
C GLY E 612 10.78 -4.62 49.02
N LYS E 613 11.11 -4.87 47.75
CA LYS E 613 11.63 -3.82 46.89
C LYS E 613 10.57 -2.74 46.63
N THR E 614 9.37 -3.14 46.22
CA THR E 614 8.32 -2.16 45.96
C THR E 614 7.55 -1.76 47.21
N GLU E 615 7.70 -2.51 48.31
CA GLU E 615 7.03 -2.13 49.54
C GLU E 615 7.57 -0.81 50.08
N LEU E 616 8.89 -0.61 49.98
CA LEU E 616 9.47 0.66 50.41
C LEU E 616 8.94 1.81 49.57
N ALA E 617 8.82 1.60 48.25
CA ALA E 617 8.28 2.65 47.39
C ALA E 617 6.83 2.96 47.74
N LYS E 618 6.02 1.93 48.00
CA LYS E 618 4.63 2.14 48.36
C LYS E 618 4.51 2.90 49.68
N ALA E 619 5.32 2.51 50.68
CA ALA E 619 5.27 3.19 51.97
C ALA E 619 5.72 4.64 51.84
N LEU E 620 6.78 4.88 51.05
CA LEU E 620 7.23 6.25 50.85
C LEU E 620 6.16 7.10 50.17
N ALA E 621 5.49 6.54 49.15
CA ALA E 621 4.42 7.27 48.48
C ALA E 621 3.28 7.58 49.43
N GLU E 622 2.92 6.61 50.28
CA GLU E 622 1.83 6.84 51.23
C GLU E 622 2.22 7.89 52.27
N GLN E 623 3.50 7.92 52.67
CA GLN E 623 3.92 8.86 53.70
C GLN E 623 4.07 10.28 53.17
N LEU E 624 4.55 10.42 51.93
CA LEU E 624 4.80 11.76 51.39
C LEU E 624 3.51 12.56 51.25
N PHE E 625 2.44 11.91 50.79
CA PHE E 625 1.16 12.57 50.58
C PHE E 625 0.05 11.58 50.91
N ASP E 626 -1.15 12.12 51.16
CA ASP E 626 -2.25 11.30 51.63
C ASP E 626 -2.76 10.30 50.58
N ASP E 627 -2.35 10.45 49.33
CA ASP E 627 -2.77 9.51 48.30
C ASP E 627 -2.13 8.15 48.53
N GLU E 628 -2.75 7.11 47.96
CA GLU E 628 -2.22 5.76 48.07
C GLU E 628 -1.68 5.20 46.76
N ASN E 629 -2.24 5.60 45.61
CA ASN E 629 -1.83 5.06 44.33
C ASN E 629 -1.54 6.17 43.32
N LEU E 630 -1.08 7.33 43.80
CA LEU E 630 -0.74 8.41 42.88
C LEU E 630 0.52 8.09 42.09
N LEU E 631 1.39 7.23 42.62
CA LEU E 631 2.60 6.84 41.93
C LEU E 631 2.26 6.14 40.61
N VAL E 632 3.11 6.35 39.61
CA VAL E 632 2.89 5.83 38.26
C VAL E 632 3.79 4.62 38.07
N ARG E 633 3.20 3.50 37.66
CA ARG E 633 3.93 2.26 37.43
C ARG E 633 4.23 2.12 35.95
N ILE E 634 5.51 2.04 35.61
CA ILE E 634 5.95 1.89 34.22
C ILE E 634 6.76 0.61 34.12
N ASP E 635 6.38 -0.26 33.19
CA ASP E 635 7.07 -1.52 32.95
C ASP E 635 7.36 -1.66 31.47
N MET E 636 8.44 -2.37 31.16
CA MET E 636 8.85 -2.59 29.77
C MET E 636 8.86 -4.06 29.39
N SER E 637 7.96 -4.84 30.00
CA SER E 637 7.84 -6.25 29.62
C SER E 637 7.38 -6.41 28.17
N GLU E 638 6.70 -5.40 27.62
CA GLU E 638 6.25 -5.43 26.23
C GLU E 638 7.05 -4.46 25.35
N TYR E 639 8.21 -4.01 25.81
CA TYR E 639 9.05 -3.07 25.08
C TYR E 639 10.32 -3.75 24.59
N MET E 640 10.20 -5.01 24.17
CA MET E 640 11.36 -5.75 23.69
C MET E 640 11.89 -5.18 22.38
N GLU E 641 11.01 -4.80 21.47
CA GLU E 641 11.41 -4.27 20.17
C GLU E 641 11.55 -2.76 20.25
N GLN E 642 12.57 -2.23 19.56
CA GLN E 642 12.86 -0.81 19.60
C GLN E 642 11.79 0.06 18.94
N HIS E 643 10.85 -0.56 18.22
CA HIS E 643 9.77 0.21 17.62
C HIS E 643 8.78 0.74 18.65
N SER E 644 8.97 0.43 19.93
CA SER E 644 8.10 0.90 21.01
C SER E 644 8.50 2.28 21.52
N VAL E 645 9.56 2.87 21.00
CA VAL E 645 9.96 4.21 21.42
C VAL E 645 8.87 5.22 21.08
N ALA E 646 8.23 5.05 19.92
CA ALA E 646 7.21 6.01 19.48
C ALA E 646 6.02 6.05 20.43
N ARG E 647 5.77 4.98 21.18
CA ARG E 647 4.70 5.00 22.18
C ARG E 647 5.22 5.25 23.59
N LEU E 648 6.48 4.92 23.89
CA LEU E 648 7.06 5.30 25.17
C LEU E 648 7.15 6.82 25.29
N ILE E 649 7.56 7.48 24.22
CA ILE E 649 7.73 8.93 24.21
C ILE E 649 6.70 9.53 23.25
N GLY E 650 6.59 10.86 23.28
CA GLY E 650 5.68 11.54 22.39
C GLY E 650 5.98 11.28 20.93
N ALA E 651 5.08 10.56 20.26
CA ALA E 651 5.29 10.21 18.86
C ALA E 651 5.22 11.45 17.97
N PRO E 652 5.96 11.46 16.87
CA PRO E 652 5.86 12.57 15.94
C PRO E 652 4.48 12.64 15.32
N PRO E 653 4.02 13.83 14.96
CA PRO E 653 2.69 13.96 14.33
C PRO E 653 2.74 13.68 12.84
N GLY E 654 3.82 13.06 12.38
CA GLY E 654 4.07 12.83 10.97
C GLY E 654 2.98 12.08 10.23
N TYR E 655 2.75 10.82 10.61
CA TYR E 655 1.85 9.98 9.82
C TYR E 655 0.39 10.39 9.99
N VAL E 656 -0.15 10.23 11.20
CA VAL E 656 -1.54 10.60 11.44
C VAL E 656 -1.63 11.52 12.66
N GLY E 657 -0.64 11.46 13.54
CA GLY E 657 -0.63 12.31 14.72
C GLY E 657 -1.84 12.13 15.62
N HIS E 658 -2.33 10.91 15.76
CA HIS E 658 -3.51 10.63 16.56
C HIS E 658 -3.19 10.06 17.94
N GLU E 659 -2.14 9.25 18.04
CA GLU E 659 -1.72 8.65 19.31
C GLU E 659 -0.56 9.42 19.92
N GLU E 660 -0.57 10.74 19.77
CA GLU E 660 0.54 11.58 20.24
C GLU E 660 0.76 11.47 21.75
N GLY E 661 -0.26 11.07 22.50
CA GLY E 661 -0.11 10.90 23.94
C GLY E 661 0.85 9.79 24.29
N GLY E 662 2.02 10.15 24.80
CA GLY E 662 3.04 9.18 25.13
C GLY E 662 2.82 8.53 26.48
N GLN E 663 3.75 7.64 26.83
CA GLN E 663 3.67 6.96 28.11
C GLN E 663 4.09 7.87 29.25
N LEU E 664 5.04 8.77 28.99
CA LEU E 664 5.61 9.66 30.00
C LEU E 664 5.43 11.12 29.61
N THR E 665 4.28 11.46 29.05
CA THR E 665 4.02 12.81 28.56
C THR E 665 2.91 13.50 29.35
N GLU E 666 1.73 12.90 29.42
CA GLU E 666 0.59 13.55 30.06
C GLU E 666 0.52 13.31 31.56
N GLN E 667 1.13 12.22 32.06
CA GLN E 667 1.09 11.96 33.50
C GLN E 667 1.88 13.01 34.27
N VAL E 668 3.11 13.29 33.84
CA VAL E 668 3.93 14.28 34.52
C VAL E 668 3.40 15.69 34.32
N ARG E 669 2.75 15.97 33.21
CA ARG E 669 2.12 17.27 33.00
C ARG E 669 1.00 17.46 34.00
N ARG E 670 0.78 18.72 34.40
CA ARG E 670 -0.21 19.15 35.39
C ARG E 670 -0.01 18.47 36.75
N ARG E 671 1.10 17.75 36.92
CA ARG E 671 1.40 17.07 38.17
C ARG E 671 2.90 16.74 38.21
N PRO E 672 3.75 17.71 38.52
CA PRO E 672 5.20 17.47 38.47
C PRO E 672 5.83 16.99 39.77
N TYR E 673 5.03 16.67 40.80
CA TYR E 673 5.56 16.19 42.07
C TYR E 673 5.38 14.69 42.25
N SER E 674 5.06 13.98 41.18
CA SER E 674 4.77 12.56 41.27
C SER E 674 6.05 11.75 41.48
N VAL E 675 5.87 10.45 41.73
CA VAL E 675 6.97 9.50 41.88
C VAL E 675 6.85 8.49 40.76
N ILE E 676 7.91 8.33 39.98
CA ILE E 676 7.93 7.43 38.83
C ILE E 676 8.74 6.20 39.21
N LEU E 677 8.15 5.02 39.01
CA LEU E 677 8.76 3.76 39.40
C LEU E 677 8.94 2.87 38.18
N PHE E 678 10.16 2.38 37.99
CA PHE E 678 10.46 1.46 36.90
C PHE E 678 10.33 0.02 37.40
N ASP E 679 10.64 -0.94 36.53
CA ASP E 679 10.56 -2.35 36.87
C ASP E 679 11.30 -3.21 35.86
N GLU E 680 12.08 -4.19 36.34
CA GLU E 680 12.96 -5.04 35.53
C GLU E 680 13.62 -4.25 34.40
N VAL E 681 14.44 -3.26 34.76
CA VAL E 681 15.04 -2.37 33.76
C VAL E 681 15.92 -3.15 32.79
N GLU E 682 16.61 -4.18 33.26
CA GLU E 682 17.58 -4.87 32.42
C GLU E 682 16.94 -5.57 31.23
N LYS E 683 15.70 -6.05 31.38
CA LYS E 683 15.07 -6.83 30.33
C LYS E 683 14.74 -6.01 29.09
N ALA E 684 14.85 -4.69 29.15
CA ALA E 684 14.56 -3.85 27.99
C ALA E 684 15.67 -3.96 26.95
N HIS E 685 15.34 -3.54 25.73
CA HIS E 685 16.33 -3.42 24.68
C HIS E 685 17.29 -2.27 24.99
N VAL E 686 18.45 -2.29 24.33
CA VAL E 686 19.44 -1.23 24.57
C VAL E 686 18.92 0.10 24.05
N ALA E 687 18.31 0.11 22.87
CA ALA E 687 17.89 1.36 22.25
C ALA E 687 16.82 2.08 23.06
N VAL E 688 15.83 1.34 23.57
CA VAL E 688 14.75 1.97 24.31
C VAL E 688 15.26 2.53 25.63
N PHE E 689 16.18 1.83 26.28
CA PHE E 689 16.73 2.29 27.55
C PHE E 689 17.76 3.40 27.38
N ASN E 690 18.36 3.53 26.20
CA ASN E 690 19.39 4.53 25.95
C ASN E 690 18.81 5.90 25.59
N THR E 691 17.52 6.12 25.85
CA THR E 691 16.91 7.42 25.64
C THR E 691 16.55 8.14 26.94
N LEU E 692 16.75 7.50 28.09
CA LEU E 692 16.55 8.12 29.39
C LEU E 692 17.87 8.61 29.99
N LEU E 693 18.95 8.63 29.22
CA LEU E 693 20.21 9.13 29.72
C LEU E 693 20.21 10.66 29.79
N GLN E 694 19.57 11.32 28.83
CA GLN E 694 19.63 12.78 28.77
C GLN E 694 18.94 13.41 29.98
N VAL E 695 17.82 12.84 30.43
CA VAL E 695 17.13 13.39 31.59
C VAL E 695 17.96 13.17 32.86
N LEU E 696 18.56 11.98 33.00
CA LEU E 696 19.41 11.73 34.15
C LEU E 696 20.64 12.63 34.14
N ASP E 697 21.04 13.11 32.96
CA ASP E 697 22.19 14.01 32.90
C ASP E 697 21.85 15.38 33.47
N ASP E 698 20.88 16.07 32.88
CA ASP E 698 20.59 17.44 33.28
C ASP E 698 19.10 17.77 33.29
N GLY E 699 18.23 16.76 33.36
CA GLY E 699 16.80 17.01 33.36
C GLY E 699 16.31 17.43 31.99
N ARG E 700 15.01 17.70 31.93
CA ARG E 700 14.31 18.13 30.72
C ARG E 700 14.30 17.03 29.65
N LEU E 701 13.31 17.07 28.77
CA LEU E 701 13.17 16.07 27.73
C LEU E 701 12.30 16.64 26.61
N THR E 702 12.64 16.31 25.38
CA THR E 702 11.92 16.78 24.20
C THR E 702 11.23 15.61 23.52
N ASP E 703 9.94 15.77 23.22
CA ASP E 703 9.15 14.76 22.56
C ASP E 703 9.05 15.09 21.07
N GLY E 704 8.21 14.34 20.35
CA GLY E 704 8.08 14.55 18.92
C GLY E 704 7.55 15.92 18.56
N GLN E 705 6.59 16.42 19.34
CA GLN E 705 6.01 17.74 19.07
C GLN E 705 6.97 18.88 19.39
N GLY E 706 8.09 18.60 20.03
CA GLY E 706 9.06 19.62 20.35
C GLY E 706 8.87 20.30 21.70
N ARG E 707 7.81 19.96 22.43
CA ARG E 707 7.59 20.53 23.75
C ARG E 707 8.59 19.98 24.75
N THR E 708 9.03 20.83 25.66
CA THR E 708 10.01 20.46 26.67
C THR E 708 9.28 20.20 27.99
N VAL E 709 9.42 18.99 28.51
CA VAL E 709 8.85 18.60 29.78
C VAL E 709 9.97 18.49 30.81
N ASP E 710 9.74 19.02 32.00
CA ASP E 710 10.78 19.16 33.02
C ASP E 710 10.64 18.05 34.06
N PHE E 711 11.68 17.24 34.20
CA PHE E 711 11.80 16.30 35.30
C PHE E 711 12.74 16.92 36.33
N ARG E 712 12.22 17.90 37.07
CA ARG E 712 13.02 18.66 38.01
C ARG E 712 12.65 18.41 39.46
N ASN E 713 11.61 17.60 39.74
CA ASN E 713 11.23 17.33 41.11
C ASN E 713 10.79 15.90 41.34
N THR E 714 10.84 15.04 40.33
CA THR E 714 10.35 13.68 40.45
C THR E 714 11.46 12.73 40.87
N VAL E 715 11.15 11.85 41.81
CA VAL E 715 12.12 10.88 42.34
C VAL E 715 12.09 9.65 41.45
N ILE E 716 13.14 9.42 40.69
CA ILE E 716 13.21 8.27 39.80
C ILE E 716 13.78 7.08 40.56
N ILE E 717 13.06 5.97 40.55
CA ILE E 717 13.47 4.75 41.25
C ILE E 717 13.40 3.58 40.28
N MET E 718 14.47 2.80 40.21
CA MET E 718 14.56 1.61 39.36
C MET E 718 14.81 0.38 40.22
N THR E 719 14.66 -0.79 39.61
CA THR E 719 14.91 -2.05 40.30
C THR E 719 15.25 -3.12 39.27
N SER E 720 15.94 -4.16 39.73
CA SER E 720 16.34 -5.25 38.85
C SER E 720 16.63 -6.48 39.69
N ASN E 721 16.59 -7.64 39.03
CA ASN E 721 16.73 -8.94 39.69
C ASN E 721 18.08 -9.60 39.42
N LEU E 722 19.04 -8.88 38.83
CA LEU E 722 20.32 -9.50 38.50
C LEU E 722 21.11 -9.79 39.76
N GLY E 723 22.01 -10.77 39.65
CA GLY E 723 22.86 -11.11 40.78
C GLY E 723 22.15 -11.77 41.93
N ALA E 724 20.97 -12.33 41.70
CA ALA E 724 20.25 -12.99 42.78
C ALA E 724 20.93 -14.29 43.19
N GLU E 725 21.36 -15.09 42.21
CA GLU E 725 21.93 -16.40 42.51
C GLU E 725 23.22 -16.28 43.30
N HIS E 726 24.10 -15.35 42.91
CA HIS E 726 25.36 -15.19 43.63
C HIS E 726 25.12 -14.79 45.08
N LEU E 727 24.10 -13.97 45.32
CA LEU E 727 23.81 -13.53 46.68
C LEU E 727 23.17 -14.66 47.50
N LEU E 728 22.22 -15.39 46.92
CA LEU E 728 21.54 -16.41 47.71
C LEU E 728 22.41 -17.65 47.90
N ALA E 729 23.48 -17.77 47.12
CA ALA E 729 24.43 -18.87 47.35
C ALA E 729 25.08 -18.72 48.72
N GLY E 730 25.44 -17.50 49.11
CA GLY E 730 26.04 -17.26 50.40
C GLY E 730 25.02 -17.01 51.50
N SER E 736 31.40 -16.14 51.32
CA SER E 736 31.15 -15.10 52.30
C SER E 736 30.27 -14.00 51.70
N MET E 737 29.79 -13.11 52.56
CA MET E 737 28.96 -11.99 52.09
C MET E 737 29.78 -11.04 51.22
N LYS E 738 31.02 -10.77 51.62
CA LYS E 738 31.85 -9.81 50.87
C LYS E 738 32.13 -10.30 49.45
N VAL E 739 32.47 -11.58 49.30
CA VAL E 739 32.74 -12.10 47.97
C VAL E 739 31.48 -12.13 47.11
N ALA E 740 30.33 -12.40 47.73
CA ALA E 740 29.07 -12.35 46.97
C ALA E 740 28.76 -10.93 46.51
N ARG E 741 28.98 -9.94 47.38
CA ARG E 741 28.77 -8.56 46.98
C ARG E 741 29.71 -8.16 45.86
N ASP E 742 30.98 -8.58 45.95
CA ASP E 742 31.94 -8.29 44.89
C ASP E 742 31.53 -8.93 43.58
N LEU E 743 31.04 -10.18 43.63
CA LEU E 743 30.58 -10.85 42.42
C LEU E 743 29.40 -10.11 41.80
N VAL E 744 28.44 -9.71 42.63
CA VAL E 744 27.27 -8.99 42.10
C VAL E 744 27.70 -7.67 41.47
N MET E 745 28.59 -6.94 42.15
CA MET E 745 29.04 -5.65 41.63
C MET E 745 29.79 -5.82 40.32
N GLN E 746 30.68 -6.81 40.24
CA GLN E 746 31.45 -6.99 39.01
C GLN E 746 30.53 -7.45 37.87
N GLU E 747 29.53 -8.28 38.17
CA GLU E 747 28.59 -8.70 37.14
C GLU E 747 27.79 -7.52 36.62
N VAL E 748 27.30 -6.66 37.52
CA VAL E 748 26.50 -5.53 37.07
C VAL E 748 27.36 -4.51 36.34
N ARG E 749 28.63 -4.38 36.72
CA ARG E 749 29.53 -3.50 35.97
C ARG E 749 29.80 -4.05 34.58
N ARG E 750 29.99 -5.36 34.45
CA ARG E 750 30.31 -5.96 33.16
C ARG E 750 29.10 -5.94 32.23
N HIS E 751 27.89 -6.14 32.78
CA HIS E 751 26.71 -6.20 31.93
C HIS E 751 26.42 -4.85 31.28
N PHE E 752 26.41 -3.78 32.08
CA PHE E 752 26.07 -2.46 31.57
C PHE E 752 27.32 -1.72 31.11
N ARG E 753 27.08 -0.66 30.34
CA ARG E 753 28.19 0.15 29.86
C ARG E 753 28.84 0.91 31.02
N PRO E 754 30.15 1.13 30.97
CA PRO E 754 30.82 1.83 32.09
C PRO E 754 30.52 3.31 32.17
N GLU E 755 29.58 3.83 31.38
CA GLU E 755 29.26 5.25 31.40
C GLU E 755 28.03 5.56 32.25
N LEU E 756 26.93 4.84 32.01
CA LEU E 756 25.68 5.16 32.70
C LEU E 756 25.78 4.93 34.20
N LEU E 757 26.62 4.00 34.63
CA LEU E 757 26.73 3.69 36.06
C LEU E 757 27.32 4.84 36.87
N ASN E 758 27.91 5.84 36.21
CA ASN E 758 28.40 7.01 36.93
C ASN E 758 27.27 7.97 37.30
N ARG E 759 26.23 8.06 36.46
CA ARG E 759 25.17 9.03 36.68
C ARG E 759 24.33 8.70 37.90
N LEU E 760 24.08 7.42 38.16
CA LEU E 760 23.20 7.02 39.24
C LEU E 760 23.74 7.49 40.59
N ASP E 761 22.86 8.09 41.39
CA ASP E 761 23.29 8.69 42.65
C ASP E 761 23.81 7.64 43.62
N GLU E 762 23.12 6.51 43.73
CA GLU E 762 23.51 5.50 44.70
C GLU E 762 22.94 4.15 44.30
N ILE E 763 23.72 3.10 44.50
CA ILE E 763 23.30 1.72 44.28
C ILE E 763 23.38 0.99 45.61
N VAL E 764 22.30 0.32 45.97
CA VAL E 764 22.21 -0.38 47.25
C VAL E 764 21.75 -1.80 47.01
N ILE E 765 22.11 -2.69 47.95
CA ILE E 765 21.78 -4.10 47.88
C ILE E 765 21.05 -4.47 49.16
N PHE E 766 19.93 -5.19 49.02
CA PHE E 766 19.11 -5.54 50.16
C PHE E 766 19.68 -6.75 50.88
N ASP E 767 19.86 -6.61 52.20
CA ASP E 767 20.38 -7.69 53.02
C ASP E 767 19.28 -8.68 53.36
N PRO E 768 19.48 -9.98 53.12
CA PRO E 768 18.48 -10.97 53.55
C PRO E 768 18.27 -10.92 55.06
N LEU E 769 17.03 -11.16 55.46
CA LEU E 769 16.60 -10.96 56.83
C LEU E 769 16.77 -12.22 57.67
N SER E 770 16.66 -12.06 58.98
CA SER E 770 16.94 -13.09 59.97
C SER E 770 15.68 -13.43 60.77
N HIS E 771 15.85 -14.24 61.83
CA HIS E 771 14.71 -14.78 62.55
C HIS E 771 13.89 -13.69 63.24
N GLU E 772 14.56 -12.68 63.80
CA GLU E 772 13.82 -11.61 64.46
C GLU E 772 12.96 -10.83 63.46
N GLN E 773 13.52 -10.55 62.28
CA GLN E 773 12.74 -9.91 61.23
C GLN E 773 11.60 -10.82 60.79
N LEU E 774 11.84 -12.14 60.78
CA LEU E 774 10.77 -13.08 60.46
C LEU E 774 9.62 -12.97 61.45
N ARG E 775 9.94 -12.93 62.73
CA ARG E 775 8.89 -12.82 63.75
C ARG E 775 8.15 -11.48 63.62
N LYS E 776 8.88 -10.40 63.41
CA LYS E 776 8.25 -9.09 63.28
C LYS E 776 7.32 -9.04 62.07
N VAL E 777 7.78 -9.57 60.93
CA VAL E 777 6.94 -9.54 59.73
C VAL E 777 5.74 -10.46 59.89
N ALA E 778 5.89 -11.56 60.63
CA ALA E 778 4.74 -12.41 60.91
C ALA E 778 3.69 -11.66 61.73
N ARG E 779 4.14 -10.93 62.76
CA ARG E 779 3.21 -10.14 63.56
C ARG E 779 2.53 -9.08 62.72
N LEU E 780 3.30 -8.40 61.85
CA LEU E 780 2.72 -7.37 61.00
C LEU E 780 1.68 -7.94 60.05
N GLN E 781 1.97 -9.11 59.46
CA GLN E 781 1.01 -9.73 58.56
C GLN E 781 -0.26 -10.14 59.30
N MET E 782 -0.11 -10.66 60.52
CA MET E 782 -1.27 -11.13 61.27
C MET E 782 -2.13 -9.98 61.78
N LYS E 783 -1.52 -8.81 62.00
CA LYS E 783 -2.29 -7.64 62.42
C LYS E 783 -3.36 -7.29 61.40
N ASP E 784 -3.11 -7.53 60.11
CA ASP E 784 -4.07 -7.18 59.08
C ASP E 784 -5.35 -8.01 59.21
N VAL E 785 -5.22 -9.33 59.31
CA VAL E 785 -6.41 -10.15 59.50
C VAL E 785 -7.04 -9.87 60.85
N ALA E 786 -6.23 -9.52 61.86
CA ALA E 786 -6.78 -9.18 63.16
C ALA E 786 -7.74 -7.98 63.06
N VAL E 787 -7.29 -6.91 62.40
CA VAL E 787 -8.15 -5.73 62.28
C VAL E 787 -9.32 -5.99 61.35
N ARG E 788 -9.11 -6.78 60.29
CA ARG E 788 -10.20 -7.09 59.37
C ARG E 788 -11.31 -7.86 60.07
N LEU E 789 -10.95 -8.78 60.97
CA LEU E 789 -11.96 -9.48 61.75
C LEU E 789 -12.56 -8.59 62.82
N ALA E 790 -11.73 -7.75 63.47
CA ALA E 790 -12.21 -6.86 64.51
C ALA E 790 -13.20 -5.84 63.96
N GLU E 791 -13.17 -5.58 62.65
CA GLU E 791 -14.21 -4.75 62.05
C GLU E 791 -15.59 -5.31 62.33
N ARG E 792 -15.72 -6.63 62.43
CA ARG E 792 -16.99 -7.26 62.78
C ARG E 792 -17.25 -7.28 64.29
N GLY E 793 -16.24 -7.01 65.10
CA GLY E 793 -16.42 -6.95 66.54
C GLY E 793 -15.89 -8.15 67.29
N VAL E 794 -14.73 -8.66 66.89
CA VAL E 794 -14.08 -9.79 67.55
C VAL E 794 -12.61 -9.44 67.75
N ALA E 795 -12.12 -9.64 68.98
CA ALA E 795 -10.74 -9.31 69.30
C ALA E 795 -9.84 -10.51 69.07
N LEU E 796 -8.55 -10.22 68.83
CA LEU E 796 -7.54 -11.24 68.60
C LEU E 796 -6.40 -11.09 69.60
N ALA E 797 -5.82 -12.21 69.98
CA ALA E 797 -4.68 -12.23 70.90
C ALA E 797 -3.89 -13.51 70.65
N VAL E 798 -2.57 -13.41 70.73
CA VAL E 798 -1.68 -14.53 70.42
C VAL E 798 -0.49 -14.51 71.38
N THR E 799 0.33 -15.55 71.28
CA THR E 799 1.52 -15.71 72.11
C THR E 799 2.74 -15.90 71.20
N ASP E 800 3.92 -15.93 71.83
CA ASP E 800 5.16 -16.07 71.09
C ASP E 800 5.30 -17.46 70.48
N ALA E 801 4.84 -18.49 71.20
CA ALA E 801 4.95 -19.85 70.69
C ALA E 801 4.16 -20.04 69.40
N ALA E 802 3.02 -19.35 69.28
CA ALA E 802 2.27 -19.41 68.03
C ALA E 802 3.09 -18.88 66.87
N LEU E 803 3.75 -17.74 67.07
CA LEU E 803 4.61 -17.20 66.01
C LEU E 803 5.76 -18.15 65.71
N ASP E 804 6.34 -18.76 66.74
CA ASP E 804 7.44 -19.68 66.53
C ASP E 804 7.01 -20.86 65.67
N VAL E 805 5.88 -21.49 66.00
CA VAL E 805 5.43 -22.65 65.24
C VAL E 805 5.00 -22.24 63.83
N ILE E 806 4.37 -21.06 63.69
CA ILE E 806 3.97 -20.58 62.37
C ILE E 806 5.18 -20.41 61.47
N LEU E 807 6.24 -19.79 62.00
CA LEU E 807 7.43 -19.58 61.18
C LEU E 807 8.21 -20.87 60.97
N SER E 808 8.12 -21.81 61.90
CA SER E 808 8.87 -23.05 61.77
C SER E 808 8.24 -24.01 60.76
N LEU E 809 6.91 -24.03 60.68
CA LEU E 809 6.25 -25.02 59.85
C LEU E 809 6.35 -24.70 58.36
N SER E 810 6.34 -23.42 57.99
CA SER E 810 6.13 -23.00 56.60
C SER E 810 7.15 -21.94 56.18
N TYR E 811 8.43 -22.17 56.47
CA TYR E 811 9.48 -21.24 56.09
C TYR E 811 10.35 -21.83 54.99
N ASP E 812 10.64 -21.00 53.98
CA ASP E 812 11.58 -21.35 52.92
C ASP E 812 12.52 -20.17 52.73
N PRO E 813 13.83 -20.37 52.86
CA PRO E 813 14.76 -19.24 52.74
C PRO E 813 14.75 -18.56 51.39
N VAL E 814 14.48 -19.29 50.31
CA VAL E 814 14.62 -18.73 48.97
C VAL E 814 13.53 -17.70 48.70
N TYR E 815 12.29 -18.03 49.04
CA TYR E 815 11.14 -17.26 48.57
C TYR E 815 10.84 -16.02 49.40
N GLY E 816 11.41 -15.88 50.59
CA GLY E 816 11.26 -14.66 51.35
C GLY E 816 10.15 -14.66 52.38
N ALA E 817 9.01 -14.06 52.05
CA ALA E 817 7.93 -13.87 53.02
C ALA E 817 6.54 -14.23 52.50
N ARG E 818 6.35 -14.46 51.21
CA ARG E 818 5.03 -14.81 50.69
C ARG E 818 4.46 -16.08 51.29
N PRO E 819 5.21 -17.19 51.41
CA PRO E 819 4.61 -18.42 51.95
C PRO E 819 4.03 -18.25 53.35
N ILE E 820 4.60 -17.37 54.18
CA ILE E 820 4.03 -17.14 55.50
C ILE E 820 2.60 -16.65 55.38
N ARG E 821 2.38 -15.62 54.55
CA ARG E 821 1.04 -15.08 54.38
C ARG E 821 0.11 -16.12 53.76
N ARG E 822 0.58 -16.84 52.75
CA ARG E 822 -0.27 -17.84 52.11
C ARG E 822 -0.73 -18.89 53.11
N TRP E 823 0.20 -19.42 53.90
CA TRP E 823 -0.13 -20.45 54.87
C TRP E 823 -1.07 -19.93 55.95
N ILE E 824 -0.74 -18.77 56.53
CA ILE E 824 -1.56 -18.26 57.64
C ILE E 824 -2.97 -17.99 57.16
N GLU E 825 -3.12 -17.39 55.97
CA GLU E 825 -4.46 -17.19 55.43
C GLU E 825 -5.16 -18.52 55.24
N LYS E 826 -4.62 -19.38 54.37
CA LYS E 826 -5.32 -20.58 53.95
C LYS E 826 -5.66 -21.51 55.11
N ARG E 827 -4.96 -21.40 56.25
CA ARG E 827 -5.34 -22.20 57.41
C ARG E 827 -6.27 -21.43 58.36
N VAL E 828 -5.78 -20.32 58.91
CA VAL E 828 -6.50 -19.65 59.99
C VAL E 828 -7.83 -19.08 59.50
N VAL E 829 -7.83 -18.42 58.34
CA VAL E 829 -9.06 -17.76 57.89
C VAL E 829 -10.14 -18.80 57.61
N THR E 830 -9.78 -19.90 56.94
CA THR E 830 -10.78 -20.90 56.64
C THR E 830 -11.27 -21.58 57.91
N GLN E 831 -10.38 -21.84 58.87
CA GLN E 831 -10.83 -22.45 60.12
C GLN E 831 -11.80 -21.54 60.87
N LEU E 832 -11.45 -20.27 60.97
CA LEU E 832 -12.31 -19.32 61.68
C LEU E 832 -13.65 -19.14 60.99
N SER E 833 -13.64 -19.05 59.65
CA SER E 833 -14.90 -18.90 58.93
C SER E 833 -15.78 -20.12 59.08
N LYS E 834 -15.21 -21.31 58.97
CA LYS E 834 -15.99 -22.53 59.13
C LYS E 834 -16.58 -22.63 60.53
N MET E 835 -15.81 -22.25 61.56
CA MET E 835 -16.33 -22.30 62.91
C MET E 835 -17.36 -21.20 63.16
N LEU E 836 -17.26 -20.08 62.45
CA LEU E 836 -18.22 -18.99 62.63
C LEU E 836 -19.53 -19.26 61.92
N ILE E 837 -19.51 -19.96 60.79
CA ILE E 837 -20.74 -20.22 60.05
C ILE E 837 -21.75 -20.98 60.91
N GLN E 838 -21.26 -21.95 61.68
CA GLN E 838 -22.14 -22.75 62.55
C GLN E 838 -22.64 -21.97 63.77
N GLU E 839 -22.42 -20.65 63.82
CA GLU E 839 -22.95 -19.79 64.87
C GLU E 839 -22.38 -20.17 66.24
N GLU E 840 -21.06 -20.29 66.31
CA GLU E 840 -20.36 -20.53 67.56
C GLU E 840 -19.76 -19.27 68.16
N ILE E 841 -19.96 -18.11 67.54
CA ILE E 841 -19.42 -16.85 68.01
C ILE E 841 -20.56 -15.88 68.25
N ASP E 842 -20.55 -15.26 69.43
CA ASP E 842 -21.46 -14.17 69.76
C ASP E 842 -20.67 -12.88 69.90
N GLU E 843 -21.38 -11.79 70.18
CA GLU E 843 -20.73 -10.50 70.36
C GLU E 843 -19.88 -10.52 71.63
N ASN E 844 -18.81 -9.71 71.61
CA ASN E 844 -17.87 -9.60 72.74
C ASN E 844 -17.26 -10.95 73.06
N CYS E 845 -16.72 -11.61 72.05
CA CYS E 845 -16.04 -12.90 72.20
C CYS E 845 -14.63 -12.80 71.63
N THR E 846 -13.65 -13.26 72.41
CA THR E 846 -12.25 -13.17 72.05
C THR E 846 -11.69 -14.58 71.85
N VAL E 847 -10.99 -14.78 70.75
CA VAL E 847 -10.37 -16.07 70.44
C VAL E 847 -8.92 -16.03 70.89
N TYR E 848 -8.42 -17.19 71.32
CA TYR E 848 -7.05 -17.35 71.77
C TYR E 848 -6.40 -18.49 71.01
N ILE E 849 -5.14 -18.30 70.63
CA ILE E 849 -4.38 -19.29 69.88
C ILE E 849 -3.11 -19.63 70.66
N ASP E 850 -2.84 -20.92 70.77
CA ASP E 850 -1.64 -21.38 71.49
C ASP E 850 -1.21 -22.72 70.91
N ALA E 851 0.05 -23.07 71.17
CA ALA E 851 0.60 -24.32 70.68
C ALA E 851 0.01 -25.51 71.43
N ALA E 852 0.04 -26.66 70.78
CA ALA E 852 -0.49 -27.89 71.37
C ALA E 852 0.64 -28.77 71.91
N GLU E 857 0.53 -28.16 67.39
CA GLU E 857 -0.08 -27.36 66.33
C GLU E 857 -0.77 -26.14 66.90
N LEU E 858 -2.08 -26.03 66.67
CA LEU E 858 -2.86 -24.89 67.12
C LEU E 858 -4.10 -25.37 67.87
N ALA E 859 -4.48 -24.62 68.89
CA ALA E 859 -5.68 -24.89 69.66
C ALA E 859 -6.51 -23.61 69.76
N TYR E 860 -7.80 -23.71 69.46
CA TYR E 860 -8.70 -22.56 69.45
C TYR E 860 -9.58 -22.62 70.68
N ARG E 861 -9.58 -21.54 71.46
CA ARG E 861 -10.41 -21.41 72.65
C ARG E 861 -11.31 -20.19 72.49
N VAL E 862 -12.60 -20.39 72.72
CA VAL E 862 -13.58 -19.31 72.60
C VAL E 862 -13.96 -18.84 73.99
N ASP E 863 -13.90 -17.52 74.21
CA ASP E 863 -14.20 -16.95 75.50
C ASP E 863 -14.73 -15.54 75.31
N ASN E 864 -15.42 -15.02 76.33
CA ASN E 864 -15.96 -13.67 76.29
C ASN E 864 -14.85 -12.63 76.19
N THR F 168 -35.03 36.97 28.74
CA THR F 168 -36.24 36.72 27.95
C THR F 168 -36.23 35.31 27.39
N TYR F 169 -35.41 35.09 26.36
CA TYR F 169 -35.29 33.79 25.71
C TYR F 169 -34.28 32.88 26.42
N GLY F 170 -33.57 33.38 27.43
CA GLY F 170 -32.62 32.58 28.15
C GLY F 170 -33.23 31.87 29.35
N ARG F 171 -32.64 32.06 30.53
CA ARG F 171 -33.15 31.45 31.75
C ARG F 171 -32.53 32.17 32.95
N ASP F 172 -33.37 32.64 33.86
CA ASP F 172 -32.92 33.29 35.08
C ASP F 172 -32.96 32.30 36.23
N LEU F 173 -31.98 32.37 37.11
CA LEU F 173 -31.84 31.41 38.20
C LEU F 173 -31.96 32.04 39.58
N VAL F 174 -32.16 33.36 39.66
CA VAL F 174 -32.28 34.01 40.96
C VAL F 174 -33.55 33.56 41.66
N GLU F 175 -34.66 33.48 40.94
CA GLU F 175 -35.94 33.14 41.55
C GLU F 175 -36.09 31.66 41.85
N GLN F 176 -35.23 30.81 41.28
CA GLN F 176 -35.31 29.37 41.49
C GLN F 176 -34.61 28.90 42.75
N ALA F 177 -33.95 29.81 43.48
CA ALA F 177 -33.23 29.41 44.68
C ALA F 177 -34.17 28.93 45.78
N GLY F 178 -35.40 29.45 45.82
CA GLY F 178 -36.33 29.07 46.85
C GLY F 178 -36.82 27.64 46.75
N LYS F 179 -36.78 27.05 45.55
CA LYS F 179 -37.27 25.69 45.35
C LYS F 179 -36.26 24.79 44.65
N LEU F 180 -35.00 25.21 44.53
CA LEU F 180 -33.96 24.34 44.00
C LEU F 180 -33.33 23.53 45.13
N ASP F 181 -32.80 22.36 44.76
CA ASP F 181 -32.24 21.45 45.75
C ASP F 181 -31.01 22.07 46.41
N PRO F 182 -30.92 22.00 47.74
CA PRO F 182 -29.74 22.54 48.42
C PRO F 182 -28.48 21.77 48.07
N VAL F 183 -27.36 22.48 48.05
CA VAL F 183 -26.05 21.91 47.77
C VAL F 183 -25.13 22.27 48.93
N ILE F 184 -24.42 21.26 49.46
CA ILE F 184 -23.53 21.45 50.59
C ILE F 184 -22.22 20.73 50.33
N GLY F 185 -21.18 21.13 51.06
CA GLY F 185 -19.90 20.47 50.98
C GLY F 185 -19.03 20.84 49.81
N ARG F 186 -19.16 22.05 49.28
CA ARG F 186 -18.38 22.51 48.13
C ARG F 186 -17.79 23.88 48.40
N ASP F 187 -17.15 24.02 49.57
CA ASP F 187 -16.64 25.32 50.00
C ASP F 187 -15.42 25.78 49.22
N GLU F 188 -14.77 24.91 48.45
CA GLU F 188 -13.51 25.27 47.81
C GLU F 188 -13.69 25.90 46.44
N GLU F 189 -14.56 25.32 45.60
CA GLU F 189 -14.71 25.83 44.24
C GLU F 189 -15.36 27.21 44.22
N ILE F 190 -16.30 27.45 45.14
CA ILE F 190 -16.90 28.78 45.22
C ILE F 190 -15.85 29.82 45.60
N ARG F 191 -14.97 29.49 46.55
CA ARG F 191 -13.89 30.39 46.91
C ARG F 191 -12.97 30.65 45.73
N ARG F 192 -12.61 29.60 44.99
CA ARG F 192 -11.73 29.77 43.84
C ARG F 192 -12.36 30.66 42.79
N VAL F 193 -13.65 30.47 42.51
CA VAL F 193 -14.35 31.27 41.52
C VAL F 193 -14.41 32.73 41.97
N VAL F 194 -14.69 32.96 43.25
CA VAL F 194 -14.71 34.33 43.77
C VAL F 194 -13.34 34.97 43.61
N ARG F 195 -12.27 34.22 43.89
CA ARG F 195 -10.93 34.77 43.75
C ARG F 195 -10.62 35.14 42.31
N ILE F 196 -10.96 34.26 41.36
CA ILE F 196 -10.54 34.51 39.99
C ILE F 196 -11.40 35.60 39.34
N LEU F 197 -12.68 35.67 39.69
CA LEU F 197 -13.58 36.59 39.00
C LEU F 197 -13.18 38.05 39.25
N SER F 198 -12.70 38.36 40.45
CA SER F 198 -12.35 39.75 40.77
C SER F 198 -11.05 40.20 40.10
N ARG F 199 -10.31 39.30 39.47
CA ARG F 199 -9.06 39.66 38.82
C ARG F 199 -9.32 40.56 37.61
N ARG F 200 -8.41 41.50 37.38
CA ARG F 200 -8.58 42.49 36.32
C ARG F 200 -8.66 41.83 34.95
N THR F 201 -7.61 41.12 34.55
CA THR F 201 -7.49 40.59 33.20
C THR F 201 -7.43 39.06 33.27
N LYS F 202 -8.02 38.42 32.25
CA LYS F 202 -8.12 36.96 32.17
C LYS F 202 -8.91 36.41 33.36
N ASN F 203 -10.18 36.79 33.40
CA ASN F 203 -11.09 36.48 34.50
C ASN F 203 -12.32 35.74 33.99
N ASN F 204 -12.11 34.69 33.21
CA ASN F 204 -13.19 33.89 32.63
C ASN F 204 -12.96 32.43 33.01
N PRO F 205 -13.32 32.02 34.22
CA PRO F 205 -13.06 30.65 34.64
C PRO F 205 -13.83 29.64 33.82
N VAL F 206 -13.23 28.46 33.66
CA VAL F 206 -13.84 27.34 32.96
C VAL F 206 -13.74 26.11 33.85
N LEU F 207 -14.89 25.52 34.17
CA LEU F 207 -14.92 24.33 35.01
C LEU F 207 -14.54 23.12 34.17
N ILE F 208 -13.64 22.28 34.72
CA ILE F 208 -13.17 21.09 34.04
C ILE F 208 -13.32 19.89 34.98
N GLY F 209 -13.64 18.74 34.42
CA GLY F 209 -13.78 17.54 35.22
C GLY F 209 -14.65 16.52 34.53
N GLU F 210 -14.61 15.30 35.07
CA GLU F 210 -15.42 14.22 34.51
C GLU F 210 -16.89 14.45 34.84
N PRO F 211 -17.81 13.89 34.05
CA PRO F 211 -19.23 14.06 34.35
C PRO F 211 -19.62 13.33 35.62
N GLY F 212 -20.70 13.80 36.24
CA GLY F 212 -21.25 13.14 37.42
C GLY F 212 -20.65 13.56 38.73
N VAL F 213 -20.00 14.72 38.80
CA VAL F 213 -19.37 15.17 40.03
C VAL F 213 -20.03 16.42 40.61
N GLY F 214 -20.78 17.20 39.83
CA GLY F 214 -21.49 18.32 40.41
C GLY F 214 -21.10 19.71 39.92
N LYS F 215 -20.74 19.84 38.65
CA LYS F 215 -20.42 21.16 38.10
C LYS F 215 -21.64 22.08 38.16
N THR F 216 -22.78 21.61 37.66
CA THR F 216 -24.00 22.38 37.79
C THR F 216 -24.37 22.58 39.26
N ALA F 217 -24.01 21.62 40.12
CA ALA F 217 -24.30 21.76 41.54
C ALA F 217 -23.53 22.93 42.15
N VAL F 218 -22.24 23.07 41.81
CA VAL F 218 -21.48 24.18 42.36
C VAL F 218 -21.91 25.49 41.73
N VAL F 219 -22.33 25.47 40.47
CA VAL F 219 -22.87 26.69 39.85
C VAL F 219 -24.12 27.14 40.59
N GLU F 220 -25.02 26.20 40.90
CA GLU F 220 -26.21 26.54 41.67
C GLU F 220 -25.87 26.97 43.09
N GLY F 221 -24.82 26.40 43.67
CA GLY F 221 -24.37 26.87 44.97
C GLY F 221 -23.91 28.31 44.94
N LEU F 222 -23.17 28.68 43.89
CA LEU F 222 -22.76 30.07 43.72
C LEU F 222 -23.98 30.97 43.53
N ALA F 223 -24.97 30.50 42.77
CA ALA F 223 -26.19 31.28 42.59
C ALA F 223 -26.91 31.49 43.92
N GLN F 224 -27.00 30.44 44.73
CA GLN F 224 -27.61 30.59 46.05
C GLN F 224 -26.82 31.55 46.92
N ARG F 225 -25.48 31.49 46.83
CA ARG F 225 -24.65 32.40 47.62
C ARG F 225 -24.88 33.85 47.23
N ILE F 226 -24.94 34.15 45.93
CA ILE F 226 -25.14 35.54 45.53
C ILE F 226 -26.56 35.99 45.88
N VAL F 227 -27.54 35.08 45.77
CA VAL F 227 -28.91 35.43 46.15
C VAL F 227 -28.97 35.78 47.64
N ARG F 228 -28.34 34.96 48.48
CA ARG F 228 -28.34 35.21 49.92
C ARG F 228 -27.60 36.49 50.27
N GLY F 229 -26.44 36.72 49.64
CA GLY F 229 -25.65 37.91 49.89
C GLY F 229 -24.38 37.71 50.69
N ASP F 230 -23.94 36.46 50.90
CA ASP F 230 -22.72 36.20 51.64
C ASP F 230 -21.46 36.55 50.85
N VAL F 231 -21.58 36.79 49.55
CA VAL F 231 -20.45 37.14 48.69
C VAL F 231 -19.93 38.50 49.12
N PRO F 232 -18.66 38.81 48.93
CA PRO F 232 -18.18 40.18 49.17
C PRO F 232 -18.94 41.19 48.33
N SER F 233 -19.15 42.37 48.90
CA SER F 233 -20.02 43.39 48.32
C SER F 233 -19.52 43.92 46.97
N ASN F 234 -18.37 43.46 46.49
CA ASN F 234 -17.90 43.89 45.18
C ASN F 234 -18.80 43.41 44.05
N LEU F 235 -19.62 42.38 44.31
CA LEU F 235 -20.54 41.83 43.31
C LEU F 235 -21.96 41.78 43.86
N LEU F 236 -22.41 42.89 44.46
CA LEU F 236 -23.76 42.98 44.97
C LEU F 236 -24.73 43.58 43.95
N ASP F 237 -24.25 43.96 42.77
CA ASP F 237 -25.07 44.59 41.74
C ASP F 237 -24.91 43.81 40.43
N VAL F 238 -25.05 42.49 40.51
CA VAL F 238 -24.91 41.63 39.35
C VAL F 238 -26.03 40.60 39.37
N ARG F 239 -26.63 40.37 38.19
CA ARG F 239 -27.68 39.37 38.02
C ARG F 239 -27.15 38.27 37.13
N LEU F 240 -27.43 37.02 37.51
CA LEU F 240 -26.96 35.86 36.76
C LEU F 240 -28.00 35.44 35.74
N ILE F 241 -27.58 35.26 34.49
CA ILE F 241 -28.44 34.84 33.40
C ILE F 241 -27.77 33.68 32.68
N ALA F 242 -28.54 32.63 32.41
CA ALA F 242 -28.06 31.46 31.70
C ALA F 242 -28.64 31.44 30.28
N LEU F 243 -27.95 30.73 29.39
CA LEU F 243 -28.37 30.58 28.01
C LEU F 243 -28.80 29.15 27.76
N ASP F 244 -29.97 28.98 27.15
CA ASP F 244 -30.52 27.67 26.82
C ASP F 244 -30.45 27.48 25.31
N MET F 245 -29.72 26.46 24.87
CA MET F 245 -29.62 26.17 23.45
C MET F 245 -31.00 25.85 22.86
N GLY F 246 -31.76 24.99 23.55
CA GLY F 246 -33.08 24.63 23.05
C GLY F 246 -34.03 25.80 22.98
N ALA F 247 -34.02 26.66 24.00
CA ALA F 247 -34.88 27.83 23.98
C ALA F 247 -34.48 28.81 22.88
N LEU F 248 -33.17 29.00 22.68
CA LEU F 248 -32.72 29.96 21.68
C LEU F 248 -32.83 29.42 20.25
N VAL F 249 -32.93 28.10 20.07
CA VAL F 249 -33.18 27.55 18.74
C VAL F 249 -34.62 27.07 18.64
N TYR F 254 -33.37 28.87 9.05
CA TYR F 254 -32.16 29.32 8.37
C TYR F 254 -31.04 29.62 9.37
N ARG F 255 -29.81 29.27 8.99
CA ARG F 255 -28.66 29.56 9.84
C ARG F 255 -28.45 31.06 9.99
N GLY F 256 -28.72 31.83 8.93
CA GLY F 256 -28.59 33.27 9.02
C GLY F 256 -29.52 33.87 10.05
N GLU F 257 -30.76 33.37 10.13
CA GLU F 257 -31.70 33.86 11.12
C GLU F 257 -31.21 33.59 12.54
N PHE F 258 -30.72 32.37 12.80
CA PHE F 258 -30.16 32.05 14.10
C PHE F 258 -28.97 32.96 14.41
N GLU F 259 -28.12 33.21 13.41
CA GLU F 259 -26.96 34.06 13.62
C GLU F 259 -27.36 35.49 13.97
N GLU F 260 -28.35 36.06 13.26
CA GLU F 260 -28.67 37.46 13.57
C GLU F 260 -29.43 37.54 14.89
N ARG F 261 -30.21 36.51 15.23
CA ARG F 261 -30.87 36.48 16.53
C ARG F 261 -29.85 36.46 17.66
N LEU F 262 -28.83 35.61 17.54
CA LEU F 262 -27.80 35.57 18.57
C LEU F 262 -27.03 36.88 18.62
N LYS F 263 -26.72 37.46 17.46
CA LYS F 263 -26.01 38.73 17.43
C LYS F 263 -26.81 39.82 18.12
N ALA F 264 -28.12 39.87 17.87
CA ALA F 264 -28.99 40.81 18.57
C ALA F 264 -29.00 40.52 20.08
N VAL F 265 -28.93 39.26 20.46
CA VAL F 265 -28.95 38.91 21.88
C VAL F 265 -27.71 39.46 22.59
N LEU F 266 -26.53 39.18 22.03
CA LEU F 266 -25.33 39.74 22.67
C LEU F 266 -25.16 41.23 22.43
N LYS F 267 -25.88 41.82 21.48
CA LYS F 267 -25.89 43.28 21.38
C LYS F 267 -26.76 43.90 22.46
N GLU F 268 -27.90 43.27 22.77
CA GLU F 268 -28.84 43.84 23.73
C GLU F 268 -28.47 43.55 25.18
N VAL F 269 -27.70 42.49 25.45
CA VAL F 269 -27.28 42.25 26.82
C VAL F 269 -26.31 43.32 27.30
N GLU F 270 -25.65 44.02 26.37
CA GLU F 270 -24.66 45.04 26.69
C GLU F 270 -25.21 46.23 27.45
N GLU F 271 -26.52 46.28 27.72
CA GLU F 271 -27.08 47.41 28.45
C GLU F 271 -26.58 47.47 29.88
N ALA F 272 -26.16 46.33 30.44
CA ALA F 272 -25.64 46.32 31.80
C ALA F 272 -24.22 46.88 31.85
N GLU F 273 -23.40 46.58 30.84
CA GLU F 273 -22.03 47.07 30.74
C GLU F 273 -21.20 46.63 31.95
N GLY F 274 -21.08 45.31 32.11
CA GLY F 274 -20.16 44.73 33.07
C GLY F 274 -20.79 44.25 34.36
N LYS F 275 -22.09 44.46 34.57
CA LYS F 275 -22.75 44.04 35.80
C LYS F 275 -23.70 42.87 35.57
N VAL F 276 -23.42 42.04 34.58
CA VAL F 276 -24.19 40.81 34.34
C VAL F 276 -23.20 39.71 33.96
N ILE F 277 -23.48 38.49 34.41
CA ILE F 277 -22.63 37.34 34.15
C ILE F 277 -23.40 36.35 33.29
N LEU F 278 -22.77 35.88 32.22
CA LEU F 278 -23.40 34.97 31.26
C LEU F 278 -22.85 33.57 31.47
N PHE F 279 -23.76 32.61 31.68
CA PHE F 279 -23.41 31.22 31.90
C PHE F 279 -23.81 30.40 30.67
N ILE F 280 -22.90 29.53 30.22
CA ILE F 280 -23.14 28.66 29.08
C ILE F 280 -22.75 27.25 29.46
N ASP F 281 -23.63 26.30 29.17
CA ASP F 281 -23.33 24.89 29.32
C ASP F 281 -22.95 24.30 27.97
N GLU F 282 -22.04 23.31 28.01
CA GLU F 282 -21.53 22.65 26.80
C GLU F 282 -20.91 23.67 25.85
N ILE F 283 -19.84 24.32 26.35
CA ILE F 283 -19.19 25.38 25.58
C ILE F 283 -18.56 24.82 24.32
N HIS F 284 -17.93 23.64 24.42
CA HIS F 284 -17.15 23.11 23.30
C HIS F 284 -18.04 22.84 22.09
N LEU F 285 -19.22 22.26 22.31
CA LEU F 285 -20.09 21.88 21.19
C LEU F 285 -20.52 23.11 20.39
N VAL F 286 -20.85 24.21 21.08
CA VAL F 286 -21.37 25.38 20.40
C VAL F 286 -20.29 26.36 19.95
N LEU F 287 -19.08 26.26 20.50
CA LEU F 287 -18.02 27.21 20.17
C LEU F 287 -16.93 26.59 19.31
N GLY F 288 -16.38 25.44 19.72
CA GLY F 288 -15.27 24.84 19.00
C GLY F 288 -15.66 24.23 17.68
N ALA F 289 -16.93 23.88 17.50
CA ALA F 289 -17.40 23.30 16.25
C ALA F 289 -17.41 24.35 15.15
N SER F 295 -19.64 21.31 10.48
CA SER F 295 -20.53 21.83 11.51
C SER F 295 -20.69 23.33 11.39
N MET F 296 -21.45 23.92 12.32
CA MET F 296 -21.68 25.35 12.31
C MET F 296 -20.38 26.10 12.61
N ASP F 297 -20.17 27.22 11.92
CA ASP F 297 -18.97 28.03 12.07
C ASP F 297 -19.31 29.26 12.90
N ALA F 298 -18.84 29.28 14.15
CA ALA F 298 -19.07 30.42 15.02
C ALA F 298 -17.86 30.86 15.82
N ALA F 299 -16.73 30.13 15.76
CA ALA F 299 -15.56 30.50 16.56
C ALA F 299 -14.98 31.84 16.12
N ASN F 300 -14.86 32.06 14.81
CA ASN F 300 -14.32 33.33 14.32
C ASN F 300 -15.26 34.48 14.67
N LEU F 301 -16.58 34.24 14.63
CA LEU F 301 -17.53 35.28 14.98
C LEU F 301 -17.48 35.60 16.47
N PHE F 302 -17.27 34.59 17.31
CA PHE F 302 -17.24 34.78 18.75
C PHE F 302 -15.89 35.27 19.26
N LYS F 303 -14.85 35.17 18.44
CA LYS F 303 -13.52 35.61 18.87
C LYS F 303 -13.41 37.10 19.19
N PRO F 304 -13.90 38.04 18.33
CA PRO F 304 -13.56 39.45 18.55
C PRO F 304 -14.03 40.04 19.87
N MET F 305 -15.32 39.96 20.18
CA MET F 305 -15.80 40.55 21.42
C MET F 305 -15.28 39.81 22.64
N LEU F 306 -15.12 38.49 22.56
CA LEU F 306 -14.57 37.75 23.68
C LEU F 306 -13.13 38.18 23.97
N ALA F 307 -12.32 38.37 22.93
CA ALA F 307 -10.97 38.88 23.11
C ALA F 307 -10.99 40.31 23.63
N ARG F 308 -11.92 41.12 23.16
CA ARG F 308 -12.08 42.48 23.69
C ARG F 308 -12.41 42.45 25.18
N GLY F 309 -13.10 41.41 25.63
CA GLY F 309 -13.50 41.31 27.01
C GLY F 309 -14.81 42.03 27.27
N GLN F 310 -15.84 41.68 26.49
CA GLN F 310 -17.12 42.36 26.62
C GLN F 310 -17.75 42.10 27.99
N LEU F 311 -17.81 40.84 28.41
CA LEU F 311 -18.39 40.46 29.69
C LEU F 311 -17.51 39.37 30.31
N ARG F 312 -18.05 38.71 31.34
CA ARG F 312 -17.38 37.61 32.01
C ARG F 312 -18.20 36.34 31.77
N CYS F 313 -17.55 35.29 31.27
CA CYS F 313 -18.22 34.07 30.88
C CYS F 313 -17.73 32.90 31.73
N ILE F 314 -18.63 31.95 31.95
CA ILE F 314 -18.34 30.73 32.71
C ILE F 314 -18.73 29.54 31.84
N GLY F 315 -17.85 28.53 31.80
CA GLY F 315 -18.08 27.34 31.01
C GLY F 315 -18.02 26.08 31.86
N ALA F 316 -18.23 24.95 31.18
CA ALA F 316 -18.18 23.65 31.83
C ALA F 316 -18.10 22.56 30.76
N THR F 317 -17.13 21.67 30.90
CA THR F 317 -16.95 20.57 29.96
C THR F 317 -15.99 19.56 30.57
N THR F 318 -15.85 18.41 29.92
CA THR F 318 -14.91 17.40 30.36
C THR F 318 -13.52 17.69 29.80
N LEU F 319 -12.51 17.04 30.38
CA LEU F 319 -11.13 17.34 30.00
C LEU F 319 -10.78 16.79 28.62
N GLU F 320 -11.46 15.73 28.18
CA GLU F 320 -11.19 15.18 26.86
C GLU F 320 -11.54 16.18 25.77
N GLU F 321 -12.66 16.90 25.93
CA GLU F 321 -12.99 17.94 24.98
C GLU F 321 -11.94 19.05 24.99
N TYR F 322 -11.40 19.37 26.16
CA TYR F 322 -10.32 20.33 26.24
C TYR F 322 -9.09 19.85 25.47
N ARG F 323 -8.78 18.55 25.57
CA ARG F 323 -7.60 18.04 24.90
C ARG F 323 -7.81 17.96 23.39
N LYS F 324 -9.06 17.77 22.96
CA LYS F 324 -9.33 17.52 21.55
C LYS F 324 -9.68 18.78 20.76
N TYR F 325 -10.28 19.79 21.38
CA TYR F 325 -10.80 20.95 20.66
C TYR F 325 -9.98 22.22 20.87
N VAL F 326 -9.78 22.62 22.12
CA VAL F 326 -9.21 23.94 22.39
C VAL F 326 -7.69 23.98 22.25
N GLU F 327 -7.02 22.82 22.28
CA GLU F 327 -5.57 22.81 22.20
C GLU F 327 -5.05 22.88 20.77
N LYS F 328 -5.93 22.78 19.77
CA LYS F 328 -5.52 22.85 18.37
C LYS F 328 -5.50 24.27 17.83
N ASP F 329 -5.90 25.26 18.62
CA ASP F 329 -5.88 26.66 18.21
C ASP F 329 -5.26 27.50 19.32
N ALA F 330 -4.56 28.55 18.90
CA ALA F 330 -3.82 29.41 19.82
C ALA F 330 -4.60 30.64 20.25
N ALA F 331 -5.87 30.77 19.84
CA ALA F 331 -6.64 31.97 20.14
C ALA F 331 -7.34 31.88 21.50
N PHE F 332 -8.05 30.78 21.76
CA PHE F 332 -8.83 30.67 22.99
C PHE F 332 -7.95 30.50 24.23
N GLU F 333 -6.69 30.09 24.06
CA GLU F 333 -5.81 29.91 25.21
C GLU F 333 -5.39 31.22 25.84
N ARG F 334 -5.65 32.36 25.19
CA ARG F 334 -5.31 33.65 25.77
C ARG F 334 -6.06 33.88 27.08
N ARG F 335 -7.34 33.55 27.10
CA ARG F 335 -8.16 33.64 28.29
C ARG F 335 -8.45 32.25 28.83
N PHE F 336 -9.29 32.21 29.87
CA PHE F 336 -9.76 30.98 30.52
C PHE F 336 -8.67 30.32 31.34
N GLN F 337 -9.02 29.90 32.56
CA GLN F 337 -8.09 29.22 33.45
C GLN F 337 -8.76 27.95 33.98
N GLN F 338 -7.99 26.88 34.06
CA GLN F 338 -8.54 25.60 34.50
C GLN F 338 -8.92 25.64 35.98
N VAL F 339 -10.04 25.01 36.30
CA VAL F 339 -10.45 24.77 37.68
C VAL F 339 -10.84 23.30 37.80
N PHE F 340 -10.17 22.58 38.70
CA PHE F 340 -10.31 21.14 38.80
C PHE F 340 -11.30 20.79 39.90
N VAL F 341 -12.25 19.91 39.59
CA VAL F 341 -13.26 19.44 40.52
C VAL F 341 -13.21 17.92 40.59
N ALA F 342 -13.18 17.38 41.81
CA ALA F 342 -13.17 15.94 42.01
C ALA F 342 -13.74 15.63 43.39
N GLU F 343 -14.38 14.46 43.51
CA GLU F 343 -15.02 14.03 44.75
C GLU F 343 -14.60 12.60 45.07
N PRO F 344 -13.39 12.40 45.56
CA PRO F 344 -12.94 11.06 45.96
C PRO F 344 -13.12 10.74 47.43
N SER F 345 -13.78 11.60 48.20
CA SER F 345 -13.86 11.45 49.65
C SER F 345 -15.09 10.61 49.99
N VAL F 346 -14.86 9.38 50.47
CA VAL F 346 -15.96 8.55 50.96
C VAL F 346 -16.67 9.18 52.15
N PRO F 347 -15.97 9.68 53.18
CA PRO F 347 -16.69 10.27 54.32
C PRO F 347 -17.58 11.45 53.95
N ASP F 348 -17.21 12.21 52.92
CA ASP F 348 -18.03 13.36 52.52
C ASP F 348 -19.38 12.90 51.99
N THR F 349 -19.42 11.80 51.23
CA THR F 349 -20.66 11.34 50.62
C THR F 349 -21.75 11.10 51.66
N ILE F 350 -21.35 10.68 52.86
CA ILE F 350 -22.33 10.48 53.94
C ILE F 350 -23.02 11.80 54.28
N SER F 351 -22.26 12.89 54.31
CA SER F 351 -22.85 14.21 54.57
C SER F 351 -23.83 14.59 53.48
N ILE F 352 -23.49 14.30 52.22
CA ILE F 352 -24.39 14.59 51.11
C ILE F 352 -25.68 13.81 51.24
N LEU F 353 -25.58 12.53 51.61
CA LEU F 353 -26.79 11.72 51.80
C LEU F 353 -27.63 12.26 52.95
N ARG F 354 -26.98 12.67 54.05
CA ARG F 354 -27.72 13.25 55.16
C ARG F 354 -28.45 14.52 54.73
N GLY F 355 -27.79 15.35 53.92
CA GLY F 355 -28.43 16.57 53.45
C GLY F 355 -29.60 16.30 52.53
N LEU F 356 -29.46 15.35 51.60
CA LEU F 356 -30.51 15.08 50.62
C LEU F 356 -31.58 14.12 51.13
N LYS F 357 -31.42 13.56 52.33
CA LYS F 357 -32.41 12.62 52.84
C LYS F 357 -33.77 13.28 53.06
N GLU F 358 -33.79 14.56 53.42
CA GLU F 358 -35.04 15.20 53.83
C GLU F 358 -36.05 15.28 52.69
N LYS F 359 -35.59 15.63 51.49
CA LYS F 359 -36.50 15.78 50.36
C LYS F 359 -37.18 14.45 50.03
N TYR F 360 -36.38 13.37 49.97
CA TYR F 360 -36.96 12.06 49.67
C TYR F 360 -37.86 11.57 50.79
N GLU F 361 -37.50 11.86 52.04
CA GLU F 361 -38.35 11.48 53.16
C GLU F 361 -39.70 12.19 53.08
N GLY F 362 -39.68 13.49 52.76
CA GLY F 362 -40.93 14.21 52.59
C GLY F 362 -41.76 13.71 51.42
N HIS F 363 -41.09 13.39 50.30
CA HIS F 363 -41.83 12.95 49.12
C HIS F 363 -42.47 11.58 49.34
N HIS F 364 -41.73 10.64 49.93
CA HIS F 364 -42.25 9.28 50.10
C HIS F 364 -43.02 9.11 51.40
N GLY F 365 -42.63 9.81 52.47
CA GLY F 365 -43.33 9.73 53.73
C GLY F 365 -43.27 8.36 54.38
N VAL F 366 -42.08 7.76 54.42
CA VAL F 366 -41.90 6.44 55.02
C VAL F 366 -40.73 6.50 55.99
N ARG F 367 -40.84 5.72 57.07
CA ARG F 367 -39.79 5.67 58.07
C ARG F 367 -38.51 5.10 57.47
N ILE F 368 -37.37 5.64 57.90
CA ILE F 368 -36.06 5.22 57.41
C ILE F 368 -35.15 4.96 58.61
N GLN F 369 -33.92 4.55 58.31
CA GLN F 369 -32.91 4.29 59.31
C GLN F 369 -31.59 4.92 58.86
N ASP F 370 -30.62 4.97 59.77
CA ASP F 370 -29.31 5.53 59.49
C ASP F 370 -28.25 4.48 59.20
N ARG F 371 -28.33 3.32 59.86
CA ARG F 371 -27.41 2.23 59.56
C ARG F 371 -27.55 1.78 58.11
N ALA F 372 -28.78 1.77 57.59
CA ALA F 372 -28.98 1.48 56.17
C ALA F 372 -28.26 2.50 55.30
N LEU F 373 -28.33 3.78 55.68
CA LEU F 373 -27.69 4.83 54.89
C LEU F 373 -26.18 4.63 54.86
N VAL F 374 -25.56 4.39 56.02
CA VAL F 374 -24.11 4.24 56.06
C VAL F 374 -23.68 2.96 55.36
N VAL F 375 -24.49 1.90 55.46
CA VAL F 375 -24.18 0.65 54.77
C VAL F 375 -24.22 0.86 53.26
N ALA F 376 -25.23 1.58 52.77
CA ALA F 376 -25.30 1.89 51.35
C ALA F 376 -24.09 2.71 50.90
N ALA F 377 -23.71 3.71 51.72
CA ALA F 377 -22.55 4.52 51.38
C ALA F 377 -21.29 3.68 51.28
N GLN F 378 -21.10 2.76 52.22
CA GLN F 378 -19.90 1.92 52.19
C GLN F 378 -19.93 0.93 51.03
N LEU F 379 -21.09 0.37 50.74
CA LEU F 379 -21.20 -0.69 49.74
C LEU F 379 -21.14 -0.17 48.31
N SER F 380 -21.66 1.05 48.06
CA SER F 380 -21.80 1.52 46.69
C SER F 380 -20.47 1.75 45.99
N ALA F 381 -19.35 1.79 46.72
CA ALA F 381 -18.06 2.12 46.13
C ALA F 381 -17.21 0.90 45.81
N ARG F 382 -17.69 -0.31 46.11
CA ARG F 382 -16.89 -1.51 45.94
C ARG F 382 -17.48 -2.49 44.94
N TYR F 383 -18.74 -2.88 45.08
CA TYR F 383 -19.31 -3.93 44.25
C TYR F 383 -19.77 -3.38 42.90
N ILE F 384 -20.71 -2.45 42.91
CA ILE F 384 -21.28 -1.91 41.67
C ILE F 384 -20.20 -1.10 40.97
N MET F 385 -19.65 -1.64 39.89
CA MET F 385 -18.59 -0.99 39.14
C MET F 385 -19.17 -0.39 37.87
N GLY F 386 -18.65 0.79 37.51
CA GLY F 386 -19.16 1.53 36.36
C GLY F 386 -19.58 2.92 36.77
N ARG F 387 -20.40 3.57 35.95
CA ARG F 387 -20.84 4.94 36.20
C ARG F 387 -19.65 5.82 36.52
N HIS F 388 -19.64 6.43 37.70
CA HIS F 388 -18.52 7.29 38.07
C HIS F 388 -18.50 7.44 39.59
N LEU F 389 -17.80 8.47 40.07
CA LEU F 389 -17.49 8.78 41.46
C LEU F 389 -18.72 8.64 42.36
N PRO F 390 -18.53 8.38 43.67
CA PRO F 390 -19.61 7.80 44.48
C PRO F 390 -20.78 8.73 44.78
N ASP F 391 -20.89 9.84 44.05
CA ASP F 391 -22.12 10.63 44.17
C ASP F 391 -23.35 9.94 43.54
N LYS F 392 -23.24 8.69 43.13
CA LYS F 392 -24.34 7.93 42.54
C LYS F 392 -25.12 7.11 43.55
N ALA F 393 -24.74 7.14 44.84
CA ALA F 393 -25.48 6.39 45.85
C ALA F 393 -26.90 6.90 46.04
N ILE F 394 -27.19 8.12 45.57
CA ILE F 394 -28.54 8.66 45.68
C ILE F 394 -29.52 7.79 44.89
N ASP F 395 -29.13 7.38 43.69
CA ASP F 395 -29.99 6.50 42.90
C ASP F 395 -30.19 5.15 43.58
N LEU F 396 -29.12 4.62 44.19
CA LEU F 396 -29.22 3.34 44.88
C LEU F 396 -30.20 3.42 46.04
N VAL F 397 -30.15 4.49 46.82
CA VAL F 397 -31.10 4.62 47.93
C VAL F 397 -32.50 4.92 47.42
N ASP F 398 -32.62 5.67 46.31
CA ASP F 398 -33.93 5.98 45.76
C ASP F 398 -34.64 4.75 45.24
N GLU F 399 -33.90 3.79 44.69
CA GLU F 399 -34.52 2.56 44.23
C GLU F 399 -35.26 1.85 45.35
N ALA F 400 -34.60 1.68 46.49
CA ALA F 400 -35.23 1.04 47.63
C ALA F 400 -36.36 1.89 48.19
N CYS F 401 -36.17 3.21 48.23
CA CYS F 401 -37.21 4.09 48.72
C CYS F 401 -38.48 3.99 47.89
N ALA F 402 -38.33 3.83 46.58
CA ALA F 402 -39.50 3.66 45.72
C ALA F 402 -40.08 2.26 45.83
N ASN F 403 -39.23 1.25 45.99
CA ASN F 403 -39.71 -0.12 46.08
C ASN F 403 -40.56 -0.34 47.33
N VAL F 404 -40.13 0.22 48.46
CA VAL F 404 -40.80 -0.07 49.73
C VAL F 404 -42.22 0.46 49.73
N ARG F 405 -42.46 1.61 49.10
CA ARG F 405 -43.80 2.17 49.06
C ARG F 405 -44.77 1.24 48.34
N VAL F 406 -44.39 0.78 47.15
CA VAL F 406 -45.25 -0.14 46.41
C VAL F 406 -45.40 -1.46 47.15
N GLN F 407 -44.33 -1.91 47.81
CA GLN F 407 -44.39 -3.20 48.50
C GLN F 407 -45.34 -3.17 49.68
N LEU F 408 -45.32 -2.10 50.47
CA LEU F 408 -46.06 -2.06 51.74
C LEU F 408 -47.27 -1.14 51.69
N ASP F 409 -47.07 0.14 51.35
CA ASP F 409 -48.18 1.08 51.34
C ASP F 409 -49.24 0.69 50.33
N SER F 410 -48.83 0.27 49.14
CA SER F 410 -49.75 -0.20 48.11
C SER F 410 -50.09 -1.67 48.39
N GLN F 411 -50.75 -2.32 47.44
CA GLN F 411 -51.13 -3.70 47.62
C GLN F 411 -49.88 -4.59 47.68
N PRO F 412 -49.86 -5.60 48.54
CA PRO F 412 -48.71 -6.49 48.59
C PRO F 412 -48.59 -7.33 47.33
N GLU F 413 -47.36 -7.72 47.01
CA GLU F 413 -47.09 -8.48 45.80
C GLU F 413 -46.99 -9.98 46.03
N GLU F 414 -46.75 -10.42 47.26
CA GLU F 414 -46.69 -11.85 47.54
C GLU F 414 -48.04 -12.51 47.26
N ILE F 415 -49.13 -11.87 47.68
CA ILE F 415 -50.46 -12.42 47.42
C ILE F 415 -50.75 -12.43 45.93
N ASP F 416 -50.29 -11.40 45.20
CA ASP F 416 -50.50 -11.37 43.75
C ASP F 416 -49.75 -12.50 43.07
N ASN F 417 -48.50 -12.76 43.47
CA ASN F 417 -47.76 -13.88 42.92
C ASN F 417 -48.45 -15.21 43.24
N LEU F 418 -48.92 -15.36 44.48
CA LEU F 418 -49.60 -16.59 44.88
C LEU F 418 -50.85 -16.81 44.04
N GLU F 419 -51.66 -15.77 43.85
CA GLU F 419 -52.89 -15.93 43.07
C GLU F 419 -52.60 -16.15 41.60
N ARG F 420 -51.53 -15.53 41.07
CA ARG F 420 -51.16 -15.79 39.69
C ARG F 420 -50.75 -17.24 39.48
N LYS F 421 -50.02 -17.81 40.44
CA LYS F 421 -49.65 -19.21 40.30
C LYS F 421 -50.81 -20.15 40.57
N ARG F 422 -51.77 -19.76 41.43
CA ARG F 422 -53.04 -20.49 41.48
C ARG F 422 -53.75 -20.48 40.13
N ILE F 423 -53.75 -19.32 39.46
CA ILE F 423 -54.41 -19.22 38.15
C ILE F 423 -53.71 -20.12 37.14
N GLN F 424 -52.37 -20.14 37.16
CA GLN F 424 -51.63 -21.03 36.28
C GLN F 424 -51.96 -22.50 36.57
N LEU F 425 -52.04 -22.86 37.85
CA LEU F 425 -52.41 -24.23 38.20
C LEU F 425 -53.80 -24.57 37.71
N GLU F 426 -54.76 -23.66 37.89
CA GLU F 426 -56.12 -23.90 37.43
C GLU F 426 -56.18 -24.06 35.92
N VAL F 427 -55.40 -23.25 35.20
CA VAL F 427 -55.35 -23.35 33.75
C VAL F 427 -54.79 -24.70 33.33
N GLU F 428 -53.70 -25.13 33.97
CA GLU F 428 -53.07 -26.38 33.57
C GLU F 428 -53.88 -27.61 33.99
N HIS F 429 -54.74 -27.49 35.00
CA HIS F 429 -55.61 -28.60 35.37
C HIS F 429 -56.85 -28.62 34.48
N PRO F 535 -32.08 -2.15 56.67
CA PRO F 535 -30.82 -2.22 55.94
C PRO F 535 -30.75 -3.43 55.00
N GLU F 536 -31.59 -4.43 55.28
CA GLU F 536 -31.61 -5.62 54.42
C GLU F 536 -32.23 -5.31 53.07
N GLN F 537 -33.16 -4.35 53.01
CA GLN F 537 -33.81 -4.03 51.75
C GLN F 537 -32.81 -3.50 50.72
N ILE F 538 -31.89 -2.64 51.16
CA ILE F 538 -30.90 -2.08 50.24
C ILE F 538 -29.93 -3.15 49.73
N ALA F 539 -29.84 -4.29 50.41
CA ALA F 539 -28.99 -5.36 49.92
C ALA F 539 -29.62 -6.10 48.75
N GLU F 540 -30.95 -6.14 48.70
CA GLU F 540 -31.63 -6.90 47.64
C GLU F 540 -31.45 -6.23 46.28
N VAL F 541 -31.54 -4.90 46.23
CA VAL F 541 -31.47 -4.20 44.95
C VAL F 541 -30.09 -4.36 44.33
N VAL F 542 -29.03 -4.20 45.13
CA VAL F 542 -27.69 -4.38 44.59
C VAL F 542 -27.44 -5.83 44.22
N SER F 543 -28.09 -6.77 44.92
CA SER F 543 -27.96 -8.17 44.57
C SER F 543 -28.58 -8.46 43.21
N ARG F 544 -29.79 -7.98 42.98
CA ARG F 544 -30.45 -8.21 41.69
C ARG F 544 -29.91 -7.32 40.58
N TRP F 545 -29.10 -6.32 40.91
CA TRP F 545 -28.56 -5.43 39.89
C TRP F 545 -27.54 -6.16 39.02
N THR F 546 -26.57 -6.85 39.64
CA THR F 546 -25.50 -7.50 38.89
C THR F 546 -25.16 -8.90 39.39
N GLY F 547 -25.99 -9.51 40.23
CA GLY F 547 -25.65 -10.80 40.80
C GLY F 547 -24.93 -10.66 42.12
N ILE F 548 -23.91 -11.48 42.34
CA ILE F 548 -23.10 -11.44 43.56
C ILE F 548 -23.99 -11.49 44.80
N PRO F 549 -24.57 -12.64 45.13
CA PRO F 549 -25.56 -12.68 46.22
C PRO F 549 -24.95 -12.40 47.58
N VAL F 550 -24.80 -11.11 47.89
CA VAL F 550 -24.19 -10.67 49.14
C VAL F 550 -25.26 -10.52 50.21
N THR F 551 -26.47 -10.98 49.92
CA THR F 551 -27.56 -10.89 50.89
C THR F 551 -27.26 -11.71 52.14
N ARG F 552 -28.13 -11.57 53.14
CA ARG F 552 -27.89 -12.18 54.43
C ARG F 552 -28.02 -13.71 54.34
N LEU F 553 -27.64 -14.37 55.42
CA LEU F 553 -27.52 -15.82 55.48
C LEU F 553 -28.67 -16.42 56.28
N GLY F 554 -29.32 -17.44 55.72
CA GLY F 554 -30.37 -18.16 56.40
C GLY F 554 -29.98 -19.61 56.67
N GLN F 555 -30.92 -20.34 57.25
CA GLN F 555 -30.68 -21.74 57.59
C GLN F 555 -30.49 -22.59 56.34
N ASN F 556 -31.26 -22.34 55.29
CA ASN F 556 -31.08 -23.08 54.05
C ASN F 556 -29.73 -22.77 53.40
N ASP F 557 -29.28 -21.51 53.46
CA ASP F 557 -27.92 -21.21 53.00
C ASP F 557 -26.89 -21.94 53.85
N LYS F 558 -27.11 -22.01 55.16
CA LYS F 558 -26.17 -22.70 56.04
C LYS F 558 -26.04 -24.16 55.67
N GLU F 559 -27.17 -24.85 55.49
CA GLU F 559 -27.10 -26.27 55.17
C GLU F 559 -26.53 -26.49 53.76
N ARG F 560 -26.84 -25.59 52.82
CA ARG F 560 -26.27 -25.70 51.49
C ARG F 560 -24.75 -25.56 51.52
N LEU F 561 -24.25 -24.58 52.26
CA LEU F 561 -22.80 -24.41 52.36
C LEU F 561 -22.14 -25.56 53.10
N VAL F 562 -22.83 -26.13 54.09
CA VAL F 562 -22.29 -27.30 54.78
C VAL F 562 -22.18 -28.49 53.84
N GLY F 563 -23.23 -28.73 53.05
CA GLY F 563 -23.25 -29.87 52.15
C GLY F 563 -22.68 -29.64 50.77
N LEU F 564 -22.10 -28.47 50.51
CA LEU F 564 -21.50 -28.21 49.21
C LEU F 564 -20.42 -29.24 48.88
N ALA F 565 -19.53 -29.53 49.84
CA ALA F 565 -18.46 -30.49 49.59
C ALA F 565 -19.03 -31.88 49.30
N ASP F 566 -20.01 -32.31 50.10
CA ASP F 566 -20.59 -33.62 49.89
C ASP F 566 -21.27 -33.73 48.53
N ARG F 567 -21.99 -32.68 48.13
CA ARG F 567 -22.66 -32.71 46.83
C ARG F 567 -21.65 -32.69 45.69
N LEU F 568 -20.57 -31.91 45.83
CA LEU F 568 -19.55 -31.86 44.79
C LEU F 568 -18.70 -33.12 44.74
N HIS F 569 -18.74 -33.95 45.79
CA HIS F 569 -17.96 -35.17 45.85
C HIS F 569 -18.63 -36.34 45.12
N GLN F 570 -19.54 -36.06 44.19
CA GLN F 570 -20.24 -37.10 43.44
C GLN F 570 -19.70 -37.30 42.03
N ARG F 571 -19.63 -36.22 41.23
CA ARG F 571 -19.12 -36.36 39.87
C ARG F 571 -17.64 -36.70 39.87
N VAL F 572 -16.89 -36.16 40.82
CA VAL F 572 -15.45 -36.42 40.93
C VAL F 572 -15.24 -37.44 42.03
N VAL F 573 -14.46 -38.48 41.74
CA VAL F 573 -14.26 -39.60 42.66
C VAL F 573 -12.78 -39.70 43.00
N GLY F 574 -12.47 -39.75 44.28
CA GLY F 574 -11.11 -39.97 44.75
C GLY F 574 -10.14 -38.84 44.47
N GLN F 575 -10.58 -37.59 44.57
CA GLN F 575 -9.75 -36.42 44.36
C GLN F 575 -9.94 -35.43 45.51
N ALA F 576 -9.79 -35.94 46.73
CA ALA F 576 -10.18 -35.16 47.92
C ALA F 576 -9.45 -33.84 48.01
N GLU F 577 -8.19 -33.78 47.58
CA GLU F 577 -7.39 -32.57 47.77
C GLU F 577 -7.97 -31.39 46.99
N ALA F 578 -8.20 -31.56 45.69
CA ALA F 578 -8.71 -30.48 44.87
C ALA F 578 -10.13 -30.09 45.28
N VAL F 579 -10.96 -31.08 45.59
CA VAL F 579 -12.32 -30.81 46.01
C VAL F 579 -12.34 -29.98 47.29
N SER F 580 -11.53 -30.39 48.27
CA SER F 580 -11.45 -29.64 49.50
C SER F 580 -10.94 -28.22 49.26
N ALA F 581 -9.91 -28.07 48.42
CA ALA F 581 -9.37 -26.75 48.15
C ALA F 581 -10.43 -25.83 47.56
N VAL F 582 -11.13 -26.28 46.52
CA VAL F 582 -12.11 -25.41 45.87
C VAL F 582 -13.29 -25.14 46.80
N ALA F 583 -13.71 -26.14 47.57
CA ALA F 583 -14.85 -25.94 48.48
C ALA F 583 -14.52 -24.91 49.55
N GLU F 584 -13.34 -25.02 50.17
CA GLU F 584 -12.97 -24.04 51.17
C GLU F 584 -12.74 -22.66 50.57
N ALA F 585 -12.24 -22.58 49.34
CA ALA F 585 -12.09 -21.28 48.68
C ALA F 585 -13.44 -20.61 48.51
N VAL F 586 -14.43 -21.35 47.99
CA VAL F 586 -15.75 -20.77 47.78
C VAL F 586 -16.38 -20.37 49.12
N LEU F 587 -16.27 -21.24 50.12
CA LEU F 587 -16.87 -20.92 51.43
C LEU F 587 -16.22 -19.69 52.05
N ARG F 588 -14.89 -19.57 51.96
CA ARG F 588 -14.21 -18.40 52.50
C ARG F 588 -14.63 -17.14 51.76
N SER F 589 -14.76 -17.21 50.44
CA SER F 589 -15.20 -16.03 49.69
C SER F 589 -16.61 -15.62 50.09
N ARG F 590 -17.50 -16.59 50.31
CA ARG F 590 -18.89 -16.27 50.63
C ARG F 590 -19.04 -15.78 52.07
N ALA F 591 -18.18 -16.24 52.98
CA ALA F 591 -18.36 -15.92 54.40
C ALA F 591 -18.29 -14.42 54.65
N GLY F 592 -17.34 -13.74 54.04
CA GLY F 592 -17.23 -12.30 54.19
C GLY F 592 -15.81 -11.81 54.42
N LEU F 593 -14.89 -12.73 54.67
CA LEU F 593 -13.49 -12.40 54.90
C LEU F 593 -12.74 -12.40 53.58
N GLY F 594 -11.42 -12.37 53.66
CA GLY F 594 -10.60 -12.43 52.46
C GLY F 594 -10.12 -11.05 52.02
N ARG F 595 -8.93 -11.04 51.42
CA ARG F 595 -8.37 -9.79 50.94
C ARG F 595 -9.18 -9.24 49.77
N PRO F 596 -9.45 -7.94 49.73
CA PRO F 596 -10.21 -7.37 48.61
C PRO F 596 -9.39 -7.04 47.37
N GLN F 597 -8.16 -7.55 47.28
CA GLN F 597 -7.29 -7.29 46.14
C GLN F 597 -6.84 -8.60 45.47
N GLN F 598 -7.73 -9.59 45.40
CA GLN F 598 -7.42 -10.88 44.82
C GLN F 598 -8.61 -11.36 44.00
N PRO F 599 -8.38 -12.25 43.04
CA PRO F 599 -9.49 -12.84 42.27
C PRO F 599 -10.18 -13.96 43.02
N THR F 600 -10.00 -14.02 44.34
CA THR F 600 -10.60 -15.05 45.20
C THR F 600 -10.24 -16.45 44.73
N GLY F 601 -8.96 -16.64 44.41
CA GLY F 601 -8.51 -18.00 44.13
C GLY F 601 -8.02 -18.18 42.71
N SER F 602 -6.82 -18.74 42.59
CA SER F 602 -6.26 -19.16 41.32
C SER F 602 -5.57 -20.50 41.55
N PHE F 603 -5.74 -21.44 40.62
CA PHE F 603 -5.22 -22.77 40.80
C PHE F 603 -4.56 -23.26 39.52
N LEU F 604 -3.61 -24.17 39.68
CA LEU F 604 -2.96 -24.85 38.56
C LEU F 604 -3.15 -26.35 38.73
N PHE F 605 -3.59 -27.03 37.68
CA PHE F 605 -3.87 -28.46 37.71
C PHE F 605 -2.85 -29.18 36.85
N LEU F 606 -2.16 -30.15 37.45
CA LEU F 606 -1.14 -30.93 36.77
C LEU F 606 -1.43 -32.42 36.98
N GLY F 607 -1.37 -33.19 35.91
CA GLY F 607 -1.59 -34.62 36.01
C GLY F 607 -1.66 -35.30 34.65
N PRO F 608 -1.91 -36.60 34.65
CA PRO F 608 -2.01 -37.35 33.38
C PRO F 608 -3.21 -36.92 32.55
N THR F 609 -3.36 -37.52 31.37
CA THR F 609 -4.45 -37.18 30.48
C THR F 609 -5.67 -38.06 30.76
N GLY F 610 -6.86 -37.48 30.62
CA GLY F 610 -8.08 -38.21 30.82
C GLY F 610 -8.31 -38.69 32.23
N VAL F 611 -8.08 -37.82 33.21
CA VAL F 611 -8.27 -38.16 34.62
C VAL F 611 -9.41 -37.38 35.25
N GLY F 612 -9.88 -36.30 34.62
CA GLY F 612 -10.99 -35.55 35.16
C GLY F 612 -10.65 -34.11 35.49
N LYS F 613 -9.73 -33.53 34.73
CA LYS F 613 -9.31 -32.15 35.01
C LYS F 613 -10.45 -31.16 34.78
N THR F 614 -11.18 -31.31 33.68
CA THR F 614 -12.29 -30.39 33.40
C THR F 614 -13.62 -30.88 33.96
N GLU F 615 -13.71 -32.15 34.37
CA GLU F 615 -14.94 -32.63 34.99
C GLU F 615 -15.21 -31.94 36.31
N LEU F 616 -14.15 -31.69 37.09
CA LEU F 616 -14.32 -30.94 38.34
C LEU F 616 -14.81 -29.53 38.06
N ALA F 617 -14.26 -28.87 37.05
CA ALA F 617 -14.72 -27.52 36.71
C ALA F 617 -16.18 -27.53 36.27
N LYS F 618 -16.57 -28.51 35.45
CA LYS F 618 -17.96 -28.61 35.01
C LYS F 618 -18.90 -28.84 36.18
N ALA F 619 -18.54 -29.76 37.09
CA ALA F 619 -19.39 -30.03 38.25
C ALA F 619 -19.48 -28.81 39.15
N LEU F 620 -18.38 -28.10 39.35
CA LEU F 620 -18.41 -26.88 40.16
C LEU F 620 -19.32 -25.83 39.54
N ALA F 621 -19.21 -25.65 38.23
CA ALA F 621 -20.08 -24.68 37.56
C ALA F 621 -21.54 -25.06 37.68
N GLU F 622 -21.85 -26.35 37.54
CA GLU F 622 -23.24 -26.80 37.67
C GLU F 622 -23.75 -26.61 39.09
N GLN F 623 -22.89 -26.82 40.09
CA GLN F 623 -23.34 -26.73 41.47
C GLN F 623 -23.50 -25.28 41.93
N LEU F 624 -22.61 -24.38 41.47
CA LEU F 624 -22.66 -23.00 41.94
C LEU F 624 -23.95 -22.32 41.53
N PHE F 625 -24.40 -22.54 40.30
CA PHE F 625 -25.62 -21.93 39.79
C PHE F 625 -26.31 -22.91 38.85
N ASP F 626 -27.60 -22.68 38.63
CA ASP F 626 -28.43 -23.61 37.88
C ASP F 626 -28.02 -23.73 36.41
N ASP F 627 -27.18 -22.83 35.91
CA ASP F 627 -26.73 -22.91 34.53
C ASP F 627 -25.79 -24.12 34.35
N GLU F 628 -25.65 -24.54 33.10
CA GLU F 628 -24.80 -25.68 32.76
C GLU F 628 -23.61 -25.32 31.91
N ASN F 629 -23.71 -24.27 31.07
CA ASN F 629 -22.63 -23.90 30.17
C ASN F 629 -22.35 -22.40 30.23
N LEU F 630 -22.59 -21.77 31.38
CA LEU F 630 -22.28 -20.36 31.52
C LEU F 630 -20.77 -20.11 31.56
N LEU F 631 -19.99 -21.10 31.99
CA LEU F 631 -18.54 -20.94 32.05
C LEU F 631 -17.99 -20.66 30.66
N VAL F 632 -16.94 -19.84 30.61
CA VAL F 632 -16.33 -19.39 29.36
C VAL F 632 -15.05 -20.20 29.14
N ARG F 633 -14.95 -20.83 27.98
CA ARG F 633 -13.79 -21.64 27.62
C ARG F 633 -12.88 -20.80 26.74
N ILE F 634 -11.63 -20.64 27.15
CA ILE F 634 -10.64 -19.87 26.41
C ILE F 634 -9.50 -20.81 26.02
N ASP F 635 -9.21 -20.87 24.73
CA ASP F 635 -8.14 -21.70 24.20
C ASP F 635 -7.16 -20.82 23.43
N MET F 636 -5.86 -21.07 23.64
CA MET F 636 -4.82 -20.30 22.96
C MET F 636 -4.00 -21.18 22.00
N SER F 637 -4.55 -22.32 21.59
CA SER F 637 -3.84 -23.17 20.62
C SER F 637 -3.58 -22.46 19.30
N GLU F 638 -4.38 -21.44 18.97
CA GLU F 638 -4.16 -20.61 17.80
C GLU F 638 -3.49 -19.28 18.14
N TYR F 639 -2.99 -19.13 19.36
CA TYR F 639 -2.36 -17.90 19.82
C TYR F 639 -0.84 -18.07 19.88
N MET F 640 -0.28 -18.83 18.93
CA MET F 640 1.15 -19.08 18.94
C MET F 640 1.95 -17.81 18.67
N GLU F 641 1.49 -16.97 17.74
CA GLU F 641 2.16 -15.73 17.41
C GLU F 641 1.63 -14.59 18.26
N GLN F 642 2.53 -13.70 18.66
CA GLN F 642 2.18 -12.59 19.54
C GLN F 642 1.31 -11.54 18.87
N HIS F 643 1.11 -11.62 17.56
CA HIS F 643 0.27 -10.65 16.86
C HIS F 643 -1.22 -10.80 17.22
N SER F 644 -1.58 -11.86 17.93
CA SER F 644 -2.97 -12.08 18.36
C SER F 644 -3.26 -11.49 19.73
N VAL F 645 -2.31 -10.73 20.30
CA VAL F 645 -2.57 -10.05 21.57
C VAL F 645 -3.73 -9.08 21.42
N ALA F 646 -3.74 -8.31 20.33
CA ALA F 646 -4.84 -7.40 20.06
C ALA F 646 -6.16 -8.13 19.83
N ARG F 647 -6.11 -9.42 19.51
CA ARG F 647 -7.34 -10.21 19.42
C ARG F 647 -7.78 -10.69 20.79
N LEU F 648 -6.84 -11.12 21.63
CA LEU F 648 -7.18 -11.58 22.97
C LEU F 648 -7.74 -10.43 23.82
N ILE F 649 -7.12 -9.26 23.72
CA ILE F 649 -7.48 -8.12 24.55
C ILE F 649 -8.16 -7.07 23.68
N GLY F 650 -8.74 -6.06 24.33
CA GLY F 650 -9.35 -4.96 23.60
C GLY F 650 -8.36 -4.26 22.70
N ALA F 651 -8.51 -4.44 21.39
CA ALA F 651 -7.57 -3.85 20.45
C ALA F 651 -7.70 -2.33 20.42
N PRO F 652 -6.62 -1.62 20.12
CA PRO F 652 -6.71 -0.18 20.01
C PRO F 652 -7.61 0.23 18.86
N PRO F 653 -8.30 1.36 18.98
CA PRO F 653 -9.18 1.82 17.89
C PRO F 653 -8.42 2.56 16.80
N GLY F 654 -7.10 2.41 16.80
CA GLY F 654 -6.25 3.17 15.90
C GLY F 654 -6.53 3.00 14.42
N TYR F 655 -6.29 1.80 13.88
CA TYR F 655 -6.41 1.60 12.44
C TYR F 655 -7.86 1.78 11.97
N VAL F 656 -8.76 0.90 12.40
CA VAL F 656 -10.17 1.02 12.04
C VAL F 656 -11.12 0.97 13.22
N GLY F 657 -10.73 0.38 14.35
CA GLY F 657 -11.61 0.33 15.51
C GLY F 657 -12.92 -0.40 15.27
N HIS F 658 -12.89 -1.46 14.46
CA HIS F 658 -14.09 -2.22 14.15
C HIS F 658 -14.19 -3.54 14.91
N GLU F 659 -13.06 -4.22 15.12
CA GLU F 659 -13.03 -5.46 15.87
C GLU F 659 -12.65 -5.24 17.33
N GLU F 660 -13.07 -4.12 17.91
CA GLU F 660 -12.67 -3.75 19.26
C GLU F 660 -13.10 -4.76 20.31
N GLY F 661 -14.12 -5.57 20.02
CA GLY F 661 -14.55 -6.59 20.95
C GLY F 661 -13.51 -7.67 21.15
N GLY F 662 -12.88 -7.67 22.32
CA GLY F 662 -11.84 -8.63 22.62
C GLY F 662 -12.39 -9.96 23.09
N GLN F 663 -11.46 -10.87 23.40
CA GLN F 663 -11.85 -12.19 23.86
C GLN F 663 -12.29 -12.18 25.31
N LEU F 664 -11.71 -11.31 26.13
CA LEU F 664 -12.01 -11.22 27.56
C LEU F 664 -12.50 -9.82 27.92
N THR F 665 -13.32 -9.22 27.07
CA THR F 665 -13.81 -7.87 27.29
C THR F 665 -15.31 -7.83 27.52
N GLU F 666 -16.11 -8.37 26.60
CA GLU F 666 -17.56 -8.27 26.71
C GLU F 666 -18.18 -9.40 27.52
N GLN F 667 -17.50 -10.54 27.65
CA GLN F 667 -18.05 -11.64 28.42
C GLN F 667 -18.11 -11.30 29.90
N VAL F 668 -17.01 -10.78 30.45
CA VAL F 668 -16.98 -10.44 31.87
C VAL F 668 -17.89 -9.26 32.17
N ARG F 669 -18.05 -8.34 31.21
CA ARG F 669 -18.97 -7.22 31.39
C ARG F 669 -20.40 -7.74 31.49
N ARG F 670 -21.22 -7.01 32.25
CA ARG F 670 -22.61 -7.32 32.55
C ARG F 670 -22.80 -8.70 33.19
N ARG F 671 -21.71 -9.37 33.55
CA ARG F 671 -21.76 -10.67 34.21
C ARG F 671 -20.42 -10.95 34.89
N PRO F 672 -20.14 -10.31 36.03
CA PRO F 672 -18.84 -10.46 36.68
C PRO F 672 -18.72 -11.64 37.64
N TYR F 673 -19.70 -12.53 37.69
CA TYR F 673 -19.64 -13.70 38.57
C TYR F 673 -19.29 -14.98 37.82
N SER F 674 -18.85 -14.88 36.57
CA SER F 674 -18.61 -16.05 35.75
C SER F 674 -17.34 -16.77 36.20
N VAL F 675 -17.05 -17.88 35.55
CA VAL F 675 -15.85 -18.68 35.80
C VAL F 675 -15.04 -18.74 34.51
N ILE F 676 -13.79 -18.31 34.58
CA ILE F 676 -12.90 -18.29 33.43
C ILE F 676 -12.00 -19.52 33.49
N LEU F 677 -11.98 -20.29 32.41
CA LEU F 677 -11.22 -21.54 32.35
C LEU F 677 -10.21 -21.47 31.22
N PHE F 678 -8.96 -21.77 31.54
CA PHE F 678 -7.88 -21.80 30.55
C PHE F 678 -7.69 -23.24 30.06
N ASP F 679 -6.65 -23.47 29.26
CA ASP F 679 -6.37 -24.80 28.74
C ASP F 679 -4.97 -24.86 28.15
N GLU F 680 -4.20 -25.90 28.51
CA GLU F 680 -2.82 -26.11 28.07
C GLU F 680 -2.04 -24.79 27.99
N VAL F 681 -1.94 -24.13 29.15
CA VAL F 681 -1.35 -22.80 29.21
C VAL F 681 0.09 -22.78 28.73
N GLU F 682 0.80 -23.91 28.87
CA GLU F 682 2.22 -23.93 28.50
C GLU F 682 2.42 -23.75 26.99
N LYS F 683 1.45 -24.14 26.18
CA LYS F 683 1.61 -24.15 24.73
C LYS F 683 1.43 -22.77 24.11
N ALA F 684 1.54 -21.70 24.88
CA ALA F 684 1.43 -20.35 24.37
C ALA F 684 2.81 -19.69 24.27
N HIS F 685 2.87 -18.59 23.54
CA HIS F 685 4.08 -17.77 23.50
C HIS F 685 4.27 -17.09 24.84
N VAL F 686 5.52 -16.66 25.09
CA VAL F 686 5.82 -15.99 26.35
C VAL F 686 5.12 -14.63 26.42
N ALA F 687 5.10 -13.89 25.31
CA ALA F 687 4.56 -12.54 25.32
C ALA F 687 3.06 -12.53 25.58
N VAL F 688 2.31 -13.45 24.96
CA VAL F 688 0.87 -13.47 25.13
C VAL F 688 0.50 -13.81 26.57
N PHE F 689 1.22 -14.76 27.17
CA PHE F 689 0.95 -15.17 28.54
C PHE F 689 1.46 -14.17 29.56
N ASN F 690 2.44 -13.33 29.20
CA ASN F 690 3.01 -12.36 30.13
C ASN F 690 2.20 -11.07 30.21
N THR F 691 0.96 -11.08 29.73
CA THR F 691 0.06 -9.95 29.88
C THR F 691 -1.00 -10.17 30.95
N LEU F 692 -1.10 -11.38 31.51
CA LEU F 692 -2.07 -11.71 32.54
C LEU F 692 -1.48 -11.63 33.94
N LEU F 693 -0.26 -11.10 34.07
CA LEU F 693 0.36 -11.00 35.38
C LEU F 693 -0.28 -9.90 36.23
N GLN F 694 -0.63 -8.78 35.61
CA GLN F 694 -1.11 -7.62 36.36
C GLN F 694 -2.41 -7.91 37.11
N VAL F 695 -3.33 -8.64 36.48
CA VAL F 695 -4.59 -8.95 37.14
C VAL F 695 -4.37 -9.91 38.30
N LEU F 696 -3.54 -10.93 38.10
CA LEU F 696 -3.20 -11.84 39.20
C LEU F 696 -2.48 -11.10 40.32
N ASP F 697 -1.85 -9.97 40.02
CA ASP F 697 -1.20 -9.18 41.07
C ASP F 697 -2.25 -8.49 41.95
N ASP F 698 -3.07 -7.63 41.35
CA ASP F 698 -4.00 -6.82 42.13
C ASP F 698 -5.35 -6.63 41.44
N GLY F 699 -5.71 -7.50 40.49
CA GLY F 699 -6.97 -7.34 39.78
C GLY F 699 -6.91 -6.18 38.80
N ARG F 700 -8.07 -5.95 38.16
CA ARG F 700 -8.26 -4.88 37.19
C ARG F 700 -7.43 -5.09 35.93
N LEU F 701 -7.88 -4.53 34.81
CA LEU F 701 -7.19 -4.67 33.54
C LEU F 701 -7.63 -3.55 32.61
N THR F 702 -6.69 -3.01 31.85
CA THR F 702 -6.94 -1.91 30.93
C THR F 702 -6.79 -2.39 29.50
N ASP F 703 -7.80 -2.15 28.68
CA ASP F 703 -7.78 -2.52 27.27
C ASP F 703 -7.33 -1.34 26.43
N GLY F 704 -7.46 -1.46 25.11
CA GLY F 704 -7.01 -0.39 24.22
C GLY F 704 -7.77 0.90 24.42
N GLN F 705 -9.08 0.81 24.64
CA GLN F 705 -9.90 2.00 24.82
C GLN F 705 -9.65 2.71 26.14
N GLY F 706 -8.91 2.09 27.06
CA GLY F 706 -8.64 2.68 28.36
C GLY F 706 -9.63 2.33 29.44
N ARG F 707 -10.70 1.61 29.11
CA ARG F 707 -11.67 1.19 30.12
C ARG F 707 -11.06 0.13 31.04
N THR F 708 -11.48 0.15 32.30
CA THR F 708 -10.99 -0.78 33.31
C THR F 708 -12.07 -1.80 33.60
N VAL F 709 -11.72 -3.09 33.46
CA VAL F 709 -12.61 -4.19 33.79
C VAL F 709 -12.08 -4.86 35.05
N ASP F 710 -12.99 -5.18 35.97
CA ASP F 710 -12.63 -5.67 37.29
C ASP F 710 -12.77 -7.19 37.34
N PHE F 711 -11.66 -7.88 37.58
CA PHE F 711 -11.68 -9.31 37.87
C PHE F 711 -11.59 -9.50 39.38
N ARG F 712 -12.64 -9.05 40.07
CA ARG F 712 -12.68 -9.06 41.52
C ARG F 712 -13.51 -10.18 42.10
N ASN F 713 -14.18 -10.98 41.26
CA ASN F 713 -14.99 -12.09 41.76
C ASN F 713 -14.91 -13.34 40.91
N THR F 714 -14.10 -13.36 39.85
CA THR F 714 -14.05 -14.51 38.95
C THR F 714 -12.98 -15.49 39.42
N VAL F 715 -13.32 -16.77 39.38
CA VAL F 715 -12.43 -17.84 39.84
C VAL F 715 -11.57 -18.26 38.67
N ILE F 716 -10.38 -17.69 38.57
CA ILE F 716 -9.44 -18.05 37.50
C ILE F 716 -8.88 -19.43 37.78
N ILE F 717 -8.93 -20.31 36.79
CA ILE F 717 -8.50 -21.69 36.94
C ILE F 717 -7.84 -22.15 35.64
N MET F 718 -6.65 -22.73 35.75
CA MET F 718 -5.86 -23.15 34.61
C MET F 718 -5.57 -24.65 34.68
N THR F 719 -4.92 -25.16 33.64
CA THR F 719 -4.53 -26.57 33.58
C THR F 719 -3.38 -26.73 32.60
N SER F 720 -2.65 -27.83 32.74
CA SER F 720 -1.51 -28.10 31.88
C SER F 720 -1.21 -29.59 31.90
N ASN F 721 -0.45 -30.03 30.89
CA ASN F 721 -0.15 -31.44 30.69
C ASN F 721 1.32 -31.80 30.93
N LEU F 722 2.12 -30.87 31.46
CA LEU F 722 3.53 -31.16 31.66
C LEU F 722 3.72 -32.17 32.79
N GLY F 723 4.86 -32.86 32.75
CA GLY F 723 5.19 -33.80 33.81
C GLY F 723 4.35 -35.06 33.82
N ALA F 724 3.69 -35.40 32.71
CA ALA F 724 2.88 -36.61 32.68
C ALA F 724 3.74 -37.86 32.67
N GLU F 725 4.82 -37.86 31.88
CA GLU F 725 5.64 -39.06 31.74
C GLU F 725 6.31 -39.42 33.06
N HIS F 726 6.86 -38.42 33.76
CA HIS F 726 7.54 -38.70 35.02
C HIS F 726 6.58 -39.25 36.06
N LEU F 727 5.29 -38.90 35.96
CA LEU F 727 4.31 -39.41 36.91
C LEU F 727 3.84 -40.81 36.52
N LEU F 728 3.59 -41.05 35.24
CA LEU F 728 3.10 -42.37 34.84
C LEU F 728 4.20 -43.41 34.83
N ALA F 729 5.47 -43.00 34.90
CA ALA F 729 6.55 -43.96 35.02
C ALA F 729 6.44 -44.75 36.32
N GLY F 730 6.09 -44.08 37.41
CA GLY F 730 5.92 -44.74 38.68
C GLY F 730 4.49 -45.17 38.96
N SER F 736 9.59 -44.23 43.09
CA SER F 736 8.55 -43.98 44.08
C SER F 736 7.69 -42.79 43.67
N MET F 737 6.59 -42.58 44.39
CA MET F 737 5.72 -41.45 44.11
C MET F 737 6.36 -40.14 44.54
N LYS F 738 7.11 -40.15 45.64
CA LYS F 738 7.74 -38.92 46.13
C LYS F 738 8.77 -38.40 45.13
N VAL F 739 9.61 -39.28 44.58
CA VAL F 739 10.61 -38.84 43.62
C VAL F 739 9.95 -38.35 42.34
N ALA F 740 8.84 -38.97 41.93
CA ALA F 740 8.12 -38.50 40.75
C ALA F 740 7.54 -37.11 40.99
N ARG F 741 6.97 -36.88 42.18
CA ARG F 741 6.44 -35.56 42.49
C ARG F 741 7.55 -34.52 42.52
N ASP F 742 8.71 -34.87 43.09
CA ASP F 742 9.84 -33.96 43.11
C ASP F 742 10.31 -33.64 41.69
N LEU F 743 10.37 -34.66 40.83
CA LEU F 743 10.77 -34.43 39.45
C LEU F 743 9.80 -33.50 38.73
N VAL F 744 8.50 -33.73 38.91
CA VAL F 744 7.51 -32.87 38.26
C VAL F 744 7.63 -31.44 38.76
N MET F 745 7.79 -31.27 40.08
CA MET F 745 7.89 -29.94 40.64
C MET F 745 9.14 -29.22 40.16
N GLN F 746 10.28 -29.91 40.13
CA GLN F 746 11.51 -29.27 39.68
C GLN F 746 11.44 -28.94 38.19
N GLU F 747 10.80 -29.79 37.39
CA GLU F 747 10.65 -29.49 35.97
C GLU F 747 9.77 -28.27 35.76
N VAL F 748 8.65 -28.18 36.48
CA VAL F 748 7.76 -27.03 36.30
C VAL F 748 8.42 -25.76 36.83
N ARG F 749 9.24 -25.87 37.87
CA ARG F 749 9.98 -24.70 38.34
C ARG F 749 11.01 -24.25 37.31
N ARG F 750 11.71 -25.20 36.69
CA ARG F 750 12.76 -24.84 35.73
C ARG F 750 12.18 -24.27 34.45
N HIS F 751 11.02 -24.78 34.02
CA HIS F 751 10.43 -24.31 32.76
C HIS F 751 9.99 -22.86 32.87
N PHE F 752 9.22 -22.54 33.90
CA PHE F 752 8.67 -21.20 34.05
C PHE F 752 9.61 -20.30 34.84
N ARG F 753 9.37 -18.99 34.73
CA ARG F 753 10.17 -18.03 35.46
C ARG F 753 9.91 -18.16 36.95
N PRO F 754 10.92 -17.94 37.80
CA PRO F 754 10.73 -18.07 39.25
C PRO F 754 9.89 -16.96 39.88
N GLU F 755 9.30 -16.07 39.08
CA GLU F 755 8.51 -14.97 39.62
C GLU F 755 7.02 -15.30 39.66
N LEU F 756 6.48 -15.82 38.55
CA LEU F 756 5.04 -16.03 38.47
C LEU F 756 4.56 -17.11 39.42
N LEU F 757 5.40 -18.12 39.66
CA LEU F 757 5.01 -19.24 40.53
C LEU F 757 4.80 -18.83 41.98
N ASN F 758 4.96 -17.55 42.33
CA ASN F 758 4.65 -17.09 43.68
C ASN F 758 3.24 -16.54 43.79
N ARG F 759 2.67 -16.07 42.68
CA ARG F 759 1.34 -15.46 42.74
C ARG F 759 0.25 -16.51 42.85
N LEU F 760 0.43 -17.68 42.23
CA LEU F 760 -0.60 -18.71 42.22
C LEU F 760 -0.90 -19.17 43.64
N ASP F 761 -2.20 -19.23 43.96
CA ASP F 761 -2.61 -19.56 45.32
C ASP F 761 -2.20 -20.97 45.72
N GLU F 762 -2.39 -21.94 44.81
CA GLU F 762 -2.10 -23.32 45.15
C GLU F 762 -1.90 -24.12 43.87
N ILE F 763 -0.95 -25.05 43.90
CA ILE F 763 -0.69 -25.98 42.83
C ILE F 763 -0.92 -27.39 43.35
N VAL F 764 -1.72 -28.17 42.63
CA VAL F 764 -2.08 -29.51 43.05
C VAL F 764 -1.85 -30.48 41.91
N ILE F 765 -1.63 -31.75 42.28
CA ILE F 765 -1.35 -32.81 41.34
C ILE F 765 -2.36 -33.92 41.55
N PHE F 766 -2.94 -34.41 40.45
CA PHE F 766 -3.99 -35.43 40.54
C PHE F 766 -3.38 -36.81 40.71
N ASP F 767 -3.84 -37.52 41.74
CA ASP F 767 -3.37 -38.86 42.03
C ASP F 767 -4.07 -39.87 41.13
N PRO F 768 -3.33 -40.72 40.40
CA PRO F 768 -3.98 -41.76 39.61
C PRO F 768 -4.82 -42.68 40.49
N LEU F 769 -5.94 -43.13 39.93
CA LEU F 769 -6.96 -43.85 40.68
C LEU F 769 -6.70 -45.35 40.70
N SER F 770 -7.42 -46.04 41.57
CA SER F 770 -7.22 -47.46 41.84
C SER F 770 -8.48 -48.24 41.48
N HIS F 771 -8.49 -49.53 41.85
CA HIS F 771 -9.55 -50.43 41.40
C HIS F 771 -10.91 -50.04 41.93
N GLU F 772 -10.99 -49.58 43.18
CA GLU F 772 -12.27 -49.18 43.73
C GLU F 772 -12.84 -47.97 42.99
N GLN F 773 -11.97 -47.00 42.68
CA GLN F 773 -12.40 -45.87 41.87
C GLN F 773 -12.82 -46.32 40.47
N LEU F 774 -12.13 -47.33 39.92
CA LEU F 774 -12.51 -47.89 38.64
C LEU F 774 -13.93 -48.46 38.69
N ARG F 775 -14.23 -49.22 39.74
CA ARG F 775 -15.56 -49.79 39.87
C ARG F 775 -16.62 -48.70 40.04
N LYS F 776 -16.32 -47.68 40.86
CA LYS F 776 -17.28 -46.60 41.06
C LYS F 776 -17.55 -45.84 39.77
N VAL F 777 -16.50 -45.54 39.00
CA VAL F 777 -16.70 -44.82 37.75
C VAL F 777 -17.42 -45.70 36.73
N ALA F 778 -17.20 -47.02 36.78
CA ALA F 778 -17.96 -47.91 35.91
C ALA F 778 -19.44 -47.87 36.24
N ARG F 779 -19.78 -47.88 37.53
CA ARG F 779 -21.19 -47.76 37.91
C ARG F 779 -21.77 -46.42 37.48
N LEU F 780 -20.99 -45.34 37.63
CA LEU F 780 -21.47 -44.03 37.22
C LEU F 780 -21.75 -43.99 35.72
N GLN F 781 -20.87 -44.59 34.91
CA GLN F 781 -21.11 -44.64 33.48
C GLN F 781 -22.30 -45.53 33.13
N MET F 782 -22.52 -46.60 33.90
CA MET F 782 -23.70 -47.44 33.69
C MET F 782 -24.98 -46.67 33.94
N LYS F 783 -24.99 -45.80 34.96
CA LYS F 783 -26.20 -45.08 35.32
C LYS F 783 -26.73 -44.22 34.18
N ASP F 784 -25.84 -43.65 33.38
CA ASP F 784 -26.27 -42.75 32.31
C ASP F 784 -27.09 -43.51 31.26
N VAL F 785 -26.55 -44.62 30.75
CA VAL F 785 -27.30 -45.40 29.77
C VAL F 785 -28.53 -46.02 30.43
N ALA F 786 -28.45 -46.35 31.72
CA ALA F 786 -29.61 -46.89 32.41
C ALA F 786 -30.77 -45.91 32.38
N VAL F 787 -30.52 -44.64 32.74
CA VAL F 787 -31.60 -43.66 32.77
C VAL F 787 -32.05 -43.31 31.35
N ARG F 788 -31.11 -43.27 30.40
CA ARG F 788 -31.48 -42.96 29.02
C ARG F 788 -32.41 -44.02 28.44
N LEU F 789 -32.17 -45.29 28.77
CA LEU F 789 -33.08 -46.35 28.34
C LEU F 789 -34.37 -46.35 29.14
N ALA F 790 -34.28 -46.08 30.45
CA ALA F 790 -35.48 -46.06 31.29
C ALA F 790 -36.43 -44.93 30.90
N GLU F 791 -35.93 -43.91 30.21
CA GLU F 791 -36.83 -42.91 29.64
C GLU F 791 -37.88 -43.56 28.75
N ARG F 792 -37.54 -44.66 28.09
CA ARG F 792 -38.49 -45.40 27.28
C ARG F 792 -39.34 -46.37 28.09
N GLY F 793 -38.96 -46.64 29.34
CA GLY F 793 -39.76 -47.51 30.19
C GLY F 793 -39.20 -48.91 30.37
N VAL F 794 -37.89 -49.02 30.51
CA VAL F 794 -37.22 -50.30 30.74
C VAL F 794 -36.22 -50.11 31.88
N ALA F 795 -36.27 -51.02 32.85
CA ALA F 795 -35.38 -50.94 34.01
C ALA F 795 -34.08 -51.71 33.75
N LEU F 796 -33.04 -51.31 34.46
CA LEU F 796 -31.72 -51.92 34.36
C LEU F 796 -31.26 -52.40 35.72
N ALA F 797 -30.45 -53.47 35.71
CA ALA F 797 -29.88 -54.02 36.92
C ALA F 797 -28.59 -54.76 36.55
N VAL F 798 -27.58 -54.66 37.43
CA VAL F 798 -26.29 -55.28 37.19
C VAL F 798 -25.80 -55.92 38.48
N THR F 799 -24.72 -56.69 38.36
CA THR F 799 -24.09 -57.36 39.49
C THR F 799 -22.62 -56.99 39.53
N ASP F 800 -21.95 -57.39 40.62
CA ASP F 800 -20.54 -57.07 40.79
C ASP F 800 -19.66 -57.80 39.80
N ALA F 801 -20.01 -59.04 39.46
CA ALA F 801 -19.20 -59.81 38.51
C ALA F 801 -19.19 -59.15 37.14
N ALA F 802 -20.34 -58.59 36.73
CA ALA F 802 -20.40 -57.88 35.45
C ALA F 802 -19.45 -56.68 35.45
N LEU F 803 -19.43 -55.91 36.54
CA LEU F 803 -18.51 -54.78 36.63
C LEU F 803 -17.06 -55.26 36.59
N ASP F 804 -16.77 -56.37 37.30
CA ASP F 804 -15.41 -56.90 37.31
C ASP F 804 -14.96 -57.29 35.92
N VAL F 805 -15.79 -58.02 35.18
CA VAL F 805 -15.39 -58.45 33.84
C VAL F 805 -15.31 -57.26 32.90
N ILE F 806 -16.20 -56.29 33.04
CA ILE F 806 -16.16 -55.10 32.20
C ILE F 806 -14.84 -54.35 32.40
N LEU F 807 -14.44 -54.18 33.66
CA LEU F 807 -13.20 -53.47 33.93
C LEU F 807 -11.98 -54.30 33.57
N SER F 808 -12.08 -55.63 33.64
CA SER F 808 -10.92 -56.48 33.36
C SER F 808 -10.66 -56.59 31.86
N LEU F 809 -11.71 -56.60 31.05
CA LEU F 809 -11.52 -56.88 29.62
C LEU F 809 -10.92 -55.70 28.87
N SER F 810 -11.24 -54.47 29.27
CA SER F 810 -10.95 -53.28 28.46
C SER F 810 -10.33 -52.18 29.31
N TYR F 811 -9.32 -52.52 30.11
CA TYR F 811 -8.65 -51.53 30.95
C TYR F 811 -7.24 -51.28 30.43
N ASP F 812 -6.86 -50.01 30.37
CA ASP F 812 -5.51 -49.59 30.04
C ASP F 812 -5.09 -48.53 31.05
N PRO F 813 -3.98 -48.74 31.78
CA PRO F 813 -3.60 -47.76 32.82
C PRO F 813 -3.27 -46.39 32.27
N VAL F 814 -2.75 -46.29 31.05
CA VAL F 814 -2.27 -45.01 30.55
C VAL F 814 -3.42 -44.06 30.26
N TYR F 815 -4.47 -44.55 29.59
CA TYR F 815 -5.48 -43.68 29.02
C TYR F 815 -6.55 -43.23 30.01
N GLY F 816 -6.65 -43.85 31.18
CA GLY F 816 -7.57 -43.38 32.19
C GLY F 816 -8.93 -44.06 32.22
N ALA F 817 -9.94 -43.40 31.67
CA ALA F 817 -11.32 -43.88 31.77
C ALA F 817 -12.10 -43.86 30.47
N ARG F 818 -11.60 -43.22 29.41
CA ARG F 818 -12.34 -43.20 28.14
C ARG F 818 -12.58 -44.58 27.56
N PRO F 819 -11.61 -45.50 27.50
CA PRO F 819 -11.87 -46.80 26.88
C PRO F 819 -13.02 -47.57 27.53
N ILE F 820 -13.23 -47.40 28.83
CA ILE F 820 -14.36 -48.06 29.48
C ILE F 820 -15.67 -47.62 28.84
N ARG F 821 -15.87 -46.31 28.70
CA ARG F 821 -17.09 -45.81 28.09
C ARG F 821 -17.20 -46.26 26.64
N ARG F 822 -16.10 -46.18 25.88
CA ARG F 822 -16.16 -46.57 24.48
C ARG F 822 -16.58 -48.04 24.34
N TRP F 823 -15.94 -48.92 25.10
CA TRP F 823 -16.24 -50.34 25.01
C TRP F 823 -17.68 -50.64 25.45
N ILE F 824 -18.09 -50.08 26.60
CA ILE F 824 -19.41 -50.40 27.12
C ILE F 824 -20.49 -49.93 26.16
N GLU F 825 -20.34 -48.72 25.60
CA GLU F 825 -21.29 -48.27 24.59
C GLU F 825 -21.29 -49.21 23.40
N LYS F 826 -20.14 -49.33 22.72
CA LYS F 826 -20.08 -50.01 21.44
C LYS F 826 -20.49 -51.48 21.53
N ARG F 827 -20.47 -52.08 22.72
CA ARG F 827 -21.00 -53.43 22.85
C ARG F 827 -22.45 -53.44 23.33
N VAL F 828 -22.70 -52.92 24.54
CA VAL F 828 -24.00 -53.10 25.17
C VAL F 828 -25.09 -52.37 24.40
N VAL F 829 -24.83 -51.13 23.99
CA VAL F 829 -25.90 -50.35 23.36
C VAL F 829 -26.31 -50.99 22.04
N THR F 830 -25.33 -51.40 21.23
CA THR F 830 -25.68 -52.01 19.95
C THR F 830 -26.37 -53.35 20.14
N GLN F 831 -25.93 -54.14 21.13
CA GLN F 831 -26.60 -55.42 21.37
C GLN F 831 -28.04 -55.21 21.78
N LEU F 832 -28.28 -54.28 22.71
CA LEU F 832 -29.63 -54.01 23.17
C LEU F 832 -30.51 -53.47 22.06
N SER F 833 -29.97 -52.56 21.25
CA SER F 833 -30.76 -52.01 20.14
C SER F 833 -31.12 -53.08 19.11
N LYS F 834 -30.15 -53.93 18.77
CA LYS F 834 -30.41 -54.99 17.80
C LYS F 834 -31.46 -55.96 18.33
N MET F 835 -31.38 -56.31 19.62
CA MET F 835 -32.37 -57.22 20.18
C MET F 835 -33.73 -56.55 20.33
N LEU F 836 -33.76 -55.23 20.53
CA LEU F 836 -35.02 -54.52 20.66
C LEU F 836 -35.71 -54.34 19.31
N ILE F 837 -34.94 -54.24 18.23
CA ILE F 837 -35.54 -54.04 16.91
C ILE F 837 -36.45 -55.21 16.56
N GLN F 838 -36.01 -56.44 16.83
CA GLN F 838 -36.81 -57.61 16.51
C GLN F 838 -38.04 -57.78 17.41
N GLU F 839 -38.37 -56.77 18.22
CA GLU F 839 -39.59 -56.74 19.03
C GLU F 839 -39.57 -57.86 20.07
N GLU F 840 -38.47 -57.93 20.83
CA GLU F 840 -38.35 -58.86 21.94
C GLU F 840 -38.57 -58.18 23.29
N ILE F 841 -38.92 -56.90 23.30
CA ILE F 841 -39.14 -56.14 24.53
C ILE F 841 -40.56 -55.60 24.52
N ASP F 842 -41.28 -55.83 25.61
CA ASP F 842 -42.59 -55.24 25.85
C ASP F 842 -42.49 -54.30 27.05
N GLU F 843 -43.62 -53.67 27.38
CA GLU F 843 -43.66 -52.77 28.52
C GLU F 843 -43.49 -53.56 29.81
N ASN F 844 -42.89 -52.91 30.81
CA ASN F 844 -42.63 -53.52 32.12
C ASN F 844 -41.76 -54.77 31.98
N CYS F 845 -40.62 -54.61 31.31
CA CYS F 845 -39.66 -55.68 31.12
C CYS F 845 -38.30 -55.21 31.62
N THR F 846 -37.65 -56.05 32.43
CA THR F 846 -36.36 -55.72 33.03
C THR F 846 -35.31 -56.68 32.50
N VAL F 847 -34.18 -56.12 32.06
CA VAL F 847 -33.07 -56.91 31.56
C VAL F 847 -32.07 -57.14 32.68
N TYR F 848 -31.41 -58.29 32.65
CA TYR F 848 -30.41 -58.66 33.65
C TYR F 848 -29.13 -59.06 32.95
N ILE F 849 -28.00 -58.63 33.51
CA ILE F 849 -26.68 -58.91 32.95
C ILE F 849 -25.86 -59.65 34.01
N ASP F 850 -25.21 -60.74 33.59
CA ASP F 850 -24.38 -61.53 34.49
C ASP F 850 -23.27 -62.19 33.68
N ALA F 851 -22.23 -62.60 34.39
CA ALA F 851 -21.10 -63.26 33.76
C ALA F 851 -21.48 -64.66 33.29
N ALA F 852 -20.74 -65.15 32.30
CA ALA F 852 -20.97 -66.48 31.76
C ALA F 852 -19.99 -67.49 32.33
N GLU F 857 -18.30 -64.17 29.67
CA GLU F 857 -18.66 -62.92 29.02
C GLU F 857 -19.94 -62.34 29.61
N LEU F 858 -20.95 -62.14 28.76
CA LEU F 858 -22.21 -61.55 29.17
C LEU F 858 -23.37 -62.41 28.70
N ALA F 859 -24.40 -62.49 29.54
CA ALA F 859 -25.62 -63.21 29.22
C ALA F 859 -26.81 -62.29 29.46
N TYR F 860 -27.71 -62.20 28.48
CA TYR F 860 -28.87 -61.33 28.54
C TYR F 860 -30.11 -62.17 28.81
N ARG F 861 -30.85 -61.80 29.85
CA ARG F 861 -32.10 -62.46 30.22
C ARG F 861 -33.22 -61.44 30.24
N VAL F 862 -34.32 -61.76 29.56
CA VAL F 862 -35.48 -60.88 29.49
C VAL F 862 -36.56 -61.40 30.42
N ASP F 863 -37.09 -60.52 31.26
CA ASP F 863 -38.11 -60.89 32.23
C ASP F 863 -38.98 -59.68 32.53
N ASN F 864 -40.16 -59.95 33.05
CA ASN F 864 -41.11 -58.89 33.41
C ASN F 864 -40.53 -58.00 34.52
N THR G 168 -54.94 10.07 17.38
CA THR G 168 -55.48 10.35 16.05
C THR G 168 -54.71 9.61 14.97
N TYR G 169 -53.50 10.10 14.67
CA TYR G 169 -52.64 9.48 13.67
C TYR G 169 -51.81 8.34 14.22
N GLY G 170 -51.85 8.10 15.53
CA GLY G 170 -51.09 7.02 16.13
C GLY G 170 -51.87 5.73 16.20
N ARG G 171 -51.95 5.14 17.39
CA ARG G 171 -52.69 3.90 17.58
C ARG G 171 -52.94 3.71 19.07
N ASP G 172 -54.20 3.50 19.44
CA ASP G 172 -54.57 3.25 20.82
C ASP G 172 -54.74 1.75 21.05
N LEU G 173 -54.28 1.28 22.20
CA LEU G 173 -54.28 -0.14 22.52
C LEU G 173 -55.21 -0.49 23.67
N VAL G 174 -55.90 0.48 24.24
CA VAL G 174 -56.81 0.21 25.36
C VAL G 174 -58.00 -0.63 24.88
N GLU G 175 -58.57 -0.27 23.73
CA GLU G 175 -59.78 -0.93 23.25
C GLU G 175 -59.50 -2.28 22.61
N GLN G 176 -58.25 -2.57 22.27
CA GLN G 176 -57.90 -3.83 21.61
C GLN G 176 -57.67 -4.98 22.57
N ALA G 177 -57.74 -4.73 23.89
CA ALA G 177 -57.52 -5.80 24.85
C ALA G 177 -58.61 -6.86 24.79
N GLY G 178 -59.81 -6.49 24.35
CA GLY G 178 -60.90 -7.45 24.28
C GLY G 178 -60.74 -8.49 23.19
N LYS G 179 -59.93 -8.21 22.17
CA LYS G 179 -59.74 -9.14 21.06
C LYS G 179 -58.28 -9.44 20.78
N LEU G 180 -57.35 -8.96 21.61
CA LEU G 180 -55.95 -9.31 21.45
C LEU G 180 -55.65 -10.64 22.14
N ASP G 181 -54.65 -11.34 21.63
CA ASP G 181 -54.32 -12.66 22.14
C ASP G 181 -53.82 -12.57 23.58
N PRO G 182 -54.25 -13.47 24.46
CA PRO G 182 -53.75 -13.44 25.83
C PRO G 182 -52.27 -13.78 25.91
N VAL G 183 -51.61 -13.19 26.92
CA VAL G 183 -50.20 -13.44 27.20
C VAL G 183 -50.08 -13.88 28.64
N ILE G 184 -49.33 -14.95 28.87
CA ILE G 184 -49.15 -15.52 30.21
C ILE G 184 -47.69 -15.88 30.42
N GLY G 185 -47.32 -16.02 31.70
CA GLY G 185 -45.98 -16.46 32.04
C GLY G 185 -44.89 -15.41 31.95
N ARG G 186 -45.23 -14.15 32.17
CA ARG G 186 -44.26 -13.05 32.10
C ARG G 186 -44.41 -12.14 33.31
N ASP G 187 -44.44 -12.73 34.50
CA ASP G 187 -44.72 -11.98 35.72
C ASP G 187 -43.55 -11.09 36.15
N GLU G 188 -42.35 -11.31 35.63
CA GLU G 188 -41.17 -10.61 36.13
C GLU G 188 -40.95 -9.26 35.45
N GLU G 189 -41.05 -9.21 34.12
CA GLU G 189 -40.74 -7.98 33.41
C GLU G 189 -41.78 -6.91 33.68
N ILE G 190 -43.05 -7.30 33.84
CA ILE G 190 -44.07 -6.32 34.19
C ILE G 190 -43.78 -5.71 35.55
N ARG G 191 -43.36 -6.54 36.51
CA ARG G 191 -42.98 -6.02 37.82
C ARG G 191 -41.79 -5.06 37.71
N ARG G 192 -40.79 -5.43 36.90
CA ARG G 192 -39.63 -4.56 36.75
C ARG G 192 -40.02 -3.21 36.14
N VAL G 193 -40.90 -3.23 35.13
CA VAL G 193 -41.34 -1.99 34.51
C VAL G 193 -42.13 -1.14 35.50
N VAL G 194 -42.99 -1.78 36.30
CA VAL G 194 -43.75 -1.04 37.32
C VAL G 194 -42.79 -0.39 38.32
N ARG G 195 -41.76 -1.13 38.74
CA ARG G 195 -40.80 -0.58 39.69
C ARG G 195 -40.05 0.62 39.09
N ILE G 196 -39.63 0.49 37.83
CA ILE G 196 -38.77 1.54 37.27
C ILE G 196 -39.57 2.77 36.86
N LEU G 197 -40.85 2.60 36.52
CA LEU G 197 -41.63 3.74 36.03
C LEU G 197 -41.93 4.74 37.14
N SER G 198 -42.17 4.27 38.36
CA SER G 198 -42.53 5.16 39.45
C SER G 198 -41.34 5.92 40.03
N ARG G 199 -40.12 5.62 39.59
CA ARG G 199 -38.95 6.33 40.08
C ARG G 199 -38.97 7.78 39.61
N ARG G 200 -38.45 8.67 40.46
CA ARG G 200 -38.50 10.10 40.19
C ARG G 200 -37.76 10.45 38.90
N THR G 201 -36.46 10.18 38.86
CA THR G 201 -35.61 10.59 37.75
C THR G 201 -35.06 9.37 37.03
N LYS G 202 -34.80 9.51 35.74
CA LYS G 202 -34.29 8.44 34.89
C LYS G 202 -35.24 7.24 34.91
N ASN G 203 -36.44 7.47 34.39
CA ASN G 203 -37.53 6.50 34.43
C ASN G 203 -38.06 6.22 33.03
N ASN G 204 -37.15 5.89 32.11
CA ASN G 204 -37.50 5.60 30.72
C ASN G 204 -36.93 4.23 30.35
N PRO G 205 -37.60 3.15 30.74
CA PRO G 205 -37.06 1.81 30.48
C PRO G 205 -36.98 1.51 29.00
N VAL G 206 -35.98 0.70 28.64
CA VAL G 206 -35.77 0.24 27.27
C VAL G 206 -35.62 -1.27 27.30
N LEU G 207 -36.42 -1.96 26.48
CA LEU G 207 -36.37 -3.41 26.43
C LEU G 207 -35.24 -3.85 25.51
N ILE G 208 -34.47 -4.85 25.97
CA ILE G 208 -33.31 -5.35 25.24
C ILE G 208 -33.40 -6.86 25.16
N GLY G 209 -33.23 -7.41 23.97
CA GLY G 209 -33.25 -8.85 23.78
C GLY G 209 -33.22 -9.20 22.31
N GLU G 210 -32.92 -10.47 22.06
CA GLU G 210 -32.89 -10.97 20.69
C GLU G 210 -34.30 -11.04 20.12
N PRO G 211 -34.45 -10.99 18.80
CA PRO G 211 -35.79 -11.07 18.21
C PRO G 211 -36.47 -12.39 18.49
N GLY G 212 -37.79 -12.34 18.64
CA GLY G 212 -38.58 -13.54 18.78
C GLY G 212 -38.71 -14.08 20.20
N VAL G 213 -38.78 -13.21 21.20
CA VAL G 213 -38.94 -13.65 22.58
C VAL G 213 -40.21 -13.10 23.18
N GLY G 214 -40.73 -12.00 22.62
CA GLY G 214 -42.00 -11.49 23.10
C GLY G 214 -41.99 -10.11 23.73
N LYS G 215 -41.15 -9.20 23.22
CA LYS G 215 -41.14 -7.84 23.74
C LYS G 215 -42.50 -7.16 23.54
N THR G 216 -43.05 -7.26 22.33
CA THR G 216 -44.40 -6.75 22.11
C THR G 216 -45.41 -7.51 22.95
N ALA G 217 -45.16 -8.80 23.20
CA ALA G 217 -46.07 -9.59 24.03
C ALA G 217 -46.13 -9.05 25.45
N VAL G 218 -44.97 -8.73 26.04
CA VAL G 218 -44.99 -8.22 27.41
C VAL G 218 -45.53 -6.78 27.44
N VAL G 219 -45.31 -6.00 26.38
CA VAL G 219 -45.92 -4.68 26.31
C VAL G 219 -47.44 -4.79 26.30
N GLU G 220 -47.97 -5.71 25.50
CA GLU G 220 -49.42 -5.92 25.48
C GLU G 220 -49.93 -6.48 26.80
N GLY G 221 -49.13 -7.31 27.47
CA GLY G 221 -49.51 -7.79 28.79
C GLY G 221 -49.62 -6.66 29.79
N LEU G 222 -48.68 -5.72 29.74
CA LEU G 222 -48.78 -4.54 30.60
C LEU G 222 -50.01 -3.72 30.26
N ALA G 223 -50.30 -3.55 28.97
CA ALA G 223 -51.50 -2.81 28.57
C ALA G 223 -52.76 -3.48 29.11
N GLN G 224 -52.83 -4.81 29.01
CA GLN G 224 -53.96 -5.55 29.57
C GLN G 224 -54.03 -5.37 31.09
N ARG G 225 -52.89 -5.36 31.75
CA ARG G 225 -52.87 -5.17 33.20
C ARG G 225 -53.45 -3.82 33.58
N ILE G 226 -53.04 -2.75 32.89
CA ILE G 226 -53.56 -1.43 33.20
C ILE G 226 -55.03 -1.31 32.83
N VAL G 227 -55.46 -1.98 31.76
CA VAL G 227 -56.88 -1.96 31.40
C VAL G 227 -57.71 -2.64 32.48
N ARG G 228 -57.26 -3.80 32.96
CA ARG G 228 -58.00 -4.50 34.00
C ARG G 228 -58.00 -3.73 35.31
N GLY G 229 -56.87 -3.13 35.67
CA GLY G 229 -56.78 -2.33 36.88
C GLY G 229 -55.94 -2.93 38.00
N ASP G 230 -55.20 -4.01 37.75
CA ASP G 230 -54.37 -4.61 38.79
C ASP G 230 -53.14 -3.77 39.12
N VAL G 231 -52.81 -2.78 38.29
CA VAL G 231 -51.66 -1.91 38.51
C VAL G 231 -51.91 -1.10 39.77
N PRO G 232 -50.88 -0.73 40.53
CA PRO G 232 -51.09 0.17 41.66
C PRO G 232 -51.73 1.47 41.23
N SER G 233 -52.58 2.02 42.11
CA SER G 233 -53.42 3.17 41.77
C SER G 233 -52.64 4.42 41.42
N ASN G 234 -51.31 4.41 41.58
CA ASN G 234 -50.52 5.57 41.19
C ASN G 234 -50.59 5.85 39.70
N LEU G 235 -50.91 4.84 38.89
CA LEU G 235 -51.02 4.99 37.45
C LEU G 235 -52.42 4.61 36.97
N LEU G 236 -53.44 5.07 37.68
CA LEU G 236 -54.82 4.81 37.30
C LEU G 236 -55.41 5.91 36.41
N ASP G 237 -54.63 6.95 36.10
CA ASP G 237 -55.10 8.09 35.31
C ASP G 237 -54.13 8.32 34.16
N VAL G 238 -53.82 7.25 33.42
CA VAL G 238 -52.91 7.33 32.29
C VAL G 238 -53.47 6.49 31.15
N ARG G 239 -53.38 7.02 29.93
CA ARG G 239 -53.81 6.33 28.73
C ARG G 239 -52.60 6.04 27.85
N LEU G 240 -52.47 4.79 27.41
CA LEU G 240 -51.33 4.36 26.60
C LEU G 240 -51.61 4.63 25.14
N ILE G 241 -50.66 5.29 24.47
CA ILE G 241 -50.75 5.61 23.05
C ILE G 241 -49.47 5.18 22.36
N ALA G 242 -49.60 4.50 21.23
CA ALA G 242 -48.47 4.04 20.44
C ALA G 242 -48.31 4.91 19.20
N LEU G 243 -47.09 4.88 18.64
CA LEU G 243 -46.76 5.65 17.45
C LEU G 243 -46.42 4.69 16.32
N ASP G 244 -47.06 4.89 15.16
CA ASP G 244 -46.87 4.04 14.00
C ASP G 244 -46.10 4.84 12.95
N MET G 245 -44.93 4.33 12.54
CA MET G 245 -44.11 5.03 11.57
C MET G 245 -44.83 5.18 10.25
N GLY G 246 -45.44 4.09 9.76
CA GLY G 246 -46.15 4.15 8.50
C GLY G 246 -47.34 5.08 8.53
N ALA G 247 -48.09 5.05 9.64
CA ALA G 247 -49.24 5.94 9.78
C ALA G 247 -48.81 7.41 9.82
N LEU G 248 -47.72 7.70 10.52
CA LEU G 248 -47.25 9.08 10.62
C LEU G 248 -46.55 9.56 9.35
N VAL G 249 -46.09 8.65 8.51
CA VAL G 249 -45.53 9.06 7.21
C VAL G 249 -46.55 8.79 6.11
N TYR G 254 -41.95 16.16 1.45
CA TYR G 254 -40.85 16.98 1.94
C TYR G 254 -40.48 16.62 3.38
N ARG G 255 -39.18 16.61 3.67
CA ARG G 255 -38.72 16.32 5.02
C ARG G 255 -39.16 17.41 5.99
N GLY G 256 -39.26 18.66 5.52
CA GLY G 256 -39.72 19.73 6.39
C GLY G 256 -41.15 19.52 6.85
N GLU G 257 -42.02 19.07 5.94
CA GLU G 257 -43.41 18.79 6.32
C GLU G 257 -43.48 17.68 7.35
N PHE G 258 -42.69 16.61 7.16
CA PHE G 258 -42.65 15.53 8.14
C PHE G 258 -42.17 16.03 9.49
N GLU G 259 -41.10 16.84 9.50
CA GLU G 259 -40.57 17.34 10.75
C GLU G 259 -41.57 18.25 11.47
N GLU G 260 -42.24 19.13 10.71
CA GLU G 260 -43.22 20.02 11.34
C GLU G 260 -44.44 19.25 11.84
N ARG G 261 -44.85 18.20 11.11
CA ARG G 261 -45.97 17.37 11.58
C ARG G 261 -45.60 16.65 12.87
N LEU G 262 -44.40 16.08 12.94
CA LEU G 262 -43.97 15.41 14.16
C LEU G 262 -43.87 16.40 15.32
N LYS G 263 -43.31 17.59 15.07
CA LYS G 263 -43.22 18.60 16.12
C LYS G 263 -44.60 18.99 16.62
N ALA G 264 -45.55 19.18 15.69
CA ALA G 264 -46.92 19.48 16.08
C ALA G 264 -47.49 18.37 16.95
N VAL G 265 -47.17 17.11 16.61
CA VAL G 265 -47.66 15.99 17.41
C VAL G 265 -47.11 16.06 18.83
N LEU G 266 -45.81 16.32 18.98
CA LEU G 266 -45.27 16.40 20.34
C LEU G 266 -45.77 17.63 21.10
N LYS G 267 -46.06 18.75 20.42
CA LYS G 267 -46.61 19.86 21.19
C LYS G 267 -48.07 19.60 21.57
N GLU G 268 -48.82 18.88 20.73
CA GLU G 268 -50.23 18.66 21.04
C GLU G 268 -50.43 17.52 22.03
N VAL G 269 -49.47 16.61 22.19
CA VAL G 269 -49.63 15.57 23.21
C VAL G 269 -49.40 16.11 24.61
N GLU G 270 -48.77 17.27 24.74
CA GLU G 270 -48.44 17.84 26.05
C GLU G 270 -49.66 18.28 26.85
N GLU G 271 -50.87 18.19 26.29
CA GLU G 271 -52.05 18.63 27.02
C GLU G 271 -52.28 17.78 28.27
N ALA G 272 -51.78 16.54 28.29
CA ALA G 272 -51.95 15.69 29.45
C ALA G 272 -51.00 16.09 30.58
N GLU G 273 -49.78 16.48 30.23
CA GLU G 273 -48.77 16.92 31.20
C GLU G 273 -48.46 15.83 32.22
N GLY G 274 -47.94 14.72 31.73
CA GLY G 274 -47.38 13.68 32.56
C GLY G 274 -48.24 12.46 32.78
N LYS G 275 -49.51 12.48 32.34
CA LYS G 275 -50.41 11.35 32.53
C LYS G 275 -50.61 10.55 31.26
N VAL G 276 -49.57 10.44 30.43
CA VAL G 276 -49.59 9.66 29.20
C VAL G 276 -48.25 8.97 29.04
N ILE G 277 -48.27 7.70 28.65
CA ILE G 277 -47.06 6.96 28.29
C ILE G 277 -47.04 6.81 26.78
N LEU G 278 -45.91 7.16 26.16
CA LEU G 278 -45.74 7.07 24.72
C LEU G 278 -44.84 5.88 24.39
N PHE G 279 -45.33 5.00 23.52
CA PHE G 279 -44.62 3.80 23.13
C PHE G 279 -44.11 3.93 21.70
N ILE G 280 -42.86 3.58 21.49
CA ILE G 280 -42.23 3.63 20.17
C ILE G 280 -41.54 2.30 19.92
N ASP G 281 -41.79 1.72 18.75
CA ASP G 281 -41.10 0.53 18.32
C ASP G 281 -39.98 0.91 17.35
N GLU G 282 -38.89 0.13 17.40
CA GLU G 282 -37.71 0.36 16.55
C GLU G 282 -37.16 1.77 16.77
N ILE G 283 -36.74 2.02 18.01
CA ILE G 283 -36.26 3.35 18.38
C ILE G 283 -34.97 3.70 17.64
N HIS G 284 -34.09 2.72 17.46
CA HIS G 284 -32.76 3.01 16.91
C HIS G 284 -32.87 3.56 15.50
N LEU G 285 -33.73 2.97 14.67
CA LEU G 285 -33.78 3.31 13.25
C LEU G 285 -34.18 4.77 13.05
N VAL G 286 -35.13 5.26 13.85
CA VAL G 286 -35.70 6.59 13.64
C VAL G 286 -34.97 7.62 14.49
N LEU G 287 -34.32 7.17 15.57
CA LEU G 287 -33.69 8.11 16.50
C LEU G 287 -32.18 8.20 16.29
N GLY G 288 -31.48 7.07 16.36
CA GLY G 288 -30.03 7.08 16.26
C GLY G 288 -29.52 7.44 14.89
N ALA G 289 -30.33 7.29 13.86
CA ALA G 289 -29.93 7.67 12.52
C ALA G 289 -29.87 9.18 12.38
N SER G 295 -28.49 9.66 6.37
CA SER G 295 -29.87 9.39 6.77
C SER G 295 -30.52 10.63 7.37
N MET G 296 -31.75 10.47 7.87
CA MET G 296 -32.47 11.58 8.47
C MET G 296 -31.81 12.00 9.77
N ASP G 297 -31.78 13.31 10.02
CA ASP G 297 -31.15 13.87 11.21
C ASP G 297 -32.24 14.32 12.17
N ALA G 298 -32.42 13.56 13.26
CA ALA G 298 -33.40 13.91 14.28
C ALA G 298 -32.90 13.77 15.71
N ALA G 299 -31.68 13.27 15.93
CA ALA G 299 -31.19 13.07 17.30
C ALA G 299 -31.02 14.40 18.03
N ASN G 300 -30.43 15.38 17.37
CA ASN G 300 -30.26 16.69 18.01
C ASN G 300 -31.60 17.36 18.27
N LEU G 301 -32.56 17.19 17.37
CA LEU G 301 -33.89 17.76 17.57
C LEU G 301 -34.60 17.08 18.73
N PHE G 302 -34.44 15.76 18.88
CA PHE G 302 -35.12 15.03 19.94
C PHE G 302 -34.41 15.12 21.29
N LYS G 303 -33.16 15.56 21.29
CA LYS G 303 -32.40 15.64 22.55
C LYS G 303 -33.00 16.60 23.58
N PRO G 304 -33.36 17.87 23.24
CA PRO G 304 -33.70 18.83 24.30
C PRO G 304 -34.87 18.45 25.19
N MET G 305 -36.03 18.19 24.59
CA MET G 305 -37.20 17.86 25.41
C MET G 305 -37.04 16.52 26.12
N LEU G 306 -36.39 15.55 25.48
CA LEU G 306 -36.15 14.27 26.13
C LEU G 306 -35.26 14.44 27.36
N ALA G 307 -34.22 15.26 27.26
CA ALA G 307 -33.38 15.54 28.41
C ALA G 307 -34.15 16.33 29.46
N ARG G 308 -35.04 17.23 29.03
CA ARG G 308 -35.89 17.94 29.98
C ARG G 308 -36.82 16.99 30.73
N GLY G 309 -37.22 15.90 30.10
CA GLY G 309 -38.12 14.95 30.71
C GLY G 309 -39.57 15.33 30.50
N GLN G 310 -39.95 15.53 29.24
CA GLN G 310 -41.31 15.98 28.94
C GLN G 310 -42.33 14.88 29.28
N LEU G 311 -42.06 13.66 28.85
CA LEU G 311 -42.98 12.54 29.03
C LEU G 311 -42.16 11.33 29.49
N ARG G 312 -42.81 10.17 29.49
CA ARG G 312 -42.14 8.90 29.79
C ARG G 312 -42.22 8.02 28.55
N CYS G 313 -41.06 7.56 28.09
CA CYS G 313 -40.96 6.82 26.84
C CYS G 313 -40.49 5.39 27.08
N ILE G 314 -40.99 4.49 26.24
CA ILE G 314 -40.63 3.07 26.29
C ILE G 314 -40.15 2.65 24.90
N GLY G 315 -39.06 1.91 24.85
CA GLY G 315 -38.50 1.42 23.62
C GLY G 315 -38.35 -0.09 23.59
N ALA G 316 -37.78 -0.58 22.49
CA ALA G 316 -37.54 -2.00 22.31
C ALA G 316 -36.54 -2.19 21.18
N THR G 317 -35.45 -2.91 21.45
CA THR G 317 -34.40 -3.07 20.46
C THR G 317 -33.57 -4.30 20.82
N THR G 318 -32.84 -4.80 19.83
CA THR G 318 -31.85 -5.85 20.05
C THR G 318 -30.57 -5.25 20.64
N LEU G 319 -29.69 -6.13 21.10
CA LEU G 319 -28.49 -5.67 21.80
C LEU G 319 -27.42 -5.15 20.84
N GLU G 320 -27.36 -5.67 19.62
CA GLU G 320 -26.35 -5.21 18.67
C GLU G 320 -26.58 -3.75 18.28
N GLU G 321 -27.83 -3.36 18.13
CA GLU G 321 -28.14 -1.97 17.84
C GLU G 321 -27.67 -1.08 18.99
N TYR G 322 -27.89 -1.52 20.23
CA TYR G 322 -27.37 -0.80 21.38
C TYR G 322 -25.86 -0.73 21.36
N ARG G 323 -25.21 -1.76 20.80
CA ARG G 323 -23.76 -1.81 20.84
C ARG G 323 -23.15 -0.87 19.80
N LYS G 324 -23.81 -0.72 18.64
CA LYS G 324 -23.23 0.08 17.57
C LYS G 324 -23.88 1.44 17.35
N TYR G 325 -24.97 1.78 18.05
CA TYR G 325 -25.63 3.06 17.81
C TYR G 325 -25.61 3.98 19.03
N VAL G 326 -25.96 3.48 20.21
CA VAL G 326 -26.12 4.36 21.36
C VAL G 326 -24.82 4.51 22.16
N GLU G 327 -23.86 3.60 22.01
CA GLU G 327 -22.63 3.68 22.77
C GLU G 327 -21.61 4.65 22.19
N LYS G 328 -21.86 5.20 21.00
CA LYS G 328 -20.94 6.13 20.37
C LYS G 328 -21.24 7.59 20.73
N ASP G 329 -22.25 7.84 21.55
CA ASP G 329 -22.58 9.19 21.98
C ASP G 329 -22.78 9.21 23.49
N ALA G 330 -22.41 10.33 24.11
CA ALA G 330 -22.46 10.48 25.55
C ALA G 330 -23.74 11.16 26.04
N ALA G 331 -24.69 11.45 25.14
CA ALA G 331 -25.90 12.17 25.52
C ALA G 331 -27.04 11.23 25.89
N PHE G 332 -27.28 10.21 25.07
CA PHE G 332 -28.41 9.31 25.30
C PHE G 332 -28.23 8.44 26.54
N GLU G 333 -26.99 8.22 26.97
CA GLU G 333 -26.74 7.36 28.14
C GLU G 333 -27.19 8.01 29.44
N ARG G 334 -27.53 9.30 29.43
CA ARG G 334 -27.98 9.96 30.66
C ARG G 334 -29.26 9.31 31.18
N ARG G 335 -30.19 9.00 30.30
CA ARG G 335 -31.42 8.32 30.65
C ARG G 335 -31.39 6.88 30.13
N PHE G 336 -32.51 6.18 30.31
CA PHE G 336 -32.72 4.82 29.83
C PHE G 336 -31.93 3.81 30.65
N GLN G 337 -32.58 2.71 31.04
CA GLN G 337 -31.96 1.64 31.81
C GLN G 337 -32.25 0.30 31.14
N GLN G 338 -31.23 -0.56 31.10
CA GLN G 338 -31.37 -1.84 30.42
C GLN G 338 -32.33 -2.75 31.17
N VAL G 339 -33.16 -3.46 30.40
CA VAL G 339 -34.00 -4.54 30.91
C VAL G 339 -33.80 -5.75 30.00
N PHE G 340 -33.49 -6.90 30.59
CA PHE G 340 -33.11 -8.09 29.84
C PHE G 340 -34.25 -9.09 29.85
N VAL G 341 -34.59 -9.60 28.67
CA VAL G 341 -35.66 -10.59 28.49
C VAL G 341 -35.09 -11.79 27.77
N ALA G 342 -35.37 -12.98 28.31
CA ALA G 342 -34.94 -14.23 27.67
C ALA G 342 -35.89 -15.34 28.09
N GLU G 343 -35.98 -16.37 27.24
CA GLU G 343 -36.90 -17.49 27.44
C GLU G 343 -36.17 -18.80 27.21
N PRO G 344 -35.27 -19.19 28.11
CA PRO G 344 -34.57 -20.48 27.96
C PRO G 344 -35.24 -21.65 28.66
N SER G 345 -36.45 -21.47 29.16
CA SER G 345 -37.14 -22.48 29.96
C SER G 345 -37.95 -23.38 29.04
N VAL G 346 -37.51 -24.63 28.88
CA VAL G 346 -38.30 -25.61 28.15
C VAL G 346 -39.65 -25.89 28.81
N PRO G 347 -39.72 -26.11 30.14
CA PRO G 347 -41.05 -26.38 30.74
C PRO G 347 -42.04 -25.25 30.57
N ASP G 348 -41.58 -24.00 30.47
CA ASP G 348 -42.50 -22.88 30.33
C ASP G 348 -43.23 -22.97 28.99
N THR G 349 -42.53 -23.35 27.92
CA THR G 349 -43.14 -23.41 26.59
C THR G 349 -44.38 -24.29 26.57
N ILE G 350 -44.43 -25.33 27.40
CA ILE G 350 -45.62 -26.16 27.48
C ILE G 350 -46.81 -25.34 27.97
N SER G 351 -46.58 -24.48 28.97
CA SER G 351 -47.66 -23.62 29.46
C SER G 351 -48.13 -22.65 28.37
N ILE G 352 -47.20 -22.09 27.60
CA ILE G 352 -47.59 -21.18 26.51
C ILE G 352 -48.41 -21.93 25.48
N LEU G 353 -48.01 -23.16 25.13
CA LEU G 353 -48.78 -23.94 24.17
C LEU G 353 -50.17 -24.24 24.71
N ARG G 354 -50.28 -24.59 25.99
CA ARG G 354 -51.59 -24.84 26.59
C ARG G 354 -52.46 -23.59 26.53
N GLY G 355 -51.87 -22.42 26.81
CA GLY G 355 -52.64 -21.19 26.76
C GLY G 355 -53.10 -20.83 25.36
N LEU G 356 -52.24 -21.02 24.37
CA LEU G 356 -52.58 -20.62 23.00
C LEU G 356 -53.32 -21.70 22.22
N LYS G 357 -53.50 -22.89 22.80
CA LYS G 357 -54.19 -23.97 22.09
C LYS G 357 -55.64 -23.61 21.79
N GLU G 358 -56.29 -22.84 22.67
CA GLU G 358 -57.72 -22.61 22.55
C GLU G 358 -58.08 -21.86 21.28
N LYS G 359 -57.31 -20.82 20.94
CA LYS G 359 -57.63 -20.02 19.76
C LYS G 359 -57.53 -20.86 18.49
N TYR G 360 -56.46 -21.64 18.36
CA TYR G 360 -56.31 -22.49 17.18
C TYR G 360 -57.36 -23.58 17.14
N GLU G 361 -57.72 -24.14 18.29
CA GLU G 361 -58.77 -25.16 18.32
C GLU G 361 -60.10 -24.57 17.86
N GLY G 362 -60.43 -23.37 18.33
CA GLY G 362 -61.65 -22.72 17.88
C GLY G 362 -61.63 -22.39 16.40
N HIS G 363 -60.48 -21.93 15.89
CA HIS G 363 -60.41 -21.55 14.49
C HIS G 363 -60.51 -22.76 13.57
N HIS G 364 -59.83 -23.86 13.90
CA HIS G 364 -59.82 -25.03 13.04
C HIS G 364 -60.95 -26.01 13.35
N GLY G 365 -61.34 -26.11 14.61
CA GLY G 365 -62.42 -27.00 15.00
C GLY G 365 -62.14 -28.47 14.78
N VAL G 366 -60.96 -28.92 15.18
CA VAL G 366 -60.56 -30.31 15.01
C VAL G 366 -60.04 -30.85 16.35
N ARG G 367 -60.31 -32.12 16.60
CA ARG G 367 -59.86 -32.76 17.83
C ARG G 367 -58.34 -32.81 17.88
N ILE G 368 -57.79 -32.62 19.08
CA ILE G 368 -56.35 -32.61 19.31
C ILE G 368 -56.02 -33.55 20.46
N GLN G 369 -54.73 -33.72 20.72
CA GLN G 369 -54.24 -34.55 21.81
C GLN G 369 -53.15 -33.78 22.55
N ASP G 370 -52.89 -34.20 23.79
CA ASP G 370 -51.90 -33.57 24.64
C ASP G 370 -50.51 -34.19 24.50
N ARG G 371 -50.44 -35.51 24.29
CA ARG G 371 -49.15 -36.15 24.08
C ARG G 371 -48.47 -35.60 22.83
N ALA G 372 -49.25 -35.29 21.79
CA ALA G 372 -48.69 -34.64 20.61
C ALA G 372 -48.10 -33.28 20.98
N LEU G 373 -48.79 -32.52 21.84
CA LEU G 373 -48.29 -31.21 22.23
C LEU G 373 -46.97 -31.33 22.97
N VAL G 374 -46.87 -32.23 23.94
CA VAL G 374 -45.64 -32.35 24.71
C VAL G 374 -44.52 -32.90 23.84
N VAL G 375 -44.83 -33.80 22.91
CA VAL G 375 -43.81 -34.33 22.01
C VAL G 375 -43.28 -33.22 21.11
N ALA G 376 -44.17 -32.37 20.59
CA ALA G 376 -43.72 -31.24 19.78
C ALA G 376 -42.85 -30.30 20.60
N ALA G 377 -43.24 -30.02 21.85
CA ALA G 377 -42.44 -29.16 22.70
C ALA G 377 -41.05 -29.72 22.92
N GLN G 378 -40.96 -31.03 23.18
CA GLN G 378 -39.66 -31.65 23.42
C GLN G 378 -38.81 -31.69 22.14
N LEU G 379 -39.43 -31.97 21.00
CA LEU G 379 -38.70 -32.15 19.76
C LEU G 379 -38.24 -30.83 19.14
N SER G 380 -38.98 -29.75 19.38
CA SER G 380 -38.71 -28.50 18.68
C SER G 380 -37.37 -27.87 19.04
N ALA G 381 -36.75 -28.28 20.14
CA ALA G 381 -35.54 -27.63 20.64
C ALA G 381 -34.26 -28.37 20.29
N ARG G 382 -34.35 -29.50 19.59
CA ARG G 382 -33.16 -30.32 19.34
C ARG G 382 -32.85 -30.46 17.86
N TYR G 383 -33.81 -30.85 17.03
CA TYR G 383 -33.52 -31.13 15.63
C TYR G 383 -33.48 -29.87 14.79
N ILE G 384 -34.59 -29.14 14.73
CA ILE G 384 -34.68 -27.97 13.86
C ILE G 384 -33.81 -26.85 14.43
N MET G 385 -32.75 -26.50 13.70
CA MET G 385 -31.81 -25.48 14.11
C MET G 385 -32.12 -24.18 13.39
N GLY G 386 -31.74 -23.08 14.03
CA GLY G 386 -32.03 -21.76 13.51
C GLY G 386 -33.15 -21.08 14.26
N ARG G 387 -33.69 -20.03 13.64
CA ARG G 387 -34.72 -19.18 14.24
C ARG G 387 -34.17 -18.74 15.61
N HIS G 388 -34.89 -18.98 16.71
CA HIS G 388 -34.32 -18.60 17.99
C HIS G 388 -35.04 -19.43 19.06
N LEU G 389 -35.01 -18.96 20.32
CA LEU G 389 -35.50 -19.68 21.50
C LEU G 389 -36.86 -20.33 21.26
N PRO G 390 -37.21 -21.40 22.00
CA PRO G 390 -38.24 -22.34 21.54
C PRO G 390 -39.66 -21.82 21.53
N ASP G 391 -39.85 -20.51 21.64
CA ASP G 391 -41.19 -19.97 21.44
C ASP G 391 -41.69 -20.11 19.97
N LYS G 392 -40.96 -20.81 19.11
CA LYS G 392 -41.36 -21.02 17.71
C LYS G 392 -42.13 -22.31 17.49
N ALA G 393 -42.39 -23.09 18.54
CA ALA G 393 -43.13 -24.34 18.38
C ALA G 393 -44.58 -24.09 17.96
N ILE G 394 -45.08 -22.87 18.12
CA ILE G 394 -46.43 -22.56 17.69
C ILE G 394 -46.57 -22.74 16.18
N ASP G 395 -45.57 -22.30 15.42
CA ASP G 395 -45.61 -22.48 13.97
C ASP G 395 -45.57 -23.95 13.60
N LEU G 396 -44.76 -24.74 14.32
CA LEU G 396 -44.69 -26.17 14.04
C LEU G 396 -46.03 -26.84 14.29
N VAL G 397 -46.71 -26.49 15.38
CA VAL G 397 -48.02 -27.09 15.62
C VAL G 397 -49.05 -26.57 14.62
N ASP G 398 -48.92 -25.32 14.18
CA ASP G 398 -49.89 -24.75 13.25
C ASP G 398 -49.78 -25.39 11.88
N GLU G 399 -48.57 -25.79 11.47
CA GLU G 399 -48.42 -26.51 10.21
C GLU G 399 -49.28 -27.76 10.19
N ALA G 400 -49.19 -28.59 11.23
CA ALA G 400 -49.98 -29.81 11.28
C ALA G 400 -51.46 -29.50 11.43
N CYS G 401 -51.80 -28.48 12.22
CA CYS G 401 -53.20 -28.12 12.40
C CYS G 401 -53.84 -27.71 11.07
N ALA G 402 -53.09 -27.00 10.23
CA ALA G 402 -53.61 -26.62 8.92
C ALA G 402 -53.63 -27.81 7.96
N ASN G 403 -52.62 -28.68 8.04
CA ASN G 403 -52.55 -29.81 7.13
C ASN G 403 -53.70 -30.78 7.34
N VAL G 404 -54.06 -31.04 8.60
CA VAL G 404 -55.05 -32.08 8.89
C VAL G 404 -56.42 -31.69 8.33
N ARG G 405 -56.75 -30.40 8.37
CA ARG G 405 -58.05 -29.96 7.86
C ARG G 405 -58.18 -30.27 6.38
N VAL G 406 -57.18 -29.87 5.58
CA VAL G 406 -57.23 -30.14 4.15
C VAL G 406 -57.18 -31.64 3.88
N GLN G 407 -56.42 -32.38 4.69
CA GLN G 407 -56.28 -33.81 4.47
C GLN G 407 -57.60 -34.55 4.69
N LEU G 408 -58.32 -34.21 5.76
CA LEU G 408 -59.48 -34.99 6.17
C LEU G 408 -60.80 -34.27 5.92
N ASP G 409 -60.96 -33.06 6.46
CA ASP G 409 -62.23 -32.35 6.31
C ASP G 409 -62.52 -32.03 4.84
N SER G 410 -61.50 -31.58 4.11
CA SER G 410 -61.65 -31.29 2.69
C SER G 410 -61.52 -32.58 1.89
N GLN G 411 -61.40 -32.45 0.58
CA GLN G 411 -61.28 -33.62 -0.28
C GLN G 411 -59.95 -34.33 0.01
N PRO G 412 -59.96 -35.67 0.13
CA PRO G 412 -58.71 -36.38 0.39
C PRO G 412 -57.75 -36.28 -0.80
N GLU G 413 -56.46 -36.36 -0.49
CA GLU G 413 -55.42 -36.19 -1.51
C GLU G 413 -54.90 -37.51 -2.07
N GLU G 414 -55.06 -38.62 -1.34
CA GLU G 414 -54.60 -39.91 -1.86
C GLU G 414 -55.35 -40.29 -3.14
N ILE G 415 -56.66 -40.08 -3.16
CA ILE G 415 -57.44 -40.36 -4.37
C ILE G 415 -57.02 -39.45 -5.51
N ASP G 416 -56.70 -38.19 -5.20
CA ASP G 416 -56.24 -37.26 -6.23
C ASP G 416 -54.92 -37.71 -6.82
N ASN G 417 -53.99 -38.17 -5.97
CA ASN G 417 -52.72 -38.70 -6.49
C ASN G 417 -52.94 -39.93 -7.33
N LEU G 418 -53.83 -40.83 -6.89
CA LEU G 418 -54.12 -42.03 -7.65
C LEU G 418 -54.70 -41.70 -9.02
N GLU G 419 -55.64 -40.75 -9.06
CA GLU G 419 -56.24 -40.39 -10.35
C GLU G 419 -55.25 -39.64 -11.24
N ARG G 420 -54.36 -38.84 -10.66
CA ARG G 420 -53.34 -38.17 -11.45
C ARG G 420 -52.38 -39.17 -12.09
N LYS G 421 -51.97 -40.19 -11.34
CA LYS G 421 -51.10 -41.21 -11.92
C LYS G 421 -51.85 -42.10 -12.89
N ARG G 422 -53.15 -42.30 -12.68
CA ARG G 422 -53.98 -42.95 -13.70
C ARG G 422 -54.01 -42.13 -14.99
N ILE G 423 -54.13 -40.80 -14.86
CA ILE G 423 -54.12 -39.93 -16.04
C ILE G 423 -52.78 -40.02 -16.76
N GLN G 424 -51.69 -40.07 -15.98
CA GLN G 424 -50.37 -40.24 -16.59
C GLN G 424 -50.27 -41.57 -17.34
N LEU G 425 -50.80 -42.64 -16.74
CA LEU G 425 -50.85 -43.93 -17.41
C LEU G 425 -51.62 -43.83 -18.72
N GLU G 426 -52.79 -43.21 -18.70
CA GLU G 426 -53.60 -43.07 -19.90
C GLU G 426 -52.87 -42.25 -20.96
N VAL G 427 -52.15 -41.21 -20.53
CA VAL G 427 -51.41 -40.36 -21.46
C VAL G 427 -50.32 -41.16 -22.16
N GLU G 428 -49.55 -41.94 -21.38
CA GLU G 428 -48.43 -42.67 -21.99
C GLU G 428 -48.92 -43.86 -22.81
N HIS G 429 -50.07 -44.44 -22.45
CA HIS G 429 -50.71 -45.40 -23.34
C HIS G 429 -51.87 -44.75 -24.08
N PRO G 535 -50.14 -38.01 17.37
CA PRO G 535 -48.79 -37.47 17.57
C PRO G 535 -47.85 -37.83 16.42
N GLU G 536 -48.29 -38.76 15.57
CA GLU G 536 -47.46 -39.14 14.42
C GLU G 536 -47.51 -38.07 13.32
N GLN G 537 -48.60 -37.30 13.25
CA GLN G 537 -48.72 -36.28 12.21
C GLN G 537 -47.66 -35.20 12.37
N ILE G 538 -47.39 -34.77 13.61
CA ILE G 538 -46.39 -33.75 13.84
C ILE G 538 -44.98 -34.23 13.52
N ALA G 539 -44.78 -35.56 13.45
CA ALA G 539 -43.46 -36.07 13.09
C ALA G 539 -43.21 -35.92 11.59
N GLU G 540 -44.26 -35.96 10.78
CA GLU G 540 -44.06 -35.90 9.33
C GLU G 540 -43.58 -34.53 8.88
N VAL G 541 -44.13 -33.46 9.46
CA VAL G 541 -43.78 -32.12 9.02
C VAL G 541 -42.31 -31.82 9.33
N VAL G 542 -41.86 -32.17 10.54
CA VAL G 542 -40.46 -31.95 10.87
C VAL G 542 -39.55 -32.85 10.04
N SER G 543 -40.05 -34.01 9.64
CA SER G 543 -39.26 -34.90 8.77
C SER G 543 -39.06 -34.27 7.40
N ARG G 544 -40.14 -33.76 6.79
CA ARG G 544 -40.04 -33.15 5.48
C ARG G 544 -39.44 -31.75 5.52
N TRP G 545 -39.29 -31.16 6.72
CA TRP G 545 -38.73 -29.82 6.81
C TRP G 545 -37.25 -29.80 6.45
N THR G 546 -36.47 -30.72 7.02
CA THR G 546 -35.03 -30.72 6.82
C THR G 546 -34.43 -32.11 6.60
N GLY G 547 -35.25 -33.13 6.40
CA GLY G 547 -34.74 -34.49 6.28
C GLY G 547 -34.76 -35.20 7.62
N ILE G 548 -33.71 -35.95 7.93
CA ILE G 548 -33.57 -36.65 9.19
C ILE G 548 -34.82 -37.49 9.46
N PRO G 549 -35.00 -38.62 8.77
CA PRO G 549 -36.26 -39.36 8.90
C PRO G 549 -36.46 -39.97 10.27
N VAL G 550 -36.94 -39.14 11.21
CA VAL G 550 -37.16 -39.56 12.59
C VAL G 550 -38.58 -40.10 12.74
N THR G 551 -39.27 -40.30 11.61
CA THR G 551 -40.62 -40.81 11.65
C THR G 551 -40.67 -42.21 12.25
N ARG G 552 -41.88 -42.69 12.48
CA ARG G 552 -42.05 -43.97 13.17
C ARG G 552 -41.57 -45.12 12.30
N LEU G 553 -41.47 -46.29 12.93
CA LEU G 553 -40.81 -47.45 12.34
C LEU G 553 -41.85 -48.44 11.82
N GLY G 554 -41.72 -48.82 10.54
CA GLY G 554 -42.60 -49.78 9.93
C GLY G 554 -41.85 -51.03 9.51
N GLN G 555 -42.62 -52.05 9.10
CA GLN G 555 -42.04 -53.36 8.81
C GLN G 555 -41.09 -53.31 7.61
N ASN G 556 -41.41 -52.46 6.62
CA ASN G 556 -40.51 -52.30 5.48
C ASN G 556 -39.14 -51.78 5.92
N ASP G 557 -39.13 -50.73 6.76
CA ASP G 557 -37.86 -50.30 7.33
C ASP G 557 -37.24 -51.39 8.20
N LYS G 558 -38.07 -52.24 8.80
CA LYS G 558 -37.54 -53.32 9.63
C LYS G 558 -36.66 -54.25 8.81
N GLU G 559 -37.18 -54.78 7.70
CA GLU G 559 -36.31 -55.70 6.97
C GLU G 559 -35.24 -54.95 6.19
N ARG G 560 -35.47 -53.67 5.85
CA ARG G 560 -34.40 -52.88 5.24
C ARG G 560 -33.21 -52.75 6.18
N LEU G 561 -33.48 -52.44 7.46
CA LEU G 561 -32.40 -52.33 8.43
C LEU G 561 -31.79 -53.68 8.74
N VAL G 562 -32.59 -54.75 8.68
CA VAL G 562 -32.04 -56.09 8.89
C VAL G 562 -31.05 -56.45 7.79
N GLY G 563 -31.42 -56.18 6.54
CA GLY G 563 -30.60 -56.52 5.40
C GLY G 563 -29.63 -55.44 4.92
N LEU G 564 -29.51 -54.34 5.66
CA LEU G 564 -28.55 -53.31 5.29
C LEU G 564 -27.13 -53.85 5.18
N ALA G 565 -26.71 -54.67 6.16
CA ALA G 565 -25.36 -55.21 6.13
C ALA G 565 -25.15 -56.12 4.92
N ASP G 566 -26.12 -56.99 4.64
CA ASP G 566 -25.99 -57.89 3.49
C ASP G 566 -25.95 -57.12 2.19
N ARG G 567 -26.79 -56.08 2.06
CA ARG G 567 -26.78 -55.29 0.84
C ARG G 567 -25.48 -54.52 0.67
N LEU G 568 -24.94 -53.99 1.77
CA LEU G 568 -23.67 -53.27 1.71
C LEU G 568 -22.48 -54.21 1.51
N HIS G 569 -22.67 -55.51 1.73
CA HIS G 569 -21.60 -56.48 1.58
C HIS G 569 -21.39 -56.93 0.14
N GLN G 570 -21.83 -56.14 -0.84
CA GLN G 570 -21.69 -56.51 -2.25
C GLN G 570 -20.56 -55.75 -2.95
N ARG G 571 -20.55 -54.42 -2.87
CA ARG G 571 -19.53 -53.65 -3.56
C ARG G 571 -18.15 -53.94 -3.00
N VAL G 572 -18.03 -54.06 -1.68
CA VAL G 572 -16.78 -54.40 -1.03
C VAL G 572 -16.77 -55.91 -0.76
N VAL G 573 -15.58 -56.49 -0.76
CA VAL G 573 -15.40 -57.93 -0.58
C VAL G 573 -14.34 -58.19 0.46
N GLY G 574 -14.65 -59.02 1.44
CA GLY G 574 -13.69 -59.42 2.46
C GLY G 574 -13.23 -58.33 3.38
N GLN G 575 -14.14 -57.45 3.79
CA GLN G 575 -13.84 -56.34 4.69
C GLN G 575 -14.84 -56.31 5.83
N ALA G 576 -14.99 -57.46 6.49
CA ALA G 576 -16.07 -57.66 7.46
C ALA G 576 -16.02 -56.64 8.60
N GLU G 577 -14.81 -56.28 9.05
CA GLU G 577 -14.70 -55.41 10.23
C GLU G 577 -15.29 -54.03 9.96
N ALA G 578 -14.85 -53.38 8.88
CA ALA G 578 -15.34 -52.04 8.58
C ALA G 578 -16.83 -52.06 8.25
N VAL G 579 -17.27 -53.06 7.51
CA VAL G 579 -18.69 -53.16 7.16
C VAL G 579 -19.55 -53.30 8.41
N SER G 580 -19.12 -54.18 9.32
CA SER G 580 -19.87 -54.36 10.56
C SER G 580 -19.88 -53.07 11.38
N ALA G 581 -18.73 -52.39 11.48
CA ALA G 581 -18.68 -51.16 12.26
C ALA G 581 -19.64 -50.13 11.70
N VAL G 582 -19.61 -49.90 10.38
CA VAL G 582 -20.48 -48.89 9.78
C VAL G 582 -21.95 -49.27 9.94
N ALA G 583 -22.28 -50.55 9.71
CA ALA G 583 -23.68 -50.98 9.79
C ALA G 583 -24.22 -50.81 11.20
N GLU G 584 -23.45 -51.24 12.21
CA GLU G 584 -23.92 -51.09 13.57
C GLU G 584 -24.00 -49.62 14.00
N ALA G 585 -23.08 -48.78 13.52
CA ALA G 585 -23.17 -47.37 13.85
C ALA G 585 -24.45 -46.76 13.29
N VAL G 586 -24.77 -47.05 12.03
CA VAL G 586 -25.99 -46.50 11.43
C VAL G 586 -27.23 -47.03 12.13
N LEU G 587 -27.25 -48.33 12.42
CA LEU G 587 -28.41 -48.91 13.10
C LEU G 587 -28.60 -48.31 14.48
N ARG G 588 -27.51 -48.14 15.23
CA ARG G 588 -27.61 -47.54 16.56
C ARG G 588 -28.12 -46.11 16.48
N SER G 589 -27.63 -45.33 15.51
CA SER G 589 -28.10 -43.97 15.37
C SER G 589 -29.59 -43.93 15.03
N ARG G 590 -30.05 -44.83 14.16
CA ARG G 590 -31.45 -44.80 13.73
C ARG G 590 -32.38 -45.33 14.81
N ALA G 591 -31.92 -46.26 15.65
CA ALA G 591 -32.81 -46.88 16.62
C ALA G 591 -33.40 -45.88 17.61
N GLY G 592 -32.59 -44.93 18.07
CA GLY G 592 -33.05 -43.92 19.01
C GLY G 592 -32.18 -43.71 20.23
N LEU G 593 -31.14 -44.51 20.44
CA LEU G 593 -30.24 -44.36 21.57
C LEU G 593 -29.04 -43.52 21.15
N GLY G 594 -28.03 -43.50 22.00
CA GLY G 594 -26.80 -42.80 21.66
C GLY G 594 -26.72 -41.44 22.33
N ARG G 595 -25.49 -41.01 22.60
CA ARG G 595 -25.28 -39.72 23.25
C ARG G 595 -25.65 -38.59 22.28
N PRO G 596 -26.34 -37.56 22.77
CA PRO G 596 -26.73 -36.45 21.89
C PRO G 596 -25.64 -35.40 21.72
N GLN G 597 -24.41 -35.74 22.11
CA GLN G 597 -23.28 -34.82 22.04
C GLN G 597 -22.12 -35.45 21.27
N GLN G 598 -22.42 -36.00 20.11
CA GLN G 598 -21.42 -36.63 19.26
C GLN G 598 -21.91 -36.58 17.82
N PRO G 599 -20.99 -36.67 16.86
CA PRO G 599 -21.40 -36.68 15.44
C PRO G 599 -21.88 -38.05 14.97
N THR G 600 -22.21 -38.93 15.92
CA THR G 600 -22.72 -40.27 15.63
C THR G 600 -21.72 -41.07 14.79
N GLY G 601 -20.46 -41.01 15.18
CA GLY G 601 -19.50 -41.88 14.51
C GLY G 601 -18.37 -41.11 13.85
N SER G 602 -17.15 -41.53 14.15
CA SER G 602 -15.95 -41.04 13.49
C SER G 602 -14.99 -42.21 13.33
N PHE G 603 -14.37 -42.32 12.16
CA PHE G 603 -13.52 -43.46 11.88
C PHE G 603 -12.25 -43.00 11.18
N LEU G 604 -11.20 -43.80 11.34
CA LEU G 604 -9.94 -43.60 10.64
C LEU G 604 -9.60 -44.88 9.89
N PHE G 605 -9.28 -44.74 8.61
CA PHE G 605 -8.99 -45.88 7.74
C PHE G 605 -7.52 -45.88 7.38
N LEU G 606 -6.83 -46.97 7.70
CA LEU G 606 -5.40 -47.12 7.42
C LEU G 606 -5.17 -48.42 6.68
N GLY G 607 -4.39 -48.36 5.60
CA GLY G 607 -4.08 -49.54 4.83
C GLY G 607 -3.29 -49.23 3.58
N PRO G 608 -3.01 -50.26 2.78
CA PRO G 608 -2.26 -50.05 1.54
C PRO G 608 -3.04 -49.24 0.52
N THR G 609 -2.43 -48.96 -0.63
CA THR G 609 -3.08 -48.17 -1.67
C THR G 609 -3.86 -49.08 -2.62
N GLY G 610 -4.98 -48.56 -3.12
CA GLY G 610 -5.80 -49.29 -4.06
C GLY G 610 -6.42 -50.55 -3.47
N VAL G 611 -6.99 -50.45 -2.27
CA VAL G 611 -7.65 -51.58 -1.63
C VAL G 611 -9.14 -51.39 -1.50
N GLY G 612 -9.66 -50.17 -1.63
CA GLY G 612 -11.09 -49.95 -1.56
C GLY G 612 -11.50 -49.05 -0.41
N LYS G 613 -10.64 -48.10 -0.06
CA LYS G 613 -10.93 -47.21 1.07
C LYS G 613 -12.14 -46.33 0.79
N THR G 614 -12.19 -45.71 -0.40
CA THR G 614 -13.31 -44.86 -0.76
C THR G 614 -14.47 -45.62 -1.40
N GLU G 615 -14.24 -46.86 -1.83
CA GLU G 615 -15.33 -47.65 -2.37
C GLU G 615 -16.39 -47.94 -1.32
N LEU G 616 -15.96 -48.22 -0.09
CA LEU G 616 -16.91 -48.43 0.99
C LEU G 616 -17.73 -47.17 1.26
N ALA G 617 -17.08 -46.00 1.25
CA ALA G 617 -17.81 -44.76 1.44
C ALA G 617 -18.81 -44.52 0.32
N LYS G 618 -18.41 -44.78 -0.92
CA LYS G 618 -19.33 -44.59 -2.04
C LYS G 618 -20.53 -45.54 -1.95
N ALA G 619 -20.28 -46.81 -1.62
CA ALA G 619 -21.37 -47.76 -1.50
C ALA G 619 -22.31 -47.39 -0.35
N LEU G 620 -21.75 -46.96 0.78
CA LEU G 620 -22.58 -46.52 1.89
C LEU G 620 -23.44 -45.34 1.52
N ALA G 621 -22.85 -44.36 0.82
CA ALA G 621 -23.63 -43.19 0.39
C ALA G 621 -24.74 -43.59 -0.57
N GLU G 622 -24.46 -44.51 -1.49
CA GLU G 622 -25.49 -44.95 -2.42
C GLU G 622 -26.59 -45.72 -1.71
N GLN G 623 -26.25 -46.49 -0.69
CA GLN G 623 -27.24 -47.30 0.01
C GLN G 623 -28.11 -46.46 0.94
N LEU G 624 -27.53 -45.47 1.60
CA LEU G 624 -28.28 -44.68 2.58
C LEU G 624 -29.41 -43.91 1.91
N PHE G 625 -29.15 -43.32 0.75
CA PHE G 625 -30.14 -42.53 0.03
C PHE G 625 -29.92 -42.73 -1.47
N ASP G 626 -30.97 -42.44 -2.24
CA ASP G 626 -30.97 -42.73 -3.67
C ASP G 626 -29.95 -41.89 -4.44
N ASP G 627 -29.39 -40.85 -3.85
CA ASP G 627 -28.39 -40.05 -4.54
C ASP G 627 -27.10 -40.83 -4.70
N GLU G 628 -26.31 -40.43 -5.69
CA GLU G 628 -25.04 -41.08 -6.00
C GLU G 628 -23.82 -40.25 -5.64
N ASN G 629 -23.90 -38.92 -5.73
CA ASN G 629 -22.77 -38.06 -5.47
C ASN G 629 -23.13 -36.91 -4.51
N LEU G 630 -24.09 -37.15 -3.62
CA LEU G 630 -24.46 -36.12 -2.65
C LEU G 630 -23.35 -35.91 -1.63
N LEU G 631 -22.50 -36.91 -1.39
CA LEU G 631 -21.42 -36.77 -0.44
C LEU G 631 -20.45 -35.67 -0.89
N VAL G 632 -19.83 -35.01 0.08
CA VAL G 632 -18.95 -33.88 -0.16
C VAL G 632 -17.51 -34.34 0.02
N ARG G 633 -16.68 -34.09 -0.99
CA ARG G 633 -15.27 -34.45 -0.97
C ARG G 633 -14.45 -33.23 -0.60
N ILE G 634 -13.65 -33.36 0.46
CA ILE G 634 -12.80 -32.27 0.93
C ILE G 634 -11.35 -32.75 0.87
N ASP G 635 -10.52 -32.00 0.17
CA ASP G 635 -9.09 -32.29 0.05
C ASP G 635 -8.30 -31.09 0.54
N MET G 636 -7.23 -31.36 1.28
CA MET G 636 -6.38 -30.30 1.83
C MET G 636 -4.96 -30.36 1.29
N SER G 637 -4.75 -31.03 0.15
CA SER G 637 -3.41 -31.09 -0.43
C SER G 637 -2.90 -29.70 -0.80
N GLU G 638 -3.81 -28.76 -1.06
CA GLU G 638 -3.45 -27.37 -1.30
C GLU G 638 -3.55 -26.50 -0.06
N TYR G 639 -3.79 -27.11 1.11
CA TYR G 639 -3.91 -26.40 2.38
C TYR G 639 -2.62 -26.50 3.19
N MET G 640 -1.47 -26.49 2.50
CA MET G 640 -0.19 -26.66 3.19
C MET G 640 0.08 -25.51 4.15
N GLU G 641 -0.20 -24.28 3.72
CA GLU G 641 0.06 -23.11 4.55
C GLU G 641 -1.17 -22.76 5.38
N GLN G 642 -0.93 -22.30 6.60
CA GLN G 642 -2.01 -21.99 7.53
C GLN G 642 -2.81 -20.76 7.13
N HIS G 643 -2.37 -20.00 6.12
CA HIS G 643 -3.12 -18.83 5.68
C HIS G 643 -4.43 -19.20 5.00
N SER G 644 -4.66 -20.47 4.72
CA SER G 644 -5.91 -20.93 4.11
C SER G 644 -6.96 -21.33 5.14
N VAL G 645 -6.72 -21.05 6.42
CA VAL G 645 -7.74 -21.32 7.44
C VAL G 645 -8.99 -20.50 7.16
N ALA G 646 -8.82 -19.22 6.80
CA ALA G 646 -9.97 -18.39 6.45
C ALA G 646 -10.65 -18.88 5.18
N ARG G 647 -9.99 -19.70 4.38
CA ARG G 647 -10.63 -20.31 3.23
C ARG G 647 -11.42 -21.55 3.62
N LEU G 648 -10.85 -22.38 4.50
CA LEU G 648 -11.54 -23.57 4.97
C LEU G 648 -12.79 -23.21 5.77
N ILE G 649 -12.68 -22.22 6.64
CA ILE G 649 -13.75 -21.84 7.54
C ILE G 649 -14.31 -20.50 7.10
N GLY G 650 -15.46 -20.13 7.68
CA GLY G 650 -16.05 -18.83 7.40
C GLY G 650 -15.11 -17.69 7.75
N ALA G 651 -14.60 -17.01 6.72
CA ALA G 651 -13.65 -15.94 6.93
C ALA G 651 -14.32 -14.74 7.60
N PRO G 652 -13.57 -13.99 8.41
CA PRO G 652 -14.15 -12.80 9.02
C PRO G 652 -14.54 -11.78 7.96
N PRO G 653 -15.57 -10.98 8.22
CA PRO G 653 -15.97 -9.95 7.25
C PRO G 653 -15.14 -8.68 7.37
N GLY G 654 -14.01 -8.79 8.06
CA GLY G 654 -13.17 -7.64 8.37
C GLY G 654 -12.70 -6.83 7.18
N TYR G 655 -11.93 -7.43 6.29
CA TYR G 655 -11.29 -6.65 5.22
C TYR G 655 -12.32 -6.22 4.16
N VAL G 656 -12.90 -7.18 3.44
CA VAL G 656 -13.88 -6.85 2.41
C VAL G 656 -15.16 -7.65 2.62
N GLY G 657 -15.04 -8.80 3.29
CA GLY G 657 -16.21 -9.63 3.55
C GLY G 657 -16.93 -10.09 2.31
N HIS G 658 -16.19 -10.40 1.25
CA HIS G 658 -16.78 -10.81 -0.02
C HIS G 658 -16.73 -12.32 -0.24
N GLU G 659 -15.67 -12.98 0.22
CA GLU G 659 -15.51 -14.42 0.09
C GLU G 659 -15.91 -15.14 1.37
N GLU G 660 -16.95 -14.64 2.05
CA GLU G 660 -17.36 -15.17 3.34
C GLU G 660 -17.79 -16.63 3.24
N GLY G 661 -18.20 -17.10 2.08
CA GLY G 661 -18.57 -18.49 1.92
C GLY G 661 -17.39 -19.43 2.13
N GLY G 662 -17.41 -20.16 3.24
CA GLY G 662 -16.34 -21.06 3.57
C GLY G 662 -16.48 -22.41 2.88
N GLN G 663 -15.51 -23.28 3.15
CA GLN G 663 -15.51 -24.62 2.56
C GLN G 663 -16.51 -25.53 3.24
N LEU G 664 -16.73 -25.37 4.54
CA LEU G 664 -17.63 -26.22 5.32
C LEU G 664 -18.73 -25.41 5.97
N THR G 665 -19.27 -24.42 5.24
CA THR G 665 -20.28 -23.53 5.77
C THR G 665 -21.63 -23.68 5.07
N GLU G 666 -21.66 -23.55 3.74
CA GLU G 666 -22.92 -23.57 3.03
C GLU G 666 -23.36 -24.97 2.61
N GLN G 667 -22.41 -25.91 2.47
CA GLN G 667 -22.79 -27.27 2.10
C GLN G 667 -23.61 -27.93 3.19
N VAL G 668 -23.17 -27.82 4.44
CA VAL G 668 -23.91 -28.42 5.55
C VAL G 668 -25.17 -27.66 5.90
N ARG G 669 -25.22 -26.36 5.61
CA ARG G 669 -26.46 -25.61 5.78
C ARG G 669 -27.51 -26.10 4.80
N ARG G 670 -28.77 -26.03 5.21
CA ARG G 670 -29.95 -26.51 4.47
C ARG G 670 -29.84 -27.98 4.09
N ARG G 671 -28.87 -28.70 4.65
CA ARG G 671 -28.66 -30.12 4.37
C ARG G 671 -27.79 -30.71 5.47
N PRO G 672 -28.35 -31.03 6.63
CA PRO G 672 -27.55 -31.53 7.75
C PRO G 672 -27.40 -33.04 7.83
N TYR G 673 -27.89 -33.79 6.84
CA TYR G 673 -27.79 -35.24 6.85
C TYR G 673 -26.70 -35.76 5.92
N SER G 674 -25.82 -34.88 5.43
CA SER G 674 -24.83 -35.28 4.45
C SER G 674 -23.73 -36.10 5.09
N VAL G 675 -22.88 -36.69 4.25
CA VAL G 675 -21.72 -37.46 4.67
C VAL G 675 -20.48 -36.71 4.20
N ILE G 676 -19.61 -36.37 5.13
CA ILE G 676 -18.41 -35.58 4.85
C ILE G 676 -17.20 -36.51 4.85
N LEU G 677 -16.41 -36.46 3.79
CA LEU G 677 -15.28 -37.35 3.59
C LEU G 677 -13.99 -36.54 3.51
N PHE G 678 -13.00 -36.96 4.30
CA PHE G 678 -11.68 -36.33 4.26
C PHE G 678 -10.76 -37.14 3.34
N ASP G 679 -9.49 -36.76 3.28
CA ASP G 679 -8.52 -37.45 2.43
C ASP G 679 -7.09 -37.07 2.77
N GLU G 680 -6.23 -38.07 2.98
CA GLU G 680 -4.83 -37.90 3.41
C GLU G 680 -4.68 -36.76 4.42
N VAL G 681 -5.31 -36.97 5.58
CA VAL G 681 -5.35 -35.95 6.62
C VAL G 681 -3.96 -35.60 7.14
N GLU G 682 -3.02 -36.54 7.04
CA GLU G 682 -1.70 -36.32 7.63
C GLU G 682 -0.93 -35.22 6.92
N LYS G 683 -1.11 -35.07 5.61
CA LYS G 683 -0.31 -34.13 4.85
C LYS G 683 -0.60 -32.67 5.20
N ALA G 684 -1.67 -32.40 5.94
CA ALA G 684 -2.00 -31.02 6.29
C ALA G 684 -1.03 -30.48 7.34
N HIS G 685 -1.03 -29.16 7.47
CA HIS G 685 -0.29 -28.51 8.54
C HIS G 685 -0.95 -28.79 9.89
N VAL G 686 -0.18 -28.58 10.96
CA VAL G 686 -0.72 -28.84 12.30
C VAL G 686 -1.82 -27.84 12.63
N ALA G 687 -1.62 -26.57 12.27
CA ALA G 687 -2.58 -25.52 12.64
C ALA G 687 -3.93 -25.73 11.98
N VAL G 688 -3.94 -26.08 10.69
CA VAL G 688 -5.22 -26.23 9.99
C VAL G 688 -5.98 -27.43 10.53
N PHE G 689 -5.28 -28.52 10.87
CA PHE G 689 -5.93 -29.70 11.39
C PHE G 689 -6.33 -29.56 12.85
N ASN G 690 -5.70 -28.66 13.59
CA ASN G 690 -5.97 -28.48 15.02
C ASN G 690 -7.20 -27.61 15.28
N THR G 691 -8.00 -27.33 14.26
CA THR G 691 -9.24 -26.59 14.43
C THR G 691 -10.48 -27.46 14.32
N LEU G 692 -10.33 -28.74 14.00
CA LEU G 692 -11.44 -29.69 13.94
C LEU G 692 -11.58 -30.49 15.23
N LEU G 693 -10.79 -30.17 16.25
CA LEU G 693 -10.92 -30.88 17.53
C LEU G 693 -12.20 -30.49 18.25
N GLN G 694 -12.58 -29.21 18.16
CA GLN G 694 -13.72 -28.73 18.94
C GLN G 694 -15.02 -29.40 18.50
N VAL G 695 -15.20 -29.63 17.20
CA VAL G 695 -16.41 -30.28 16.74
C VAL G 695 -16.43 -31.75 17.14
N LEU G 696 -15.29 -32.43 17.04
CA LEU G 696 -15.22 -33.80 17.51
C LEU G 696 -15.42 -33.92 19.01
N ASP G 697 -15.20 -32.84 19.76
CA ASP G 697 -15.34 -32.91 21.20
C ASP G 697 -16.82 -32.88 21.61
N ASP G 698 -17.55 -31.85 21.19
CA ASP G 698 -18.95 -31.72 21.59
C ASP G 698 -19.87 -31.29 20.45
N GLY G 699 -19.40 -31.29 19.22
CA GLY G 699 -20.20 -30.79 18.12
C GLY G 699 -20.22 -29.27 18.09
N ARG G 700 -20.96 -28.74 17.12
CA ARG G 700 -21.12 -27.30 16.89
C ARG G 700 -19.81 -26.65 16.46
N LEU G 701 -19.91 -25.54 15.74
CA LEU G 701 -18.74 -24.83 15.25
C LEU G 701 -19.11 -23.39 14.97
N THR G 702 -18.20 -22.47 15.28
CA THR G 702 -18.42 -21.04 15.10
C THR G 702 -17.47 -20.51 14.04
N ASP G 703 -18.02 -19.79 13.06
CA ASP G 703 -17.23 -19.19 12.00
C ASP G 703 -16.98 -17.73 12.31
N GLY G 704 -16.43 -16.99 11.34
CA GLY G 704 -16.09 -15.60 11.58
C GLY G 704 -17.30 -14.73 11.85
N GLN G 705 -18.41 -15.02 11.17
CA GLN G 705 -19.62 -14.23 11.35
C GLN G 705 -20.29 -14.47 12.70
N GLY G 706 -19.85 -15.47 13.45
CA GLY G 706 -20.41 -15.78 14.75
C GLY G 706 -21.58 -16.75 14.72
N ARG G 707 -22.05 -17.14 13.55
CA ARG G 707 -23.13 -18.12 13.46
C ARG G 707 -22.63 -19.50 13.88
N THR G 708 -23.53 -20.27 14.51
CA THR G 708 -23.22 -21.60 14.98
C THR G 708 -23.84 -22.63 14.05
N VAL G 709 -23.01 -23.50 13.48
CA VAL G 709 -23.46 -24.59 12.63
C VAL G 709 -23.29 -25.89 13.38
N ASP G 710 -24.30 -26.76 13.29
CA ASP G 710 -24.36 -27.98 14.09
C ASP G 710 -23.95 -29.18 13.27
N PHE G 711 -22.91 -29.88 13.71
CA PHE G 711 -22.55 -31.19 13.17
C PHE G 711 -23.08 -32.24 14.13
N ARG G 712 -24.39 -32.43 14.11
CA ARG G 712 -25.05 -33.33 15.04
C ARG G 712 -25.58 -34.60 14.38
N ASN G 713 -25.48 -34.71 13.06
CA ASN G 713 -25.94 -35.91 12.36
C ASN G 713 -25.05 -36.36 11.22
N THR G 714 -23.92 -35.68 10.98
CA THR G 714 -23.06 -36.01 9.86
C THR G 714 -22.01 -37.04 10.26
N VAL G 715 -21.80 -38.03 9.40
CA VAL G 715 -20.86 -39.12 9.67
C VAL G 715 -19.49 -38.67 9.15
N ILE G 716 -18.62 -38.25 10.05
CA ILE G 716 -17.28 -37.82 9.68
C ILE G 716 -16.41 -39.05 9.50
N ILE G 717 -15.76 -39.15 8.33
CA ILE G 717 -14.91 -40.28 7.99
C ILE G 717 -13.64 -39.75 7.34
N MET G 718 -12.49 -40.23 7.81
CA MET G 718 -11.20 -39.82 7.28
C MET G 718 -10.41 -41.04 6.83
N THR G 719 -9.26 -40.79 6.21
CA THR G 719 -8.39 -41.86 5.73
C THR G 719 -6.97 -41.33 5.61
N SER G 720 -6.02 -42.26 5.61
CA SER G 720 -4.61 -41.89 5.49
C SER G 720 -3.83 -43.09 4.99
N ASN G 721 -2.62 -42.81 4.47
CA ASN G 721 -1.78 -43.82 3.83
C ASN G 721 -0.56 -44.20 4.67
N LEU G 722 -0.50 -43.79 5.93
CA LEU G 722 0.67 -44.09 6.75
C LEU G 722 0.75 -45.57 7.06
N GLY G 723 1.97 -46.04 7.30
CA GLY G 723 2.18 -47.43 7.67
C GLY G 723 1.95 -48.43 6.57
N ALA G 724 1.96 -47.99 5.31
CA ALA G 724 1.77 -48.91 4.21
C ALA G 724 2.94 -49.86 4.05
N GLU G 725 4.16 -49.34 4.15
CA GLU G 725 5.35 -50.17 3.94
C GLU G 725 5.48 -51.25 5.00
N HIS G 726 5.26 -50.90 6.26
CA HIS G 726 5.37 -51.88 7.34
C HIS G 726 4.35 -52.99 7.19
N LEU G 727 3.21 -52.70 6.56
CA LEU G 727 2.19 -53.71 6.37
C LEU G 727 2.47 -54.58 5.15
N LEU G 728 2.89 -53.96 4.03
CA LEU G 728 3.16 -54.74 2.84
C LEU G 728 4.46 -55.53 2.94
N ALA G 729 5.32 -55.21 3.91
CA ALA G 729 6.51 -56.02 4.12
C ALA G 729 6.16 -57.45 4.50
N GLY G 730 5.14 -57.62 5.35
CA GLY G 730 4.71 -58.94 5.75
C GLY G 730 3.58 -59.48 4.89
N SER G 736 5.65 -61.16 10.93
CA SER G 736 4.28 -61.64 11.08
C SER G 736 3.28 -60.48 10.93
N MET G 737 1.99 -60.82 10.89
CA MET G 737 0.97 -59.79 10.79
C MET G 737 0.85 -59.02 12.09
N LYS G 738 0.98 -59.70 13.23
CA LYS G 738 0.83 -59.03 14.52
C LYS G 738 1.91 -57.99 14.73
N VAL G 739 3.15 -58.31 14.41
CA VAL G 739 4.23 -57.35 14.58
C VAL G 739 4.06 -56.17 13.62
N ALA G 740 3.57 -56.42 12.41
CA ALA G 740 3.30 -55.32 11.48
C ALA G 740 2.20 -54.41 12.02
N ARG G 741 1.14 -54.99 12.57
CA ARG G 741 0.08 -54.17 13.15
C ARG G 741 0.60 -53.35 14.32
N ASP G 742 1.43 -53.96 15.16
CA ASP G 742 2.01 -53.24 16.29
C ASP G 742 2.90 -52.09 15.81
N LEU G 743 3.69 -52.34 14.76
CA LEU G 743 4.54 -51.29 14.21
C LEU G 743 3.71 -50.14 13.66
N VAL G 744 2.64 -50.45 12.92
CA VAL G 744 1.79 -49.40 12.38
C VAL G 744 1.15 -48.60 13.50
N MET G 745 0.64 -49.29 14.53
CA MET G 745 -0.01 -48.60 15.64
C MET G 745 0.97 -47.71 16.39
N GLN G 746 2.18 -48.21 16.66
CA GLN G 746 3.15 -47.40 17.38
C GLN G 746 3.59 -46.20 16.55
N GLU G 747 3.74 -46.38 15.23
CA GLU G 747 4.11 -45.27 14.38
C GLU G 747 3.02 -44.20 14.36
N VAL G 748 1.76 -44.61 14.24
CA VAL G 748 0.69 -43.61 14.19
C VAL G 748 0.51 -42.94 15.54
N ARG G 749 0.78 -43.67 16.64
CA ARG G 749 0.74 -43.03 17.96
C ARG G 749 1.86 -42.02 18.11
N ARG G 750 3.07 -42.35 17.64
CA ARG G 750 4.19 -41.45 17.80
C ARG G 750 4.06 -40.21 16.92
N HIS G 751 3.50 -40.37 15.73
CA HIS G 751 3.38 -39.23 14.81
C HIS G 751 2.43 -38.18 15.36
N PHE G 752 1.24 -38.59 15.77
CA PHE G 752 0.23 -37.65 16.23
C PHE G 752 0.32 -37.42 17.73
N ARG G 753 -0.34 -36.37 18.19
CA ARG G 753 -0.35 -36.07 19.61
C ARG G 753 -1.15 -37.14 20.36
N PRO G 754 -0.76 -37.44 21.60
CA PRO G 754 -1.45 -38.50 22.36
C PRO G 754 -2.83 -38.08 22.87
N GLU G 755 -3.30 -36.91 22.44
CA GLU G 755 -4.60 -36.41 22.86
C GLU G 755 -5.70 -36.69 21.85
N LEU G 756 -5.49 -36.32 20.58
CA LEU G 756 -6.55 -36.47 19.59
C LEU G 756 -6.89 -37.92 19.31
N LEU G 757 -5.95 -38.84 19.55
CA LEU G 757 -6.22 -40.25 19.30
C LEU G 757 -7.16 -40.87 20.32
N ASN G 758 -7.77 -40.08 21.21
CA ASN G 758 -8.76 -40.59 22.14
C ASN G 758 -10.18 -40.26 21.71
N ARG G 759 -10.35 -39.19 20.94
CA ARG G 759 -11.69 -38.79 20.51
C ARG G 759 -12.26 -39.70 19.44
N LEU G 760 -11.41 -40.23 18.57
CA LEU G 760 -11.89 -41.06 17.47
C LEU G 760 -12.60 -42.31 17.99
N ASP G 761 -13.77 -42.60 17.43
CA ASP G 761 -14.58 -43.71 17.93
C ASP G 761 -13.88 -45.04 17.69
N GLU G 762 -13.29 -45.24 16.52
CA GLU G 762 -12.68 -46.51 16.20
C GLU G 762 -11.66 -46.33 15.08
N ILE G 763 -10.54 -47.04 15.18
CA ILE G 763 -9.52 -47.08 14.15
C ILE G 763 -9.40 -48.51 13.65
N VAL G 764 -9.47 -48.70 12.34
CA VAL G 764 -9.44 -50.02 11.73
C VAL G 764 -8.39 -50.05 10.64
N ILE G 765 -7.91 -51.26 10.35
CA ILE G 765 -6.87 -51.47 9.35
C ILE G 765 -7.39 -52.49 8.33
N PHE G 766 -7.18 -52.21 7.05
CA PHE G 766 -7.71 -53.05 6.00
C PHE G 766 -6.77 -54.23 5.75
N ASP G 767 -7.33 -55.43 5.80
CA ASP G 767 -6.57 -56.65 5.59
C ASP G 767 -6.37 -56.88 4.09
N PRO G 768 -5.13 -57.09 3.62
CA PRO G 768 -4.93 -57.41 2.20
C PRO G 768 -5.66 -58.69 1.82
N LEU G 769 -6.17 -58.71 0.59
CA LEU G 769 -7.07 -59.76 0.12
C LEU G 769 -6.29 -60.93 -0.49
N SER G 770 -7.01 -62.02 -0.73
CA SER G 770 -6.43 -63.29 -1.17
C SER G 770 -7.00 -63.69 -2.54
N HIS G 771 -6.70 -64.92 -2.94
CA HIS G 771 -7.05 -65.37 -4.29
C HIS G 771 -8.55 -65.44 -4.50
N GLU G 772 -9.31 -65.87 -3.48
CA GLU G 772 -10.75 -65.94 -3.64
C GLU G 772 -11.36 -64.55 -3.83
N GLN G 773 -10.89 -63.59 -3.05
CA GLN G 773 -11.32 -62.21 -3.24
C GLN G 773 -10.90 -61.69 -4.62
N LEU G 774 -9.73 -62.11 -5.09
CA LEU G 774 -9.31 -61.74 -6.44
C LEU G 774 -10.28 -62.26 -7.48
N ARG G 775 -10.70 -63.52 -7.34
CA ARG G 775 -11.65 -64.09 -8.30
C ARG G 775 -12.99 -63.37 -8.23
N LYS G 776 -13.46 -63.07 -7.02
CA LYS G 776 -14.74 -62.39 -6.88
C LYS G 776 -14.69 -60.98 -7.49
N VAL G 777 -13.61 -60.24 -7.25
CA VAL G 777 -13.51 -58.91 -7.83
C VAL G 777 -13.33 -58.99 -9.34
N ALA G 778 -12.68 -60.05 -9.84
CA ALA G 778 -12.59 -60.24 -11.28
C ALA G 778 -13.98 -60.44 -11.90
N ARG G 779 -14.81 -61.24 -11.24
CA ARG G 779 -16.18 -61.41 -11.73
C ARG G 779 -16.97 -60.11 -11.67
N LEU G 780 -16.77 -59.34 -10.61
CA LEU G 780 -17.45 -58.05 -10.49
C LEU G 780 -17.04 -57.11 -11.62
N GLN G 781 -15.75 -57.10 -11.97
CA GLN G 781 -15.31 -56.27 -13.08
C GLN G 781 -15.80 -56.81 -14.42
N MET G 782 -15.95 -58.14 -14.53
CA MET G 782 -16.60 -58.72 -15.70
C MET G 782 -18.00 -58.14 -15.88
N LYS G 783 -18.78 -58.07 -14.80
CA LYS G 783 -20.20 -57.75 -14.91
C LYS G 783 -20.43 -56.37 -15.51
N ASP G 784 -19.55 -55.40 -15.24
CA ASP G 784 -19.75 -54.05 -15.73
C ASP G 784 -19.70 -54.00 -17.25
N VAL G 785 -18.63 -54.55 -17.84
CA VAL G 785 -18.54 -54.56 -19.30
C VAL G 785 -19.60 -55.47 -19.88
N ALA G 786 -19.98 -56.52 -19.15
CA ALA G 786 -21.04 -57.41 -19.63
C ALA G 786 -22.34 -56.65 -19.82
N VAL G 787 -22.76 -55.88 -18.81
CA VAL G 787 -24.01 -55.14 -18.93
C VAL G 787 -23.87 -54.00 -19.93
N ARG G 788 -22.70 -53.37 -20.00
CA ARG G 788 -22.51 -52.28 -20.95
C ARG G 788 -22.64 -52.76 -22.38
N LEU G 789 -22.11 -53.96 -22.67
CA LEU G 789 -22.28 -54.53 -24.01
C LEU G 789 -23.70 -55.05 -24.22
N ALA G 790 -24.30 -55.67 -23.19
CA ALA G 790 -25.65 -56.19 -23.31
C ALA G 790 -26.67 -55.09 -23.54
N GLU G 791 -26.34 -53.85 -23.18
CA GLU G 791 -27.20 -52.74 -23.57
C GLU G 791 -27.43 -52.70 -25.07
N ARG G 792 -26.45 -53.12 -25.86
CA ARG G 792 -26.61 -53.23 -27.30
C ARG G 792 -27.29 -54.50 -27.75
N GLY G 793 -27.42 -55.50 -26.85
CA GLY G 793 -28.12 -56.72 -27.18
C GLY G 793 -27.23 -57.92 -27.46
N VAL G 794 -26.16 -58.06 -26.69
CA VAL G 794 -25.24 -59.19 -26.80
C VAL G 794 -24.98 -59.74 -25.41
N ALA G 795 -25.10 -61.05 -25.25
CA ALA G 795 -24.91 -61.70 -23.96
C ALA G 795 -23.44 -62.11 -23.78
N LEU G 796 -23.03 -62.21 -22.52
CA LEU G 796 -21.69 -62.58 -22.15
C LEU G 796 -21.70 -63.81 -21.24
N ALA G 797 -20.65 -64.62 -21.34
CA ALA G 797 -20.49 -65.79 -20.49
C ALA G 797 -19.00 -66.09 -20.35
N VAL G 798 -18.61 -66.55 -19.16
CA VAL G 798 -17.21 -66.83 -18.86
C VAL G 798 -17.13 -68.15 -18.10
N THR G 799 -15.91 -68.67 -17.99
CA THR G 799 -15.61 -69.89 -17.26
C THR G 799 -14.56 -69.60 -16.20
N ASP G 800 -14.39 -70.57 -15.29
CA ASP G 800 -13.44 -70.40 -14.19
C ASP G 800 -12.00 -70.29 -14.70
N ALA G 801 -11.66 -71.09 -15.71
CA ALA G 801 -10.30 -71.06 -16.25
C ALA G 801 -9.96 -69.69 -16.83
N ALA G 802 -10.95 -69.03 -17.44
CA ALA G 802 -10.72 -67.69 -17.96
C ALA G 802 -10.35 -66.72 -16.84
N LEU G 803 -11.08 -66.76 -15.73
CA LEU G 803 -10.74 -65.92 -14.59
C LEU G 803 -9.37 -66.28 -14.04
N ASP G 804 -9.05 -67.56 -13.99
CA ASP G 804 -7.75 -68.00 -13.47
C ASP G 804 -6.61 -67.43 -14.31
N VAL G 805 -6.71 -67.54 -15.64
CA VAL G 805 -5.64 -67.04 -16.49
C VAL G 805 -5.60 -65.51 -16.45
N ILE G 806 -6.76 -64.86 -16.36
CA ILE G 806 -6.79 -63.40 -16.29
C ILE G 806 -6.06 -62.92 -15.04
N LEU G 807 -6.33 -63.56 -13.90
CA LEU G 807 -5.68 -63.14 -12.67
C LEU G 807 -4.21 -63.57 -12.64
N SER G 808 -3.86 -64.66 -13.32
CA SER G 808 -2.48 -65.13 -13.28
C SER G 808 -1.57 -64.28 -14.15
N LEU G 809 -2.08 -63.79 -15.28
CA LEU G 809 -1.21 -63.10 -16.24
C LEU G 809 -0.82 -61.70 -15.77
N SER G 810 -1.72 -61.00 -15.09
CA SER G 810 -1.56 -59.56 -14.85
C SER G 810 -1.84 -59.20 -13.40
N TYR G 811 -1.25 -59.94 -12.46
CA TYR G 811 -1.41 -59.67 -11.05
C TYR G 811 -0.11 -59.13 -10.45
N ASP G 812 -0.23 -58.08 -9.65
CA ASP G 812 0.86 -57.53 -8.88
C ASP G 812 0.38 -57.35 -7.45
N PRO G 813 1.05 -57.95 -6.45
CA PRO G 813 0.55 -57.86 -5.07
C PRO G 813 0.53 -56.44 -4.52
N VAL G 814 1.46 -55.58 -4.95
CA VAL G 814 1.60 -54.26 -4.34
C VAL G 814 0.41 -53.37 -4.70
N TYR G 815 0.02 -53.35 -5.97
CA TYR G 815 -0.89 -52.32 -6.46
C TYR G 815 -2.36 -52.61 -6.20
N GLY G 816 -2.71 -53.84 -5.84
CA GLY G 816 -4.08 -54.13 -5.47
C GLY G 816 -4.96 -54.70 -6.57
N ALA G 817 -5.80 -53.87 -7.19
CA ALA G 817 -6.77 -54.34 -8.16
C ALA G 817 -6.84 -53.53 -9.44
N ARG G 818 -6.22 -52.35 -9.50
CA ARG G 818 -6.28 -51.53 -10.72
C ARG G 818 -5.70 -52.23 -11.94
N PRO G 819 -4.53 -52.87 -11.88
CA PRO G 819 -4.00 -53.51 -13.10
C PRO G 819 -4.92 -54.54 -13.71
N ILE G 820 -5.72 -55.24 -12.89
CA ILE G 820 -6.69 -56.19 -13.44
C ILE G 820 -7.64 -55.48 -14.38
N ARG G 821 -8.22 -54.37 -13.92
CA ARG G 821 -9.16 -53.62 -14.75
C ARG G 821 -8.48 -53.06 -15.98
N ARG G 822 -7.28 -52.51 -15.83
CA ARG G 822 -6.58 -51.94 -16.98
C ARG G 822 -6.33 -53.01 -18.04
N TRP G 823 -5.85 -54.18 -17.63
CA TRP G 823 -5.55 -55.24 -18.58
C TRP G 823 -6.81 -55.75 -19.26
N ILE G 824 -7.86 -56.04 -18.46
CA ILE G 824 -9.07 -56.60 -19.05
C ILE G 824 -9.67 -55.62 -20.06
N GLU G 825 -9.73 -54.34 -19.70
CA GLU G 825 -10.23 -53.35 -20.66
C GLU G 825 -9.38 -53.35 -21.92
N LYS G 826 -8.10 -53.00 -21.77
CA LYS G 826 -7.25 -52.74 -22.93
C LYS G 826 -7.11 -53.95 -23.84
N ARG G 827 -7.37 -55.17 -23.35
CA ARG G 827 -7.37 -56.32 -24.25
C ARG G 827 -8.76 -56.66 -24.77
N VAL G 828 -9.68 -56.99 -23.87
CA VAL G 828 -10.95 -57.57 -24.29
C VAL G 828 -11.78 -56.54 -25.05
N VAL G 829 -11.86 -55.30 -24.54
CA VAL G 829 -12.73 -54.33 -25.19
C VAL G 829 -12.24 -54.01 -26.59
N THR G 830 -10.93 -53.81 -26.76
CA THR G 830 -10.42 -53.50 -28.08
C THR G 830 -10.58 -54.68 -29.03
N GLN G 831 -10.38 -55.91 -28.55
CA GLN G 831 -10.56 -57.07 -29.41
C GLN G 831 -12.01 -57.18 -29.87
N LEU G 832 -12.95 -57.02 -28.94
CA LEU G 832 -14.36 -57.13 -29.28
C LEU G 832 -14.79 -56.02 -30.23
N SER G 833 -14.33 -54.79 -29.99
CA SER G 833 -14.69 -53.69 -30.88
C SER G 833 -14.14 -53.90 -32.28
N LYS G 834 -12.87 -54.33 -32.38
CA LYS G 834 -12.29 -54.57 -33.70
C LYS G 834 -13.02 -55.68 -34.43
N MET G 835 -13.41 -56.73 -33.71
CA MET G 835 -14.15 -57.81 -34.36
C MET G 835 -15.56 -57.37 -34.75
N LEU G 836 -16.17 -56.48 -33.97
CA LEU G 836 -17.51 -56.01 -34.26
C LEU G 836 -17.55 -55.03 -35.43
N ILE G 837 -16.48 -54.25 -35.62
CA ILE G 837 -16.47 -53.28 -36.71
C ILE G 837 -16.62 -53.96 -38.06
N GLN G 838 -15.94 -55.09 -38.24
CA GLN G 838 -16.00 -55.83 -39.50
C GLN G 838 -17.34 -56.55 -39.70
N GLU G 839 -18.35 -56.28 -38.86
CA GLU G 839 -19.70 -56.80 -39.03
C GLU G 839 -19.73 -58.32 -38.93
N GLU G 840 -19.14 -58.84 -37.85
CA GLU G 840 -19.19 -60.26 -37.55
C GLU G 840 -20.20 -60.61 -36.46
N ILE G 841 -20.98 -59.63 -35.99
CA ILE G 841 -21.95 -59.83 -34.93
C ILE G 841 -23.31 -59.37 -35.42
N ASP G 842 -24.32 -60.21 -35.24
CA ASP G 842 -25.71 -59.88 -35.51
C ASP G 842 -26.49 -59.85 -34.20
N GLU G 843 -27.80 -59.70 -34.33
CA GLU G 843 -28.66 -59.74 -33.15
C GLU G 843 -28.78 -61.18 -32.64
N ASN G 844 -28.95 -61.30 -31.32
CA ASN G 844 -29.11 -62.60 -30.66
C ASN G 844 -27.91 -63.51 -30.90
N CYS G 845 -26.72 -63.00 -30.59
CA CYS G 845 -25.49 -63.76 -30.67
C CYS G 845 -24.73 -63.63 -29.34
N THR G 846 -24.21 -64.75 -28.85
CA THR G 846 -23.53 -64.81 -27.57
C THR G 846 -22.07 -65.21 -27.79
N VAL G 847 -21.16 -64.48 -27.16
CA VAL G 847 -19.74 -64.76 -27.26
C VAL G 847 -19.31 -65.62 -26.07
N TYR G 848 -18.36 -66.52 -26.32
CA TYR G 848 -17.84 -67.41 -25.30
C TYR G 848 -16.34 -67.26 -25.23
N ILE G 849 -15.80 -67.27 -24.02
CA ILE G 849 -14.37 -67.10 -23.77
C ILE G 849 -13.87 -68.31 -22.99
N ASP G 850 -12.75 -68.88 -23.43
CA ASP G 850 -12.16 -70.03 -22.77
C ASP G 850 -10.65 -70.02 -23.00
N ALA G 851 -9.93 -70.75 -22.16
CA ALA G 851 -8.49 -70.83 -22.27
C ALA G 851 -8.09 -71.66 -23.49
N ALA G 852 -6.87 -71.41 -23.97
CA ALA G 852 -6.35 -72.12 -25.13
C ALA G 852 -5.38 -73.23 -24.69
N GLU G 857 -4.08 -68.92 -23.75
CA GLU G 857 -4.55 -67.55 -23.73
C GLU G 857 -6.06 -67.48 -23.76
N LEU G 858 -6.60 -66.83 -24.79
CA LEU G 858 -8.04 -66.65 -24.94
C LEU G 858 -8.48 -67.07 -26.34
N ALA G 859 -9.65 -67.68 -26.41
CA ALA G 859 -10.26 -68.08 -27.67
C ALA G 859 -11.67 -67.53 -27.74
N TYR G 860 -12.02 -66.89 -28.84
CA TYR G 860 -13.33 -66.27 -29.02
C TYR G 860 -14.17 -67.13 -29.96
N ARG G 861 -15.35 -67.52 -29.51
CA ARG G 861 -16.28 -68.30 -30.31
C ARG G 861 -17.57 -67.51 -30.49
N VAL G 862 -18.00 -67.36 -31.74
CA VAL G 862 -19.21 -66.62 -32.07
C VAL G 862 -20.32 -67.61 -32.33
N ASP G 863 -21.45 -67.44 -31.64
CA ASP G 863 -22.58 -68.34 -31.78
C ASP G 863 -23.85 -67.59 -31.40
N ASN G 864 -24.99 -68.13 -31.84
CA ASN G 864 -26.28 -67.55 -31.55
C ASN G 864 -26.58 -67.60 -30.06
PB ADP H . -36.52 -18.22 -16.43
O1B ADP H . -36.22 -19.01 -15.19
O2B ADP H . -37.66 -17.24 -16.30
O3B ADP H . -35.30 -17.65 -17.12
PA ADP H . -38.41 -20.13 -17.12
O1A ADP H . -38.13 -20.97 -15.90
O2A ADP H . -39.58 -19.17 -17.12
O3A ADP H . -37.08 -19.31 -17.47
O5' ADP H . -38.59 -21.14 -18.37
C5' ADP H . -39.55 -22.18 -18.27
C4' ADP H . -39.64 -22.94 -19.58
O4' ADP H . -39.46 -24.34 -19.35
C3' ADP H . -41.00 -22.75 -20.23
O3' ADP H . -40.87 -22.07 -21.46
C2' ADP H . -41.56 -24.14 -20.45
O2' ADP H . -41.82 -24.34 -21.84
C1' ADP H . -40.47 -25.10 -19.99
N9 ADP H . -41.04 -26.05 -19.01
C8 ADP H . -40.71 -26.11 -17.71
N7 ADP H . -41.40 -27.09 -17.07
C5 ADP H . -42.21 -27.67 -17.98
C6 ADP H . -43.21 -28.76 -17.97
N6 ADP H . -43.50 -29.45 -16.84
N1 ADP H . -43.84 -29.04 -19.14
C2 ADP H . -43.56 -28.36 -20.27
N3 ADP H . -42.67 -27.37 -20.35
C4 ADP H . -41.97 -26.98 -19.26
PB ADP I . 12.04 -32.59 -28.91
O1B ADP I . 11.98 -33.99 -28.33
O2B ADP I . 10.72 -31.87 -28.97
O3B ADP I . 13.18 -31.75 -28.38
PA ADP I . 11.51 -33.82 -31.35
O1A ADP I . 11.79 -35.24 -30.91
O2A ADP I . 10.11 -33.28 -31.34
O3A ADP I . 12.43 -32.84 -30.44
O5' ADP I . 12.11 -33.63 -32.82
C5' ADP I . 11.34 -34.03 -33.95
C4' ADP I . 12.27 -34.25 -35.13
O4' ADP I . 12.36 -35.65 -35.45
C3' ADP I . 11.78 -33.56 -36.39
O3' ADP I . 12.52 -32.36 -36.61
C2' ADP I . 12.02 -34.54 -37.52
O2' ADP I . 13.01 -34.02 -38.41
C1' ADP I . 12.54 -35.80 -36.86
N9 ADP I . 11.78 -36.97 -37.36
C8 ADP I . 10.78 -36.91 -38.27
N7 ADP I . 10.29 -38.15 -38.53
C5 ADP I . 10.99 -39.03 -37.80
C6 ADP I . 10.99 -40.50 -37.61
N6 ADP I . 10.12 -41.28 -38.28
N1 ADP I . 11.89 -41.02 -36.75
C2 ADP I . 12.75 -40.23 -36.08
N3 ADP I . 12.81 -38.90 -36.21
C4 ADP I . 11.97 -38.25 -37.05
PB ADP J . -16.01 -4.79 -40.62
O1B ADP J . -16.02 -6.20 -40.08
O2B ADP J . -17.35 -4.12 -40.65
O3B ADP J . -14.89 -3.92 -40.07
PA ADP J . -16.66 -5.73 -43.15
O1A ADP J . -16.82 -7.15 -42.65
O2A ADP J . -17.87 -4.87 -43.32
O3A ADP J . -15.63 -4.97 -42.18
O5' ADP J . -15.88 -5.79 -44.55
C5' ADP J . -16.53 -6.41 -45.67
C4' ADP J . -15.67 -6.28 -46.92
O4' ADP J . -15.14 -7.55 -47.27
C3' ADP J . -16.50 -5.79 -48.09
O3' ADP J . -16.04 -4.50 -48.51
C2' ADP J . -16.29 -6.80 -49.20
O2' ADP J . -15.75 -6.15 -50.35
C1' ADP J . -15.29 -7.81 -48.67
N9 ADP J . -15.83 -9.17 -48.85
C8 ADP J . -16.10 -10.04 -47.86
N7 ADP J . -16.59 -11.21 -48.35
C5 ADP J . -16.62 -11.09 -49.69
C6 ADP J . -17.04 -11.96 -50.81
N6 ADP J . -17.51 -13.21 -50.60
N1 ADP J . -16.92 -11.46 -52.07
C2 ADP J . -16.46 -10.22 -52.29
N3 ADP J . -16.07 -9.38 -51.31
C4 ADP J . -16.13 -9.75 -50.01
PB ADP K . 34.52 -6.95 -28.34
O1B ADP K . 34.71 -8.39 -28.72
O2B ADP K . 33.19 -6.36 -28.75
O3B ADP K . 34.94 -6.62 -26.93
PA ADP K . 35.58 -6.41 -30.85
O1A ADP K . 36.16 -7.78 -31.12
O2A ADP K . 34.21 -6.04 -31.36
O3A ADP K . 35.59 -6.17 -29.26
O5' ADP K . 36.62 -5.31 -31.39
C5' ADP K . 36.66 -5.00 -32.78
C4' ADP K . 38.01 -4.38 -33.12
O4' ADP K . 38.76 -5.25 -33.98
C3' ADP K . 37.86 -3.07 -33.86
O3' ADP K . 38.11 -1.97 -32.96
C2' ADP K . 38.91 -3.09 -34.95
O2' ADP K . 39.90 -2.08 -34.71
C1' ADP K . 39.55 -4.47 -34.88
N9 ADP K . 39.57 -5.08 -36.22
C8 ADP K . 39.15 -4.49 -37.35
N7 ADP K . 39.32 -5.30 -38.43
C5 ADP K . 39.86 -6.44 -37.99
C6 ADP K . 40.30 -7.72 -38.59
N6 ADP K . 40.17 -7.93 -39.93
N1 ADP K . 40.83 -8.65 -37.78
C2 ADP K . 40.95 -8.44 -36.45
N3 ADP K . 40.58 -7.30 -35.84
C4 ADP K . 40.04 -6.28 -36.54
PB ADP L . 6.02 21.71 -37.86
O1B ADP L . 6.32 20.26 -38.14
O2B ADP L . 4.69 22.19 -38.41
O3B ADP L . 6.30 22.14 -36.45
PA ADP L . 7.09 22.35 -40.34
O1A ADP L . 7.41 20.91 -40.67
O2A ADP L . 5.85 22.99 -40.88
O3A ADP L . 7.11 22.50 -38.74
O5' ADP L . 8.36 23.23 -40.82
C5' ADP L . 8.87 23.05 -42.13
C4' ADP L . 9.94 24.09 -42.42
O4' ADP L . 11.06 23.45 -43.05
C3' ADP L . 9.42 25.15 -43.37
O3' ADP L . 9.43 26.43 -42.73
C2' ADP L . 10.38 25.17 -44.55
O2' ADP L . 10.95 26.47 -44.69
C1' ADP L . 11.47 24.16 -44.23
N9 ADP L . 11.59 23.20 -45.34
C8 ADP L . 11.27 21.89 -45.28
N7 ADP L . 11.51 21.27 -46.47
C5 ADP L . 12.00 22.20 -47.30
C6 ADP L . 12.45 22.22 -48.72
N6 ADP L . 12.43 21.10 -49.48
N1 ADP L . 12.89 23.40 -49.22
C2 ADP L . 12.91 24.51 -48.46
N3 ADP L . 12.52 24.57 -47.19
C4 ADP L . 12.06 23.46 -46.56
PB ADP M . 43.24 13.11 -2.21
O1B ADP M . 44.13 12.19 -3.00
O2B ADP M . 42.14 13.77 -3.02
O3B ADP M . 42.77 12.54 -0.90
PA ADP M . 44.99 15.14 -2.93
O1A ADP M . 46.07 14.24 -3.49
O2A ADP M . 43.96 15.76 -3.84
O3A ADP M . 44.21 14.32 -1.79
O5' ADP M . 45.71 16.33 -2.12
C5' ADP M . 46.21 17.46 -2.83
C4' ADP M . 47.25 18.16 -1.98
O4' ADP M . 48.55 18.02 -2.57
C3' ADP M . 46.99 19.64 -1.85
O3' ADP M . 46.44 19.94 -0.57
C2' ADP M . 48.34 20.31 -2.00
O2' ADP M . 48.71 20.96 -0.78
C1' ADP M . 49.32 19.20 -2.32
N9 ADP M . 50.14 19.57 -3.50
C8 ADP M . 50.04 20.73 -4.18
N7 ADP M . 50.92 20.78 -5.19
C5 ADP M . 51.63 19.63 -5.17
C6 ADP M . 52.72 19.03 -5.97
N6 ADP M . 53.26 19.70 -7.02
N1 ADP M . 53.16 17.81 -5.62
C2 ADP M . 52.63 17.15 -4.57
N3 ADP M . 51.64 17.62 -3.81
C4 ADP M . 51.10 18.84 -4.05
PB ADP N . 13.24 40.80 -10.05
O1B ADP N . 14.20 39.78 -10.63
O2B ADP N . 12.30 41.40 -11.06
O3B ADP N . 12.58 40.37 -8.77
PA ADP N . 15.04 42.79 -10.73
O1A ADP N . 16.00 41.82 -11.34
O2A ADP N . 14.10 43.57 -11.61
O3A ADP N . 14.18 42.02 -9.62
O5' ADP N . 15.90 43.86 -9.88
C5' ADP N . 17.04 44.46 -10.48
C4' ADP N . 17.62 45.52 -9.56
O4' ADP N . 19.04 45.49 -9.63
C3' ADP N . 17.17 46.92 -9.97
O3' ADP N . 16.39 47.50 -8.93
C2' ADP N . 18.44 47.72 -10.17
O2' ADP N . 18.45 48.85 -9.29
C1' ADP N . 19.59 46.78 -9.82
N9 ADP N . 20.55 46.73 -10.96
C8 ADP N . 20.74 45.67 -11.75
N7 ADP N . 21.69 45.94 -12.69
C5 ADP N . 22.10 47.20 -12.49
C6 ADP N . 23.07 48.10 -13.14
N6 ADP N . 23.82 47.70 -14.20
N1 ADP N . 23.21 49.35 -12.63
C2 ADP N . 22.49 49.75 -11.57
N3 ADP N . 21.58 48.99 -10.94
C4 ADP N . 21.35 47.73 -11.35
PB ADP O . 31.65 12.44 29.83
O1B ADP O . 33.05 12.33 29.30
O2B ADP O . 30.76 13.40 29.07
O3B ADP O . 30.99 11.11 30.14
PA ADP O . 32.63 14.51 31.38
O1A ADP O . 34.09 14.22 31.18
O2A ADP O . 31.92 15.53 30.53
O3A ADP O . 31.83 13.13 31.26
O5' ADP O . 32.42 14.94 32.92
C5' ADP O . 32.67 16.27 33.33
C4' ADP O . 32.89 16.31 34.83
O4' ADP O . 34.26 16.61 35.14
C3' ADP O . 32.05 17.39 35.50
O3' ADP O . 30.93 16.80 36.16
C2' ADP O . 32.97 18.03 36.52
O2' ADP O . 32.49 17.78 37.85
C1' ADP O . 34.33 17.38 36.33
N9 ADP O . 35.36 18.43 36.22
C8 ADP O . 35.14 19.76 36.27
N7 ADP O . 36.29 20.46 36.16
C5 ADP O . 37.29 19.57 36.04
C6 ADP O . 38.76 19.63 35.88
N6 ADP O . 39.41 20.82 35.82
N1 ADP O . 39.43 18.47 35.79
C2 ADP O . 38.80 17.28 35.85
N3 ADP O . 37.47 17.16 35.99
C4 ADP O . 36.68 18.23 36.09
PB ADP P . 0.15 38.34 21.73
O1B ADP P . 1.57 38.05 21.33
O2B ADP P . -0.52 39.41 20.91
O3B ADP P . -0.70 37.11 21.96
PA ADP P . 1.10 40.38 23.36
O1A ADP P . 2.54 40.11 22.98
O2A ADP P . 0.35 41.48 22.68
O3A ADP P . 0.28 39.01 23.18
O5' ADP P . 1.07 40.65 24.95
C5' ADP P . 2.06 41.50 25.51
C4' ADP P . 1.74 41.78 26.98
O4' ADP P . 2.95 41.83 27.72
C3' ADP P . 1.04 43.11 27.13
O3' ADP P . -0.28 42.92 27.66
C2' ADP P . 1.88 43.91 28.13
O2' ADP P . 1.09 44.25 29.27
C1' ADP P . 3.01 43.00 28.55
N9 ADP P . 4.30 43.68 28.31
C8 ADP P . 5.20 43.35 27.37
N7 ADP P . 6.29 44.16 27.41
C5 ADP P . 6.09 45.04 28.41
C6 ADP P . 6.84 46.16 28.99
N6 ADP P . 8.05 46.52 28.51
N1 ADP P . 6.28 46.82 30.03
C2 ADP P . 5.08 46.46 30.52
N3 ADP P . 4.34 45.45 30.04
C4 ADP P . 4.78 44.71 29.00
PB ADP Q . 8.44 -8.44 43.59
O1B ADP Q . 9.86 -8.16 43.99
O2B ADP Q . 7.68 -7.24 43.07
O3B ADP Q . 8.26 -9.69 42.76
PA ADP Q . 7.84 -7.76 46.21
O1A ADP Q . 9.23 -7.85 46.77
O2A ADP Q . 7.28 -6.44 45.75
O3A ADP Q . 7.72 -8.79 44.98
O5' ADP Q . 6.82 -8.36 47.30
C5' ADP Q . 6.41 -7.57 48.40
C4' ADP Q . 5.92 -8.46 49.53
O4' ADP Q . 6.80 -8.39 50.64
C3' ADP Q . 4.55 -8.07 50.03
O3' ADP Q . 3.56 -8.96 49.50
C2' ADP Q . 4.61 -8.19 51.54
O2' ADP Q . 3.74 -9.24 51.97
C1' ADP Q . 6.05 -8.56 51.85
N9 ADP Q . 6.56 -7.66 52.92
C8 ADP Q . 5.85 -6.68 53.52
N7 ADP Q . 6.59 -6.05 54.47
C5 ADP Q . 7.80 -6.63 54.48
C6 ADP Q . 9.06 -6.44 55.24
N6 ADP Q . 9.17 -5.50 56.19
N1 ADP Q . 10.09 -7.26 54.95
C2 ADP Q . 10.00 -8.22 54.01
N3 ADP Q . 8.89 -8.43 53.27
C4 ADP Q . 7.78 -7.69 53.47
PB ADP R . -23.51 16.19 33.55
O1B ADP R . -22.05 16.22 33.94
O2B ADP R . -24.08 17.53 33.17
O3B ADP R . -23.88 15.06 32.61
PA ADP R . -24.13 16.79 36.19
O1A ADP R . -22.69 16.81 36.62
O2A ADP R . -24.84 18.09 35.87
O3A ADP R . -24.26 15.82 34.92
O5' ADP R . -24.97 16.04 37.34
C5' ADP R . -24.77 16.44 38.69
C4' ADP R . -25.74 15.69 39.61
O4' ADP R . -25.05 15.29 40.79
C3' ADP R . -26.89 16.58 40.02
O3' ADP R . -28.13 16.05 39.51
C2' ADP R . -26.91 16.56 41.54
O2' ADP R . -28.17 16.07 42.00
C1' ADP R . -25.80 15.63 41.96
N9 ADP R . -24.90 16.33 42.92
C8 ADP R . -23.63 16.69 42.65
N7 ADP R . -23.08 17.31 43.73
C5 ADP R . -24.00 17.34 44.70
C6 ADP R . -24.08 17.85 46.09
N6 ADP R . -23.01 18.46 46.66
N1 ADP R . -25.23 17.68 46.76
C2 ADP R . -26.29 17.08 46.19
N3 ADP R . -26.30 16.59 44.94
C4 ADP R . -25.20 16.69 44.15
PB ADP S . -8.85 -33.78 28.81
O1B ADP S . -7.96 -33.81 30.04
O2B ADP S . -9.68 -32.53 28.68
O3B ADP S . -8.17 -34.22 27.55
PA ADP S . -10.76 -34.92 30.47
O1A ADP S . -9.84 -35.31 31.60
O2A ADP S . -11.53 -33.62 30.52
O3A ADP S . -9.93 -34.95 29.11
O5' ADP S . -11.84 -36.10 30.28
C5' ADP S . -12.98 -36.17 31.12
C4' ADP S . -13.52 -37.59 31.12
O4' ADP S . -13.28 -38.22 32.37
C3' ADP S . -15.03 -37.63 30.89
O3' ADP S . -15.31 -38.02 29.55
C2' ADP S . -15.55 -38.67 31.86
O2' ADP S . -16.09 -39.78 31.15
C1' ADP S . -14.35 -39.12 32.68
N9 ADP S . -14.70 -39.06 34.12
C8 ADP S . -15.88 -38.69 34.63
N7 ADP S . -15.89 -38.76 35.98
C5 ADP S . -14.68 -39.19 36.36
C6 ADP S . -14.01 -39.49 37.65
N6 ADP S . -14.65 -39.33 38.82
N1 ADP S . -12.73 -39.92 37.61
C2 ADP S . -12.08 -40.09 36.44
N3 ADP S . -12.62 -39.84 35.24
C4 ADP S . -13.90 -39.40 35.13
PB ADP T . -39.76 -8.93 16.58
O1B ADP T . -38.80 -9.04 17.73
O2B ADP T . -40.60 -7.67 16.61
O3B ADP T . -39.17 -9.25 15.23
PA ADP T . -41.72 -10.09 18.17
O1A ADP T . -40.79 -10.21 19.36
O2A ADP T . -42.68 -8.93 18.09
O3A ADP T . -40.82 -10.11 16.84
O5' ADP T . -42.56 -11.45 18.08
C5' ADP T . -43.24 -11.92 19.24
C4' ADP T . -44.12 -13.11 18.90
O4' ADP T . -43.91 -14.16 19.85
C3' ADP T . -45.58 -12.73 18.95
O3' ADP T . -46.18 -12.86 17.65
C2' ADP T . -46.23 -13.72 19.92
O2' ADP T . -47.27 -14.44 19.24
C1' ADP T . -45.14 -14.67 20.35
N9 ADP T . -45.08 -14.70 21.83
C8 ADP T . -44.06 -14.24 22.57
N7 ADP T . -44.29 -14.42 23.90
C5 ADP T . -45.49 -15.02 24.01
C6 ADP T . -46.35 -15.49 25.12
N6 ADP T . -45.94 -15.36 26.41
N1 ADP T . -47.53 -16.06 24.81
C2 ADP T . -47.92 -16.20 23.53
N3 ADP T . -47.21 -15.79 22.47
C4 ADP T . -45.99 -15.20 22.64
PB ADP U . -7.23 -44.47 -3.50
O1B ADP U . -7.05 -45.20 -2.20
O2B ADP U . -8.31 -43.43 -3.50
O3B ADP U . -5.95 -44.03 -4.15
PA ADP U . -9.07 -46.48 -4.04
O1A ADP U . -8.63 -47.46 -2.98
O2A ADP U . -10.20 -45.52 -3.78
O3A ADP U . -7.79 -45.62 -4.49
O5' ADP U . -9.44 -47.31 -5.37
C5' ADP U . -10.70 -47.96 -5.48
C4' ADP U . -10.63 -49.05 -6.53
O4' ADP U . -10.77 -50.33 -5.93
C3' ADP U . -11.73 -48.93 -7.56
O3' ADP U . -11.22 -48.37 -8.76
C2' ADP U . -12.21 -50.35 -7.80
O2' ADP U . -11.91 -50.73 -9.14
C1' ADP U . -11.45 -51.21 -6.82
N9 ADP U . -12.39 -52.09 -6.10
C8 ADP U . -13.72 -52.15 -6.31
N7 ADP U . -14.30 -53.06 -5.49
C5 ADP U . -13.33 -53.62 -4.75
C6 ADP U . -13.26 -54.66 -3.69
N6 ADP U . -14.37 -55.29 -3.26
N1 ADP U . -12.05 -54.94 -3.17
C2 ADP U . -10.94 -54.32 -3.60
N3 ADP U . -10.93 -53.37 -4.55
C4 ADP U . -12.08 -52.99 -5.16
#